data_6CRZ
#
_entry.id   6CRZ
#
_cell.length_a   1
_cell.length_b   1
_cell.length_c   1
_cell.angle_alpha   90.000
_cell.angle_beta   90.000
_cell.angle_gamma   90.000
#
_symmetry.space_group_name_H-M   'P 1'
#
loop_
_entity.id
_entity.type
_entity.pdbx_description
1 polymer 'Spike glycoprotein,Fibritin'
2 branched beta-D-mannopyranose-(1-4)-2-acetamido-2-deoxy-beta-D-glucopyranose-(1-4)-2-acetamido-2-deoxy-beta-D-glucopyranose
3 branched alpha-D-mannopyranose-(1-3)-beta-D-mannopyranose-(1-4)-2-acetamido-2-deoxy-beta-D-glucopyranose-(1-4)-2-acetamido-2-deoxy-beta-D-glucopyranose
4 branched 2-acetamido-2-deoxy-beta-D-glucopyranose-(1-4)-2-acetamido-2-deoxy-beta-D-glucopyranose
5 branched alpha-D-mannopyranose-(1-6)-beta-D-mannopyranose-(1-4)-2-acetamido-2-deoxy-beta-D-glucopyranose-(1-4)-2-acetamido-2-deoxy-beta-D-glucopyranose
6 non-polymer 2-acetamido-2-deoxy-beta-D-glucopyranose
#
_entity_poly.entity_id   1
_entity_poly.type   'polypeptide(L)'
_entity_poly.pdbx_seq_one_letter_code
;SDLDRCTTFDDVQAPNYTQHTSSMRGVYYPDEIFRSDTLYLTQDLFLPFYSNVTGFHTINHTFGNPVIPFKDGIYFAATE
KSNVVRGWVFGSTMNNKSQSVIIINNSTNVVIRACNFELCDNPFFAVSKPMGTQTHTMIFDNAFNCTFEYISDAFSLDVS
EKSGNFKHLREFVFKNKDGFLYVYKGYQPIDVVRDLPSGFNTLKPIFKLPLGINITNFRAILTAFSPAQDIWGTSAAAYF
VGYLKPTTFMLKYDENGTITDAVDCSQNPLAELKCSVKSFEIDKGIYQTSNFRVVPSGDVVRFPNITNLCPFGEVFNATK
FPSVYAWERKKISNCVADYSVLYNSTFFSTFKCYGVSATKLNDLCFSNVYADSFVVKGDDVRQIAPGQTGVIADYNYKLP
DDFMGCVLAWNTRNIDATSTGNYNYKYRYLRHGKLRPFERDISNVPFSPDGKPCTPPALNCYWPLNDYGFYTTTGIGYQP
YRVVVLSFELLNAPATVCGPKLSTDLIKNQCVNFNFNGLTGTGVLTPSSKRFQPFQQFGRDVSDFTDSVRDPKTSEILDI
SPCAFGGVSVITPGTNASSEVAVLYQDVNCTDVSTAIHADQLTPAWRIYSTGNNVFQTQAGCLIGAEHVDTSYECDIPIG
AGICASYHTVSLLRSTSQKSIVAYTMSLGADSSIAYSNNTIAIPTNFSISITTEVMPVSMAKTSVDCNMYICGDSTECAN
LLLQYGSFCTQLNRALSGIAAEQDRNTREVFAQVKQMYKTPTLKYFGGFNFSQILPDPLKPTKRSFIEDLLFNKVTLADA
GFMKQYGECLGDINARDLICAQKFNGLTVLPPLLTDDMIAAYTAALVSGTATAGWTFGAGAALQIPFAMQMAYRFNGIGV
TQNVLYENQKQIANQFNKAISQIQESLTTTSTALGKLQDVVNQNAQALNTLVKQLSSNFGAISSVLNDILSRLDPPEAEV
QIDRLITGRLQSLQTYVTQQLIRAAEIRASANLAATKMSECVLGQSKRVDFCGKGYHLMSFPQAAPHGVVFLHVTYVPSQ
ERNFTTAPAICHEGKAYFPREGVFVFNGTSWFITQRNFFSPQIITTDNTFVSGNCDVVIGIINNTVYDPLQPELDSFKEE
LDKYFKNHTSPDVDLGDISGINASVVNIQKEIDRLNEVAKNLNESLIDLQELGKYEQGSGYIPEAPRDGQAYVRKDGEWV
LLSTFLGRSLEVLFQ
;
_entity_poly.pdbx_strand_id   A,B,C
#
loop_
_chem_comp.id
_chem_comp.type
_chem_comp.name
_chem_comp.formula
BMA D-saccharide, beta linking beta-D-mannopyranose 'C6 H12 O6'
MAN D-saccharide, alpha linking alpha-D-mannopyranose 'C6 H12 O6'
NAG D-saccharide, beta linking 2-acetamido-2-deoxy-beta-D-glucopyranose 'C8 H15 N O6'
#
# COMPACT_ATOMS: atom_id res chain seq x y z
N ARG A 5 -16.75 -26.46 66.26
CA ARG A 5 -17.86 -25.84 66.97
C ARG A 5 -18.17 -24.49 66.35
N CYS A 6 -19.07 -23.74 66.98
CA CYS A 6 -19.41 -22.40 66.52
C CYS A 6 -19.76 -21.56 67.74
N THR A 7 -18.97 -20.52 67.98
CA THR A 7 -19.23 -19.59 69.08
C THR A 7 -18.60 -18.25 68.74
N THR A 8 -18.99 -17.23 69.50
CA THR A 8 -18.58 -15.86 69.27
C THR A 8 -17.70 -15.36 70.41
N PHE A 9 -16.87 -14.37 70.11
CA PHE A 9 -16.23 -13.59 71.17
C PHE A 9 -17.29 -12.80 71.95
N ASP A 10 -16.92 -12.42 73.17
CA ASP A 10 -17.80 -11.68 74.05
C ASP A 10 -17.42 -10.21 74.23
N ASP A 11 -16.16 -9.92 74.56
CA ASP A 11 -15.71 -8.53 74.65
C ASP A 11 -14.84 -8.23 73.43
N VAL A 12 -15.51 -7.90 72.33
CA VAL A 12 -14.86 -7.62 71.06
C VAL A 12 -14.55 -6.12 70.98
N GLN A 13 -13.33 -5.79 70.57
CA GLN A 13 -12.91 -4.41 70.41
C GLN A 13 -12.58 -4.14 68.94
N ALA A 14 -12.91 -2.93 68.51
CA ALA A 14 -12.67 -2.52 67.13
C ALA A 14 -11.17 -2.41 66.85
N PRO A 15 -10.75 -2.72 65.63
CA PRO A 15 -9.31 -2.66 65.30
C PRO A 15 -8.80 -1.22 65.24
N ASN A 16 -7.48 -1.09 65.19
CA ASN A 16 -6.85 0.21 65.40
C ASN A 16 -7.00 1.16 64.22
N TYR A 17 -7.41 0.66 63.04
CA TYR A 17 -7.82 1.48 61.88
C TYR A 17 -6.64 2.34 61.36
N THR A 18 -5.47 1.72 61.23
CA THR A 18 -4.26 2.44 60.88
C THR A 18 -3.94 2.30 59.40
N GLN A 19 -3.76 3.44 58.73
CA GLN A 19 -3.41 3.46 57.31
C GLN A 19 -1.90 3.58 57.16
N HIS A 20 -1.41 3.15 55.99
CA HIS A 20 0.02 2.92 55.82
C HIS A 20 0.36 2.79 54.34
N THR A 21 1.54 3.28 53.98
CA THR A 21 2.03 3.25 52.60
C THR A 21 2.51 1.84 52.26
N SER A 22 1.85 1.19 51.32
CA SER A 22 2.28 -0.12 50.85
C SER A 22 3.16 0.08 49.63
N SER A 23 4.48 0.02 49.82
CA SER A 23 5.39 0.53 48.80
C SER A 23 5.62 -0.47 47.66
N MET A 24 6.25 -1.60 47.96
CA MET A 24 6.86 -2.42 46.91
C MET A 24 6.47 -3.88 47.05
N ARG A 25 5.19 -4.16 47.29
CA ARG A 25 4.72 -5.52 47.48
C ARG A 25 3.46 -5.75 46.67
N GLY A 26 3.13 -7.02 46.50
CA GLY A 26 2.03 -7.45 45.68
C GLY A 26 2.42 -8.08 44.35
N VAL A 27 3.65 -8.54 44.21
CA VAL A 27 4.21 -9.00 42.94
C VAL A 27 4.31 -10.52 42.98
N TYR A 28 3.77 -11.17 41.95
CA TYR A 28 3.69 -12.63 41.93
C TYR A 28 3.91 -13.15 40.52
N TYR A 29 4.45 -14.37 40.46
CA TYR A 29 4.64 -15.06 39.19
C TYR A 29 3.28 -15.40 38.64
N PRO A 30 2.85 -14.80 37.53
CA PRO A 30 1.44 -14.89 37.13
C PRO A 30 1.02 -16.21 36.52
N ASP A 31 1.97 -17.08 36.12
CA ASP A 31 1.67 -18.39 35.55
C ASP A 31 2.95 -19.23 35.53
N GLU A 32 2.88 -20.38 34.85
CA GLU A 32 3.94 -21.37 34.80
C GLU A 32 5.06 -21.01 33.83
N ILE A 33 5.03 -19.85 33.21
CA ILE A 33 5.90 -19.57 32.08
C ILE A 33 7.28 -19.22 32.59
N PHE A 34 8.28 -19.98 32.19
CA PHE A 34 9.66 -19.55 32.40
C PHE A 34 10.03 -18.53 31.33
N ARG A 35 10.58 -17.40 31.75
CA ARG A 35 11.16 -16.45 30.82
C ARG A 35 12.46 -15.97 31.43
N SER A 36 13.46 -15.73 30.58
CA SER A 36 14.80 -15.46 31.06
C SER A 36 15.38 -14.24 30.35
N ASP A 37 16.00 -13.36 31.14
CA ASP A 37 16.72 -12.17 30.66
C ASP A 37 15.80 -11.28 29.83
N THR A 38 14.74 -10.79 30.46
CA THR A 38 13.69 -10.12 29.72
C THR A 38 13.10 -8.99 30.53
N LEU A 39 12.32 -8.16 29.83
CA LEU A 39 11.46 -7.15 30.41
C LEU A 39 10.12 -7.30 29.71
N TYR A 40 9.06 -7.52 30.47
CA TYR A 40 7.83 -8.00 29.88
C TYR A 40 6.62 -7.33 30.53
N LEU A 41 5.66 -6.95 29.70
CA LEU A 41 4.46 -6.28 30.17
C LEU A 41 3.34 -7.29 30.41
N THR A 42 2.73 -7.22 31.58
CA THR A 42 1.54 -8.01 31.86
C THR A 42 0.50 -7.12 32.53
N GLN A 43 -0.74 -7.58 32.47
CA GLN A 43 -1.86 -6.90 33.09
C GLN A 43 -2.56 -7.91 33.98
N ASP A 44 -2.42 -7.75 35.29
CA ASP A 44 -2.86 -8.78 36.20
C ASP A 44 -3.21 -8.10 37.52
N LEU A 45 -3.80 -8.87 38.43
CA LEU A 45 -4.37 -8.34 39.67
C LEU A 45 -3.25 -8.08 40.67
N PHE A 46 -2.59 -6.94 40.48
CA PHE A 46 -1.45 -6.55 41.30
C PHE A 46 -1.84 -5.50 42.33
N LEU A 47 -1.07 -5.43 43.39
CA LEU A 47 -1.12 -4.30 44.31
C LEU A 47 -0.36 -3.14 43.70
N PRO A 48 -0.98 -1.97 43.52
CA PRO A 48 -0.26 -0.80 43.02
C PRO A 48 0.83 -0.36 43.99
N PHE A 49 1.86 0.27 43.44
CA PHE A 49 2.91 0.81 44.29
C PHE A 49 2.40 2.03 45.04
N TYR A 50 2.86 2.14 46.29
CA TYR A 50 2.57 3.26 47.20
C TYR A 50 1.07 3.41 47.44
N SER A 51 0.46 2.34 47.93
CA SER A 51 -0.96 2.32 48.22
C SER A 51 -1.22 2.28 49.71
N ASN A 52 -2.46 2.56 50.08
CA ASN A 52 -2.86 2.56 51.48
C ASN A 52 -3.35 1.18 51.89
N VAL A 53 -2.52 0.45 52.60
CA VAL A 53 -2.99 -0.70 53.36
C VAL A 53 -3.53 -0.22 54.69
N THR A 54 -4.71 -0.71 55.05
CA THR A 54 -5.28 -0.47 56.36
C THR A 54 -4.75 -1.54 57.30
N GLY A 55 -3.88 -1.14 58.22
CA GLY A 55 -3.29 -2.06 59.17
C GLY A 55 -4.21 -2.30 60.35
N PHE A 56 -4.41 -3.56 60.69
CA PHE A 56 -5.17 -3.96 61.87
C PHE A 56 -4.28 -4.73 62.82
N HIS A 57 -4.11 -4.20 64.04
CA HIS A 57 -3.30 -4.86 65.06
C HIS A 57 -4.22 -5.42 66.13
N THR A 58 -3.91 -6.64 66.55
CA THR A 58 -4.74 -7.42 67.46
C THR A 58 -4.00 -7.57 68.78
N ILE A 59 -4.44 -6.83 69.81
CA ILE A 59 -3.71 -6.76 71.08
C ILE A 59 -4.68 -7.02 72.24
N ASN A 60 -4.80 -8.30 72.61
CA ASN A 60 -5.28 -8.83 73.89
C ASN A 60 -6.75 -8.58 74.23
N HIS A 61 -7.36 -7.58 73.59
CA HIS A 61 -8.81 -7.39 73.52
C HIS A 61 -9.27 -6.92 72.16
N THR A 62 -8.37 -6.33 71.37
CA THR A 62 -8.67 -5.73 70.08
C THR A 62 -8.82 -6.84 69.06
N PHE A 63 -10.06 -7.23 68.77
CA PHE A 63 -10.33 -8.43 67.99
C PHE A 63 -10.56 -8.02 66.55
N GLY A 64 -9.55 -8.23 65.70
CA GLY A 64 -9.62 -7.81 64.34
C GLY A 64 -10.15 -8.86 63.39
N ASN A 65 -11.40 -9.26 63.55
CA ASN A 65 -12.11 -10.03 62.52
C ASN A 65 -13.55 -9.57 62.34
N PRO A 66 -13.78 -8.36 61.72
CA PRO A 66 -15.12 -8.07 61.20
C PRO A 66 -15.30 -8.50 59.75
N VAL A 67 -16.44 -8.16 59.18
CA VAL A 67 -16.66 -8.27 57.74
C VAL A 67 -15.77 -7.25 57.03
N ILE A 68 -14.84 -7.73 56.22
CA ILE A 68 -13.90 -6.88 55.49
C ILE A 68 -14.04 -7.17 54.00
N PRO A 69 -14.17 -6.16 53.15
CA PRO A 69 -14.43 -6.41 51.73
C PRO A 69 -13.22 -6.97 50.98
N PHE A 70 -13.53 -7.71 49.90
CA PHE A 70 -12.57 -8.51 49.15
C PHE A 70 -12.38 -8.00 47.74
N LYS A 71 -13.47 -7.95 46.95
CA LYS A 71 -13.72 -7.20 45.72
C LYS A 71 -12.96 -7.67 44.48
N ASP A 72 -11.78 -8.25 44.65
CA ASP A 72 -10.97 -8.73 43.54
C ASP A 72 -10.22 -9.97 43.98
N GLY A 73 -10.15 -10.13 45.29
CA GLY A 73 -8.92 -10.60 45.89
C GLY A 73 -8.31 -9.44 46.62
N ILE A 74 -7.54 -9.70 47.67
CA ILE A 74 -6.87 -8.63 48.39
C ILE A 74 -5.39 -8.94 48.41
N TYR A 75 -4.61 -7.97 48.87
CA TYR A 75 -3.28 -8.24 49.37
C TYR A 75 -3.37 -8.44 50.87
N PHE A 76 -2.84 -9.56 51.35
CA PHE A 76 -2.83 -9.86 52.78
C PHE A 76 -1.40 -10.18 53.21
N ALA A 77 -1.02 -9.65 54.36
CA ALA A 77 0.27 -9.94 54.94
C ALA A 77 0.13 -9.82 56.45
N ALA A 78 0.42 -10.90 57.17
CA ALA A 78 0.27 -10.91 58.62
C ALA A 78 1.64 -11.01 59.27
N THR A 79 2.00 -10.00 60.05
CA THR A 79 3.16 -10.08 60.92
C THR A 79 2.82 -11.00 62.07
N GLU A 80 3.50 -12.15 62.17
CA GLU A 80 3.19 -13.10 63.24
C GLU A 80 4.46 -13.62 63.89
N LYS A 81 4.48 -13.52 65.22
CA LYS A 81 5.31 -14.36 66.07
C LYS A 81 4.52 -15.49 66.69
N SER A 82 3.20 -15.35 66.81
CA SER A 82 2.34 -16.30 67.49
C SER A 82 1.39 -17.02 66.55
N ASN A 83 1.30 -16.59 65.28
CA ASN A 83 0.46 -17.18 64.23
C ASN A 83 -1.01 -17.19 64.64
N VAL A 84 -1.54 -16.00 64.90
CA VAL A 84 -2.88 -15.89 65.46
C VAL A 84 -3.94 -16.04 64.38
N VAL A 85 -3.81 -15.32 63.27
CA VAL A 85 -4.79 -15.41 62.20
C VAL A 85 -4.42 -16.63 61.36
N ARG A 86 -5.25 -17.66 61.41
CA ARG A 86 -4.99 -18.91 60.70
C ARG A 86 -6.20 -19.34 59.89
N GLY A 87 -7.09 -18.41 59.57
CA GLY A 87 -8.29 -18.76 58.86
C GLY A 87 -8.95 -17.55 58.28
N TRP A 88 -9.73 -17.80 57.23
CA TRP A 88 -10.43 -16.76 56.51
C TRP A 88 -11.84 -17.24 56.22
N VAL A 89 -12.80 -16.33 56.33
CA VAL A 89 -14.18 -16.69 56.03
C VAL A 89 -14.54 -16.08 54.68
N PHE A 90 -14.39 -16.84 53.61
CA PHE A 90 -14.64 -16.28 52.29
C PHE A 90 -16.08 -16.50 51.84
N GLY A 91 -16.59 -15.56 51.07
CA GLY A 91 -17.90 -15.69 50.47
C GLY A 91 -18.52 -14.32 50.26
N SER A 92 -19.85 -14.34 50.19
CA SER A 92 -20.66 -13.14 50.11
C SER A 92 -21.69 -13.06 51.22
N THR A 93 -21.93 -14.15 51.94
CA THR A 93 -23.01 -14.24 52.91
C THR A 93 -22.55 -14.46 54.34
N MET A 94 -21.35 -15.03 54.55
CA MET A 94 -20.73 -15.30 55.86
C MET A 94 -21.55 -16.25 56.72
N ASN A 95 -22.40 -17.07 56.10
CA ASN A 95 -23.20 -18.08 56.80
C ASN A 95 -23.60 -19.15 55.79
N ASN A 96 -24.61 -19.95 56.16
CA ASN A 96 -25.05 -21.11 55.39
C ASN A 96 -26.14 -20.80 54.37
N LYS A 97 -26.53 -19.53 54.19
CA LYS A 97 -27.62 -19.25 53.26
C LYS A 97 -27.18 -19.42 51.81
N SER A 98 -25.91 -19.17 51.52
CA SER A 98 -25.29 -19.54 50.25
C SER A 98 -24.04 -20.35 50.55
N GLN A 99 -23.34 -20.76 49.50
CA GLN A 99 -22.13 -21.55 49.68
C GLN A 99 -20.96 -20.63 50.04
N SER A 100 -20.28 -20.96 51.14
CA SER A 100 -19.13 -20.17 51.56
C SER A 100 -17.91 -21.07 51.67
N VAL A 101 -16.76 -20.43 51.85
CA VAL A 101 -15.46 -21.11 51.89
C VAL A 101 -14.73 -20.64 53.15
N ILE A 102 -14.26 -21.60 53.95
CA ILE A 102 -13.47 -21.30 55.14
C ILE A 102 -12.13 -22.00 55.02
N ILE A 103 -11.06 -21.24 55.18
CA ILE A 103 -9.75 -21.81 55.43
C ILE A 103 -9.64 -22.13 56.91
N ILE A 104 -9.21 -23.35 57.23
CA ILE A 104 -9.13 -23.84 58.60
C ILE A 104 -7.72 -24.39 58.77
N ASN A 105 -6.91 -23.71 59.56
CA ASN A 105 -5.61 -24.25 59.96
C ASN A 105 -5.74 -24.74 61.40
N ASN A 106 -5.60 -26.05 61.60
CA ASN A 106 -5.76 -26.67 62.91
C ASN A 106 -4.46 -27.30 63.43
N SER A 107 -3.32 -26.67 63.11
CA SER A 107 -1.96 -26.93 63.61
C SER A 107 -1.36 -28.23 63.06
N THR A 108 -2.14 -29.03 62.36
CA THR A 108 -1.67 -30.29 61.77
C THR A 108 -1.86 -30.33 60.28
N ASN A 109 -2.98 -29.81 59.78
CA ASN A 109 -3.28 -29.75 58.35
C ASN A 109 -4.00 -28.44 58.08
N VAL A 110 -4.43 -28.26 56.83
CA VAL A 110 -5.33 -27.18 56.45
C VAL A 110 -6.48 -27.81 55.67
N VAL A 111 -7.66 -27.84 56.29
CA VAL A 111 -8.86 -28.27 55.62
C VAL A 111 -9.60 -27.03 55.13
N ILE A 112 -10.04 -27.06 53.88
CA ILE A 112 -10.83 -25.98 53.29
C ILE A 112 -12.03 -26.62 52.63
N ARG A 113 -13.22 -26.20 53.03
CA ARG A 113 -14.44 -26.77 52.47
C ARG A 113 -15.26 -25.66 51.84
N ALA A 114 -16.05 -26.03 50.84
CA ALA A 114 -16.89 -25.08 50.12
C ALA A 114 -18.34 -25.53 50.29
N CYS A 115 -18.97 -25.09 51.38
CA CYS A 115 -20.24 -25.64 51.82
C CYS A 115 -21.17 -24.50 52.25
N ASN A 116 -22.37 -24.87 52.69
CA ASN A 116 -23.20 -24.03 53.54
C ASN A 116 -22.73 -24.21 54.97
N PHE A 117 -21.97 -23.25 55.48
CA PHE A 117 -21.42 -23.33 56.82
C PHE A 117 -22.34 -22.65 57.82
N GLU A 118 -22.76 -23.40 58.83
CA GLU A 118 -23.56 -22.83 59.92
C GLU A 118 -22.62 -21.99 60.78
N LEU A 119 -22.63 -20.68 60.53
CA LEU A 119 -21.63 -19.79 61.11
C LEU A 119 -22.25 -18.88 62.17
N CYS A 120 -21.39 -18.44 63.07
CA CYS A 120 -21.77 -17.51 64.12
C CYS A 120 -21.19 -16.13 63.82
N ASP A 121 -21.49 -15.18 64.70
CA ASP A 121 -21.26 -13.77 64.41
C ASP A 121 -19.80 -13.36 64.58
N ASN A 122 -18.98 -14.14 65.29
CA ASN A 122 -17.56 -13.82 65.47
C ASN A 122 -16.79 -15.11 65.77
N PRO A 123 -16.57 -15.93 64.75
CA PRO A 123 -15.88 -17.21 64.97
C PRO A 123 -14.37 -17.02 65.15
N PHE A 124 -13.75 -18.04 65.73
CA PHE A 124 -12.35 -17.94 66.14
C PHE A 124 -11.76 -19.31 66.43
N PHE A 125 -10.46 -19.46 66.15
CA PHE A 125 -9.70 -20.58 66.65
C PHE A 125 -9.36 -20.39 68.12
N ALA A 126 -8.75 -21.41 68.73
CA ALA A 126 -8.42 -21.35 70.15
C ALA A 126 -7.08 -22.01 70.41
N VAL A 127 -6.22 -21.29 71.13
CA VAL A 127 -5.06 -21.86 71.81
C VAL A 127 -5.26 -21.71 73.30
N SER A 128 -5.13 -22.82 74.04
CA SER A 128 -5.03 -22.75 75.48
C SER A 128 -3.75 -22.02 75.87
N LYS A 129 -3.90 -20.79 76.37
CA LYS A 129 -2.81 -19.85 76.64
C LYS A 129 -1.77 -20.34 77.65
N PRO A 130 -2.10 -21.01 78.77
CA PRO A 130 -1.02 -21.62 79.56
C PRO A 130 -0.41 -22.86 78.92
N MET A 131 -1.17 -23.60 78.11
CA MET A 131 -0.63 -24.72 77.36
C MET A 131 0.14 -24.27 76.13
N GLY A 132 -0.34 -23.24 75.45
CA GLY A 132 0.29 -22.80 74.21
C GLY A 132 0.15 -23.77 73.07
N THR A 133 -1.02 -24.40 72.91
CA THR A 133 -1.28 -25.29 71.79
C THR A 133 -2.71 -25.12 71.28
N GLN A 134 -2.88 -25.38 69.99
CA GLN A 134 -4.17 -25.16 69.33
C GLN A 134 -5.11 -26.32 69.62
N THR A 135 -6.26 -26.02 70.23
CA THR A 135 -7.14 -27.06 70.72
C THR A 135 -8.53 -27.06 70.09
N HIS A 136 -8.93 -26.02 69.38
CA HIS A 136 -10.31 -25.94 68.91
C HIS A 136 -10.40 -25.30 67.53
N THR A 137 -11.48 -25.63 66.84
CA THR A 137 -11.84 -25.07 65.55
C THR A 137 -13.24 -24.48 65.64
N MET A 138 -13.49 -23.69 66.68
CA MET A 138 -14.83 -23.20 66.99
C MET A 138 -15.29 -22.14 66.00
N ILE A 139 -15.60 -22.59 64.78
CA ILE A 139 -15.93 -21.71 63.66
C ILE A 139 -17.27 -22.10 63.09
N PHE A 140 -17.42 -23.38 62.73
CA PHE A 140 -18.58 -23.91 62.06
C PHE A 140 -19.08 -25.14 62.80
N ASP A 141 -20.40 -25.21 63.01
CA ASP A 141 -20.98 -26.43 63.56
C ASP A 141 -21.16 -27.49 62.48
N ASN A 142 -21.94 -27.16 61.45
CA ASN A 142 -22.27 -28.11 60.41
C ASN A 142 -21.97 -27.49 59.06
N ALA A 143 -21.70 -28.35 58.07
CA ALA A 143 -21.45 -27.93 56.71
C ALA A 143 -22.20 -28.86 55.78
N PHE A 144 -22.88 -28.28 54.78
CA PHE A 144 -23.66 -29.06 53.83
C PHE A 144 -23.69 -28.33 52.50
N ASN A 145 -24.21 -29.04 51.49
CA ASN A 145 -24.05 -28.71 50.06
C ASN A 145 -22.59 -28.44 49.74
N CYS A 146 -21.74 -29.37 50.16
CA CYS A 146 -20.30 -29.22 50.04
C CYS A 146 -19.90 -29.48 48.59
N THR A 147 -19.55 -28.41 47.88
CA THR A 147 -19.05 -28.54 46.53
C THR A 147 -17.58 -28.93 46.50
N PHE A 148 -16.73 -28.27 47.28
CA PHE A 148 -15.32 -28.61 47.29
C PHE A 148 -14.86 -28.81 48.72
N GLU A 149 -13.86 -29.68 48.89
CA GLU A 149 -13.29 -30.01 50.18
C GLU A 149 -11.89 -30.61 49.95
N TYR A 150 -10.91 -30.11 50.69
CA TYR A 150 -9.55 -30.61 50.56
C TYR A 150 -8.79 -30.38 51.86
N ILE A 151 -7.99 -31.36 52.24
CA ILE A 151 -7.17 -31.32 53.45
C ILE A 151 -5.70 -31.33 53.02
N SER A 152 -4.91 -30.44 53.58
CA SER A 152 -3.57 -30.16 53.07
C SER A 152 -2.56 -31.16 53.59
N ASP A 153 -1.29 -30.84 53.38
CA ASP A 153 -0.15 -31.64 53.83
C ASP A 153 -0.03 -31.58 55.35
N ALA A 154 0.74 -32.53 55.89
CA ALA A 154 0.97 -32.58 57.32
C ALA A 154 2.18 -31.73 57.70
N PHE A 155 2.03 -30.94 58.76
CA PHE A 155 3.09 -30.14 59.34
C PHE A 155 2.72 -29.86 60.80
N SER A 156 3.48 -28.97 61.44
CA SER A 156 3.19 -28.58 62.82
C SER A 156 3.61 -27.13 62.99
N LEU A 157 2.62 -26.25 63.18
CA LEU A 157 2.88 -24.82 63.21
C LEU A 157 3.08 -24.35 64.64
N ASP A 158 3.79 -23.23 64.78
CA ASP A 158 4.01 -22.57 66.07
C ASP A 158 2.69 -22.17 66.71
N VAL A 159 2.38 -22.78 67.85
CA VAL A 159 1.06 -22.66 68.46
C VAL A 159 1.06 -21.88 69.77
N SER A 160 2.21 -21.56 70.34
CA SER A 160 2.24 -20.90 71.63
C SER A 160 2.26 -19.38 71.48
N GLU A 161 1.91 -18.69 72.57
CA GLU A 161 2.07 -17.25 72.62
C GLU A 161 3.56 -16.92 72.72
N LYS A 162 4.14 -16.44 71.63
CA LYS A 162 5.55 -16.06 71.62
C LYS A 162 5.72 -14.64 72.13
N SER A 163 6.75 -14.43 72.95
CA SER A 163 7.10 -13.12 73.46
C SER A 163 7.93 -12.35 72.43
N GLY A 164 8.14 -11.06 72.69
CA GLY A 164 9.05 -10.27 71.89
C GLY A 164 8.42 -9.71 70.61
N ASN A 165 9.23 -9.69 69.55
CA ASN A 165 8.88 -9.10 68.27
C ASN A 165 8.29 -10.15 67.33
N PHE A 166 7.60 -9.66 66.31
CA PHE A 166 7.08 -10.53 65.26
C PHE A 166 8.22 -10.99 64.36
N LYS A 167 8.41 -12.30 64.26
CA LYS A 167 9.56 -12.87 63.56
C LYS A 167 9.37 -12.93 62.05
N HIS A 168 8.22 -13.42 61.59
CA HIS A 168 8.02 -13.71 60.18
C HIS A 168 6.73 -13.10 59.66
N LEU A 169 6.75 -12.68 58.40
CA LEU A 169 5.64 -12.01 57.75
C LEU A 169 5.03 -12.97 56.73
N ARG A 170 3.85 -13.50 57.05
CA ARG A 170 3.17 -14.44 56.17
C ARG A 170 2.42 -13.65 55.10
N GLU A 171 2.89 -13.76 53.86
CA GLU A 171 2.54 -12.84 52.78
C GLU A 171 1.66 -13.60 51.79
N PHE A 172 0.39 -13.20 51.70
CA PHE A 172 -0.67 -14.03 51.10
C PHE A 172 -1.49 -13.20 50.12
N VAL A 173 -1.40 -13.52 48.83
CA VAL A 173 -2.17 -12.84 47.79
C VAL A 173 -3.39 -13.69 47.45
N PHE A 174 -4.57 -13.06 47.54
CA PHE A 174 -5.85 -13.70 47.25
C PHE A 174 -6.32 -13.24 45.87
N LYS A 175 -6.95 -14.11 45.11
CA LYS A 175 -7.21 -13.80 43.70
C LYS A 175 -8.29 -14.70 43.13
N ASN A 176 -9.35 -14.10 42.59
CA ASN A 176 -10.41 -14.84 41.91
C ASN A 176 -10.07 -14.96 40.43
N LYS A 177 -10.13 -16.20 39.90
CA LYS A 177 -9.78 -16.43 38.50
C LYS A 177 -10.42 -17.74 38.05
N ASP A 178 -11.30 -17.65 37.04
CA ASP A 178 -11.99 -18.80 36.44
C ASP A 178 -12.81 -19.60 37.44
N GLY A 179 -13.37 -18.91 38.44
CA GLY A 179 -14.02 -19.61 39.52
C GLY A 179 -13.09 -20.24 40.53
N PHE A 180 -11.78 -20.05 40.39
CA PHE A 180 -10.85 -20.51 41.39
C PHE A 180 -10.56 -19.37 42.34
N LEU A 181 -9.96 -19.71 43.48
CA LEU A 181 -9.32 -18.72 44.33
C LEU A 181 -7.82 -19.01 44.28
N TYR A 182 -7.06 -18.05 43.79
CA TYR A 182 -5.61 -18.20 43.76
C TYR A 182 -5.05 -17.62 45.05
N VAL A 183 -4.45 -18.48 45.87
CA VAL A 183 -3.84 -18.06 47.13
C VAL A 183 -2.36 -18.37 47.03
N TYR A 184 -1.52 -17.33 47.04
CA TYR A 184 -0.09 -17.49 46.83
C TYR A 184 0.64 -17.12 48.12
N LYS A 185 1.95 -17.39 48.17
CA LYS A 185 2.67 -17.41 49.42
C LYS A 185 4.11 -16.93 49.25
N GLY A 186 4.58 -16.19 50.25
CA GLY A 186 6.00 -15.90 50.45
C GLY A 186 6.17 -15.46 51.88
N TYR A 187 7.44 -15.39 52.32
CA TYR A 187 7.77 -14.85 53.64
C TYR A 187 9.24 -14.48 53.68
N GLN A 188 9.56 -13.58 54.60
CA GLN A 188 10.94 -13.23 54.94
C GLN A 188 10.96 -12.91 56.43
N PRO A 189 12.12 -12.97 57.08
CA PRO A 189 12.19 -12.57 58.49
C PRO A 189 12.07 -11.05 58.63
N ILE A 190 11.25 -10.66 59.62
CA ILE A 190 10.97 -9.27 59.92
C ILE A 190 11.26 -9.01 61.40
N ASP A 191 11.34 -7.74 61.75
CA ASP A 191 11.56 -7.35 63.16
C ASP A 191 10.89 -5.99 63.36
N VAL A 192 9.60 -6.01 63.75
CA VAL A 192 8.80 -4.79 63.90
C VAL A 192 7.79 -4.96 65.03
N VAL A 193 7.09 -3.85 65.32
CA VAL A 193 5.98 -3.83 66.25
C VAL A 193 4.70 -3.29 65.61
N ARG A 194 4.79 -2.63 64.46
CA ARG A 194 3.68 -1.88 63.87
C ARG A 194 3.53 -2.40 62.44
N ASP A 195 2.99 -1.61 61.51
CA ASP A 195 2.53 -2.03 60.19
C ASP A 195 3.52 -2.77 59.31
N LEU A 196 4.58 -2.11 58.83
CA LEU A 196 5.29 -2.72 57.70
C LEU A 196 6.69 -2.20 57.43
N PRO A 197 7.68 -3.07 57.28
CA PRO A 197 8.94 -2.67 56.66
C PRO A 197 8.78 -2.51 55.15
N SER A 198 9.31 -1.43 54.62
CA SER A 198 9.43 -1.26 53.18
C SER A 198 10.29 -2.37 52.59
N GLY A 199 9.70 -3.15 51.68
CA GLY A 199 10.40 -4.33 51.21
C GLY A 199 9.86 -4.82 49.89
N PHE A 200 10.57 -5.81 49.35
CA PHE A 200 10.35 -6.30 47.99
C PHE A 200 10.65 -7.79 47.95
N ASN A 201 9.61 -8.61 47.80
CA ASN A 201 9.78 -10.06 47.75
C ASN A 201 8.62 -10.67 46.97
N THR A 202 8.96 -11.53 46.01
CA THR A 202 7.99 -11.99 45.02
C THR A 202 7.27 -13.20 45.55
N LEU A 203 5.98 -13.31 45.22
CA LEU A 203 5.14 -14.37 45.77
C LEU A 203 5.04 -15.52 44.79
N LYS A 204 5.23 -16.72 45.29
CA LYS A 204 5.21 -17.92 44.48
C LYS A 204 3.87 -18.63 44.60
N PRO A 205 3.46 -19.40 43.59
CA PRO A 205 2.15 -20.04 43.65
C PRO A 205 2.15 -21.33 44.44
N ILE A 206 1.09 -21.53 45.22
CA ILE A 206 0.90 -22.74 46.02
C ILE A 206 -0.46 -23.37 45.68
N PHE A 207 -1.52 -22.56 45.71
CA PHE A 207 -2.88 -23.04 45.56
C PHE A 207 -3.57 -22.43 44.35
N LYS A 208 -4.39 -23.25 43.68
CA LYS A 208 -5.41 -22.76 42.76
C LYS A 208 -6.64 -23.62 43.01
N LEU A 209 -7.69 -22.98 43.52
CA LEU A 209 -8.68 -23.68 44.33
C LEU A 209 -10.03 -23.73 43.66
N PRO A 210 -10.45 -24.86 43.09
CA PRO A 210 -11.76 -24.93 42.42
C PRO A 210 -12.96 -24.85 43.36
N LEU A 211 -13.10 -23.72 44.03
CA LEU A 211 -14.17 -23.54 45.02
C LEU A 211 -15.49 -23.23 44.34
N GLY A 212 -15.55 -22.10 43.63
CA GLY A 212 -16.66 -21.81 42.76
C GLY A 212 -17.77 -20.97 43.35
N ILE A 213 -17.48 -20.14 44.34
CA ILE A 213 -18.48 -19.24 44.90
C ILE A 213 -18.08 -17.81 44.52
N ASN A 214 -19.03 -16.89 44.68
CA ASN A 214 -18.76 -15.47 44.43
C ASN A 214 -18.20 -14.87 45.71
N ILE A 215 -16.88 -14.70 45.77
CA ILE A 215 -16.23 -14.19 46.97
C ILE A 215 -16.23 -12.67 46.86
N THR A 216 -17.09 -12.02 47.65
CA THR A 216 -17.16 -10.56 47.66
C THR A 216 -16.67 -9.96 48.97
N ASN A 217 -16.79 -10.68 50.08
CA ASN A 217 -16.29 -10.24 51.38
C ASN A 217 -15.41 -11.33 51.97
N PHE A 218 -14.71 -10.98 53.04
CA PHE A 218 -14.01 -11.99 53.82
C PHE A 218 -13.98 -11.56 55.28
N ARG A 219 -13.86 -12.56 56.15
CA ARG A 219 -13.60 -12.33 57.57
C ARG A 219 -12.39 -13.16 57.93
N ALA A 220 -11.40 -12.54 58.57
CA ALA A 220 -10.28 -13.29 59.10
C ALA A 220 -10.74 -14.16 60.27
N ILE A 221 -9.91 -15.12 60.64
CA ILE A 221 -10.22 -15.94 61.80
C ILE A 221 -9.03 -15.88 62.73
N LEU A 222 -9.23 -15.22 63.87
CA LEU A 222 -8.23 -15.14 64.91
C LEU A 222 -8.05 -16.51 65.59
N THR A 223 -7.03 -16.59 66.43
CA THR A 223 -6.90 -17.67 67.38
C THR A 223 -6.91 -17.08 68.79
N ALA A 224 -7.87 -17.50 69.59
CA ALA A 224 -8.07 -16.93 70.91
C ALA A 224 -7.07 -17.51 71.90
N PHE A 225 -6.32 -16.64 72.58
CA PHE A 225 -5.29 -17.05 73.52
C PHE A 225 -5.83 -16.73 74.93
N SER A 226 -6.47 -17.71 75.56
CA SER A 226 -7.00 -17.47 76.90
C SER A 226 -7.13 -18.79 77.64
N PRO A 227 -6.81 -18.83 78.95
CA PRO A 227 -7.05 -19.99 79.80
C PRO A 227 -8.52 -20.29 80.02
N ILE A 231 -14.69 -16.34 78.36
CA ILE A 231 -13.93 -15.18 77.91
C ILE A 231 -12.73 -15.63 77.09
N TRP A 232 -12.78 -15.38 75.79
CA TRP A 232 -11.71 -15.74 74.88
C TRP A 232 -10.95 -14.48 74.49
N GLY A 233 -9.67 -14.43 74.84
CA GLY A 233 -8.81 -13.29 74.53
C GLY A 233 -8.05 -13.49 73.25
N THR A 234 -6.80 -13.02 73.25
CA THR A 234 -5.81 -13.21 72.19
C THR A 234 -4.48 -12.67 72.71
N SER A 235 -3.47 -12.66 71.84
CA SER A 235 -2.24 -11.90 72.09
C SER A 235 -1.84 -11.12 70.86
N ALA A 236 -0.59 -10.63 70.83
CA ALA A 236 -0.14 -9.66 69.84
C ALA A 236 -0.14 -10.24 68.42
N ALA A 237 -0.74 -9.49 67.50
CA ALA A 237 -0.90 -9.89 66.11
C ALA A 237 -1.22 -8.65 65.29
N ALA A 238 -0.77 -8.66 64.03
CA ALA A 238 -1.08 -7.56 63.13
C ALA A 238 -1.10 -8.07 61.70
N TYR A 239 -1.89 -7.41 60.86
CA TYR A 239 -2.12 -7.85 59.49
C TYR A 239 -2.63 -6.67 58.67
N PHE A 240 -2.77 -6.90 57.36
CA PHE A 240 -3.14 -5.87 56.42
C PHE A 240 -4.34 -6.25 55.59
N VAL A 241 -4.96 -5.22 55.01
CA VAL A 241 -5.96 -5.37 53.95
C VAL A 241 -5.55 -4.39 52.84
N GLY A 242 -4.97 -4.90 51.76
CA GLY A 242 -4.68 -4.07 50.61
C GLY A 242 -5.47 -4.52 49.42
N TYR A 243 -5.80 -3.62 48.49
CA TYR A 243 -6.65 -3.98 47.36
C TYR A 243 -5.82 -4.14 46.10
N LEU A 244 -5.95 -5.30 45.46
CA LEU A 244 -5.24 -5.57 44.23
C LEU A 244 -5.97 -4.92 43.07
N LYS A 245 -5.20 -4.46 42.08
CA LYS A 245 -5.82 -3.82 40.93
C LYS A 245 -5.33 -4.47 39.64
N PRO A 246 -6.18 -4.50 38.62
CA PRO A 246 -5.75 -4.97 37.29
C PRO A 246 -4.99 -3.89 36.52
N THR A 247 -3.80 -3.58 36.99
CA THR A 247 -2.97 -2.54 36.42
C THR A 247 -1.76 -3.16 35.74
N THR A 248 -1.13 -2.39 34.86
CA THR A 248 -0.08 -2.90 33.99
C THR A 248 1.26 -2.76 34.68
N PHE A 249 1.98 -3.86 34.84
CA PHE A 249 3.34 -3.80 35.37
C PHE A 249 4.35 -4.18 34.29
N MET A 250 5.56 -3.64 34.43
CA MET A 250 6.71 -4.12 33.68
C MET A 250 7.61 -4.89 34.63
N LEU A 251 8.01 -6.09 34.23
CA LEU A 251 8.58 -7.07 35.14
C LEU A 251 9.87 -7.62 34.55
N LYS A 252 11.00 -7.30 35.16
CA LYS A 252 12.28 -7.80 34.69
C LYS A 252 12.62 -9.13 35.32
N TYR A 253 12.90 -10.13 34.51
CA TYR A 253 13.17 -11.48 34.97
C TYR A 253 14.66 -11.74 34.83
N ASP A 254 15.26 -12.41 35.81
CA ASP A 254 16.69 -12.65 35.78
C ASP A 254 16.99 -13.87 34.89
N GLU A 255 18.21 -14.38 34.96
CA GLU A 255 18.57 -15.57 34.19
C GLU A 255 18.06 -16.86 34.82
N ASN A 256 17.31 -16.78 35.91
CA ASN A 256 16.75 -17.95 36.56
C ASN A 256 15.24 -17.92 36.66
N GLY A 257 14.58 -16.98 35.99
CA GLY A 257 13.14 -16.88 36.08
C GLY A 257 12.62 -16.20 37.32
N THR A 258 13.50 -15.70 38.17
CA THR A 258 13.08 -14.96 39.35
C THR A 258 12.76 -13.52 38.97
N ILE A 259 11.56 -13.06 39.31
CA ILE A 259 11.25 -11.64 39.21
C ILE A 259 12.11 -10.93 40.24
N THR A 260 13.12 -10.20 39.77
CA THR A 260 14.02 -9.51 40.69
C THR A 260 13.75 -8.03 40.77
N ASP A 261 12.77 -7.53 40.03
CA ASP A 261 12.55 -6.10 39.83
C ASP A 261 11.16 -5.93 39.23
N ALA A 262 10.54 -4.78 39.48
CA ALA A 262 9.21 -4.50 38.95
C ALA A 262 8.99 -3.00 38.95
N VAL A 263 8.00 -2.56 38.18
CA VAL A 263 7.62 -1.15 38.10
C VAL A 263 6.17 -1.03 37.61
N ASP A 264 5.40 -0.18 38.28
CA ASP A 264 4.05 0.12 37.81
C ASP A 264 4.12 1.00 36.58
N CYS A 265 3.12 0.89 35.72
CA CYS A 265 2.99 1.75 34.57
C CYS A 265 1.91 2.80 34.76
N SER A 266 1.61 3.17 36.00
CA SER A 266 0.58 4.15 36.25
C SER A 266 0.93 5.13 37.37
N GLN A 267 2.14 5.05 37.93
CA GLN A 267 2.59 5.91 39.02
C GLN A 267 2.60 7.38 38.64
N ASN A 268 3.46 7.72 37.71
CA ASN A 268 3.77 9.10 37.38
C ASN A 268 4.17 9.12 35.91
N PRO A 269 4.29 10.29 35.30
CA PRO A 269 4.83 10.33 33.94
C PRO A 269 6.28 9.87 33.81
N LEU A 270 7.01 9.74 34.91
CA LEU A 270 8.35 9.16 34.81
C LEU A 270 8.28 7.69 34.48
N ALA A 271 7.50 6.91 35.23
CA ALA A 271 7.58 5.46 35.10
C ALA A 271 6.84 4.92 33.89
N GLU A 272 6.08 5.74 33.17
CA GLU A 272 5.55 5.22 31.91
C GLU A 272 6.64 5.20 30.84
N LEU A 273 7.62 6.11 30.94
CA LEU A 273 8.79 6.06 30.07
C LEU A 273 9.58 4.78 30.29
N LYS A 274 9.59 4.27 31.52
CA LYS A 274 10.18 2.96 31.73
C LYS A 274 9.37 1.88 31.04
N CYS A 275 8.05 2.04 30.99
CA CYS A 275 7.19 1.03 30.39
C CYS A 275 7.19 1.12 28.87
N SER A 276 7.21 2.33 28.31
CA SER A 276 7.17 2.48 26.87
C SER A 276 8.48 2.05 26.23
N VAL A 277 9.60 2.60 26.69
CA VAL A 277 10.90 2.36 26.07
C VAL A 277 11.51 1.04 26.53
N LYS A 278 10.83 0.31 27.45
CA LYS A 278 11.24 -1.00 27.98
C LYS A 278 12.60 -0.92 28.64
N SER A 279 12.76 0.01 29.57
CA SER A 279 14.04 0.18 30.23
C SER A 279 13.81 0.55 31.68
N PHE A 280 14.89 0.50 32.46
CA PHE A 280 14.92 1.12 33.77
C PHE A 280 15.81 2.34 33.81
N GLU A 281 16.63 2.56 32.79
CA GLU A 281 17.38 3.79 32.62
C GLU A 281 16.86 4.51 31.39
N ILE A 282 16.54 5.78 31.54
CA ILE A 282 16.07 6.62 30.45
C ILE A 282 17.15 7.66 30.15
N ASP A 283 17.50 7.80 28.89
CA ASP A 283 18.39 8.86 28.44
C ASP A 283 17.71 10.21 28.55
N LYS A 284 18.52 11.25 28.67
CA LYS A 284 18.03 12.62 28.70
C LYS A 284 17.38 13.01 27.38
N GLY A 285 16.19 13.58 27.45
CA GLY A 285 15.56 14.13 26.26
C GLY A 285 14.05 14.15 26.40
N ILE A 286 13.41 14.65 25.34
CA ILE A 286 11.96 14.68 25.23
C ILE A 286 11.51 13.34 24.67
N TYR A 287 10.31 12.90 25.04
CA TYR A 287 9.77 11.66 24.51
C TYR A 287 8.29 11.84 24.22
N GLN A 288 7.91 11.47 23.01
CA GLN A 288 6.50 11.33 22.69
C GLN A 288 5.92 10.18 23.48
N THR A 289 4.68 10.34 23.94
CA THR A 289 3.93 9.24 24.54
C THR A 289 2.47 9.44 24.19
N SER A 290 1.59 8.72 24.90
CA SER A 290 0.19 8.58 24.51
C SER A 290 -0.55 9.90 24.58
N ASN A 291 -1.67 9.96 23.88
CA ASN A 291 -2.36 11.22 23.64
C ASN A 291 -3.48 11.39 24.65
N PHE A 292 -4.03 12.59 24.70
CA PHE A 292 -5.03 12.90 25.71
C PHE A 292 -6.28 13.49 25.07
N ARG A 293 -7.38 13.36 25.79
CA ARG A 293 -8.69 13.79 25.32
C ARG A 293 -9.42 14.46 26.47
N VAL A 294 -10.11 15.54 26.17
CA VAL A 294 -10.93 16.23 27.15
C VAL A 294 -12.29 15.54 27.22
N VAL A 295 -12.65 15.06 28.40
CA VAL A 295 -13.88 14.31 28.65
C VAL A 295 -15.02 15.30 28.85
N PRO A 296 -16.13 15.16 28.14
CA PRO A 296 -17.13 16.23 28.09
C PRO A 296 -17.95 16.36 29.37
N SER A 297 -18.70 17.46 29.44
CA SER A 297 -19.44 17.84 30.65
C SER A 297 -20.71 18.56 30.22
N GLY A 298 -21.81 17.83 30.15
CA GLY A 298 -23.12 18.42 29.93
C GLY A 298 -23.86 17.77 28.78
N ASP A 299 -25.18 17.93 28.79
CA ASP A 299 -26.05 17.47 27.72
C ASP A 299 -26.80 18.66 27.14
N VAL A 300 -26.93 18.68 25.82
CA VAL A 300 -27.61 19.76 25.10
C VAL A 300 -28.68 19.10 24.24
N VAL A 301 -29.92 19.15 24.70
CA VAL A 301 -31.07 18.59 23.99
C VAL A 301 -31.98 19.75 23.62
N ARG A 302 -32.02 20.08 22.33
CA ARG A 302 -32.71 21.27 21.85
C ARG A 302 -33.64 20.87 20.72
N PHE A 303 -34.92 21.17 20.88
CA PHE A 303 -35.94 20.78 19.93
C PHE A 303 -37.06 21.80 19.97
N PRO A 304 -37.85 21.93 18.87
CA PRO A 304 -39.11 22.68 18.97
C PRO A 304 -40.13 21.97 19.86
N ASN A 305 -41.32 22.57 20.01
CA ASN A 305 -42.16 22.35 21.18
C ASN A 305 -42.67 20.91 21.28
N ILE A 306 -42.78 20.44 22.52
CA ILE A 306 -42.81 19.02 22.85
C ILE A 306 -44.23 18.60 23.16
N THR A 307 -44.68 17.51 22.56
CA THR A 307 -45.91 16.84 22.94
C THR A 307 -45.58 15.49 23.56
N ASN A 308 -46.61 14.73 23.90
CA ASN A 308 -46.43 13.49 24.63
C ASN A 308 -46.49 12.29 23.69
N LEU A 309 -46.44 11.09 24.27
CA LEU A 309 -46.59 9.83 23.54
C LEU A 309 -48.06 9.67 23.17
N CYS A 310 -48.39 9.93 21.93
CA CYS A 310 -49.79 9.91 21.53
C CYS A 310 -50.23 8.48 21.23
N PRO A 311 -51.50 8.15 21.47
CA PRO A 311 -52.01 6.86 21.00
C PRO A 311 -52.27 6.91 19.51
N PHE A 312 -51.95 5.81 18.83
CA PHE A 312 -52.11 5.76 17.38
C PHE A 312 -52.89 4.50 17.02
N GLY A 313 -54.19 4.65 16.78
CA GLY A 313 -54.99 3.53 16.34
C GLY A 313 -54.71 3.09 14.92
N GLU A 314 -54.08 3.95 14.12
CA GLU A 314 -53.69 3.58 12.76
C GLU A 314 -52.47 2.67 12.75
N VAL A 315 -51.78 2.55 13.88
CA VAL A 315 -50.60 1.71 13.99
C VAL A 315 -50.96 0.26 14.29
N PHE A 316 -51.85 0.02 15.25
CA PHE A 316 -52.06 -1.32 15.77
C PHE A 316 -53.51 -1.72 15.97
N ASN A 317 -54.48 -0.87 15.63
CA ASN A 317 -55.87 -1.11 15.96
C ASN A 317 -56.80 -1.27 14.77
N ALA A 318 -56.32 -1.12 13.54
CA ALA A 318 -57.20 -1.19 12.39
C ALA A 318 -57.52 -2.63 12.04
N THR A 319 -58.78 -2.89 11.70
CA THR A 319 -59.24 -4.27 11.54
C THR A 319 -59.18 -4.74 10.09
N LYS A 320 -59.69 -3.96 9.14
CA LYS A 320 -59.69 -4.35 7.74
C LYS A 320 -58.68 -3.50 6.97
N PHE A 321 -57.80 -4.16 6.20
CA PHE A 321 -56.83 -3.40 5.43
C PHE A 321 -57.15 -3.55 3.96
N PRO A 322 -57.21 -2.45 3.19
CA PRO A 322 -57.50 -2.54 1.76
C PRO A 322 -56.34 -3.07 0.90
N SER A 323 -56.49 -2.96 -0.42
CA SER A 323 -55.49 -3.41 -1.38
C SER A 323 -54.18 -2.62 -1.26
N VAL A 324 -53.15 -3.12 -1.93
CA VAL A 324 -51.81 -2.56 -1.79
C VAL A 324 -51.54 -1.46 -2.80
N TYR A 325 -52.06 -1.57 -4.02
CA TYR A 325 -51.91 -0.50 -5.00
C TYR A 325 -52.68 0.76 -4.59
N ALA A 326 -53.77 0.59 -3.86
CA ALA A 326 -54.57 1.69 -3.35
C ALA A 326 -54.40 1.77 -1.83
N TRP A 327 -53.16 1.67 -1.37
CA TRP A 327 -52.83 1.55 0.05
C TRP A 327 -53.29 2.75 0.85
N GLU A 328 -53.98 2.48 1.95
CA GLU A 328 -54.60 3.52 2.76
C GLU A 328 -53.56 4.31 3.54
N ARG A 329 -53.58 5.63 3.40
CA ARG A 329 -52.62 6.49 4.07
C ARG A 329 -53.24 7.04 5.35
N LYS A 330 -52.60 6.76 6.48
CA LYS A 330 -52.82 7.50 7.71
C LYS A 330 -51.45 7.88 8.26
N LYS A 331 -51.35 9.09 8.80
CA LYS A 331 -50.06 9.67 9.13
C LYS A 331 -49.90 9.88 10.63
N ILE A 332 -48.67 10.23 11.01
CA ILE A 332 -48.30 10.52 12.39
C ILE A 332 -47.55 11.84 12.41
N SER A 333 -48.01 12.77 13.24
CA SER A 333 -47.44 14.11 13.30
C SER A 333 -47.45 14.64 14.72
N ASN A 334 -46.39 15.39 15.05
CA ASN A 334 -46.26 16.19 16.28
C ASN A 334 -46.41 15.37 17.55
N CYS A 335 -45.88 14.15 17.55
CA CYS A 335 -45.93 13.34 18.76
C CYS A 335 -44.59 12.64 18.96
N VAL A 336 -44.10 12.67 20.19
CA VAL A 336 -42.89 11.93 20.56
C VAL A 336 -43.28 10.46 20.62
N ALA A 337 -42.95 9.72 19.57
CA ALA A 337 -43.40 8.35 19.42
C ALA A 337 -42.23 7.38 19.54
N ASP A 338 -42.51 6.24 20.18
CA ASP A 338 -41.59 5.12 20.18
C ASP A 338 -42.06 3.97 19.29
N TYR A 339 -43.35 3.93 18.97
CA TYR A 339 -44.03 2.82 18.28
C TYR A 339 -43.79 1.49 18.98
N SER A 340 -43.74 1.53 20.32
CA SER A 340 -43.82 0.31 21.11
C SER A 340 -45.20 -0.33 21.02
N VAL A 341 -46.21 0.43 20.60
CA VAL A 341 -47.55 -0.11 20.41
C VAL A 341 -47.66 -0.97 19.17
N LEU A 342 -46.66 -0.91 18.26
CA LEU A 342 -46.54 -1.94 17.22
C LEU A 342 -46.37 -3.32 17.86
N TYR A 343 -45.49 -3.42 18.85
CA TYR A 343 -45.34 -4.63 19.63
C TYR A 343 -46.55 -4.83 20.54
N ASN A 344 -47.02 -3.76 21.15
CA ASN A 344 -48.07 -3.81 22.17
C ASN A 344 -49.44 -3.81 21.49
N SER A 345 -49.82 -4.98 20.98
CA SER A 345 -51.17 -5.21 20.48
C SER A 345 -51.44 -6.70 20.43
N THR A 346 -52.73 -7.04 20.36
CA THR A 346 -53.14 -8.40 20.07
C THR A 346 -53.70 -8.53 18.65
N PHE A 347 -53.25 -7.66 17.74
CA PHE A 347 -53.67 -7.69 16.35
C PHE A 347 -52.54 -8.02 15.38
N PHE A 348 -51.32 -8.29 15.86
CA PHE A 348 -50.17 -8.50 14.98
C PHE A 348 -49.22 -9.52 15.59
N SER A 349 -48.34 -10.08 14.76
CA SER A 349 -47.48 -11.17 15.22
C SER A 349 -46.04 -11.20 14.69
N THR A 350 -45.55 -10.18 13.99
CA THR A 350 -44.25 -10.28 13.33
C THR A 350 -43.16 -9.42 13.99
N PHE A 351 -43.44 -8.14 14.22
CA PHE A 351 -42.68 -7.25 15.11
C PHE A 351 -41.28 -6.93 14.59
N LYS A 352 -41.13 -6.66 13.29
CA LYS A 352 -39.81 -6.46 12.70
C LYS A 352 -39.74 -5.14 11.93
N CYS A 353 -38.63 -4.43 12.10
CA CYS A 353 -38.40 -3.13 11.49
C CYS A 353 -37.26 -3.21 10.48
N TYR A 354 -37.41 -2.50 9.36
CA TYR A 354 -36.43 -2.55 8.28
C TYR A 354 -35.54 -1.30 8.30
N ALA A 358 -34.50 -5.32 15.13
CA ALA A 358 -35.37 -4.24 14.70
C ALA A 358 -34.94 -2.91 15.32
N THR A 359 -33.67 -2.54 15.09
CA THR A 359 -33.11 -1.32 15.65
C THR A 359 -33.60 -0.06 14.97
N LYS A 360 -34.28 -0.17 13.83
CA LYS A 360 -34.85 0.97 13.12
C LYS A 360 -36.16 1.46 13.72
N LEU A 361 -36.55 0.97 14.90
CA LEU A 361 -37.75 1.43 15.56
C LEU A 361 -37.58 2.85 16.09
N ASN A 362 -36.40 3.17 16.61
CA ASN A 362 -36.11 4.48 17.18
C ASN A 362 -35.54 5.44 16.12
N ASP A 363 -35.79 5.18 14.83
CA ASP A 363 -35.20 5.96 13.75
C ASP A 363 -36.11 7.15 13.43
N LEU A 364 -36.21 8.06 14.40
CA LEU A 364 -37.29 9.05 14.39
C LEU A 364 -36.79 10.34 15.02
N CYS A 365 -36.29 11.28 14.22
CA CYS A 365 -36.30 12.71 14.55
C CYS A 365 -36.53 13.58 13.30
N PHE A 366 -37.56 13.26 12.52
CA PHE A 366 -37.69 13.79 11.17
C PHE A 366 -39.17 14.17 10.96
N SER A 367 -39.56 14.33 9.70
CA SER A 367 -40.93 14.69 9.33
C SER A 367 -41.89 13.51 9.45
N ASN A 368 -43.06 13.65 8.83
CA ASN A 368 -44.23 12.84 9.17
C ASN A 368 -44.08 11.39 8.73
N VAL A 369 -44.45 10.48 9.63
CA VAL A 369 -44.45 9.04 9.38
C VAL A 369 -45.84 8.64 8.90
N TYR A 370 -45.90 7.75 7.91
CA TYR A 370 -47.16 7.37 7.27
C TYR A 370 -47.41 5.90 7.55
N ALA A 371 -48.39 5.61 8.42
CA ALA A 371 -48.74 4.25 8.79
C ALA A 371 -49.65 3.67 7.72
N ASP A 372 -49.07 2.81 6.89
CA ASP A 372 -49.68 2.44 5.61
C ASP A 372 -50.34 1.07 5.73
N SER A 373 -51.62 1.02 5.38
CA SER A 373 -52.50 -0.11 5.67
C SER A 373 -52.83 -0.86 4.38
N PHE A 374 -52.39 -2.12 4.31
CA PHE A 374 -52.64 -2.98 3.15
C PHE A 374 -52.35 -4.43 3.50
N VAL A 375 -52.98 -5.34 2.75
CA VAL A 375 -52.84 -6.79 2.92
C VAL A 375 -52.05 -7.34 1.73
N VAL A 376 -50.94 -8.01 2.01
CA VAL A 376 -50.13 -8.64 0.97
C VAL A 376 -50.24 -10.16 1.09
N LYS A 377 -49.55 -10.86 0.20
CA LYS A 377 -49.38 -12.31 0.24
C LYS A 377 -47.99 -12.61 0.79
N GLY A 378 -47.80 -13.87 1.19
CA GLY A 378 -46.53 -14.28 1.79
C GLY A 378 -45.35 -14.20 0.83
N ASP A 379 -45.58 -14.49 -0.46
CA ASP A 379 -44.56 -14.27 -1.47
C ASP A 379 -44.38 -12.80 -1.83
N ASP A 380 -45.18 -11.90 -1.27
CA ASP A 380 -45.03 -10.47 -1.47
C ASP A 380 -44.89 -9.71 -0.16
N VAL A 381 -44.70 -10.43 0.95
CA VAL A 381 -44.12 -9.81 2.14
C VAL A 381 -42.71 -9.32 1.82
N ARG A 382 -41.97 -10.11 1.04
CA ARG A 382 -40.57 -9.84 0.71
C ARG A 382 -40.37 -8.55 -0.07
N GLN A 383 -41.38 -8.05 -0.77
CA GLN A 383 -41.18 -6.92 -1.66
C GLN A 383 -41.53 -5.59 -1.02
N ILE A 384 -41.99 -5.58 0.22
CA ILE A 384 -42.23 -4.34 0.93
C ILE A 384 -40.89 -3.87 1.47
N ALA A 385 -40.20 -3.03 0.69
CA ALA A 385 -38.81 -2.70 1.00
C ALA A 385 -38.49 -1.36 0.35
N PRO A 386 -37.50 -0.63 0.87
CA PRO A 386 -36.98 0.54 0.14
C PRO A 386 -36.33 0.09 -1.15
N GLY A 387 -36.88 0.55 -2.28
CA GLY A 387 -36.46 0.00 -3.55
C GLY A 387 -36.96 -1.44 -3.65
N GLN A 388 -36.08 -2.32 -4.14
CA GLN A 388 -36.30 -3.77 -4.26
C GLN A 388 -37.54 -4.07 -5.11
N THR A 389 -37.42 -3.70 -6.38
CA THR A 389 -38.58 -3.57 -7.28
C THR A 389 -39.21 -4.89 -7.67
N GLY A 390 -40.00 -5.48 -6.76
CA GLY A 390 -40.91 -6.54 -7.10
C GLY A 390 -42.30 -6.01 -7.37
N VAL A 391 -43.27 -6.91 -7.41
CA VAL A 391 -44.62 -6.53 -7.82
C VAL A 391 -45.32 -5.65 -6.79
N ILE A 392 -44.86 -5.62 -5.54
CA ILE A 392 -45.32 -4.62 -4.58
C ILE A 392 -44.53 -3.34 -4.71
N ALA A 393 -43.22 -3.43 -4.81
CA ALA A 393 -42.40 -2.23 -4.74
C ALA A 393 -42.34 -1.49 -6.07
N ASP A 394 -42.35 -2.20 -7.19
CA ASP A 394 -42.21 -1.48 -8.45
C ASP A 394 -43.51 -0.84 -8.89
N TYR A 395 -44.65 -1.41 -8.51
CA TYR A 395 -45.93 -0.97 -9.05
C TYR A 395 -47.03 -0.73 -8.02
N ASN A 396 -46.96 -1.32 -6.82
CA ASN A 396 -48.01 -1.18 -5.82
C ASN A 396 -47.64 -0.19 -4.72
N TYR A 397 -46.48 -0.37 -4.10
CA TYR A 397 -46.14 0.34 -2.87
C TYR A 397 -44.61 0.39 -2.74
N LYS A 398 -44.01 1.53 -3.09
CA LYS A 398 -42.58 1.72 -2.96
C LYS A 398 -42.28 2.59 -1.74
N LEU A 399 -41.18 2.29 -1.04
CA LEU A 399 -40.81 2.86 0.24
C LEU A 399 -39.68 3.87 0.12
N PRO A 400 -39.75 4.96 0.90
CA PRO A 400 -38.66 5.92 0.92
C PRO A 400 -37.45 5.37 1.67
N ASP A 401 -36.32 6.08 1.52
CA ASP A 401 -35.04 5.51 1.90
C ASP A 401 -34.12 6.50 2.61
N ASP A 402 -34.67 7.58 3.16
CA ASP A 402 -33.88 8.42 4.08
C ASP A 402 -33.70 7.69 5.41
N PHE A 403 -34.80 7.47 6.11
CA PHE A 403 -34.91 6.54 7.22
C PHE A 403 -35.89 5.45 6.81
N MET A 404 -35.91 4.35 7.56
CA MET A 404 -36.80 3.25 7.21
C MET A 404 -37.49 2.69 8.44
N GLY A 405 -38.81 2.55 8.35
CA GLY A 405 -39.64 2.17 9.47
C GLY A 405 -39.78 0.69 9.73
N CYS A 406 -41.01 0.27 9.98
CA CYS A 406 -41.32 -1.07 10.44
C CYS A 406 -42.45 -1.65 9.61
N VAL A 407 -42.31 -2.91 9.20
CA VAL A 407 -43.29 -3.61 8.39
C VAL A 407 -43.91 -4.69 9.29
N LEU A 408 -45.17 -4.52 9.64
CA LEU A 408 -45.81 -5.30 10.68
C LEU A 408 -46.97 -6.11 10.09
N ALA A 409 -46.74 -7.40 9.87
CA ALA A 409 -47.71 -8.31 9.30
C ALA A 409 -48.41 -9.11 10.39
N TRP A 410 -49.49 -9.80 10.00
CA TRP A 410 -50.21 -10.65 10.94
C TRP A 410 -50.92 -11.79 10.22
N ASN A 411 -50.87 -12.97 10.83
CA ASN A 411 -51.49 -14.20 10.33
C ASN A 411 -53.00 -14.06 10.27
N THR A 412 -53.55 -13.97 9.05
CA THR A 412 -54.99 -13.90 8.86
C THR A 412 -55.47 -15.04 7.97
N ARG A 413 -55.03 -16.27 8.28
CA ARG A 413 -55.46 -17.44 7.54
C ARG A 413 -56.96 -17.70 7.69
N ASN A 414 -57.53 -17.37 8.85
CA ASN A 414 -58.90 -17.76 9.16
C ASN A 414 -59.92 -16.66 8.93
N ILE A 415 -59.49 -15.42 8.65
CA ILE A 415 -60.40 -14.29 8.50
C ILE A 415 -60.36 -13.73 7.09
N ASP A 416 -59.17 -13.47 6.57
CA ASP A 416 -59.01 -12.77 5.30
C ASP A 416 -58.75 -13.71 4.13
N ALA A 417 -59.08 -15.00 4.27
CA ALA A 417 -58.81 -15.99 3.24
C ALA A 417 -60.03 -16.88 3.05
N THR A 418 -59.97 -17.69 2.00
CA THR A 418 -60.95 -18.73 1.75
C THR A 418 -60.26 -19.89 1.04
N SER A 419 -61.00 -20.99 0.88
CA SER A 419 -60.42 -22.18 0.27
C SER A 419 -60.45 -22.14 -1.26
N THR A 420 -61.11 -21.16 -1.85
CA THR A 420 -61.08 -20.94 -3.29
C THR A 420 -60.15 -19.81 -3.69
N GLY A 421 -59.48 -19.19 -2.72
CA GLY A 421 -58.61 -18.06 -3.00
C GLY A 421 -59.38 -16.77 -2.88
N ASN A 422 -59.04 -15.95 -1.89
CA ASN A 422 -59.70 -14.66 -1.70
C ASN A 422 -59.13 -13.69 -2.73
N TYR A 423 -59.58 -13.87 -3.98
CA TYR A 423 -59.04 -13.19 -5.14
C TYR A 423 -59.46 -11.73 -5.24
N ASN A 424 -60.41 -11.29 -4.42
CA ASN A 424 -60.92 -9.93 -4.49
C ASN A 424 -59.91 -8.91 -4.01
N TYR A 425 -58.89 -9.35 -3.25
CA TYR A 425 -57.70 -8.54 -3.06
C TYR A 425 -56.76 -8.79 -4.24
N LYS A 426 -56.20 -7.72 -4.79
CA LYS A 426 -55.40 -7.80 -6.01
C LYS A 426 -54.20 -6.87 -5.89
N TYR A 427 -53.38 -6.87 -6.94
CA TYR A 427 -52.09 -6.19 -6.92
C TYR A 427 -51.64 -5.93 -8.35
N ARG A 428 -50.83 -4.89 -8.54
CA ARG A 428 -50.29 -4.59 -9.86
C ARG A 428 -49.03 -5.40 -10.10
N TYR A 429 -48.92 -5.97 -11.29
CA TYR A 429 -47.78 -6.77 -11.69
C TYR A 429 -47.05 -6.22 -12.91
N LEU A 430 -47.72 -5.41 -13.72
CA LEU A 430 -47.10 -4.86 -14.93
C LEU A 430 -47.86 -3.60 -15.30
N ARG A 431 -47.15 -2.48 -15.38
CA ARG A 431 -47.77 -1.20 -15.69
C ARG A 431 -46.78 -0.33 -16.46
N HIS A 432 -47.31 0.44 -17.40
CA HIS A 432 -46.53 1.31 -18.27
C HIS A 432 -46.08 2.52 -17.45
N GLY A 433 -45.00 2.31 -16.71
CA GLY A 433 -44.56 3.31 -15.77
C GLY A 433 -44.33 2.71 -14.40
N LYS A 434 -43.19 3.01 -13.81
CA LYS A 434 -42.81 2.50 -12.51
C LYS A 434 -43.11 3.56 -11.45
N LEU A 435 -43.41 3.10 -10.24
CA LEU A 435 -43.60 4.04 -9.15
C LEU A 435 -42.26 4.61 -8.72
N ARG A 436 -42.28 5.87 -8.33
CA ARG A 436 -41.19 6.44 -7.55
C ARG A 436 -41.50 6.11 -6.09
N PRO A 437 -40.56 6.32 -5.15
CA PRO A 437 -40.86 6.03 -3.74
C PRO A 437 -42.01 6.85 -3.17
N PHE A 438 -42.82 6.17 -2.34
CA PHE A 438 -43.97 6.71 -1.61
C PHE A 438 -45.03 7.26 -2.57
N GLU A 439 -45.63 6.33 -3.32
CA GLU A 439 -46.71 6.65 -4.25
C GLU A 439 -47.87 5.66 -4.12
N ARG A 440 -49.05 6.11 -4.54
CA ARG A 440 -50.25 5.28 -4.56
C ARG A 440 -50.82 5.22 -5.97
N ASP A 441 -51.39 4.07 -6.34
CA ASP A 441 -51.90 3.78 -7.67
C ASP A 441 -53.38 3.42 -7.56
N ILE A 442 -54.27 4.36 -7.86
CA ILE A 442 -55.70 4.10 -7.74
C ILE A 442 -56.36 4.03 -9.11
N SER A 443 -55.62 3.58 -10.10
CA SER A 443 -56.17 3.43 -11.45
C SER A 443 -57.14 2.26 -11.47
N ASN A 444 -58.43 2.54 -11.41
CA ASN A 444 -59.44 1.49 -11.49
C ASN A 444 -59.84 1.22 -12.93
N VAL A 445 -58.85 1.04 -13.79
CA VAL A 445 -59.00 1.21 -15.24
C VAL A 445 -58.53 -0.04 -15.96
N PRO A 446 -59.25 -0.53 -16.96
CA PRO A 446 -58.70 -1.55 -17.87
C PRO A 446 -57.47 -1.01 -18.60
N PHE A 447 -56.40 -1.81 -18.60
CA PHE A 447 -55.06 -1.30 -18.82
C PHE A 447 -54.52 -1.68 -20.21
N SER A 448 -53.74 -0.77 -20.80
CA SER A 448 -53.10 -1.00 -22.08
C SER A 448 -51.69 -1.54 -21.87
N PRO A 449 -51.42 -2.81 -22.20
CA PRO A 449 -50.15 -3.43 -21.78
C PRO A 449 -48.91 -2.96 -22.54
N ASP A 450 -49.05 -2.12 -23.57
CA ASP A 450 -47.87 -1.65 -24.30
C ASP A 450 -47.93 -0.18 -24.67
N GLY A 451 -48.96 0.56 -24.25
CA GLY A 451 -49.09 1.97 -24.59
C GLY A 451 -49.96 2.25 -25.80
N LYS A 452 -50.45 1.24 -26.47
CA LYS A 452 -51.30 1.30 -27.64
C LYS A 452 -52.76 1.12 -27.23
N PRO A 453 -53.75 1.55 -28.05
CA PRO A 453 -55.16 1.38 -27.63
C PRO A 453 -55.63 -0.07 -27.61
N CYS A 454 -55.17 -0.81 -26.59
CA CYS A 454 -55.58 -2.18 -26.31
C CYS A 454 -56.02 -2.20 -24.85
N THR A 455 -57.27 -1.82 -24.63
CA THR A 455 -57.90 -1.89 -23.32
C THR A 455 -58.87 -3.07 -23.28
N PRO A 456 -58.97 -3.76 -22.15
CA PRO A 456 -60.07 -4.71 -21.97
C PRO A 456 -61.40 -4.00 -22.00
N PRO A 457 -62.47 -4.67 -22.48
CA PRO A 457 -62.58 -6.08 -22.89
C PRO A 457 -62.29 -6.40 -24.35
N ALA A 458 -61.29 -5.77 -24.96
CA ALA A 458 -60.86 -6.20 -26.28
C ALA A 458 -59.92 -7.41 -26.17
N LEU A 459 -59.74 -8.10 -27.28
CA LEU A 459 -58.95 -9.33 -27.30
C LEU A 459 -57.46 -9.04 -27.17
N ASN A 460 -56.76 -9.95 -26.47
CA ASN A 460 -55.33 -9.89 -26.17
C ASN A 460 -54.95 -8.60 -25.42
N CYS A 461 -55.86 -8.11 -24.60
CA CYS A 461 -55.66 -6.89 -23.82
C CYS A 461 -55.72 -7.26 -22.35
N TYR A 462 -54.63 -6.98 -21.63
CA TYR A 462 -54.43 -7.51 -20.30
C TYR A 462 -55.01 -6.60 -19.22
N TRP A 463 -55.34 -7.20 -18.10
CA TRP A 463 -55.72 -6.51 -16.87
C TRP A 463 -54.47 -6.20 -16.05
N PRO A 464 -54.44 -5.08 -15.33
CA PRO A 464 -53.25 -4.75 -14.53
C PRO A 464 -53.17 -5.50 -13.22
N LEU A 465 -54.20 -6.29 -12.90
CA LEU A 465 -54.35 -6.91 -11.60
C LEU A 465 -54.33 -8.43 -11.75
N ASN A 466 -53.34 -9.07 -11.13
CA ASN A 466 -53.42 -10.51 -10.94
C ASN A 466 -54.08 -10.82 -9.61
N ASP A 467 -54.54 -12.06 -9.47
CA ASP A 467 -55.00 -12.54 -8.18
C ASP A 467 -53.80 -12.93 -7.33
N TYR A 468 -53.89 -12.68 -6.03
CA TYR A 468 -52.88 -13.19 -5.11
C TYR A 468 -52.92 -14.71 -5.05
N GLY A 469 -54.08 -15.27 -4.70
CA GLY A 469 -54.16 -16.67 -4.33
C GLY A 469 -54.14 -16.86 -2.82
N PHE A 470 -55.04 -16.15 -2.14
CA PHE A 470 -55.20 -16.25 -0.69
C PHE A 470 -55.98 -17.52 -0.35
N TYR A 471 -55.27 -18.64 -0.37
CA TYR A 471 -55.87 -19.94 -0.11
C TYR A 471 -55.66 -20.35 1.35
N THR A 472 -56.70 -20.92 1.96
CA THR A 472 -56.54 -21.56 3.25
C THR A 472 -55.87 -22.92 3.15
N THR A 473 -55.93 -23.55 1.96
CA THR A 473 -55.42 -24.89 1.75
C THR A 473 -53.93 -24.93 1.41
N THR A 474 -53.30 -23.77 1.25
CA THR A 474 -51.88 -23.69 0.96
C THR A 474 -51.10 -23.36 2.23
N GLY A 475 -49.79 -23.26 2.07
CA GLY A 475 -48.90 -22.96 3.18
C GLY A 475 -48.81 -21.46 3.44
N ILE A 476 -47.69 -21.07 4.04
CA ILE A 476 -47.51 -19.72 4.54
C ILE A 476 -47.20 -18.73 3.40
N GLY A 477 -46.63 -19.22 2.30
CA GLY A 477 -46.29 -18.35 1.17
C GLY A 477 -47.48 -17.77 0.43
N TYR A 478 -48.67 -18.34 0.59
CA TYR A 478 -49.87 -17.84 -0.04
C TYR A 478 -50.93 -17.46 1.00
N GLN A 479 -50.52 -16.76 2.07
CA GLN A 479 -51.53 -16.35 3.03
C GLN A 479 -51.70 -14.83 3.02
N PRO A 480 -52.92 -14.34 3.25
CA PRO A 480 -53.14 -12.89 3.40
C PRO A 480 -52.62 -12.38 4.72
N TYR A 481 -51.84 -11.31 4.66
CA TYR A 481 -51.13 -10.77 5.82
C TYR A 481 -51.42 -9.29 5.93
N ARG A 482 -52.14 -8.89 6.97
CA ARG A 482 -52.47 -7.49 7.22
C ARG A 482 -51.21 -6.74 7.62
N VAL A 483 -50.77 -5.79 6.78
CA VAL A 483 -49.45 -5.19 6.91
C VAL A 483 -49.58 -3.69 7.16
N VAL A 484 -49.12 -3.24 8.31
CA VAL A 484 -48.90 -1.83 8.63
C VAL A 484 -47.44 -1.52 8.38
N VAL A 485 -47.17 -0.54 7.51
CA VAL A 485 -45.82 -0.04 7.30
C VAL A 485 -45.77 1.40 7.73
N LEU A 486 -44.82 1.73 8.60
CA LEU A 486 -44.53 3.11 8.98
C LEU A 486 -43.59 3.67 7.93
N SER A 487 -44.14 4.39 6.95
CA SER A 487 -43.31 5.00 5.92
C SER A 487 -42.54 6.17 6.51
N PHE A 488 -41.21 6.05 6.52
CA PHE A 488 -40.36 7.06 7.15
C PHE A 488 -39.93 8.12 6.14
N GLU A 489 -40.85 9.06 5.88
CA GLU A 489 -40.50 10.26 5.11
C GLU A 489 -41.45 11.42 5.43
N THR A 496 -44.14 15.93 11.98
CA THR A 496 -42.80 15.99 12.53
C THR A 496 -42.73 15.26 13.87
N VAL A 497 -42.01 14.15 13.92
CA VAL A 497 -41.87 13.36 15.13
C VAL A 497 -40.39 13.29 15.49
N CYS A 498 -40.13 13.02 16.78
CA CYS A 498 -38.77 12.77 17.24
C CYS A 498 -38.82 11.88 18.47
N GLY A 499 -38.07 10.78 18.44
CA GLY A 499 -38.03 9.83 19.52
C GLY A 499 -37.35 10.36 20.77
N PRO A 500 -36.02 10.57 20.69
CA PRO A 500 -35.34 11.20 21.86
C PRO A 500 -35.53 12.71 21.87
N LYS A 501 -36.74 13.13 22.20
CA LYS A 501 -37.15 14.53 22.13
C LYS A 501 -37.51 15.01 23.53
N LEU A 502 -36.58 15.69 24.17
CA LEU A 502 -36.78 16.42 25.40
C LEU A 502 -36.32 17.85 25.16
N SER A 503 -36.21 18.63 26.24
CA SER A 503 -35.57 19.94 26.16
C SER A 503 -34.66 20.10 27.36
N THR A 504 -33.38 20.34 27.11
CA THR A 504 -32.44 20.66 28.17
C THR A 504 -31.81 22.02 27.89
N ASP A 505 -30.80 22.35 28.69
CA ASP A 505 -30.19 23.67 28.69
C ASP A 505 -29.05 23.73 27.69
N LEU A 506 -28.87 24.93 27.12
CA LEU A 506 -27.70 25.24 26.30
C LEU A 506 -26.50 25.40 27.21
N ILE A 507 -25.73 24.34 27.38
CA ILE A 507 -24.54 24.41 28.21
C ILE A 507 -23.44 24.99 27.34
N LYS A 508 -23.38 26.31 27.27
CA LYS A 508 -22.46 26.95 26.34
C LYS A 508 -21.05 26.98 26.92
N ASN A 509 -20.08 27.13 26.02
CA ASN A 509 -18.65 27.32 26.34
C ASN A 509 -18.06 26.13 27.09
N GLN A 510 -18.64 24.95 26.94
CA GLN A 510 -18.11 23.75 27.57
C GLN A 510 -18.07 22.61 26.58
N CYS A 511 -17.12 21.71 26.80
CA CYS A 511 -17.10 20.43 26.11
C CYS A 511 -18.30 19.62 26.58
N VAL A 512 -19.29 19.46 25.70
CA VAL A 512 -20.58 18.88 26.04
C VAL A 512 -20.86 17.71 25.12
N ASN A 513 -22.02 17.10 25.30
CA ASN A 513 -22.69 16.33 24.27
C ASN A 513 -23.81 17.19 23.70
N PHE A 514 -24.23 16.86 22.49
CA PHE A 514 -25.39 17.57 21.97
C PHE A 514 -26.22 16.66 21.07
N ASN A 515 -27.53 16.86 21.11
CA ASN A 515 -28.48 16.18 20.24
C ASN A 515 -29.48 17.23 19.77
N PHE A 516 -29.55 17.43 18.46
CA PHE A 516 -30.31 18.51 17.86
C PHE A 516 -31.37 17.93 16.91
N ASN A 517 -32.10 18.83 16.25
CA ASN A 517 -32.96 18.46 15.13
C ASN A 517 -32.07 18.13 13.95
N GLY A 518 -31.73 16.85 13.78
CA GLY A 518 -30.89 16.43 12.70
C GLY A 518 -29.41 16.65 12.90
N LEU A 519 -28.93 16.65 14.14
CA LEU A 519 -27.50 16.87 14.40
C LEU A 519 -27.15 16.30 15.77
N THR A 520 -26.20 15.38 15.78
CA THR A 520 -25.68 14.78 17.01
C THR A 520 -24.18 15.02 17.07
N GLY A 521 -23.60 14.73 18.24
CA GLY A 521 -22.16 14.84 18.40
C GLY A 521 -21.73 15.48 19.71
N THR A 522 -20.42 15.60 19.89
CA THR A 522 -19.81 16.21 21.06
C THR A 522 -19.05 17.44 20.63
N GLY A 523 -18.88 18.39 21.54
CA GLY A 523 -18.05 19.54 21.20
C GLY A 523 -18.29 20.73 22.11
N VAL A 524 -17.96 21.89 21.56
CA VAL A 524 -17.97 23.18 22.26
C VAL A 524 -19.03 24.05 21.59
N LEU A 525 -19.86 24.69 22.40
CA LEU A 525 -20.99 25.46 21.86
C LEU A 525 -20.91 26.90 22.33
N THR A 526 -21.22 27.80 21.41
CA THR A 526 -21.17 29.25 21.60
C THR A 526 -21.96 29.89 20.46
N PRO A 527 -22.52 31.09 20.65
CA PRO A 527 -23.24 31.74 19.56
C PRO A 527 -22.34 32.09 18.38
N SER A 528 -22.95 32.10 17.20
CA SER A 528 -22.23 32.43 15.98
C SER A 528 -22.81 33.67 15.34
N SER A 529 -22.11 34.15 14.32
CA SER A 529 -22.52 35.33 13.57
C SER A 529 -22.78 35.02 12.09
N LYS A 530 -22.93 33.75 11.75
CA LYS A 530 -23.04 33.36 10.35
C LYS A 530 -24.42 33.71 9.80
N ARG A 531 -24.44 34.34 8.63
CA ARG A 531 -25.67 34.77 7.98
C ARG A 531 -26.39 33.56 7.41
N PHE A 532 -27.08 32.84 8.28
CA PHE A 532 -27.94 31.76 7.84
C PHE A 532 -29.09 32.29 7.02
N GLN A 533 -29.43 31.57 5.97
CA GLN A 533 -30.68 31.83 5.31
C GLN A 533 -31.81 31.21 6.13
N PRO A 534 -33.03 31.74 6.03
CA PRO A 534 -34.16 31.13 6.76
C PRO A 534 -34.48 29.72 6.31
N PHE A 535 -34.03 29.30 5.13
CA PHE A 535 -34.23 27.96 4.64
C PHE A 535 -32.98 27.09 4.82
N GLN A 536 -32.03 27.55 5.64
CA GLN A 536 -30.80 26.82 5.93
C GLN A 536 -30.79 26.39 7.38
N GLN A 537 -30.73 25.08 7.61
CA GLN A 537 -30.76 24.57 8.97
C GLN A 537 -29.44 24.73 9.69
N PHE A 538 -28.34 24.32 9.07
CA PHE A 538 -27.06 24.26 9.76
C PHE A 538 -25.94 24.66 8.81
N GLY A 539 -24.77 24.87 9.39
CA GLY A 539 -23.61 25.17 8.60
C GLY A 539 -22.56 24.08 8.60
N ARG A 540 -21.69 24.07 7.59
CA ARG A 540 -20.51 23.23 7.58
C ARG A 540 -19.28 24.10 7.34
N ASP A 541 -18.11 23.50 7.53
CA ASP A 541 -16.85 24.20 7.47
C ASP A 541 -16.31 24.09 6.04
N VAL A 542 -15.05 24.48 5.84
CA VAL A 542 -14.36 24.24 4.57
C VAL A 542 -14.09 22.76 4.36
N SER A 543 -14.10 21.96 5.43
CA SER A 543 -14.13 20.51 5.38
C SER A 543 -15.59 20.08 5.29
N ASP A 544 -15.86 18.81 5.58
CA ASP A 544 -17.25 18.36 5.50
C ASP A 544 -17.73 17.76 6.82
N PHE A 545 -17.52 18.46 7.92
CA PHE A 545 -18.31 18.24 9.11
C PHE A 545 -18.89 19.57 9.59
N THR A 546 -20.10 19.46 10.16
CA THR A 546 -20.87 20.63 10.57
C THR A 546 -20.25 21.30 11.79
N ASP A 547 -20.01 22.61 11.68
CA ASP A 547 -19.55 23.37 12.83
C ASP A 547 -20.46 24.53 13.22
N SER A 548 -21.63 24.68 12.59
CA SER A 548 -22.54 25.74 12.96
C SER A 548 -23.97 25.29 12.76
N VAL A 549 -24.83 25.70 13.70
CA VAL A 549 -26.20 25.21 13.73
C VAL A 549 -27.13 26.34 14.14
N ARG A 550 -28.29 26.39 13.51
CA ARG A 550 -29.38 27.22 13.99
C ARG A 550 -30.17 26.38 14.99
N ASP A 551 -30.45 26.97 16.15
CA ASP A 551 -30.93 26.21 17.31
C ASP A 551 -32.34 25.69 17.04
N PRO A 552 -32.59 24.39 17.21
CA PRO A 552 -33.94 23.86 16.98
C PRO A 552 -35.01 24.43 17.91
N LYS A 553 -34.63 24.88 19.11
CA LYS A 553 -35.63 25.38 20.04
C LYS A 553 -35.81 26.89 19.93
N THR A 554 -34.72 27.66 19.97
CA THR A 554 -34.81 29.11 20.05
C THR A 554 -34.09 29.85 18.92
N SER A 555 -33.68 29.15 17.87
CA SER A 555 -33.18 29.71 16.61
C SER A 555 -31.92 30.57 16.77
N GLU A 556 -31.14 30.36 17.82
CA GLU A 556 -29.92 31.10 18.01
C GLU A 556 -28.79 30.43 17.24
N ILE A 557 -28.12 31.20 16.39
CA ILE A 557 -27.10 30.67 15.49
C ILE A 557 -25.84 30.37 16.28
N LEU A 558 -25.46 29.10 16.32
CA LEU A 558 -24.39 28.63 17.19
C LEU A 558 -23.17 28.21 16.39
N ASP A 559 -22.05 28.09 17.11
CA ASP A 559 -20.84 27.46 16.62
C ASP A 559 -20.62 26.13 17.31
N ILE A 560 -20.01 25.19 16.59
CA ILE A 560 -19.71 23.86 17.12
C ILE A 560 -18.22 23.67 16.90
N SER A 561 -17.45 24.01 17.85
CA SER A 561 -16.09 23.54 17.74
C SER A 561 -15.95 22.20 18.45
N PRO A 562 -15.06 21.33 17.99
CA PRO A 562 -14.84 20.06 18.68
C PRO A 562 -14.15 20.28 20.01
N CYS A 563 -14.13 19.23 20.81
CA CYS A 563 -13.44 19.32 22.08
C CYS A 563 -11.93 19.30 21.88
N ALA A 564 -11.23 19.88 22.85
CA ALA A 564 -9.78 20.00 22.76
C ALA A 564 -9.12 18.64 22.97
N PHE A 565 -7.98 18.47 22.32
CA PHE A 565 -7.26 17.20 22.30
C PHE A 565 -5.86 17.48 21.78
N GLY A 566 -5.03 16.46 21.75
CA GLY A 566 -3.69 16.60 21.23
C GLY A 566 -2.76 15.57 21.84
N GLY A 567 -1.47 15.78 21.61
CA GLY A 567 -0.45 14.86 22.05
C GLY A 567 0.15 15.27 23.38
N VAL A 568 0.95 14.36 23.93
CA VAL A 568 1.65 14.58 25.20
C VAL A 568 3.11 14.25 24.99
N SER A 569 3.98 15.17 25.38
CA SER A 569 5.40 14.87 25.49
C SER A 569 5.75 14.72 26.97
N VAL A 570 6.96 14.24 27.22
CA VAL A 570 7.53 14.19 28.57
C VAL A 570 8.94 14.70 28.46
N ILE A 571 9.30 15.69 29.27
CA ILE A 571 10.63 16.26 29.26
C ILE A 571 11.34 15.82 30.53
N THR A 572 12.33 14.96 30.39
CA THR A 572 13.12 14.43 31.48
C THR A 572 14.59 14.71 31.26
N PRO A 573 15.36 14.91 32.33
CA PRO A 573 16.81 15.07 32.20
C PRO A 573 17.61 13.79 32.34
N GLY A 574 16.98 12.64 32.58
CA GLY A 574 17.73 11.41 32.75
C GLY A 574 17.57 10.80 34.12
N THR A 575 17.53 9.46 34.17
CA THR A 575 17.32 8.78 35.44
C THR A 575 18.54 8.87 36.32
N ASN A 576 19.73 8.80 35.72
CA ASN A 576 20.96 9.09 36.47
C ASN A 576 20.98 10.53 36.94
N ALA A 577 20.39 11.45 36.15
CA ALA A 577 20.34 12.84 36.57
C ALA A 577 19.35 13.06 37.69
N SER A 578 18.10 12.64 37.51
CA SER A 578 17.06 12.93 38.49
C SER A 578 15.94 11.90 38.36
N SER A 579 14.81 12.21 38.98
CA SER A 579 13.62 11.38 38.90
C SER A 579 12.37 12.23 38.76
N GLU A 580 12.54 13.50 38.41
CA GLU A 580 11.42 14.40 38.16
C GLU A 580 11.30 14.64 36.66
N VAL A 581 10.06 14.87 36.22
CA VAL A 581 9.76 15.12 34.82
C VAL A 581 8.81 16.31 34.74
N ALA A 582 8.73 16.90 33.56
CA ALA A 582 7.75 17.93 33.28
C ALA A 582 7.14 17.66 31.92
N VAL A 583 5.83 17.69 31.83
CA VAL A 583 5.15 17.20 30.64
C VAL A 583 4.69 18.37 29.80
N LEU A 584 4.59 18.13 28.50
CA LEU A 584 4.08 19.10 27.55
C LEU A 584 2.82 18.55 26.94
N TYR A 585 1.78 19.37 26.90
CA TYR A 585 0.52 18.99 26.30
C TYR A 585 0.36 19.80 25.03
N GLN A 586 0.24 19.13 23.89
CA GLN A 586 0.44 19.78 22.61
C GLN A 586 -0.85 20.37 22.04
N ASP A 587 -0.70 21.55 21.43
CA ASP A 587 -1.70 22.20 20.57
C ASP A 587 -3.01 22.48 21.30
N VAL A 588 -2.92 22.99 22.52
CA VAL A 588 -4.10 23.19 23.35
C VAL A 588 -4.05 24.53 24.05
N ASN A 589 -5.25 24.98 24.45
CA ASN A 589 -5.43 26.22 25.17
C ASN A 589 -5.28 25.96 26.66
N CYS A 590 -4.52 26.80 27.36
CA CYS A 590 -4.26 26.62 28.77
C CYS A 590 -5.47 26.90 29.65
N THR A 591 -6.52 27.51 29.09
CA THR A 591 -7.75 27.73 29.85
C THR A 591 -8.44 26.40 30.14
N ASP A 592 -8.53 25.53 29.13
CA ASP A 592 -9.25 24.28 29.31
C ASP A 592 -8.38 23.18 29.91
N VAL A 593 -7.07 23.24 29.67
CA VAL A 593 -6.21 22.15 30.12
C VAL A 593 -5.96 22.26 31.61
N SER A 594 -5.62 23.46 32.10
CA SER A 594 -5.40 23.67 33.52
C SER A 594 -6.67 23.46 34.32
N THR A 595 -7.84 23.71 33.71
CA THR A 595 -9.11 23.42 34.34
C THR A 595 -9.30 21.91 34.52
N ALA A 596 -9.16 21.16 33.43
CA ALA A 596 -9.51 19.74 33.43
C ALA A 596 -8.56 18.88 34.25
N ILE A 597 -7.39 19.40 34.61
CA ILE A 597 -6.52 18.68 35.53
C ILE A 597 -7.12 18.66 36.92
N HIS A 598 -7.50 19.82 37.44
CA HIS A 598 -8.06 19.91 38.78
C HIS A 598 -9.44 19.27 38.85
N ALA A 599 -10.21 19.34 37.77
CA ALA A 599 -11.53 18.75 37.74
C ALA A 599 -11.53 17.29 37.34
N ASP A 600 -10.34 16.70 37.11
CA ASP A 600 -10.14 15.28 36.78
C ASP A 600 -10.93 14.89 35.52
N GLN A 601 -10.55 15.50 34.40
CA GLN A 601 -11.25 15.28 33.14
C GLN A 601 -10.31 14.80 32.03
N LEU A 602 -9.09 14.41 32.36
CA LEU A 602 -8.13 13.97 31.35
C LEU A 602 -8.09 12.46 31.27
N THR A 603 -8.15 11.95 30.05
CA THR A 603 -7.79 10.57 29.76
C THR A 603 -6.54 10.59 28.92
N PRO A 604 -5.35 10.23 29.43
CA PRO A 604 -5.00 9.55 30.68
C PRO A 604 -5.06 10.41 31.94
N ALA A 605 -5.11 9.74 33.09
CA ALA A 605 -5.03 10.39 34.40
C ALA A 605 -4.00 9.67 35.23
N TRP A 606 -3.21 10.45 35.98
CA TRP A 606 -2.07 9.93 36.70
C TRP A 606 -2.45 9.59 38.13
N ARG A 607 -1.65 8.73 38.75
CA ARG A 607 -1.90 8.37 40.13
C ARG A 607 -1.41 9.47 41.07
N ILE A 608 -0.13 9.79 40.99
CA ILE A 608 0.48 10.81 41.84
C ILE A 608 1.03 11.88 40.90
N TYR A 609 0.27 12.97 40.73
CA TYR A 609 0.74 14.10 39.92
C TYR A 609 -0.09 15.32 40.27
N SER A 610 0.56 16.48 40.23
CA SER A 610 -0.09 17.76 40.38
C SER A 610 0.74 18.80 39.65
N THR A 611 0.11 19.91 39.29
CA THR A 611 0.77 20.88 38.41
C THR A 611 1.84 21.68 39.14
N GLY A 612 1.65 21.94 40.42
CA GLY A 612 2.51 22.89 41.10
C GLY A 612 2.26 24.33 40.72
N ASN A 613 1.14 24.60 40.02
CA ASN A 613 0.75 25.93 39.54
C ASN A 613 1.82 26.56 38.67
N ASN A 614 2.25 25.82 37.65
CA ASN A 614 3.21 26.29 36.65
C ASN A 614 2.63 25.95 35.28
N VAL A 615 1.83 26.86 34.74
CA VAL A 615 1.20 26.68 33.45
C VAL A 615 1.55 27.88 32.58
N PHE A 616 2.22 27.61 31.47
CA PHE A 616 2.68 28.67 30.58
C PHE A 616 2.38 28.29 29.15
N GLN A 617 1.76 29.20 28.43
CA GLN A 617 1.30 28.93 27.08
C GLN A 617 2.41 29.26 26.08
N THR A 618 2.86 28.25 25.36
CA THR A 618 3.64 28.44 24.15
C THR A 618 2.71 28.30 22.96
N GLN A 619 3.27 28.43 21.76
CA GLN A 619 2.49 28.02 20.60
C GLN A 619 2.50 26.52 20.42
N ALA A 620 3.37 25.82 21.13
CA ALA A 620 3.37 24.36 21.09
C ALA A 620 2.33 23.77 22.02
N GLY A 621 2.00 24.45 23.10
CA GLY A 621 1.00 23.98 24.02
C GLY A 621 1.38 24.37 25.44
N CYS A 622 0.62 23.84 26.40
CA CYS A 622 0.70 24.28 27.79
C CYS A 622 1.77 23.47 28.51
N LEU A 623 2.97 24.03 28.62
CA LEU A 623 4.04 23.36 29.36
C LEU A 623 3.74 23.42 30.84
N ILE A 624 3.58 22.25 31.45
CA ILE A 624 3.08 22.14 32.83
C ILE A 624 4.09 21.33 33.62
N GLY A 625 4.69 21.96 34.62
CA GLY A 625 5.64 21.30 35.51
C GLY A 625 7.02 21.93 35.52
N ALA A 626 7.34 22.79 34.58
CA ALA A 626 8.62 23.48 34.55
C ALA A 626 8.44 24.93 34.98
N GLU A 627 9.55 25.56 35.30
CA GLU A 627 9.56 26.92 35.84
C GLU A 627 9.98 27.89 34.74
N HIS A 628 9.13 28.86 34.44
CA HIS A 628 9.45 29.87 33.45
C HIS A 628 10.55 30.79 33.96
N VAL A 629 11.58 30.99 33.14
CA VAL A 629 12.69 31.86 33.47
C VAL A 629 12.83 32.86 32.33
N ASP A 630 13.09 34.11 32.67
CA ASP A 630 13.07 35.23 31.73
C ASP A 630 14.39 35.43 30.99
N THR A 631 15.39 34.58 31.20
CA THR A 631 16.68 34.75 30.56
C THR A 631 16.74 33.94 29.27
N SER A 632 17.93 33.90 28.67
CA SER A 632 18.15 33.11 27.47
C SER A 632 19.36 32.22 27.67
N TYR A 633 19.33 31.07 27.01
CA TYR A 633 20.48 30.18 26.92
C TYR A 633 20.44 29.49 25.56
N GLU A 634 21.29 28.48 25.43
CA GLU A 634 21.33 27.55 24.33
C GLU A 634 20.30 26.44 24.52
N CYS A 635 19.85 25.87 23.41
CA CYS A 635 18.78 24.88 23.48
C CYS A 635 19.33 23.53 23.90
N ASP A 636 18.64 22.87 24.82
CA ASP A 636 19.01 21.56 25.30
C ASP A 636 17.94 20.52 25.01
N ILE A 637 16.68 20.85 25.26
CA ILE A 637 15.55 19.99 24.92
C ILE A 637 14.53 20.90 24.26
N PRO A 638 14.18 20.69 22.99
CA PRO A 638 13.34 21.66 22.29
C PRO A 638 11.88 21.49 22.65
N ILE A 639 11.13 22.56 22.43
CA ILE A 639 9.68 22.51 22.61
C ILE A 639 9.02 23.02 21.33
N GLY A 640 9.41 24.20 20.88
CA GLY A 640 8.86 24.78 19.68
C GLY A 640 8.55 26.25 19.89
N ALA A 641 8.43 26.97 18.77
CA ALA A 641 8.20 28.41 18.73
C ALA A 641 9.26 29.19 19.51
N GLY A 642 10.49 28.70 19.47
CA GLY A 642 11.59 29.39 20.12
C GLY A 642 11.72 29.16 21.60
N ILE A 643 11.26 28.03 22.12
CA ILE A 643 11.29 27.73 23.55
C ILE A 643 12.03 26.41 23.73
N CYS A 644 13.04 26.40 24.61
CA CYS A 644 13.72 25.17 24.99
C CYS A 644 13.74 25.06 26.50
N ALA A 645 14.02 23.86 26.98
CA ALA A 645 13.96 23.58 28.41
C ALA A 645 15.16 22.72 28.83
N SER A 646 15.60 22.90 30.07
CA SER A 646 16.77 22.18 30.58
C SER A 646 16.72 22.17 32.10
N TYR A 647 17.81 21.73 32.71
CA TYR A 647 17.84 21.32 34.11
C TYR A 647 18.91 22.10 34.87
N HIS A 648 18.52 23.24 35.42
CA HIS A 648 19.40 24.15 36.16
C HIS A 648 19.01 24.20 37.62
N THR A 649 19.71 25.07 38.36
CA THR A 649 19.44 25.28 39.77
C THR A 649 18.30 26.27 39.98
N LYS A 659 18.26 21.24 42.20
CA LYS A 659 18.10 21.64 40.81
C LYS A 659 16.67 21.39 40.32
N SER A 660 16.28 22.04 39.23
CA SER A 660 14.91 21.91 38.74
C SER A 660 14.90 22.07 37.23
N ILE A 661 13.75 21.75 36.63
CA ILE A 661 13.58 21.85 35.19
C ILE A 661 13.01 23.22 34.87
N VAL A 662 13.72 23.98 34.04
CA VAL A 662 13.35 25.35 33.73
C VAL A 662 13.14 25.49 32.23
N ALA A 663 12.45 26.56 31.85
CA ALA A 663 12.09 26.81 30.45
C ALA A 663 12.36 28.27 30.12
N TYR A 664 12.70 28.52 28.87
CA TYR A 664 13.17 29.83 28.46
C TYR A 664 13.10 29.97 26.95
N THR A 665 13.48 31.16 26.47
CA THR A 665 13.63 31.41 25.05
C THR A 665 15.07 31.15 24.65
N MET A 666 15.27 30.67 23.43
CA MET A 666 16.61 30.39 22.95
C MET A 666 17.42 31.65 22.76
N SER A 667 18.72 31.54 23.03
CA SER A 667 19.70 32.53 22.59
C SER A 667 20.37 32.00 21.34
N LEU A 668 20.35 32.80 20.27
CA LEU A 668 20.83 32.34 18.97
C LEU A 668 22.34 32.13 18.95
N GLY A 669 23.06 32.72 19.88
CA GLY A 669 24.50 32.62 19.92
C GLY A 669 25.07 33.77 20.71
N ALA A 670 26.39 33.89 20.65
CA ALA A 670 27.05 34.99 21.33
C ALA A 670 26.79 36.29 20.60
N ASP A 671 26.58 37.37 21.36
CA ASP A 671 26.35 38.67 20.77
C ASP A 671 27.67 39.39 20.60
N SER A 672 27.80 40.10 19.49
CA SER A 672 29.06 40.72 19.12
C SER A 672 28.79 41.81 18.09
N SER A 673 29.81 42.62 17.83
CA SER A 673 29.76 43.61 16.78
C SER A 673 31.14 43.71 16.17
N ILE A 674 31.16 44.11 14.90
CA ILE A 674 32.41 44.27 14.16
C ILE A 674 32.44 45.69 13.62
N ALA A 675 33.52 46.41 13.87
CA ALA A 675 33.66 47.73 13.31
C ALA A 675 34.01 47.65 11.83
N TYR A 676 33.49 48.60 11.06
CA TYR A 676 33.59 48.65 9.62
C TYR A 676 34.78 49.50 9.19
N SER A 677 35.84 49.48 10.02
CA SER A 677 36.92 50.46 10.00
C SER A 677 37.58 50.59 8.63
N ASN A 678 37.65 51.83 8.17
CA ASN A 678 37.90 52.12 6.76
C ASN A 678 39.31 51.77 6.34
N ASN A 679 40.23 51.67 7.30
CA ASN A 679 41.58 51.22 7.04
C ASN A 679 42.11 50.50 8.28
N THR A 680 41.81 49.21 8.38
CA THR A 680 42.21 48.34 9.49
C THR A 680 41.96 46.91 9.06
N ILE A 681 42.91 46.03 9.33
CA ILE A 681 42.71 44.59 9.23
C ILE A 681 43.59 43.91 10.27
N ALA A 682 43.06 42.88 10.92
CA ALA A 682 43.76 42.15 11.97
C ALA A 682 44.13 40.76 11.47
N ILE A 683 45.40 40.55 11.19
CA ILE A 683 45.88 39.33 10.53
C ILE A 683 46.51 38.44 11.59
N PRO A 684 46.14 37.16 11.66
CA PRO A 684 46.62 36.29 12.76
C PRO A 684 48.11 36.00 12.67
N THR A 685 48.66 35.63 13.82
CA THR A 685 50.09 35.39 13.95
C THR A 685 50.40 33.93 14.26
N ASN A 686 49.86 33.40 15.34
CA ASN A 686 50.16 32.05 15.77
C ASN A 686 49.02 31.14 15.30
N PHE A 687 49.01 29.89 15.74
CA PHE A 687 48.17 28.86 15.12
C PHE A 687 48.06 27.70 16.08
N SER A 688 47.25 26.73 15.68
CA SER A 688 47.29 25.40 16.26
C SER A 688 46.71 24.42 15.26
N ILE A 689 46.95 23.13 15.52
CA ILE A 689 46.33 22.04 14.78
C ILE A 689 45.59 21.16 15.77
N SER A 690 44.45 20.65 15.34
CA SER A 690 43.62 19.81 16.18
C SER A 690 42.86 18.83 15.31
N ILE A 691 42.43 17.73 15.90
CA ILE A 691 41.87 16.61 15.16
C ILE A 691 40.42 16.46 15.60
N THR A 692 39.50 17.00 14.81
CA THR A 692 38.07 16.89 15.08
C THR A 692 37.47 15.92 14.07
N THR A 693 36.65 14.99 14.56
CA THR A 693 36.34 13.76 13.87
C THR A 693 34.91 13.72 13.34
N GLU A 694 34.67 12.79 12.41
CA GLU A 694 33.34 12.54 11.86
C GLU A 694 33.04 11.06 11.80
N VAL A 695 31.76 10.73 11.95
CA VAL A 695 31.23 9.42 11.63
C VAL A 695 30.07 9.61 10.66
N MET A 696 29.64 8.51 10.06
CA MET A 696 28.47 8.41 9.19
C MET A 696 28.19 6.95 8.89
N PRO A 697 26.94 6.58 8.60
CA PRO A 697 26.64 5.20 8.19
C PRO A 697 26.79 5.01 6.69
N VAL A 698 27.10 3.77 6.30
CA VAL A 698 27.11 3.38 4.89
C VAL A 698 26.40 2.05 4.65
N SER A 699 25.97 1.37 5.70
CA SER A 699 25.65 -0.05 5.55
C SER A 699 24.55 -0.45 6.52
N MET A 700 23.31 -0.52 6.05
CA MET A 700 22.27 -1.19 6.81
C MET A 700 22.44 -2.69 6.64
N ALA A 701 22.33 -3.44 7.75
CA ALA A 701 22.63 -4.87 7.73
C ALA A 701 21.63 -5.65 6.88
N LYS A 702 22.13 -6.64 6.15
CA LYS A 702 21.34 -7.37 5.18
C LYS A 702 20.31 -8.24 5.88
N THR A 703 19.05 -8.11 5.49
CA THR A 703 17.99 -8.91 6.07
C THR A 703 17.41 -9.83 5.01
N SER A 704 16.59 -10.77 5.49
CA SER A 704 15.79 -11.64 4.62
C SER A 704 14.65 -12.28 5.38
N VAL A 705 13.51 -12.42 4.72
CA VAL A 705 12.32 -12.98 5.34
C VAL A 705 11.84 -14.12 4.47
N ASP A 706 11.47 -15.23 5.08
CA ASP A 706 10.83 -16.34 4.40
C ASP A 706 9.34 -16.25 4.68
N CYS A 707 8.53 -16.09 3.63
CA CYS A 707 7.09 -16.08 3.75
C CYS A 707 6.56 -17.34 4.38
N ASN A 708 6.96 -18.49 3.84
CA ASN A 708 6.43 -19.77 4.30
C ASN A 708 6.80 -20.06 5.75
N MET A 709 7.84 -19.42 6.26
CA MET A 709 8.15 -19.49 7.68
C MET A 709 7.60 -18.32 8.47
N TYR A 710 7.26 -17.20 7.83
CA TYR A 710 6.71 -16.09 8.59
C TYR A 710 5.23 -15.89 8.37
N ILE A 711 4.68 -16.25 7.22
CA ILE A 711 3.23 -16.13 7.07
C ILE A 711 2.58 -17.28 7.80
N CYS A 712 2.88 -18.50 7.37
CA CYS A 712 2.14 -19.67 7.80
C CYS A 712 2.65 -20.23 9.10
N GLY A 713 3.91 -20.59 9.13
CA GLY A 713 4.35 -21.33 10.28
C GLY A 713 3.98 -22.78 10.13
N ASP A 714 4.58 -23.42 9.13
CA ASP A 714 4.69 -24.88 8.94
C ASP A 714 3.40 -25.56 8.53
N SER A 715 2.27 -24.85 8.52
CA SER A 715 1.01 -25.44 8.09
C SER A 715 1.01 -25.66 6.59
N THR A 716 0.16 -26.57 6.13
CA THR A 716 0.04 -26.82 4.70
C THR A 716 -1.14 -26.10 4.10
N GLU A 717 -2.25 -26.05 4.84
CA GLU A 717 -3.47 -25.40 4.37
C GLU A 717 -3.28 -23.90 4.26
N CYS A 718 -2.46 -23.32 5.15
CA CYS A 718 -2.03 -21.93 4.97
C CYS A 718 -1.24 -21.76 3.69
N ALA A 719 -0.30 -22.68 3.41
CA ALA A 719 0.49 -22.62 2.19
C ALA A 719 -0.36 -22.84 0.94
N ASN A 720 -1.49 -23.53 1.09
CA ASN A 720 -2.46 -23.70 0.03
C ASN A 720 -3.46 -22.55 -0.04
N LEU A 721 -3.47 -21.66 0.95
CA LEU A 721 -4.29 -20.46 0.88
C LEU A 721 -3.50 -19.24 0.42
N LEU A 722 -2.19 -19.21 0.62
CA LEU A 722 -1.38 -18.09 0.12
C LEU A 722 -1.25 -18.12 -1.38
N LEU A 723 -1.27 -19.32 -1.97
CA LEU A 723 -0.90 -19.49 -3.37
C LEU A 723 -1.94 -18.87 -4.30
N GLN A 724 -3.18 -18.76 -3.84
CA GLN A 724 -4.20 -18.14 -4.66
C GLN A 724 -4.07 -16.62 -4.67
N TYR A 725 -3.34 -16.04 -3.71
CA TYR A 725 -3.09 -14.61 -3.74
C TYR A 725 -2.13 -14.24 -4.85
N GLY A 726 -1.26 -15.16 -5.23
CA GLY A 726 -0.31 -14.95 -6.31
C GLY A 726 1.08 -15.22 -5.79
N SER A 727 2.01 -15.45 -6.70
CA SER A 727 3.40 -15.70 -6.32
C SER A 727 4.07 -14.40 -5.88
N PHE A 728 3.59 -13.86 -4.76
CA PHE A 728 4.07 -12.57 -4.29
C PHE A 728 5.34 -12.74 -3.48
N CYS A 729 5.55 -13.93 -2.92
CA CYS A 729 6.73 -14.13 -2.09
C CYS A 729 7.96 -14.45 -2.92
N THR A 730 7.77 -14.67 -4.20
CA THR A 730 8.89 -14.53 -5.13
C THR A 730 9.28 -13.08 -5.24
N GLN A 731 8.29 -12.18 -5.25
CA GLN A 731 8.57 -10.77 -5.44
C GLN A 731 9.16 -10.15 -4.18
N LEU A 732 8.84 -10.71 -3.01
CA LEU A 732 9.41 -10.16 -1.77
C LEU A 732 10.88 -10.48 -1.65
N ASN A 733 11.29 -11.70 -1.99
CA ASN A 733 12.70 -12.06 -1.82
C ASN A 733 13.57 -11.40 -2.86
N ARG A 734 12.99 -10.99 -3.98
CA ARG A 734 13.77 -10.20 -4.92
C ARG A 734 13.95 -8.78 -4.40
N ALA A 735 13.01 -8.32 -3.57
CA ALA A 735 13.12 -6.97 -3.04
C ALA A 735 14.16 -6.89 -1.94
N LEU A 736 14.13 -7.84 -0.99
CA LEU A 736 15.09 -7.80 0.10
C LEU A 736 16.48 -8.22 -0.33
N SER A 737 16.59 -9.16 -1.27
CA SER A 737 17.93 -9.45 -1.78
C SER A 737 18.42 -8.36 -2.72
N GLY A 738 17.51 -7.56 -3.27
CA GLY A 738 17.96 -6.39 -4.02
C GLY A 738 18.46 -5.29 -3.11
N ILE A 739 17.85 -5.16 -1.94
CA ILE A 739 18.38 -4.26 -0.91
C ILE A 739 19.69 -4.80 -0.37
N ALA A 740 19.76 -6.11 -0.13
CA ALA A 740 20.95 -6.72 0.45
C ALA A 740 22.14 -6.67 -0.49
N ALA A 741 21.91 -6.65 -1.80
CA ALA A 741 23.04 -6.61 -2.72
C ALA A 741 23.66 -5.22 -2.76
N GLU A 742 22.89 -4.17 -2.53
CA GLU A 742 23.47 -2.85 -2.49
C GLU A 742 24.28 -2.60 -1.23
N GLN A 743 24.07 -3.38 -0.18
CA GLN A 743 24.86 -3.23 1.03
C GLN A 743 26.26 -3.79 0.87
N ASP A 744 26.48 -4.60 -0.16
CA ASP A 744 27.85 -4.91 -0.58
C ASP A 744 28.41 -3.80 -1.45
N ARG A 745 27.59 -3.21 -2.32
CA ARG A 745 28.07 -2.18 -3.20
C ARG A 745 28.38 -0.90 -2.44
N ASN A 746 27.64 -0.65 -1.35
CA ASN A 746 27.91 0.55 -0.56
C ASN A 746 29.21 0.42 0.21
N THR A 747 29.61 -0.79 0.57
CA THR A 747 30.83 -0.93 1.35
C THR A 747 32.05 -1.00 0.43
N ARG A 748 31.92 -1.56 -0.76
CA ARG A 748 33.05 -1.62 -1.68
C ARG A 748 33.39 -0.26 -2.27
N GLU A 749 32.40 0.61 -2.45
CA GLU A 749 32.64 1.95 -2.96
C GLU A 749 33.26 2.88 -1.93
N VAL A 750 33.48 2.40 -0.71
CA VAL A 750 34.13 3.20 0.31
C VAL A 750 35.52 2.67 0.62
N PHE A 751 35.62 1.44 1.14
CA PHE A 751 36.91 0.94 1.58
C PHE A 751 37.76 0.45 0.41
N ALA A 752 37.13 -0.18 -0.58
CA ALA A 752 37.89 -0.84 -1.64
C ALA A 752 38.17 0.14 -2.78
N GLN A 753 38.87 1.20 -2.41
CA GLN A 753 39.50 2.13 -3.35
C GLN A 753 41.01 1.90 -3.39
N VAL A 754 41.45 0.75 -2.88
CA VAL A 754 42.85 0.49 -2.63
C VAL A 754 43.29 -0.67 -3.51
N LYS A 755 44.21 -0.40 -4.43
CA LYS A 755 44.69 -1.44 -5.34
C LYS A 755 45.55 -2.48 -4.64
N GLN A 756 46.41 -2.04 -3.71
CA GLN A 756 47.47 -2.89 -3.20
C GLN A 756 47.55 -2.83 -1.69
N MET A 757 47.94 -3.93 -1.07
CA MET A 757 48.12 -3.98 0.37
C MET A 757 49.57 -3.69 0.71
N TYR A 758 49.80 -2.62 1.47
CA TYR A 758 51.12 -2.29 1.96
C TYR A 758 51.32 -2.90 3.35
N LYS A 759 52.57 -3.13 3.70
CA LYS A 759 52.89 -3.67 5.00
C LYS A 759 52.74 -2.60 6.07
N THR A 760 52.66 -3.04 7.31
CA THR A 760 52.72 -2.13 8.45
C THR A 760 54.17 -1.70 8.68
N PRO A 761 54.47 -0.41 8.65
CA PRO A 761 55.85 0.02 8.93
C PRO A 761 56.18 -0.13 10.40
N THR A 762 57.42 -0.55 10.65
CA THR A 762 57.89 -0.64 12.03
C THR A 762 58.24 0.74 12.57
N LEU A 763 58.67 1.64 11.70
CA LEU A 763 58.84 3.04 12.06
C LEU A 763 57.50 3.65 12.46
N LYS A 764 57.48 4.33 13.61
CA LYS A 764 56.26 4.98 14.06
C LYS A 764 56.44 6.40 14.54
N TYR A 765 57.67 6.93 14.63
CA TYR A 765 57.86 8.37 14.77
C TYR A 765 58.50 8.86 13.47
N PHE A 766 57.64 9.32 12.57
CA PHE A 766 58.09 9.85 11.29
C PHE A 766 58.38 11.33 11.50
N GLY A 767 59.52 11.59 12.13
CA GLY A 767 59.86 12.94 12.52
C GLY A 767 59.26 13.36 13.83
N GLY A 768 59.01 12.43 14.74
CA GLY A 768 58.37 12.72 15.99
C GLY A 768 56.86 12.63 15.97
N PHE A 769 56.25 12.64 14.79
CA PHE A 769 54.82 12.36 14.63
C PHE A 769 54.58 10.93 15.07
N ASN A 770 53.98 10.73 16.22
CA ASN A 770 53.78 9.39 16.75
C ASN A 770 52.56 8.76 16.07
N PHE A 771 52.66 7.46 15.72
CA PHE A 771 51.61 6.81 14.96
C PHE A 771 51.25 5.40 15.44
N SER A 772 51.55 5.07 16.69
CA SER A 772 51.15 3.74 17.17
C SER A 772 49.64 3.63 17.36
N GLN A 773 48.96 4.75 17.63
CA GLN A 773 47.54 4.72 17.93
C GLN A 773 46.71 4.60 16.65
N ILE A 774 47.29 4.95 15.52
CA ILE A 774 46.55 5.01 14.26
C ILE A 774 46.78 3.73 13.45
N LEU A 775 48.03 3.27 13.42
CA LEU A 775 48.38 1.99 12.84
C LEU A 775 47.84 0.84 13.68
N PRO A 776 47.59 -0.32 13.07
CA PRO A 776 47.28 -1.50 13.87
C PRO A 776 48.48 -1.93 14.68
N ASP A 777 48.22 -2.34 15.92
CA ASP A 777 49.28 -2.84 16.78
C ASP A 777 49.49 -4.30 16.41
N PRO A 778 50.64 -4.68 15.84
CA PRO A 778 50.81 -6.06 15.37
C PRO A 778 51.02 -7.07 16.48
N LEU A 779 51.09 -6.64 17.74
CA LEU A 779 51.21 -7.56 18.86
C LEU A 779 49.86 -8.02 19.38
N LYS A 780 48.78 -7.61 18.75
CA LYS A 780 47.41 -7.94 19.11
C LYS A 780 46.97 -9.24 18.46
N PRO A 781 46.03 -9.96 19.06
CA PRO A 781 45.29 -10.97 18.31
C PRO A 781 44.41 -10.35 17.23
N THR A 782 43.55 -9.42 17.63
CA THR A 782 42.76 -8.64 16.68
C THR A 782 43.61 -7.44 16.30
N LYS A 783 44.27 -7.53 15.15
CA LYS A 783 45.30 -6.56 14.78
C LYS A 783 44.63 -5.27 14.27
N ARG A 784 44.14 -4.52 15.25
CA ARG A 784 43.39 -3.29 15.04
C ARG A 784 44.16 -2.15 15.68
N SER A 785 43.73 -0.92 15.43
CA SER A 785 44.39 0.17 16.13
C SER A 785 43.68 0.46 17.44
N PHE A 786 44.40 1.13 18.34
CA PHE A 786 43.85 1.57 19.62
C PHE A 786 42.70 2.54 19.45
N ILE A 787 42.66 3.29 18.36
CA ILE A 787 41.48 4.08 18.02
C ILE A 787 40.31 3.16 17.72
N GLU A 788 40.55 2.10 16.94
CA GLU A 788 39.47 1.24 16.47
C GLU A 788 38.79 0.48 17.60
N ASP A 789 39.57 0.00 18.57
CA ASP A 789 39.01 -0.90 19.57
C ASP A 789 38.05 -0.17 20.50
N LEU A 790 38.34 1.09 20.79
CA LEU A 790 37.36 1.87 21.51
C LEU A 790 36.17 2.21 20.64
N LEU A 791 36.35 2.28 19.32
CA LEU A 791 35.23 2.52 18.43
C LEU A 791 34.35 1.30 18.28
N PHE A 792 34.86 0.10 18.57
CA PHE A 792 34.00 -1.06 18.54
C PHE A 792 33.14 -1.14 19.79
N ASN A 793 33.71 -0.79 20.94
CA ASN A 793 33.02 -1.00 22.21
C ASN A 793 31.89 0.00 22.40
N LYS A 794 32.12 1.26 22.06
CA LYS A 794 31.12 2.29 22.35
C LYS A 794 29.90 2.19 21.45
N VAL A 795 30.03 1.57 20.28
CA VAL A 795 28.86 1.29 19.47
C VAL A 795 28.14 0.06 19.99
N THR A 796 28.91 -0.94 20.42
CA THR A 796 28.42 -2.23 20.89
C THR A 796 27.46 -2.15 22.06
N GLN A 805 14.79 -13.03 18.83
CA GLN A 805 14.85 -11.83 18.05
C GLN A 805 14.91 -12.14 16.56
N TYR A 806 16.09 -12.58 16.13
CA TYR A 806 16.34 -12.88 14.72
C TYR A 806 17.42 -13.95 14.62
N GLY A 807 17.19 -14.92 13.74
CA GLY A 807 18.10 -16.04 13.63
C GLY A 807 19.42 -15.63 12.98
N GLU A 808 20.52 -15.98 13.64
CA GLU A 808 21.86 -15.68 13.13
C GLU A 808 22.79 -16.79 13.54
N CYS A 809 24.05 -16.70 13.08
CA CYS A 809 25.03 -17.75 13.29
C CYS A 809 26.38 -17.12 13.62
N LEU A 810 26.85 -17.34 14.84
CA LEU A 810 28.13 -16.84 15.34
C LEU A 810 29.20 -17.93 15.28
N GLY A 811 30.45 -17.50 15.38
CA GLY A 811 31.57 -18.43 15.50
C GLY A 811 32.66 -18.23 14.47
N LEU A 818 31.34 -22.66 16.01
CA LEU A 818 30.49 -22.03 15.01
C LEU A 818 29.05 -22.44 15.27
N ILE A 819 28.43 -21.75 16.24
CA ILE A 819 27.12 -22.15 16.74
C ILE A 819 26.09 -21.51 15.83
N CYS A 820 25.60 -22.29 14.86
CA CYS A 820 24.64 -21.79 13.88
C CYS A 820 23.25 -22.29 14.27
N ALA A 821 22.69 -21.64 15.29
CA ALA A 821 21.35 -21.94 15.73
C ALA A 821 20.33 -21.17 14.91
N GLN A 822 19.09 -21.63 14.95
CA GLN A 822 18.00 -21.03 14.18
C GLN A 822 16.84 -20.75 15.12
N LYS A 823 15.89 -19.96 14.64
CA LYS A 823 14.73 -19.59 15.43
C LYS A 823 13.46 -19.98 14.69
N PHE A 824 12.40 -20.23 15.46
CA PHE A 824 11.10 -20.45 14.83
C PHE A 824 10.56 -19.18 14.23
N ASN A 825 11.03 -18.04 14.72
CA ASN A 825 10.97 -16.79 13.97
C ASN A 825 11.59 -17.00 12.60
N GLY A 826 10.86 -16.61 11.56
CA GLY A 826 11.36 -16.87 10.23
C GLY A 826 12.34 -15.85 9.71
N LEU A 827 12.56 -14.79 10.46
CA LEU A 827 13.41 -13.72 9.99
C LEU A 827 14.86 -14.16 10.07
N THR A 828 15.72 -13.47 9.34
CA THR A 828 17.14 -13.77 9.43
C THR A 828 17.93 -12.52 9.13
N VAL A 829 19.23 -12.65 9.27
CA VAL A 829 20.18 -11.61 8.93
C VAL A 829 21.33 -12.28 8.22
N LEU A 830 21.88 -11.62 7.23
CA LEU A 830 23.02 -12.26 6.62
C LEU A 830 24.27 -11.46 6.89
N PRO A 831 25.40 -12.13 7.16
CA PRO A 831 26.65 -11.40 7.32
C PRO A 831 27.10 -10.82 6.00
N PRO A 832 27.79 -9.68 6.02
CA PRO A 832 28.23 -9.07 4.77
C PRO A 832 29.39 -9.85 4.18
N LEU A 833 29.62 -9.66 2.89
CA LEU A 833 30.73 -10.33 2.24
C LEU A 833 32.06 -9.81 2.77
N LEU A 834 32.27 -8.50 2.67
CA LEU A 834 33.54 -7.86 3.02
C LEU A 834 33.66 -7.86 4.54
N THR A 835 34.36 -8.85 5.09
CA THR A 835 34.34 -9.12 6.53
C THR A 835 35.07 -8.04 7.32
N ASP A 836 35.04 -8.20 8.65
CA ASP A 836 35.58 -7.17 9.55
C ASP A 836 37.10 -7.04 9.43
N ASP A 837 37.81 -8.16 9.32
CA ASP A 837 39.26 -8.07 9.21
C ASP A 837 39.68 -7.55 7.85
N MET A 838 38.92 -7.89 6.81
CA MET A 838 39.05 -7.21 5.54
C MET A 838 38.80 -5.72 5.69
N ILE A 839 37.70 -5.38 6.37
CA ILE A 839 37.37 -4.00 6.71
C ILE A 839 38.48 -3.36 7.54
N ALA A 840 39.20 -4.15 8.34
CA ALA A 840 40.39 -3.65 9.02
C ALA A 840 41.57 -3.50 8.06
N ALA A 841 41.83 -4.52 7.23
CA ALA A 841 43.04 -4.52 6.41
C ALA A 841 42.96 -3.57 5.21
N TYR A 842 41.76 -3.27 4.73
CA TYR A 842 41.66 -2.19 3.76
C TYR A 842 41.83 -0.85 4.45
N THR A 843 41.59 -0.79 5.74
CA THR A 843 41.68 0.50 6.45
C THR A 843 43.11 0.78 6.90
N ALA A 844 43.88 -0.27 7.26
CA ALA A 844 45.27 -0.08 7.63
C ALA A 844 46.12 0.36 6.44
N ALA A 845 45.81 -0.14 5.23
CA ALA A 845 46.53 0.32 4.04
C ALA A 845 46.13 1.73 3.63
N LEU A 846 45.03 2.24 4.16
CA LEU A 846 44.77 3.67 4.03
C LEU A 846 45.69 4.49 4.92
N VAL A 847 46.28 3.88 5.93
CA VAL A 847 47.12 4.61 6.89
C VAL A 847 48.60 4.50 6.53
N SER A 848 49.08 3.28 6.32
CA SER A 848 50.49 3.04 6.03
C SER A 848 50.91 3.70 4.72
N GLY A 849 50.05 3.66 3.71
CA GLY A 849 50.34 4.33 2.46
C GLY A 849 50.23 5.84 2.56
N THR A 850 49.36 6.33 3.44
CA THR A 850 49.36 7.75 3.74
C THR A 850 50.58 8.13 4.57
N ALA A 851 51.16 7.19 5.32
CA ALA A 851 52.28 7.49 6.20
C ALA A 851 53.64 7.28 5.55
N THR A 852 53.71 6.68 4.35
CA THR A 852 54.98 6.59 3.63
C THR A 852 54.89 7.08 2.19
N ALA A 853 53.70 7.44 1.70
CA ALA A 853 53.57 8.00 0.35
C ALA A 853 52.66 9.21 0.25
N GLY A 854 51.72 9.42 1.18
CA GLY A 854 51.02 10.68 1.33
C GLY A 854 50.05 11.08 0.25
N TRP A 855 50.35 12.18 -0.43
CA TRP A 855 49.53 12.60 -1.57
C TRP A 855 49.62 11.61 -2.71
N THR A 856 50.80 11.05 -2.91
CA THR A 856 51.03 10.11 -3.99
C THR A 856 50.29 8.80 -3.78
N PHE A 857 49.94 8.48 -2.52
CA PHE A 857 49.14 7.31 -2.21
C PHE A 857 47.79 7.33 -2.91
N GLY A 858 47.19 8.50 -3.04
CA GLY A 858 45.90 8.56 -3.69
C GLY A 858 45.98 9.07 -5.11
N ALA A 859 47.00 9.87 -5.40
CA ALA A 859 47.09 10.55 -6.70
C ALA A 859 47.35 9.58 -7.83
N GLY A 860 47.92 8.41 -7.53
CA GLY A 860 48.20 7.42 -8.54
C GLY A 860 49.06 6.31 -7.99
N ALA A 861 50.15 5.99 -8.69
CA ALA A 861 51.19 5.16 -8.11
C ALA A 861 51.77 5.87 -6.89
N ALA A 862 51.82 5.15 -5.77
CA ALA A 862 52.29 5.72 -4.52
C ALA A 862 53.80 5.84 -4.55
N LEU A 863 54.32 6.98 -4.08
CA LEU A 863 55.73 7.32 -4.27
C LEU A 863 56.42 7.46 -2.92
N GLN A 864 57.64 6.93 -2.83
CA GLN A 864 58.38 6.95 -1.58
C GLN A 864 58.96 8.33 -1.31
N ILE A 865 58.80 8.80 -0.08
CA ILE A 865 58.95 10.20 0.27
C ILE A 865 58.95 10.33 1.79
N PRO A 866 59.67 11.29 2.36
CA PRO A 866 59.57 11.52 3.81
C PRO A 866 58.26 12.18 4.19
N PHE A 867 57.85 11.95 5.44
CA PHE A 867 56.55 12.41 5.90
C PHE A 867 56.55 13.92 6.13
N ALA A 868 57.68 14.48 6.58
CA ALA A 868 57.77 15.93 6.73
C ALA A 868 57.78 16.63 5.38
N MET A 869 58.27 15.95 4.34
CA MET A 869 58.13 16.46 2.98
C MET A 869 56.68 16.44 2.56
N GLN A 870 55.93 15.41 2.98
CA GLN A 870 54.51 15.34 2.67
C GLN A 870 53.77 16.46 3.35
N MET A 871 54.14 16.74 4.59
CA MET A 871 53.53 17.86 5.32
C MET A 871 53.88 19.17 4.65
N ALA A 872 55.13 19.30 4.19
CA ALA A 872 55.54 20.49 3.45
C ALA A 872 54.76 20.62 2.16
N TYR A 873 54.40 19.50 1.54
CA TYR A 873 53.53 19.54 0.36
C TYR A 873 52.14 20.00 0.73
N ARG A 874 51.59 19.47 1.82
CA ARG A 874 50.23 19.79 2.24
C ARG A 874 50.14 21.23 2.74
N PHE A 875 51.09 21.61 3.60
CA PHE A 875 51.06 22.94 4.22
C PHE A 875 51.30 24.03 3.20
N ASN A 876 52.02 23.72 2.13
CA ASN A 876 52.10 24.62 1.00
C ASN A 876 50.74 24.78 0.32
N GLY A 877 49.91 23.74 0.36
CA GLY A 877 48.68 23.72 -0.41
C GLY A 877 47.56 24.56 0.14
N ILE A 878 47.69 25.10 1.36
CA ILE A 878 46.59 25.88 1.93
C ILE A 878 46.81 27.38 1.82
N GLY A 879 48.03 27.83 1.50
CA GLY A 879 48.26 29.24 1.25
C GLY A 879 49.32 29.93 2.10
N VAL A 880 50.30 29.18 2.61
CA VAL A 880 51.28 29.70 3.54
C VAL A 880 52.68 29.24 3.15
N THR A 881 53.67 29.71 3.90
CA THR A 881 55.09 29.45 3.63
C THR A 881 55.52 28.17 4.33
N GLN A 882 56.19 27.29 3.59
CA GLN A 882 56.45 25.94 4.06
C GLN A 882 57.56 25.86 5.10
N ASN A 883 58.32 26.93 5.34
CA ASN A 883 59.36 26.84 6.36
C ASN A 883 58.76 26.77 7.76
N VAL A 884 57.50 27.21 7.89
CA VAL A 884 56.81 27.34 9.18
C VAL A 884 56.72 26.00 9.88
N LEU A 885 56.48 24.92 9.12
CA LEU A 885 56.56 23.58 9.70
C LEU A 885 57.96 23.26 10.19
N TYR A 886 58.98 23.62 9.41
CA TYR A 886 60.33 23.42 9.90
C TYR A 886 60.68 24.47 10.94
N GLU A 887 60.02 25.63 10.89
CA GLU A 887 60.14 26.58 11.98
C GLU A 887 59.55 26.01 13.27
N ASN A 888 58.35 25.46 13.18
CA ASN A 888 57.55 25.12 14.36
C ASN A 888 57.45 23.61 14.55
N GLN A 889 58.57 22.91 14.37
CA GLN A 889 58.57 21.45 14.23
C GLN A 889 58.03 20.74 15.48
N LYS A 890 58.72 20.85 16.60
CA LYS A 890 58.24 20.19 17.81
C LYS A 890 57.04 20.89 18.43
N GLN A 891 56.71 22.09 17.99
CA GLN A 891 55.37 22.63 18.25
C GLN A 891 54.33 21.81 17.51
N ILE A 892 54.48 21.71 16.18
CA ILE A 892 53.51 21.01 15.35
C ILE A 892 53.56 19.51 15.63
N ALA A 893 54.74 18.99 15.98
CA ALA A 893 54.84 17.58 16.36
C ALA A 893 54.15 17.31 17.69
N ASN A 894 54.06 18.29 18.57
CA ASN A 894 53.32 18.06 19.80
C ASN A 894 51.89 18.55 19.73
N GLN A 895 51.61 19.54 18.89
CA GLN A 895 50.22 19.91 18.62
C GLN A 895 49.48 18.80 17.87
N PHE A 896 50.21 17.98 17.13
CA PHE A 896 49.63 16.77 16.55
C PHE A 896 49.35 15.74 17.62
N ASN A 897 50.38 15.37 18.39
CA ASN A 897 50.28 14.21 19.29
C ASN A 897 49.38 14.46 20.49
N LYS A 898 49.24 15.70 20.94
CA LYS A 898 48.25 16.00 21.97
C LYS A 898 46.84 15.86 21.44
N ALA A 899 46.64 16.29 20.19
CA ALA A 899 45.33 16.21 19.57
C ALA A 899 44.91 14.78 19.26
N ILE A 900 45.86 13.86 19.18
CA ILE A 900 45.56 12.42 19.20
C ILE A 900 44.85 12.06 20.51
N SER A 901 45.52 12.31 21.63
CA SER A 901 44.97 11.96 22.93
C SER A 901 43.88 12.92 23.39
N GLN A 902 43.67 14.04 22.68
CA GLN A 902 42.38 14.72 22.76
C GLN A 902 41.25 13.77 22.40
N ILE A 903 41.41 13.03 21.30
CA ILE A 903 40.38 12.11 20.87
C ILE A 903 40.35 10.87 21.76
N GLN A 904 41.53 10.35 22.12
CA GLN A 904 41.64 9.03 22.74
C GLN A 904 40.91 8.95 24.07
N GLU A 905 40.82 10.06 24.80
CA GLU A 905 39.97 10.05 25.97
C GLU A 905 38.67 10.81 25.79
N SER A 906 38.48 11.50 24.65
CA SER A 906 37.14 11.96 24.30
C SER A 906 36.23 10.77 24.01
N LEU A 907 36.78 9.75 23.38
CA LEU A 907 36.00 8.57 23.04
C LEU A 907 36.28 7.40 23.95
N THR A 908 37.13 7.57 24.97
CA THR A 908 37.15 6.62 26.08
C THR A 908 35.96 6.85 26.99
N THR A 909 35.62 8.11 27.25
CA THR A 909 34.42 8.47 27.99
C THR A 909 33.54 9.26 27.04
N THR A 910 32.77 8.52 26.24
CA THR A 910 31.75 9.13 25.40
C THR A 910 30.39 8.54 25.73
N SER A 911 29.37 9.37 25.56
CA SER A 911 27.99 8.91 25.54
C SER A 911 27.27 9.41 24.32
N THR A 912 27.94 10.19 23.46
CA THR A 912 27.33 10.75 22.28
C THR A 912 28.41 10.93 21.22
N ALA A 913 28.03 11.60 20.12
CA ALA A 913 28.72 11.82 18.84
C ALA A 913 28.89 10.54 18.03
N LEU A 914 28.45 9.39 18.55
CA LEU A 914 28.27 8.17 17.78
C LEU A 914 26.79 7.90 17.54
N GLY A 915 25.96 8.95 17.65
CA GLY A 915 24.53 8.79 17.48
C GLY A 915 24.10 8.52 16.06
N LYS A 916 24.97 8.83 15.08
CA LYS A 916 24.65 8.53 13.70
C LYS A 916 24.60 7.04 13.46
N LEU A 917 25.58 6.31 13.99
CA LEU A 917 25.63 4.86 13.78
C LEU A 917 24.59 4.16 14.65
N GLN A 918 24.54 4.51 15.94
CA GLN A 918 23.63 3.86 16.87
C GLN A 918 22.16 4.14 16.58
N ASP A 919 21.85 5.15 15.77
CA ASP A 919 20.48 5.25 15.32
C ASP A 919 20.20 4.31 14.16
N VAL A 920 21.19 4.07 13.32
CA VAL A 920 21.01 3.18 12.18
C VAL A 920 20.84 1.74 12.66
N VAL A 921 21.53 1.38 13.75
CA VAL A 921 21.32 0.07 14.35
C VAL A 921 19.93 -0.01 14.99
N ASN A 922 19.50 1.06 15.66
CA ASN A 922 18.21 1.02 16.35
C ASN A 922 17.05 1.08 15.37
N GLN A 923 17.21 1.83 14.27
CA GLN A 923 16.19 1.80 13.22
C GLN A 923 16.11 0.42 12.58
N ASN A 924 17.23 -0.29 12.50
CA ASN A 924 17.21 -1.66 12.02
C ASN A 924 16.52 -2.58 13.01
N ALA A 925 16.75 -2.35 14.31
CA ALA A 925 16.19 -3.25 15.32
C ALA A 925 14.71 -3.02 15.52
N GLN A 926 14.29 -1.77 15.70
CA GLN A 926 12.88 -1.50 15.96
C GLN A 926 12.03 -1.65 14.71
N ALA A 927 12.63 -1.85 13.54
CA ALA A 927 11.87 -2.33 12.40
C ALA A 927 11.52 -3.79 12.54
N LEU A 928 12.40 -4.58 13.16
CA LEU A 928 12.11 -6.00 13.33
C LEU A 928 11.15 -6.26 14.49
N ASN A 929 11.23 -5.46 15.55
CA ASN A 929 10.31 -5.68 16.66
C ASN A 929 8.92 -5.17 16.32
N THR A 930 8.83 -4.27 15.36
CA THR A 930 7.57 -4.04 14.67
C THR A 930 7.09 -5.33 14.01
N LEU A 931 8.01 -6.07 13.40
CA LEU A 931 7.60 -7.20 12.58
C LEU A 931 7.30 -8.42 13.43
N VAL A 932 8.06 -8.65 14.50
CA VAL A 932 7.84 -9.82 15.33
C VAL A 932 6.57 -9.68 16.15
N LYS A 933 6.34 -8.49 16.73
CA LYS A 933 5.15 -8.26 17.54
C LYS A 933 3.85 -8.29 16.74
N GLN A 934 3.93 -8.25 15.42
CA GLN A 934 2.74 -8.39 14.60
C GLN A 934 2.43 -9.84 14.27
N LEU A 935 3.24 -10.79 14.74
CA LEU A 935 2.77 -12.17 14.75
C LEU A 935 1.62 -12.34 15.71
N SER A 936 1.75 -11.81 16.92
CA SER A 936 0.78 -12.06 17.98
C SER A 936 -0.50 -11.25 17.83
N SER A 937 -0.66 -10.47 16.78
CA SER A 937 -1.90 -9.76 16.55
C SER A 937 -2.95 -10.70 15.98
N ASN A 938 -4.20 -10.47 16.38
CA ASN A 938 -5.31 -11.28 15.88
C ASN A 938 -5.78 -10.81 14.50
N PHE A 939 -5.51 -9.56 14.14
CA PHE A 939 -5.89 -8.94 12.87
C PHE A 939 -7.37 -8.99 12.60
N GLY A 940 -8.19 -8.98 13.65
CA GLY A 940 -9.61 -9.14 13.48
C GLY A 940 -10.07 -10.56 13.20
N ALA A 941 -9.15 -11.52 13.17
CA ALA A 941 -9.54 -12.92 12.99
C ALA A 941 -9.82 -13.53 14.36
N ILE A 942 -10.11 -14.83 14.37
CA ILE A 942 -10.56 -15.50 15.59
C ILE A 942 -9.42 -15.65 16.59
N SER A 943 -8.22 -15.98 16.13
CA SER A 943 -7.09 -16.08 17.03
C SER A 943 -5.81 -15.76 16.27
N SER A 944 -4.70 -15.72 17.00
CA SER A 944 -3.40 -15.38 16.43
C SER A 944 -2.48 -16.58 16.29
N VAL A 945 -2.97 -17.79 16.53
CA VAL A 945 -2.23 -19.02 16.27
C VAL A 945 -3.04 -19.86 15.30
N LEU A 946 -2.41 -20.33 14.24
CA LEU A 946 -3.12 -21.12 13.23
C LEU A 946 -3.50 -22.50 13.74
N ASN A 947 -2.84 -23.01 14.77
CA ASN A 947 -3.25 -24.27 15.36
C ASN A 947 -4.31 -24.08 16.44
N ASP A 948 -4.85 -22.88 16.58
CA ASP A 948 -6.02 -22.62 17.38
C ASP A 948 -7.21 -22.18 16.54
N ILE A 949 -6.97 -21.77 15.31
CA ILE A 949 -8.03 -21.51 14.34
C ILE A 949 -8.47 -22.79 13.66
N LEU A 950 -7.49 -23.58 13.24
CA LEU A 950 -7.76 -24.87 12.61
C LEU A 950 -8.33 -25.87 13.62
N SER A 951 -7.92 -25.74 14.89
CA SER A 951 -8.40 -26.63 15.94
C SER A 951 -9.91 -26.48 16.16
N ARG A 952 -10.33 -25.29 16.58
CA ARG A 952 -11.73 -25.10 16.96
C ARG A 952 -12.64 -25.10 15.74
N LEU A 953 -12.36 -24.24 14.77
CA LEU A 953 -13.19 -24.15 13.59
C LEU A 953 -12.99 -25.35 12.68
N ASP A 954 -14.02 -25.68 11.98
CA ASP A 954 -14.00 -26.78 11.02
C ASP A 954 -13.55 -26.26 9.66
N PRO A 955 -12.89 -27.11 8.85
CA PRO A 955 -12.11 -26.62 7.67
C PRO A 955 -12.89 -25.80 6.63
N PRO A 956 -14.23 -25.91 6.50
CA PRO A 956 -14.90 -24.84 5.73
C PRO A 956 -14.87 -23.48 6.41
N GLU A 957 -15.04 -23.46 7.73
CA GLU A 957 -15.07 -22.19 8.45
C GLU A 957 -13.68 -21.65 8.75
N ALA A 958 -12.72 -22.56 9.02
CA ALA A 958 -11.39 -22.14 9.44
C ALA A 958 -10.65 -21.43 8.33
N GLU A 959 -10.81 -21.90 7.09
CA GLU A 959 -9.99 -21.40 5.98
C GLU A 959 -10.39 -20.00 5.56
N VAL A 960 -11.54 -19.50 5.97
CA VAL A 960 -11.85 -18.10 5.73
C VAL A 960 -11.25 -17.24 6.84
N GLN A 961 -11.19 -17.76 8.07
CA GLN A 961 -10.51 -17.04 9.14
C GLN A 961 -9.00 -17.15 9.04
N ILE A 962 -8.47 -18.15 8.35
CA ILE A 962 -7.03 -18.17 8.10
C ILE A 962 -6.67 -17.10 7.08
N ASP A 963 -7.56 -16.83 6.13
CA ASP A 963 -7.27 -15.87 5.06
C ASP A 963 -7.15 -14.44 5.60
N ARG A 964 -7.99 -14.07 6.57
CA ARG A 964 -7.81 -12.77 7.20
C ARG A 964 -6.57 -12.72 8.09
N LEU A 965 -6.02 -13.86 8.47
CA LEU A 965 -4.76 -13.83 9.20
C LEU A 965 -3.58 -13.77 8.26
N ILE A 966 -3.67 -14.45 7.11
CA ILE A 966 -2.61 -14.41 6.11
C ILE A 966 -2.47 -13.02 5.54
N THR A 967 -3.59 -12.42 5.12
CA THR A 967 -3.58 -11.09 4.54
C THR A 967 -3.13 -10.05 5.56
N GLY A 968 -3.53 -10.23 6.82
CA GLY A 968 -2.99 -9.39 7.87
C GLY A 968 -1.50 -9.57 8.07
N ARG A 969 -1.00 -10.80 7.91
CA ARG A 969 0.44 -11.01 8.02
C ARG A 969 1.19 -10.69 6.75
N LEU A 970 0.52 -10.50 5.62
CA LEU A 970 1.24 -10.02 4.44
C LEU A 970 1.32 -8.50 4.39
N GLN A 971 0.29 -7.80 4.83
CA GLN A 971 0.28 -6.36 4.65
C GLN A 971 1.18 -5.66 5.66
N SER A 972 1.46 -6.30 6.79
CA SER A 972 2.54 -5.84 7.63
C SER A 972 3.88 -6.31 7.09
N LEU A 973 3.89 -7.32 6.24
CA LEU A 973 5.15 -7.81 5.72
C LEU A 973 5.63 -6.97 4.55
N GLN A 974 4.72 -6.60 3.64
CA GLN A 974 5.13 -5.79 2.50
C GLN A 974 5.45 -4.36 2.93
N THR A 975 4.81 -3.88 3.99
CA THR A 975 5.12 -2.56 4.51
C THR A 975 6.51 -2.53 5.11
N TYR A 976 6.92 -3.63 5.75
CA TYR A 976 8.29 -3.77 6.22
C TYR A 976 9.29 -3.68 5.08
N VAL A 977 8.93 -4.18 3.90
CA VAL A 977 9.83 -4.06 2.76
C VAL A 977 9.95 -2.61 2.35
N THR A 978 8.84 -1.89 2.30
CA THR A 978 8.88 -0.50 1.85
C THR A 978 9.55 0.40 2.88
N GLN A 979 9.40 0.10 4.16
CA GLN A 979 10.16 0.86 5.14
C GLN A 979 11.64 0.52 5.08
N GLN A 980 11.98 -0.71 4.70
CA GLN A 980 13.38 -1.00 4.45
C GLN A 980 13.84 -0.38 3.14
N LEU A 981 12.94 -0.22 2.19
CA LEU A 981 13.36 0.28 0.89
C LEU A 981 13.60 1.78 0.91
N ILE A 982 12.88 2.51 1.76
CA ILE A 982 13.14 3.95 1.86
C ILE A 982 14.37 4.19 2.71
N ARG A 983 14.54 3.42 3.79
CA ARG A 983 15.73 3.57 4.60
C ARG A 983 16.97 3.03 3.93
N ALA A 984 16.82 2.24 2.87
CA ALA A 984 17.98 1.87 2.07
C ALA A 984 18.46 3.05 1.24
N ALA A 985 17.54 3.84 0.70
CA ALA A 985 17.95 5.02 -0.04
C ALA A 985 18.33 6.20 0.86
N GLU A 986 18.05 6.11 2.16
CA GLU A 986 18.59 7.11 3.08
C GLU A 986 20.08 6.91 3.28
N ILE A 987 20.57 5.71 3.03
CA ILE A 987 21.99 5.40 3.22
C ILE A 987 22.79 5.65 1.94
N ARG A 988 22.19 5.47 0.77
CA ARG A 988 22.90 5.84 -0.46
C ARG A 988 23.12 7.34 -0.58
N ALA A 989 22.39 8.15 0.18
CA ALA A 989 22.84 9.51 0.40
C ALA A 989 24.14 9.54 1.19
N SER A 990 24.20 8.78 2.28
CA SER A 990 25.36 8.81 3.16
C SER A 990 26.47 7.88 2.71
N ALA A 991 26.21 7.02 1.72
CA ALA A 991 27.31 6.22 1.21
C ALA A 991 27.96 6.89 0.02
N ASN A 992 27.24 7.78 -0.66
CA ASN A 992 27.91 8.56 -1.68
C ASN A 992 28.51 9.82 -1.09
N LEU A 993 28.19 10.15 0.16
CA LEU A 993 28.97 11.12 0.90
C LEU A 993 30.32 10.54 1.29
N ALA A 994 30.32 9.35 1.89
CA ALA A 994 31.55 8.75 2.38
C ALA A 994 32.43 8.22 1.26
N ALA A 995 31.87 7.95 0.09
CA ALA A 995 32.73 7.63 -1.04
C ALA A 995 33.45 8.86 -1.54
N THR A 996 32.83 10.03 -1.41
CA THR A 996 33.52 11.27 -1.76
C THR A 996 34.44 11.72 -0.65
N LYS A 997 33.94 11.75 0.59
CA LYS A 997 34.70 12.27 1.72
C LYS A 997 35.82 11.33 2.16
N MET A 998 35.97 10.16 1.53
CA MET A 998 37.24 9.45 1.57
C MET A 998 38.06 9.68 0.32
N SER A 999 37.45 9.66 -0.85
CA SER A 999 38.21 9.80 -2.07
C SER A 999 38.32 11.24 -2.55
N GLU A 1000 38.18 12.21 -1.64
CA GLU A 1000 38.57 13.59 -1.89
C GLU A 1000 39.35 14.17 -0.72
N CYS A 1001 39.30 13.53 0.43
CA CYS A 1001 39.80 14.08 1.68
C CYS A 1001 40.95 13.30 2.27
N VAL A 1002 40.85 11.98 2.32
CA VAL A 1002 42.02 11.18 2.61
C VAL A 1002 42.91 11.12 1.39
N LEU A 1003 42.31 10.92 0.22
CA LEU A 1003 43.05 10.73 -1.02
C LEU A 1003 43.24 12.04 -1.77
N GLY A 1004 43.77 13.06 -1.11
CA GLY A 1004 44.01 14.33 -1.75
C GLY A 1004 44.21 15.37 -0.67
N GLN A 1005 43.62 16.55 -0.86
CA GLN A 1005 43.41 17.47 0.25
C GLN A 1005 42.25 18.36 -0.13
N SER A 1006 41.30 18.51 0.78
CA SER A 1006 40.07 19.20 0.44
C SER A 1006 40.27 20.71 0.49
N LYS A 1007 39.83 21.36 -0.58
CA LYS A 1007 39.92 22.81 -0.69
C LYS A 1007 38.55 23.46 -0.62
N ARG A 1008 37.67 22.93 0.23
CA ARG A 1008 36.29 23.37 0.33
C ARG A 1008 36.00 23.91 1.73
N VAL A 1009 34.82 24.49 1.87
CA VAL A 1009 34.46 25.27 3.05
C VAL A 1009 33.80 24.35 4.07
N ASP A 1010 34.54 24.01 5.12
CA ASP A 1010 34.18 23.12 6.24
C ASP A 1010 33.84 21.69 5.83
N PHE A 1011 34.07 21.33 4.57
CA PHE A 1011 34.27 19.94 4.24
C PHE A 1011 35.52 19.47 4.96
N CYS A 1012 35.43 18.28 5.58
CA CYS A 1012 36.53 17.65 6.33
C CYS A 1012 37.01 18.52 7.49
N GLY A 1013 36.13 18.70 8.46
CA GLY A 1013 36.48 19.43 9.66
C GLY A 1013 36.39 20.92 9.46
N LYS A 1014 36.64 21.65 10.55
CA LYS A 1014 36.51 23.09 10.56
C LYS A 1014 37.88 23.74 10.59
N GLY A 1015 38.18 24.53 9.55
CA GLY A 1015 39.47 25.18 9.40
C GLY A 1015 40.07 24.90 8.04
N TYR A 1016 41.37 24.66 8.02
CA TYR A 1016 42.10 24.31 6.81
C TYR A 1016 42.62 22.90 6.96
N HIS A 1017 41.96 21.98 6.28
CA HIS A 1017 42.22 20.55 6.38
C HIS A 1017 43.59 20.19 5.85
N LEU A 1018 44.30 19.31 6.57
CA LEU A 1018 45.64 18.93 6.15
C LEU A 1018 45.73 17.46 5.78
N MET A 1019 45.45 16.55 6.71
CA MET A 1019 45.39 15.12 6.48
C MET A 1019 44.00 14.64 6.85
N SER A 1020 43.77 13.35 6.62
CA SER A 1020 42.58 12.73 7.18
C SER A 1020 42.87 11.26 7.43
N PHE A 1021 42.51 10.79 8.61
CA PHE A 1021 42.68 9.38 8.96
C PHE A 1021 41.33 8.69 9.03
N PRO A 1022 40.97 7.87 8.06
CA PRO A 1022 39.74 7.10 8.19
C PRO A 1022 39.96 5.90 9.08
N GLN A 1023 38.97 5.64 9.93
CA GLN A 1023 38.88 4.41 10.69
C GLN A 1023 37.69 3.63 10.19
N ALA A 1024 37.54 2.43 10.72
CA ALA A 1024 36.45 1.54 10.35
C ALA A 1024 35.50 1.35 11.52
N ALA A 1025 34.22 1.51 11.25
CA ALA A 1025 33.19 1.45 12.27
C ALA A 1025 32.18 0.36 11.94
N PRO A 1026 31.51 -0.18 12.95
CA PRO A 1026 30.37 -1.07 12.67
C PRO A 1026 29.27 -0.32 11.95
N HIS A 1027 28.99 -0.77 10.72
CA HIS A 1027 27.95 -0.23 9.85
C HIS A 1027 28.19 1.23 9.50
N GLY A 1028 29.46 1.60 9.32
CA GLY A 1028 29.79 2.98 9.01
C GLY A 1028 31.28 3.19 9.04
N VAL A 1029 31.69 4.46 9.00
CA VAL A 1029 33.10 4.82 9.00
C VAL A 1029 33.35 5.88 10.05
N VAL A 1030 34.62 6.06 10.39
CA VAL A 1030 35.08 7.08 11.33
C VAL A 1030 36.23 7.83 10.69
N PHE A 1031 36.11 9.14 10.55
CA PHE A 1031 37.19 9.91 9.96
C PHE A 1031 37.95 10.61 11.07
N LEU A 1032 39.21 10.99 10.80
CA LEU A 1032 39.99 11.82 11.72
C LEU A 1032 40.61 12.95 10.90
N HIS A 1033 39.88 14.05 10.76
CA HIS A 1033 40.37 15.15 9.96
C HIS A 1033 41.23 16.04 10.83
N VAL A 1034 42.35 16.51 10.29
CA VAL A 1034 43.24 17.43 10.98
C VAL A 1034 43.18 18.76 10.25
N THR A 1035 42.81 19.82 10.97
CA THR A 1035 42.64 21.12 10.36
C THR A 1035 43.73 22.07 10.81
N TYR A 1036 43.93 23.12 10.03
CA TYR A 1036 44.80 24.23 10.42
C TYR A 1036 43.94 25.36 10.90
N VAL A 1037 44.19 25.83 12.11
CA VAL A 1037 43.38 26.86 12.74
C VAL A 1037 44.23 28.10 12.99
N PRO A 1038 43.89 29.26 12.42
CA PRO A 1038 44.61 30.49 12.74
C PRO A 1038 44.25 30.99 14.14
N SER A 1039 45.13 31.82 14.69
CA SER A 1039 45.02 32.24 16.09
C SER A 1039 45.86 33.49 16.35
N GLN A 1040 45.58 34.11 17.51
CA GLN A 1040 46.39 35.18 18.12
C GLN A 1040 46.54 36.39 17.20
N GLU A 1041 45.42 37.07 17.00
CA GLU A 1041 45.29 38.14 16.03
C GLU A 1041 45.67 39.48 16.66
N ARG A 1042 45.95 40.44 15.79
CA ARG A 1042 46.32 41.79 16.21
C ARG A 1042 46.06 42.75 15.07
N ASN A 1043 45.46 43.90 15.40
CA ASN A 1043 45.14 44.91 14.39
C ASN A 1043 46.40 45.53 13.83
N PHE A 1044 46.22 46.23 12.71
CA PHE A 1044 47.11 47.30 12.26
C PHE A 1044 46.29 48.17 11.32
N THR A 1045 46.96 49.11 10.68
CA THR A 1045 46.32 50.01 9.73
C THR A 1045 46.75 49.61 8.33
N THR A 1046 45.79 49.50 7.42
CA THR A 1046 46.02 48.96 6.10
C THR A 1046 46.01 50.04 5.04
N ALA A 1047 46.24 49.62 3.80
CA ALA A 1047 46.38 50.47 2.63
C ALA A 1047 46.26 49.62 1.38
N PRO A 1048 45.55 50.07 0.38
CA PRO A 1048 45.51 49.30 -0.87
C PRO A 1048 46.53 49.70 -1.92
N ALA A 1049 47.24 50.83 -1.75
CA ALA A 1049 48.10 51.32 -2.82
C ALA A 1049 49.20 52.21 -2.28
N ILE A 1050 50.32 52.23 -2.99
CA ILE A 1050 51.47 53.07 -2.66
C ILE A 1050 51.74 54.01 -3.83
N CYS A 1051 51.90 55.29 -3.53
CA CYS A 1051 52.33 56.27 -4.52
C CYS A 1051 53.84 56.41 -4.42
N HIS A 1052 54.54 55.82 -5.38
CA HIS A 1052 56.01 55.82 -5.41
C HIS A 1052 56.43 56.41 -6.75
N GLU A 1053 56.78 57.69 -6.73
CA GLU A 1053 57.45 58.39 -7.83
C GLU A 1053 56.56 58.52 -9.06
N GLY A 1054 55.28 58.83 -8.82
CA GLY A 1054 54.33 59.14 -9.87
C GLY A 1054 53.36 58.02 -10.21
N LYS A 1055 53.62 56.80 -9.77
CA LYS A 1055 52.77 55.65 -10.08
C LYS A 1055 52.00 55.23 -8.84
N ALA A 1056 50.96 54.42 -9.06
CA ALA A 1056 50.31 53.69 -7.98
C ALA A 1056 50.80 52.26 -8.00
N TYR A 1057 51.13 51.71 -6.84
CA TYR A 1057 51.65 50.35 -6.75
C TYR A 1057 50.68 49.46 -5.98
N PHE A 1058 50.66 48.18 -6.36
CA PHE A 1058 49.63 47.24 -5.95
C PHE A 1058 50.26 45.96 -5.45
N PRO A 1059 49.57 45.22 -4.57
CA PRO A 1059 50.15 43.97 -4.07
C PRO A 1059 49.95 42.83 -5.05
N ARG A 1060 51.00 42.03 -5.17
CA ARG A 1060 50.87 40.78 -5.93
C ARG A 1060 50.05 39.77 -5.15
N GLU A 1061 50.46 39.48 -3.92
CA GLU A 1061 49.70 38.68 -2.97
C GLU A 1061 49.92 39.26 -1.58
N GLY A 1062 48.87 39.77 -0.96
CA GLY A 1062 48.95 40.32 0.38
C GLY A 1062 48.35 41.71 0.44
N VAL A 1063 48.59 42.39 1.56
CA VAL A 1063 48.15 43.77 1.75
C VAL A 1063 49.31 44.61 2.27
N PHE A 1064 49.14 45.93 2.19
CA PHE A 1064 50.13 46.87 2.67
C PHE A 1064 49.98 47.08 4.17
N VAL A 1065 51.00 46.68 4.93
CA VAL A 1065 50.91 46.51 6.37
C VAL A 1065 51.78 47.55 7.05
N PHE A 1066 51.19 48.29 7.99
CA PHE A 1066 51.90 49.35 8.71
C PHE A 1066 51.72 49.13 10.20
N ASN A 1067 52.75 48.62 10.87
CA ASN A 1067 52.67 48.36 12.30
C ASN A 1067 53.13 49.56 13.14
N GLY A 1068 53.05 50.77 12.61
CA GLY A 1068 53.55 51.94 13.29
C GLY A 1068 55.01 52.26 12.99
N THR A 1069 55.80 51.25 12.64
CA THR A 1069 57.20 51.47 12.31
C THR A 1069 57.41 51.69 10.82
N SER A 1070 57.06 50.69 10.01
CA SER A 1070 57.35 50.74 8.58
C SER A 1070 56.17 50.17 7.82
N TRP A 1071 56.29 50.20 6.49
CA TRP A 1071 55.31 49.65 5.58
C TRP A 1071 55.89 48.39 4.96
N PHE A 1072 55.14 47.29 5.03
CA PHE A 1072 55.60 46.04 4.47
C PHE A 1072 54.41 45.21 4.03
N ILE A 1073 54.68 43.96 3.68
CA ILE A 1073 53.71 43.05 3.08
C ILE A 1073 53.64 41.80 3.95
N THR A 1074 52.43 41.29 4.18
CA THR A 1074 52.27 39.97 4.75
C THR A 1074 51.08 39.29 4.10
N GLN A 1075 50.97 37.98 4.38
CA GLN A 1075 49.90 37.11 3.90
C GLN A 1075 48.79 37.02 4.94
N ARG A 1076 47.61 36.64 4.48
CA ARG A 1076 46.42 36.78 5.30
C ARG A 1076 46.21 35.65 6.29
N ASN A 1077 47.15 34.70 6.38
CA ASN A 1077 47.08 33.66 7.40
C ASN A 1077 48.13 33.78 8.48
N PHE A 1078 49.27 34.38 8.18
CA PHE A 1078 50.37 34.50 9.13
C PHE A 1078 50.97 35.88 8.97
N PHE A 1079 51.29 36.51 10.08
CA PHE A 1079 51.86 37.85 10.09
C PHE A 1079 53.37 37.72 9.97
N SER A 1080 53.91 37.99 8.76
CA SER A 1080 55.35 37.96 8.58
C SER A 1080 55.77 38.97 7.53
N PRO A 1081 56.73 39.85 7.83
CA PRO A 1081 56.97 41.02 6.99
C PRO A 1081 57.68 40.71 5.70
N GLN A 1082 57.29 41.44 4.66
CA GLN A 1082 57.93 41.34 3.35
C GLN A 1082 58.24 42.75 2.87
N ILE A 1083 59.51 42.99 2.56
CA ILE A 1083 59.98 44.29 2.09
C ILE A 1083 59.32 44.61 0.76
N ILE A 1084 58.72 45.80 0.67
CA ILE A 1084 57.96 46.14 -0.52
C ILE A 1084 58.94 46.46 -1.63
N THR A 1085 59.26 45.44 -2.42
CA THR A 1085 60.13 45.57 -3.58
C THR A 1085 59.30 45.31 -4.82
N THR A 1086 59.80 45.76 -5.97
CA THR A 1086 59.06 45.53 -7.22
C THR A 1086 59.15 44.08 -7.71
N ASP A 1087 59.91 43.21 -7.02
CA ASP A 1087 59.70 41.78 -7.16
C ASP A 1087 58.27 41.40 -6.82
N ASN A 1088 57.86 41.65 -5.58
CA ASN A 1088 56.52 41.29 -5.12
C ASN A 1088 55.57 42.48 -5.06
N THR A 1089 55.70 43.41 -6.00
CA THR A 1089 54.78 44.54 -6.09
C THR A 1089 54.22 44.57 -7.51
N PHE A 1090 52.90 44.65 -7.61
CA PHE A 1090 52.20 44.69 -8.89
C PHE A 1090 52.29 46.10 -9.43
N VAL A 1091 53.30 46.37 -10.25
CA VAL A 1091 53.63 47.71 -10.70
C VAL A 1091 52.79 48.03 -11.93
N SER A 1092 51.78 48.88 -11.76
CA SER A 1092 50.94 49.30 -12.87
C SER A 1092 50.15 50.54 -12.49
N GLY A 1093 50.03 51.47 -13.43
CA GLY A 1093 49.11 52.57 -13.29
C GLY A 1093 49.68 53.76 -12.54
N ASN A 1094 49.07 54.90 -12.78
CA ASN A 1094 49.55 56.18 -12.25
C ASN A 1094 49.02 56.42 -10.85
N CYS A 1095 49.74 57.27 -10.12
CA CYS A 1095 49.35 57.67 -8.77
C CYS A 1095 48.13 58.58 -8.80
N ASP A 1096 47.51 58.72 -7.62
CA ASP A 1096 46.42 59.68 -7.33
C ASP A 1096 45.18 59.44 -8.20
N VAL A 1097 44.76 58.18 -8.33
CA VAL A 1097 43.46 57.84 -8.90
C VAL A 1097 42.72 56.93 -7.93
N VAL A 1098 43.41 55.86 -7.50
CA VAL A 1098 42.85 54.85 -6.62
C VAL A 1098 42.52 55.46 -5.25
N ILE A 1099 41.44 54.96 -4.64
CA ILE A 1099 41.16 55.25 -3.25
C ILE A 1099 42.26 54.69 -2.37
N GLY A 1100 42.83 55.52 -1.50
CA GLY A 1100 43.77 55.05 -0.51
C GLY A 1100 45.15 54.73 -1.04
N ILE A 1101 45.88 55.74 -1.49
CA ILE A 1101 47.24 55.56 -1.97
C ILE A 1101 48.17 56.30 -1.02
N ILE A 1102 49.17 55.59 -0.49
CA ILE A 1102 49.95 56.08 0.64
C ILE A 1102 51.41 56.22 0.21
N ASN A 1103 51.95 57.43 0.40
CA ASN A 1103 53.27 57.82 -0.10
C ASN A 1103 54.36 57.07 0.64
N ASN A 1104 54.93 56.06 -0.03
CA ASN A 1104 55.97 55.23 0.53
C ASN A 1104 57.11 55.10 -0.47
N THR A 1105 58.12 54.32 -0.10
CA THR A 1105 59.35 54.16 -0.86
C THR A 1105 59.54 52.69 -1.18
N VAL A 1106 59.27 52.31 -2.41
CA VAL A 1106 59.34 50.91 -2.85
C VAL A 1106 60.72 50.66 -3.41
N TYR A 1107 61.36 49.58 -2.93
CA TYR A 1107 62.79 49.40 -3.10
C TYR A 1107 63.10 48.42 -4.23
N ARG B 5 -66.64 23.47 -14.11
CA ARG B 5 -67.30 22.92 -15.28
C ARG B 5 -66.34 22.79 -16.46
N CYS B 6 -66.29 21.59 -17.04
CA CYS B 6 -65.40 21.29 -18.16
C CYS B 6 -65.91 21.97 -19.42
N THR B 7 -65.37 23.15 -19.72
CA THR B 7 -65.70 23.88 -20.92
C THR B 7 -64.45 24.06 -21.78
N THR B 8 -64.68 24.42 -23.04
CA THR B 8 -63.63 24.60 -24.04
C THR B 8 -63.60 26.07 -24.48
N PHE B 9 -62.80 26.34 -25.51
CA PHE B 9 -62.58 27.71 -25.98
C PHE B 9 -63.19 27.86 -27.37
N ASP B 10 -62.98 29.04 -27.97
CA ASP B 10 -63.36 29.22 -29.37
C ASP B 10 -62.24 28.80 -30.31
N ASP B 11 -60.99 29.07 -29.95
CA ASP B 11 -59.84 28.72 -30.76
C ASP B 11 -58.65 28.48 -29.84
N VAL B 12 -57.88 27.44 -30.14
CA VAL B 12 -56.65 27.10 -29.43
C VAL B 12 -55.57 26.95 -30.49
N GLN B 13 -54.66 27.90 -30.57
CA GLN B 13 -53.60 27.89 -31.58
C GLN B 13 -52.31 27.35 -30.99
N ALA B 14 -51.34 27.13 -31.88
CA ALA B 14 -49.99 26.72 -31.54
C ALA B 14 -49.10 27.94 -31.33
N PRO B 15 -48.12 27.87 -30.42
CA PRO B 15 -47.29 29.05 -30.14
C PRO B 15 -46.31 29.37 -31.27
N ASN B 16 -45.58 30.48 -31.11
CA ASN B 16 -44.70 30.94 -32.18
C ASN B 16 -43.38 30.17 -32.28
N TYR B 17 -43.09 29.30 -31.31
CA TYR B 17 -41.90 28.43 -31.29
C TYR B 17 -40.59 29.23 -31.37
N THR B 18 -40.58 30.42 -30.79
CA THR B 18 -39.40 31.29 -30.92
C THR B 18 -38.27 30.78 -30.06
N GLN B 19 -37.14 30.50 -30.68
CA GLN B 19 -36.06 29.81 -30.01
C GLN B 19 -35.25 30.77 -29.16
N HIS B 20 -34.73 30.26 -28.04
CA HIS B 20 -33.92 31.08 -27.17
C HIS B 20 -32.87 30.20 -26.50
N THR B 21 -31.75 30.82 -26.16
CA THR B 21 -30.66 30.21 -25.45
C THR B 21 -30.77 30.61 -23.98
N SER B 22 -31.20 29.68 -23.13
CA SER B 22 -31.26 29.93 -21.69
C SER B 22 -29.85 30.01 -21.13
N SER B 23 -29.42 31.21 -20.75
CA SER B 23 -28.02 31.38 -20.36
C SER B 23 -27.73 30.82 -18.97
N MET B 24 -28.33 31.40 -17.94
CA MET B 24 -27.95 31.14 -16.55
C MET B 24 -29.17 30.72 -15.73
N ARG B 25 -29.98 29.81 -16.24
CA ARG B 25 -31.25 29.50 -15.59
C ARG B 25 -31.18 28.20 -14.80
N GLY B 26 -32.11 28.05 -13.86
CA GLY B 26 -32.36 26.78 -13.19
C GLY B 26 -31.68 26.59 -11.86
N VAL B 27 -30.89 27.56 -11.40
CA VAL B 27 -30.04 27.38 -10.22
C VAL B 27 -30.91 27.39 -8.96
N TYR B 28 -30.60 26.51 -8.00
CA TYR B 28 -31.29 26.53 -6.72
C TYR B 28 -30.37 26.11 -5.60
N TYR B 29 -30.84 26.33 -4.36
CA TYR B 29 -30.23 25.74 -3.17
C TYR B 29 -30.68 24.29 -3.08
N PRO B 30 -29.80 23.31 -3.22
CA PRO B 30 -30.23 21.92 -3.09
C PRO B 30 -30.57 21.57 -1.66
N ASP B 31 -29.66 21.90 -0.77
CA ASP B 31 -29.61 21.41 0.59
C ASP B 31 -30.12 22.45 1.57
N GLU B 32 -29.95 22.14 2.85
CA GLU B 32 -30.10 23.09 3.94
C GLU B 32 -28.76 23.43 4.57
N ILE B 33 -27.66 22.93 3.99
CA ILE B 33 -26.32 23.19 4.51
C ILE B 33 -25.95 24.63 4.22
N PHE B 34 -25.51 25.35 5.24
CA PHE B 34 -24.81 26.59 5.03
C PHE B 34 -23.33 26.30 4.82
N ARG B 35 -22.76 26.90 3.79
CA ARG B 35 -21.31 26.95 3.66
C ARG B 35 -20.95 28.36 3.26
N SER B 36 -19.71 28.74 3.57
CA SER B 36 -19.22 30.05 3.16
C SER B 36 -17.74 29.90 2.82
N ASP B 37 -17.23 30.90 2.08
CA ASP B 37 -15.81 30.99 1.68
C ASP B 37 -15.38 29.74 0.91
N THR B 38 -16.28 29.21 0.10
CA THR B 38 -16.12 27.84 -0.39
C THR B 38 -16.48 27.76 -1.87
N LEU B 39 -16.33 26.56 -2.41
CA LEU B 39 -16.51 26.30 -3.83
C LEU B 39 -16.80 24.82 -3.96
N TYR B 40 -18.05 24.48 -4.26
CA TYR B 40 -18.58 23.15 -4.00
C TYR B 40 -19.07 22.52 -5.28
N LEU B 41 -18.70 21.27 -5.50
CA LEU B 41 -18.97 20.57 -6.75
C LEU B 41 -20.01 19.49 -6.50
N THR B 42 -21.07 19.50 -7.30
CA THR B 42 -22.12 18.51 -7.13
C THR B 42 -22.81 18.25 -8.46
N GLN B 43 -23.45 17.09 -8.53
CA GLN B 43 -24.51 16.83 -9.49
C GLN B 43 -25.83 16.85 -8.76
N ASP B 44 -26.85 17.41 -9.40
CA ASP B 44 -28.22 17.14 -9.05
C ASP B 44 -29.05 17.37 -10.32
N LEU B 45 -30.36 17.35 -10.18
CA LEU B 45 -31.25 17.44 -11.33
C LEU B 45 -31.32 18.90 -11.74
N PHE B 46 -30.45 19.28 -12.67
CA PHE B 46 -30.27 20.68 -13.01
C PHE B 46 -30.65 20.98 -14.46
N LEU B 47 -31.10 22.19 -14.67
CA LEU B 47 -31.20 22.70 -16.03
C LEU B 47 -29.81 23.08 -16.51
N PRO B 48 -29.38 22.60 -17.68
CA PRO B 48 -28.04 22.93 -18.16
C PRO B 48 -27.96 24.33 -18.75
N PHE B 49 -26.73 24.87 -18.78
CA PHE B 49 -26.50 26.16 -19.39
C PHE B 49 -26.70 26.10 -20.90
N TYR B 50 -26.87 27.29 -21.50
CA TYR B 50 -26.97 27.52 -22.95
C TYR B 50 -28.03 26.67 -23.63
N SER B 51 -29.06 26.27 -22.90
CA SER B 51 -29.99 25.27 -23.41
C SER B 51 -30.95 25.91 -24.41
N ASN B 52 -31.09 25.28 -25.56
CA ASN B 52 -32.05 25.70 -26.58
C ASN B 52 -33.46 25.48 -26.07
N VAL B 53 -34.19 26.58 -25.85
CA VAL B 53 -35.59 26.51 -25.43
C VAL B 53 -36.44 27.19 -26.48
N THR B 54 -37.76 27.01 -26.33
CA THR B 54 -38.75 27.49 -27.28
C THR B 54 -39.69 28.47 -26.59
N GLY B 55 -40.06 29.54 -27.29
CA GLY B 55 -40.93 30.54 -26.73
C GLY B 55 -42.41 30.29 -26.95
N PHE B 56 -43.14 30.04 -25.86
CA PHE B 56 -44.57 29.75 -25.95
C PHE B 56 -45.32 31.07 -25.82
N HIS B 57 -45.33 31.82 -26.92
CA HIS B 57 -46.03 33.10 -26.99
C HIS B 57 -47.51 32.81 -27.03
N THR B 58 -48.14 32.84 -25.86
CA THR B 58 -49.58 32.73 -25.74
C THR B 58 -50.16 34.14 -25.95
N ILE B 59 -50.84 34.34 -27.07
CA ILE B 59 -51.41 35.65 -27.38
C ILE B 59 -52.84 35.54 -27.94
N ASN B 60 -53.83 35.66 -27.04
CA ASN B 60 -55.22 36.06 -27.29
C ASN B 60 -56.07 35.04 -28.06
N HIS B 61 -55.44 34.07 -28.72
CA HIS B 61 -56.11 32.88 -29.25
C HIS B 61 -55.28 31.62 -29.07
N THR B 62 -53.98 31.75 -28.82
CA THR B 62 -53.07 30.62 -28.70
C THR B 62 -53.13 30.11 -27.28
N PHE B 63 -53.21 28.80 -27.11
CA PHE B 63 -53.36 28.30 -25.74
C PHE B 63 -52.56 27.00 -25.59
N GLY B 64 -51.30 27.13 -25.21
CA GLY B 64 -50.46 25.95 -25.17
C GLY B 64 -50.40 25.27 -23.83
N ASN B 65 -51.24 24.26 -23.62
CA ASN B 65 -51.08 23.31 -22.53
C ASN B 65 -51.60 21.93 -22.90
N PRO B 66 -50.89 21.21 -23.78
CA PRO B 66 -51.22 19.80 -23.99
C PRO B 66 -50.56 18.95 -22.93
N VAL B 67 -50.61 17.62 -23.11
CA VAL B 67 -49.72 16.73 -22.37
C VAL B 67 -48.28 17.09 -22.66
N ILE B 68 -47.54 17.48 -21.64
CA ILE B 68 -46.12 17.85 -21.79
C ILE B 68 -45.31 16.91 -20.91
N PRO B 69 -44.21 16.35 -21.40
CA PRO B 69 -43.45 15.38 -20.60
C PRO B 69 -42.66 16.01 -19.46
N PHE B 70 -42.71 15.33 -18.30
CA PHE B 70 -42.03 15.73 -17.08
C PHE B 70 -40.82 14.84 -16.80
N LYS B 71 -41.09 13.55 -16.60
CA LYS B 71 -40.21 12.38 -16.63
C LYS B 71 -39.18 12.26 -15.50
N ASP B 72 -38.73 13.38 -14.95
CA ASP B 72 -37.98 13.41 -13.69
C ASP B 72 -38.32 14.69 -12.96
N GLY B 73 -38.66 15.71 -13.74
CA GLY B 73 -38.58 17.08 -13.31
C GLY B 73 -38.44 18.01 -14.48
N ILE B 74 -38.87 19.26 -14.30
CA ILE B 74 -38.82 20.28 -15.34
C ILE B 74 -38.35 21.60 -14.76
N TYR B 75 -37.72 22.41 -15.63
CA TYR B 75 -37.57 23.82 -15.37
C TYR B 75 -38.73 24.57 -16.00
N PHE B 76 -39.17 25.62 -15.33
CA PHE B 76 -40.16 26.53 -15.88
C PHE B 76 -39.66 27.96 -15.72
N ALA B 77 -39.93 28.78 -16.74
CA ALA B 77 -39.75 30.22 -16.67
C ALA B 77 -41.00 30.89 -17.23
N ALA B 78 -41.22 32.14 -16.81
CA ALA B 78 -42.31 32.93 -17.35
C ALA B 78 -42.03 34.41 -17.11
N THR B 79 -41.69 35.14 -18.17
CA THR B 79 -41.85 36.59 -18.14
C THR B 79 -43.34 36.87 -18.19
N GLU B 80 -43.86 37.57 -17.18
CA GLU B 80 -45.29 37.76 -17.06
C GLU B 80 -45.64 39.23 -16.98
N LYS B 81 -46.67 39.61 -17.74
CA LYS B 81 -47.33 40.90 -17.61
C LYS B 81 -48.75 40.77 -17.10
N SER B 82 -49.43 39.66 -17.42
CA SER B 82 -50.80 39.42 -17.00
C SER B 82 -50.90 38.30 -15.98
N ASN B 83 -49.77 37.66 -15.65
CA ASN B 83 -49.65 36.58 -14.66
C ASN B 83 -50.58 35.41 -15.03
N VAL B 84 -50.26 34.79 -16.16
CA VAL B 84 -51.15 33.81 -16.77
C VAL B 84 -50.87 32.40 -16.26
N VAL B 85 -49.63 31.91 -16.39
CA VAL B 85 -49.32 30.53 -16.00
C VAL B 85 -49.22 30.51 -14.47
N ARG B 86 -50.28 30.07 -13.81
CA ARG B 86 -50.30 30.01 -12.34
C ARG B 86 -50.76 28.65 -11.82
N GLY B 87 -50.94 27.67 -12.69
CA GLY B 87 -51.37 26.36 -12.26
C GLY B 87 -50.65 25.27 -13.02
N TRP B 88 -50.65 24.07 -12.43
CA TRP B 88 -50.00 22.90 -13.02
C TRP B 88 -50.75 21.64 -12.62
N VAL B 89 -51.23 20.87 -13.60
CA VAL B 89 -51.69 19.51 -13.37
C VAL B 89 -50.52 18.56 -13.52
N PHE B 90 -50.29 17.72 -12.51
CA PHE B 90 -49.25 16.71 -12.53
C PHE B 90 -49.90 15.34 -12.52
N GLY B 91 -49.27 14.37 -13.18
CA GLY B 91 -49.82 13.03 -13.18
C GLY B 91 -49.32 12.24 -14.37
N SER B 92 -50.05 11.16 -14.67
CA SER B 92 -49.65 10.22 -15.70
C SER B 92 -50.63 10.21 -16.88
N THR B 93 -51.92 9.97 -16.62
CA THR B 93 -52.89 9.75 -17.69
C THR B 93 -53.57 11.03 -18.17
N MET B 94 -53.61 12.06 -17.33
CA MET B 94 -54.27 13.35 -17.58
C MET B 94 -55.76 13.22 -17.86
N ASN B 95 -56.39 12.15 -17.37
CA ASN B 95 -57.81 11.92 -17.45
C ASN B 95 -58.27 11.53 -16.05
N ASN B 96 -59.56 11.23 -15.89
CA ASN B 96 -60.07 10.72 -14.61
C ASN B 96 -59.85 9.21 -14.51
N LYS B 97 -58.57 8.83 -14.61
CA LYS B 97 -58.18 7.43 -14.68
C LYS B 97 -57.01 7.07 -13.78
N SER B 98 -56.17 8.02 -13.39
CA SER B 98 -55.09 7.77 -12.45
C SER B 98 -55.01 8.94 -11.49
N GLN B 99 -54.20 8.78 -10.44
CA GLN B 99 -54.12 9.78 -9.39
C GLN B 99 -53.24 10.94 -9.86
N SER B 100 -53.75 12.16 -9.70
CA SER B 100 -53.11 13.35 -10.25
C SER B 100 -53.04 14.42 -9.16
N VAL B 101 -52.28 15.47 -9.44
CA VAL B 101 -52.15 16.59 -8.53
C VAL B 101 -52.45 17.88 -9.27
N ILE B 102 -53.40 18.65 -8.75
CA ILE B 102 -53.74 19.96 -9.26
C ILE B 102 -53.19 20.99 -8.29
N ILE B 103 -52.11 21.65 -8.69
CA ILE B 103 -51.54 22.78 -7.95
C ILE B 103 -52.01 24.05 -8.63
N ILE B 104 -52.81 24.84 -7.94
CA ILE B 104 -53.33 26.08 -8.48
C ILE B 104 -53.06 27.22 -7.52
N ASN B 105 -52.88 28.40 -8.07
CA ASN B 105 -52.89 29.65 -7.31
C ASN B 105 -54.11 30.42 -7.80
N ASN B 106 -55.18 30.41 -7.00
CA ASN B 106 -56.47 30.94 -7.41
C ASN B 106 -56.67 32.40 -7.01
N SER B 107 -55.59 33.19 -7.01
CA SER B 107 -55.46 34.61 -6.67
C SER B 107 -55.67 34.90 -5.20
N THR B 108 -56.01 33.90 -4.39
CA THR B 108 -56.11 34.03 -2.95
C THR B 108 -55.21 33.06 -2.21
N ASN B 109 -55.10 31.82 -2.70
CA ASN B 109 -54.37 30.78 -2.00
C ASN B 109 -53.69 29.86 -3.01
N VAL B 110 -52.71 29.11 -2.54
CA VAL B 110 -52.15 28.00 -3.30
C VAL B 110 -52.89 26.74 -2.88
N VAL B 111 -53.77 26.25 -3.74
CA VAL B 111 -54.60 25.09 -3.44
C VAL B 111 -53.98 23.87 -4.12
N ILE B 112 -53.56 22.91 -3.30
CA ILE B 112 -52.88 21.70 -3.77
C ILE B 112 -53.67 20.51 -3.26
N ARG B 113 -54.03 19.60 -4.17
CA ARG B 113 -54.68 18.36 -3.79
C ARG B 113 -54.11 17.22 -4.62
N ALA B 114 -54.24 16.00 -4.11
CA ALA B 114 -53.71 14.79 -4.75
C ALA B 114 -54.84 13.76 -4.83
N CYS B 115 -55.54 13.71 -5.97
CA CYS B 115 -56.74 12.89 -6.09
C CYS B 115 -56.79 12.29 -7.49
N ASN B 116 -57.90 11.60 -7.77
CA ASN B 116 -58.26 11.17 -9.12
C ASN B 116 -59.37 12.13 -9.58
N PHE B 117 -58.95 13.25 -10.15
CA PHE B 117 -59.87 14.33 -10.47
C PHE B 117 -60.59 14.07 -11.78
N GLU B 118 -61.80 14.62 -11.90
CA GLU B 118 -62.54 14.63 -13.16
C GLU B 118 -61.87 15.67 -14.05
N LEU B 119 -60.78 15.26 -14.69
CA LEU B 119 -59.94 16.19 -15.42
C LEU B 119 -60.59 16.59 -16.74
N CYS B 120 -60.69 17.89 -16.97
CA CYS B 120 -61.24 18.40 -18.22
C CYS B 120 -60.20 18.23 -19.33
N ASP B 121 -60.67 18.37 -20.57
CA ASP B 121 -59.76 18.34 -21.70
C ASP B 121 -59.02 19.65 -21.91
N ASN B 122 -59.32 20.67 -21.11
CA ASN B 122 -58.72 22.00 -21.25
C ASN B 122 -58.39 22.52 -19.85
N PRO B 123 -57.11 22.49 -19.43
CA PRO B 123 -56.74 23.07 -18.14
C PRO B 123 -56.52 24.58 -18.22
N PHE B 124 -57.47 25.33 -17.67
CA PHE B 124 -57.42 26.79 -17.72
C PHE B 124 -57.95 27.37 -16.41
N PHE B 125 -57.67 28.67 -16.21
CA PHE B 125 -58.26 29.44 -15.13
C PHE B 125 -59.37 30.31 -15.72
N ALA B 126 -60.61 30.00 -15.35
CA ALA B 126 -61.76 30.75 -15.84
C ALA B 126 -61.81 32.12 -15.16
N VAL B 127 -61.09 33.07 -15.74
CA VAL B 127 -60.87 34.39 -15.15
C VAL B 127 -61.45 35.44 -16.08
N SER B 128 -62.27 36.34 -15.53
CA SER B 128 -62.81 37.44 -16.32
C SER B 128 -61.69 38.39 -16.71
N LYS B 129 -61.63 38.71 -18.01
CA LYS B 129 -60.50 39.45 -18.59
C LYS B 129 -60.41 40.93 -18.20
N PRO B 130 -61.48 41.76 -18.22
CA PRO B 130 -61.28 43.17 -17.87
C PRO B 130 -61.06 43.45 -16.39
N MET B 131 -61.17 42.45 -15.51
CA MET B 131 -60.97 42.71 -14.09
C MET B 131 -60.04 41.73 -13.39
N GLY B 132 -59.84 40.52 -13.92
CA GLY B 132 -58.87 39.61 -13.35
C GLY B 132 -59.27 38.94 -12.05
N THR B 133 -60.38 38.21 -12.05
CA THR B 133 -60.72 37.35 -10.94
C THR B 133 -61.32 36.05 -11.48
N GLN B 134 -61.12 34.97 -10.73
CA GLN B 134 -61.45 33.64 -11.21
C GLN B 134 -62.87 33.26 -10.79
N THR B 135 -63.65 32.78 -11.75
CA THR B 135 -65.01 32.34 -11.48
C THR B 135 -65.04 30.93 -10.89
N HIS B 136 -64.43 29.97 -11.59
CA HIS B 136 -64.35 28.61 -11.09
C HIS B 136 -63.09 27.96 -11.60
N THR B 137 -62.52 27.08 -10.78
CA THR B 137 -61.38 26.26 -11.18
C THR B 137 -61.91 25.17 -12.13
N MET B 138 -62.02 25.54 -13.40
CA MET B 138 -62.59 24.67 -14.43
C MET B 138 -61.55 23.70 -14.99
N ILE B 139 -60.88 23.01 -14.08
CA ILE B 139 -59.89 22.00 -14.38
C ILE B 139 -60.40 20.62 -13.98
N PHE B 140 -60.95 20.53 -12.78
CA PHE B 140 -61.71 19.40 -12.27
C PHE B 140 -63.16 19.83 -12.09
N ASP B 141 -64.02 18.86 -11.88
CA ASP B 141 -65.35 19.09 -11.35
C ASP B 141 -65.49 18.61 -9.92
N ASN B 142 -65.01 17.40 -9.64
CA ASN B 142 -64.88 16.90 -8.28
C ASN B 142 -63.68 15.95 -8.25
N ALA B 143 -63.54 15.20 -7.16
CA ALA B 143 -62.35 14.39 -6.90
C ALA B 143 -62.75 13.07 -6.27
N PHE B 144 -61.89 12.06 -6.41
CA PHE B 144 -62.16 10.72 -5.89
C PHE B 144 -60.88 10.07 -5.41
N ASN B 145 -60.96 9.42 -4.24
CA ASN B 145 -59.88 8.69 -3.58
C ASN B 145 -58.65 9.59 -3.37
N CYS B 146 -58.84 10.62 -2.57
CA CYS B 146 -57.80 11.61 -2.35
C CYS B 146 -56.78 11.12 -1.32
N THR B 147 -55.60 11.73 -1.37
CA THR B 147 -54.56 11.52 -0.37
C THR B 147 -54.05 12.82 0.25
N PHE B 148 -54.33 13.97 -0.35
CA PHE B 148 -53.75 15.21 0.14
C PHE B 148 -54.67 16.37 -0.21
N GLU B 149 -54.70 17.35 0.67
CA GLU B 149 -55.38 18.61 0.42
C GLU B 149 -54.70 19.69 1.25
N TYR B 150 -54.45 20.84 0.63
CA TYR B 150 -53.87 21.95 1.36
C TYR B 150 -54.24 23.27 0.71
N ILE B 151 -54.43 24.28 1.56
CA ILE B 151 -54.64 25.67 1.18
C ILE B 151 -53.55 26.50 1.85
N SER B 152 -52.87 27.34 1.08
CA SER B 152 -51.78 28.13 1.61
C SER B 152 -52.29 29.34 2.38
N ASP B 153 -51.36 30.15 2.88
CA ASP B 153 -51.72 31.40 3.52
C ASP B 153 -52.10 32.43 2.46
N ALA B 154 -52.99 33.33 2.85
CA ALA B 154 -53.72 34.17 1.90
C ALA B 154 -52.94 35.42 1.52
N PHE B 155 -53.00 35.76 0.23
CA PHE B 155 -52.56 37.04 -0.30
C PHE B 155 -53.35 37.29 -1.58
N SER B 156 -52.93 38.27 -2.38
CA SER B 156 -53.65 38.60 -3.60
C SER B 156 -52.68 38.97 -4.70
N LEU B 157 -53.00 38.52 -5.92
CA LEU B 157 -52.23 38.86 -7.10
C LEU B 157 -53.15 39.43 -8.17
N ASP B 158 -52.76 40.54 -8.76
CA ASP B 158 -53.49 41.13 -9.89
C ASP B 158 -53.19 40.32 -11.14
N VAL B 159 -54.22 39.66 -11.67
CA VAL B 159 -54.04 38.76 -12.81
C VAL B 159 -54.96 39.15 -13.96
N SER B 160 -55.21 40.44 -14.12
CA SER B 160 -55.96 40.91 -15.27
C SER B 160 -55.03 41.06 -16.47
N GLU B 161 -55.61 41.42 -17.63
CA GLU B 161 -54.79 41.69 -18.80
C GLU B 161 -54.07 43.02 -18.66
N LYS B 162 -52.74 42.99 -18.79
CA LYS B 162 -51.93 44.19 -18.78
C LYS B 162 -51.20 44.31 -20.11
N SER B 163 -50.78 45.53 -20.42
CA SER B 163 -50.08 45.85 -21.65
C SER B 163 -48.64 46.25 -21.35
N GLY B 164 -47.93 46.69 -22.37
CA GLY B 164 -46.56 47.13 -22.20
C GLY B 164 -45.58 45.97 -22.21
N ASN B 165 -44.58 46.06 -21.35
CA ASN B 165 -43.55 45.05 -21.22
C ASN B 165 -43.83 44.13 -20.04
N PHE B 166 -43.10 43.03 -19.98
CA PHE B 166 -43.25 42.08 -18.89
C PHE B 166 -42.56 42.62 -17.65
N LYS B 167 -43.30 42.72 -16.56
CA LYS B 167 -42.81 43.27 -15.31
C LYS B 167 -42.42 42.20 -14.29
N HIS B 168 -42.81 40.95 -14.52
CA HIS B 168 -42.69 39.90 -13.53
C HIS B 168 -42.01 38.69 -14.15
N LEU B 169 -40.95 38.20 -13.51
CA LEU B 169 -40.26 36.99 -13.93
C LEU B 169 -40.28 35.99 -12.77
N ARG B 170 -40.93 34.86 -12.97
CA ARG B 170 -41.04 33.82 -11.96
C ARG B 170 -40.33 32.57 -12.45
N GLU B 171 -39.56 31.95 -11.55
CA GLU B 171 -38.73 30.80 -11.87
C GLU B 171 -39.13 29.62 -10.99
N PHE B 172 -39.48 28.50 -11.63
CA PHE B 172 -40.13 27.37 -10.98
C PHE B 172 -39.43 26.08 -11.39
N VAL B 173 -39.24 25.19 -10.42
CA VAL B 173 -38.56 23.90 -10.61
C VAL B 173 -39.32 22.86 -9.80
N PHE B 174 -39.74 21.78 -10.46
CA PHE B 174 -40.63 20.78 -9.90
C PHE B 174 -39.91 19.43 -9.93
N LYS B 175 -39.92 18.66 -8.84
CA LYS B 175 -39.18 17.40 -8.87
C LYS B 175 -39.77 16.31 -7.97
N ASN B 176 -39.70 15.07 -8.46
CA ASN B 176 -40.27 13.90 -7.81
C ASN B 176 -39.20 13.17 -7.01
N LYS B 177 -39.40 13.05 -5.70
CA LYS B 177 -38.42 12.40 -4.83
C LYS B 177 -39.11 11.96 -3.55
N ASP B 178 -39.12 10.64 -3.30
CA ASP B 178 -39.57 10.03 -2.04
C ASP B 178 -41.02 10.39 -1.69
N GLY B 179 -41.85 10.57 -2.71
CA GLY B 179 -43.19 11.11 -2.50
C GLY B 179 -43.22 12.62 -2.48
N PHE B 180 -42.20 13.23 -1.86
CA PHE B 180 -42.10 14.67 -1.72
C PHE B 180 -41.90 15.32 -3.08
N LEU B 181 -42.94 15.98 -3.58
CA LEU B 181 -42.72 16.93 -4.65
C LEU B 181 -42.03 18.15 -4.08
N TYR B 182 -40.92 18.55 -4.67
CA TYR B 182 -40.24 19.77 -4.28
C TYR B 182 -40.47 20.83 -5.34
N VAL B 183 -41.09 21.94 -4.94
CA VAL B 183 -41.39 23.07 -5.81
C VAL B 183 -40.65 24.27 -5.25
N TYR B 184 -39.77 24.84 -6.07
CA TYR B 184 -38.88 25.91 -5.61
C TYR B 184 -39.22 27.18 -6.38
N LYS B 185 -39.00 28.33 -5.73
CA LYS B 185 -39.52 29.62 -6.22
C LYS B 185 -38.40 30.60 -6.44
N GLY B 186 -38.37 31.22 -7.62
CA GLY B 186 -37.46 32.30 -7.90
C GLY B 186 -38.19 33.48 -8.49
N TYR B 187 -37.67 34.69 -8.29
CA TYR B 187 -38.39 35.88 -8.74
C TYR B 187 -37.40 37.02 -8.93
N GLN B 188 -37.64 37.85 -9.95
CA GLN B 188 -36.95 39.13 -10.07
C GLN B 188 -37.84 40.10 -10.81
N PRO B 189 -37.69 41.40 -10.59
CA PRO B 189 -38.35 42.38 -11.46
C PRO B 189 -37.66 42.48 -12.80
N ILE B 190 -38.46 42.67 -13.85
CA ILE B 190 -37.96 42.71 -15.21
C ILE B 190 -38.67 43.81 -15.98
N ASP B 191 -38.12 44.10 -17.16
CA ASP B 191 -38.68 45.06 -18.11
C ASP B 191 -38.32 44.50 -19.48
N VAL B 192 -39.23 43.71 -20.04
CA VAL B 192 -38.88 42.68 -21.02
C VAL B 192 -39.74 42.85 -22.26
N VAL B 193 -39.07 42.98 -23.42
CA VAL B 193 -39.75 43.08 -24.70
C VAL B 193 -39.96 41.70 -25.33
N ARG B 194 -38.89 40.93 -25.44
CA ARG B 194 -38.92 39.65 -26.15
C ARG B 194 -38.42 38.51 -25.28
N ASP B 195 -38.19 37.35 -25.89
CA ASP B 195 -38.30 36.00 -25.33
C ASP B 195 -37.87 35.82 -23.87
N LEU B 196 -36.67 36.23 -23.51
CA LEU B 196 -36.17 36.02 -22.15
C LEU B 196 -35.04 36.99 -21.88
N PRO B 197 -34.88 37.46 -20.65
CA PRO B 197 -33.66 38.21 -20.31
C PRO B 197 -32.52 37.27 -19.93
N SER B 198 -31.32 37.64 -20.37
CA SER B 198 -30.12 36.99 -19.88
C SER B 198 -29.80 37.48 -18.47
N GLY B 199 -29.21 36.60 -17.67
CA GLY B 199 -28.81 36.96 -16.33
C GLY B 199 -28.96 35.80 -15.35
N PHE B 200 -28.43 36.00 -14.16
CA PHE B 200 -28.35 34.97 -13.13
C PHE B 200 -29.44 35.16 -12.08
N ASN B 201 -30.07 34.06 -11.68
CA ASN B 201 -31.13 34.08 -10.68
C ASN B 201 -31.23 32.69 -10.05
N THR B 202 -31.25 32.63 -8.73
CA THR B 202 -31.32 31.36 -8.02
C THR B 202 -32.76 30.97 -7.75
N LEU B 203 -32.92 29.86 -7.04
CA LEU B 203 -34.20 29.48 -6.46
C LEU B 203 -33.97 29.01 -5.04
N LYS B 204 -35.02 29.05 -4.23
CA LYS B 204 -35.02 28.71 -2.82
C LYS B 204 -36.13 27.72 -2.52
N PRO B 205 -35.97 26.87 -1.50
CA PRO B 205 -37.03 25.88 -1.22
C PRO B 205 -38.24 26.52 -0.59
N ILE B 206 -39.43 26.12 -1.07
CA ILE B 206 -40.70 26.57 -0.53
C ILE B 206 -41.57 25.39 -0.10
N PHE B 207 -41.66 24.35 -0.94
CA PHE B 207 -42.63 23.30 -0.74
C PHE B 207 -41.98 21.93 -0.64
N LYS B 208 -42.46 21.12 0.30
CA LYS B 208 -42.09 19.72 0.47
C LYS B 208 -43.40 18.94 0.48
N LEU B 209 -43.76 18.31 -0.63
CA LEU B 209 -45.14 17.89 -0.87
C LEU B 209 -45.29 16.38 -1.05
N PRO B 210 -45.65 15.63 0.00
CA PRO B 210 -45.90 14.19 -0.15
C PRO B 210 -47.19 13.88 -0.89
N LEU B 211 -47.14 13.91 -2.22
CA LEU B 211 -48.36 13.82 -3.02
C LEU B 211 -48.68 12.40 -3.46
N GLY B 212 -47.66 11.57 -3.70
CA GLY B 212 -47.88 10.16 -3.90
C GLY B 212 -48.46 9.74 -5.23
N ILE B 213 -48.28 10.54 -6.29
CA ILE B 213 -48.80 10.17 -7.60
C ILE B 213 -47.63 9.82 -8.51
N ASN B 214 -47.91 9.04 -9.55
CA ASN B 214 -46.90 8.67 -10.54
C ASN B 214 -46.71 9.87 -11.46
N ILE B 215 -45.62 10.60 -11.27
CA ILE B 215 -45.43 11.89 -11.93
C ILE B 215 -44.65 11.62 -13.23
N THR B 216 -45.38 11.48 -14.33
CA THR B 216 -44.77 11.27 -15.64
C THR B 216 -45.19 12.26 -16.71
N ASN B 217 -46.23 13.06 -16.47
CA ASN B 217 -46.64 14.10 -17.41
C ASN B 217 -47.04 15.35 -16.63
N PHE B 218 -47.08 16.48 -17.33
CA PHE B 218 -47.62 17.67 -16.72
C PHE B 218 -48.35 18.49 -17.78
N ARG B 219 -49.41 19.17 -17.33
CA ARG B 219 -50.15 20.12 -18.13
C ARG B 219 -50.19 21.44 -17.36
N ALA B 220 -49.44 22.43 -17.83
CA ALA B 220 -49.30 23.70 -17.12
C ALA B 220 -50.58 24.49 -17.27
N ILE B 221 -51.34 24.64 -16.18
CA ILE B 221 -52.65 25.27 -16.27
C ILE B 221 -52.46 26.76 -16.51
N LEU B 222 -53.00 27.23 -17.62
CA LEU B 222 -52.86 28.63 -17.98
C LEU B 222 -54.05 29.40 -17.40
N THR B 223 -54.13 30.68 -17.73
CA THR B 223 -55.22 31.52 -17.30
C THR B 223 -56.02 31.98 -18.52
N ALA B 224 -57.32 31.69 -18.53
CA ALA B 224 -58.19 32.10 -19.62
C ALA B 224 -58.69 33.51 -19.39
N PHE B 225 -58.83 34.26 -20.48
CA PHE B 225 -59.18 35.69 -20.47
C PHE B 225 -60.26 35.95 -21.50
N SER B 226 -61.50 36.15 -21.06
CA SER B 226 -62.57 36.63 -21.93
C SER B 226 -63.61 37.30 -21.04
N PRO B 227 -64.24 38.40 -21.50
CA PRO B 227 -65.28 39.04 -20.70
C PRO B 227 -66.59 38.24 -20.70
N ILE B 231 -66.93 30.22 -24.25
CA ILE B 231 -66.02 30.92 -25.15
C ILE B 231 -65.06 31.76 -24.33
N TRP B 232 -63.89 31.20 -24.05
CA TRP B 232 -62.84 31.88 -23.30
C TRP B 232 -61.60 32.03 -24.17
N GLY B 233 -60.80 33.05 -23.88
CA GLY B 233 -59.58 33.28 -24.61
C GLY B 233 -58.36 33.25 -23.71
N THR B 234 -57.46 34.21 -23.90
CA THR B 234 -56.23 34.38 -23.10
C THR B 234 -55.64 35.75 -23.44
N SER B 235 -54.46 36.04 -22.92
CA SER B 235 -53.69 37.22 -23.33
C SER B 235 -52.20 36.92 -23.20
N ALA B 236 -51.39 37.98 -23.23
CA ALA B 236 -49.96 37.88 -23.51
C ALA B 236 -49.18 37.29 -22.34
N ALA B 237 -48.39 36.25 -22.63
CA ALA B 237 -47.53 35.61 -21.66
C ALA B 237 -46.46 34.81 -22.40
N ALA B 238 -45.21 35.02 -22.03
CA ALA B 238 -44.08 34.29 -22.60
C ALA B 238 -43.51 33.38 -21.53
N TYR B 239 -43.62 32.08 -21.75
CA TYR B 239 -43.26 31.07 -20.76
C TYR B 239 -42.65 29.88 -21.48
N PHE B 240 -41.82 29.13 -20.78
CA PHE B 240 -40.97 28.14 -21.43
C PHE B 240 -41.21 26.76 -20.84
N VAL B 241 -40.50 25.78 -21.39
CA VAL B 241 -40.38 24.43 -20.82
C VAL B 241 -38.92 24.02 -20.91
N GLY B 242 -38.32 23.66 -19.77
CA GLY B 242 -36.98 23.14 -19.75
C GLY B 242 -36.93 21.83 -18.97
N TYR B 243 -35.80 21.14 -19.11
CA TYR B 243 -35.64 19.78 -18.57
C TYR B 243 -34.44 19.71 -17.65
N LEU B 244 -34.64 19.08 -16.48
CA LEU B 244 -33.59 18.91 -15.49
C LEU B 244 -32.78 17.67 -15.79
N LYS B 245 -31.46 17.81 -15.82
CA LYS B 245 -30.62 16.70 -16.21
C LYS B 245 -29.53 16.47 -15.16
N PRO B 246 -29.08 15.22 -14.97
CA PRO B 246 -28.07 14.93 -13.94
C PRO B 246 -26.67 15.41 -14.30
N THR B 247 -26.48 16.72 -14.32
CA THR B 247 -25.24 17.33 -14.77
C THR B 247 -24.45 17.86 -13.57
N THR B 248 -23.16 18.07 -13.78
CA THR B 248 -22.26 18.44 -12.70
C THR B 248 -22.12 19.96 -12.66
N PHE B 249 -22.40 20.57 -11.52
CA PHE B 249 -22.25 22.00 -11.36
C PHE B 249 -21.23 22.35 -10.28
N MET B 250 -20.53 23.45 -10.50
CA MET B 250 -19.81 24.17 -9.47
C MET B 250 -20.77 25.14 -8.78
N LEU B 251 -20.55 25.38 -7.49
CA LEU B 251 -21.43 26.25 -6.70
C LEU B 251 -20.57 27.24 -5.91
N LYS B 252 -20.28 28.39 -6.51
CA LYS B 252 -19.48 29.41 -5.83
C LYS B 252 -20.31 30.12 -4.75
N TYR B 253 -19.88 30.02 -3.51
CA TYR B 253 -20.58 30.68 -2.41
C TYR B 253 -19.78 31.90 -1.97
N ASP B 254 -20.48 33.01 -1.74
CA ASP B 254 -19.85 34.23 -1.22
C ASP B 254 -19.75 34.13 0.30
N GLU B 255 -19.44 35.25 0.95
CA GLU B 255 -19.26 35.23 2.39
C GLU B 255 -20.58 35.16 3.15
N ASN B 256 -21.70 35.49 2.52
CA ASN B 256 -23.00 35.33 3.16
C ASN B 256 -23.64 33.98 2.86
N GLY B 257 -23.02 33.15 2.04
CA GLY B 257 -23.66 31.90 1.66
C GLY B 257 -24.70 32.04 0.57
N THR B 258 -24.66 33.12 -0.20
CA THR B 258 -25.50 33.23 -1.39
C THR B 258 -24.75 32.59 -2.56
N ILE B 259 -25.43 31.72 -3.29
CA ILE B 259 -24.87 31.22 -4.54
C ILE B 259 -24.79 32.40 -5.50
N THR B 260 -23.58 32.80 -5.85
CA THR B 260 -23.36 33.97 -6.67
C THR B 260 -23.05 33.65 -8.13
N ASP B 261 -22.47 32.48 -8.39
CA ASP B 261 -22.23 32.05 -9.75
C ASP B 261 -22.21 30.53 -9.75
N ALA B 262 -22.26 29.96 -10.94
CA ALA B 262 -22.20 28.51 -11.11
C ALA B 262 -21.60 28.22 -12.47
N VAL B 263 -20.98 27.05 -12.61
CA VAL B 263 -20.38 26.61 -13.86
C VAL B 263 -20.83 25.18 -14.13
N ASP B 264 -21.42 24.96 -15.30
CA ASP B 264 -21.67 23.61 -15.79
C ASP B 264 -20.38 23.00 -16.27
N CYS B 265 -20.18 21.71 -15.97
CA CYS B 265 -18.98 21.05 -16.45
C CYS B 265 -19.13 20.58 -17.90
N SER B 266 -20.35 20.27 -18.34
CA SER B 266 -20.56 19.57 -19.59
C SER B 266 -20.89 20.48 -20.75
N GLN B 267 -20.50 21.76 -20.71
CA GLN B 267 -20.79 22.64 -21.84
C GLN B 267 -19.73 22.50 -22.93
N ASN B 268 -18.50 22.84 -22.59
CA ASN B 268 -17.41 23.02 -23.54
C ASN B 268 -16.13 22.69 -22.79
N PRO B 269 -15.02 22.40 -23.50
CA PRO B 269 -13.82 21.96 -22.78
C PRO B 269 -13.19 23.03 -21.89
N LEU B 270 -13.55 24.29 -22.05
CA LEU B 270 -13.15 25.31 -21.10
C LEU B 270 -13.78 25.06 -19.75
N ALA B 271 -15.07 24.79 -19.72
CA ALA B 271 -15.77 24.66 -18.45
C ALA B 271 -15.72 23.24 -17.90
N GLU B 272 -15.24 22.28 -18.68
CA GLU B 272 -14.94 20.99 -18.09
C GLU B 272 -13.60 21.05 -17.39
N LEU B 273 -12.76 22.01 -17.79
CA LEU B 273 -11.49 22.23 -17.14
C LEU B 273 -11.67 22.91 -15.79
N LYS B 274 -12.68 23.77 -15.67
CA LYS B 274 -12.92 24.52 -14.44
C LYS B 274 -13.29 23.60 -13.31
N CYS B 275 -14.03 22.53 -13.61
CA CYS B 275 -14.43 21.57 -12.61
C CYS B 275 -13.26 20.72 -12.14
N SER B 276 -12.20 20.63 -12.94
CA SER B 276 -11.01 19.90 -12.51
C SER B 276 -10.09 20.77 -11.67
N VAL B 277 -9.93 22.03 -12.06
CA VAL B 277 -9.08 22.96 -11.33
C VAL B 277 -9.76 23.40 -10.03
N LYS B 278 -11.10 23.38 -10.01
CA LYS B 278 -11.95 23.97 -8.96
C LYS B 278 -11.64 25.45 -8.77
N SER B 279 -11.89 26.22 -9.82
CA SER B 279 -11.70 27.67 -9.81
C SER B 279 -12.38 28.27 -11.04
N PHE B 280 -12.48 29.59 -11.04
CA PHE B 280 -12.68 30.33 -12.28
C PHE B 280 -11.36 30.71 -12.91
N GLU B 281 -10.37 31.00 -12.08
CA GLU B 281 -9.04 31.32 -12.55
C GLU B 281 -8.30 30.05 -12.93
N ILE B 282 -7.85 29.98 -14.17
CA ILE B 282 -7.05 28.85 -14.65
C ILE B 282 -5.82 29.41 -15.33
N ASP B 283 -4.65 28.99 -14.87
CA ASP B 283 -3.38 29.42 -15.43
C ASP B 283 -3.21 28.81 -16.81
N LYS B 284 -2.30 29.39 -17.58
CA LYS B 284 -2.02 28.91 -18.93
C LYS B 284 -1.25 27.59 -18.88
N GLY B 285 -1.64 26.65 -19.73
CA GLY B 285 -0.91 25.41 -19.84
C GLY B 285 -1.79 24.26 -20.32
N ILE B 286 -1.42 23.06 -19.89
CA ILE B 286 -2.13 21.83 -20.21
C ILE B 286 -2.47 21.11 -18.91
N TYR B 287 -3.72 20.68 -18.78
CA TYR B 287 -4.19 20.03 -17.57
C TYR B 287 -4.83 18.71 -17.94
N GLN B 288 -4.39 17.64 -17.29
CA GLN B 288 -5.02 16.34 -17.47
C GLN B 288 -6.46 16.38 -17.02
N THR B 289 -7.37 16.06 -17.92
CA THR B 289 -8.76 15.83 -17.56
C THR B 289 -9.11 14.38 -17.86
N SER B 290 -10.36 14.02 -17.58
CA SER B 290 -10.74 12.63 -17.49
C SER B 290 -10.76 11.95 -18.85
N ASN B 291 -10.62 10.63 -18.82
CA ASN B 291 -10.30 9.86 -20.02
C ASN B 291 -11.53 9.74 -20.93
N PHE B 292 -11.27 9.31 -22.15
CA PHE B 292 -12.32 9.15 -23.15
C PHE B 292 -12.42 7.69 -23.57
N ARG B 293 -13.64 7.22 -23.72
CA ARG B 293 -13.93 5.90 -24.26
C ARG B 293 -14.79 6.04 -25.51
N VAL B 294 -14.85 4.98 -26.29
CA VAL B 294 -15.61 4.99 -27.53
C VAL B 294 -16.73 3.97 -27.43
N VAL B 295 -17.96 4.44 -27.64
CA VAL B 295 -19.16 3.61 -27.52
C VAL B 295 -19.17 2.59 -28.65
N PRO B 296 -19.32 1.30 -28.34
CA PRO B 296 -19.40 0.29 -29.39
C PRO B 296 -20.72 0.41 -30.14
N SER B 297 -20.72 -0.10 -31.36
CA SER B 297 -21.89 0.00 -32.23
C SER B 297 -22.11 -1.36 -32.89
N GLY B 298 -22.91 -2.19 -32.24
CA GLY B 298 -23.37 -3.45 -32.82
C GLY B 298 -22.90 -4.65 -32.04
N ASP B 299 -23.24 -5.82 -32.58
CA ASP B 299 -22.83 -7.09 -32.03
C ASP B 299 -22.58 -8.05 -33.17
N VAL B 300 -21.43 -8.72 -33.13
CA VAL B 300 -21.09 -9.75 -34.10
C VAL B 300 -21.01 -11.07 -33.35
N VAL B 301 -21.87 -12.00 -33.74
CA VAL B 301 -22.03 -13.26 -33.05
C VAL B 301 -21.85 -14.37 -34.08
N ARG B 302 -20.80 -15.16 -33.92
CA ARG B 302 -20.37 -16.12 -34.93
C ARG B 302 -20.30 -17.50 -34.32
N PHE B 303 -20.89 -18.47 -35.00
CA PHE B 303 -21.14 -19.79 -34.44
C PHE B 303 -21.22 -20.78 -35.60
N PRO B 304 -20.81 -22.05 -35.41
CA PRO B 304 -20.26 -22.83 -36.53
C PRO B 304 -21.24 -23.13 -37.65
N ASN B 305 -20.66 -23.46 -38.80
CA ASN B 305 -21.34 -23.61 -40.07
C ASN B 305 -22.01 -24.98 -40.12
N ILE B 306 -22.39 -25.43 -41.33
CA ILE B 306 -22.74 -26.82 -41.59
C ILE B 306 -21.58 -27.68 -41.11
N THR B 307 -21.85 -28.53 -40.13
CA THR B 307 -20.86 -29.39 -39.51
C THR B 307 -21.61 -30.63 -39.01
N ASN B 308 -21.01 -31.36 -38.08
CA ASN B 308 -21.68 -32.52 -37.48
C ASN B 308 -22.79 -32.00 -36.57
N LEU B 309 -23.95 -31.76 -37.17
CA LEU B 309 -25.08 -31.18 -36.48
C LEU B 309 -25.85 -32.30 -35.80
N CYS B 310 -27.03 -31.99 -35.25
CA CYS B 310 -27.97 -33.03 -34.89
C CYS B 310 -28.58 -33.61 -36.16
N PRO B 311 -29.13 -34.83 -36.10
CA PRO B 311 -29.97 -35.31 -37.21
C PRO B 311 -31.37 -34.71 -37.19
N PHE B 312 -31.45 -33.40 -37.44
CA PHE B 312 -32.74 -32.71 -37.49
C PHE B 312 -33.58 -33.18 -38.67
N GLY B 313 -32.93 -33.53 -39.78
CA GLY B 313 -33.63 -34.09 -40.92
C GLY B 313 -33.81 -35.60 -40.86
N GLU B 314 -33.16 -36.27 -39.92
CA GLU B 314 -33.30 -37.71 -39.78
C GLU B 314 -34.04 -38.15 -38.52
N VAL B 315 -34.24 -37.25 -37.56
CA VAL B 315 -34.99 -37.54 -36.35
C VAL B 315 -36.24 -36.69 -36.25
N PHE B 316 -36.14 -35.38 -36.52
CA PHE B 316 -37.30 -34.53 -36.35
C PHE B 316 -38.12 -34.46 -37.62
N ASN B 317 -37.44 -34.53 -38.76
CA ASN B 317 -38.03 -34.48 -40.09
C ASN B 317 -37.91 -35.84 -40.78
N ALA B 318 -38.16 -36.91 -40.00
CA ALA B 318 -37.87 -38.26 -40.49
C ALA B 318 -39.04 -38.79 -41.33
N THR B 319 -38.88 -40.03 -41.77
CA THR B 319 -39.86 -40.63 -42.69
C THR B 319 -41.11 -41.08 -41.94
N LYS B 320 -40.94 -41.84 -40.86
CA LYS B 320 -42.05 -42.30 -40.05
C LYS B 320 -41.70 -42.14 -38.58
N PHE B 321 -42.72 -41.85 -37.77
CA PHE B 321 -42.55 -41.84 -36.31
C PHE B 321 -43.39 -42.96 -35.70
N PRO B 322 -43.01 -43.43 -34.51
CA PRO B 322 -43.91 -44.32 -33.76
C PRO B 322 -45.09 -43.58 -33.16
N SER B 323 -45.99 -44.31 -32.51
CA SER B 323 -47.11 -43.72 -31.80
C SER B 323 -46.65 -43.18 -30.45
N VAL B 324 -47.56 -42.53 -29.71
CA VAL B 324 -47.16 -41.82 -28.50
C VAL B 324 -47.29 -42.70 -27.25
N TYR B 325 -48.02 -43.82 -27.33
CA TYR B 325 -47.89 -44.78 -26.24
C TYR B 325 -46.55 -45.51 -26.29
N ALA B 326 -45.92 -45.57 -27.46
CA ALA B 326 -44.67 -46.29 -27.70
C ALA B 326 -43.70 -45.45 -28.52
N TRP B 327 -43.50 -44.19 -28.12
CA TRP B 327 -42.52 -43.33 -28.78
C TRP B 327 -41.11 -43.86 -28.58
N GLU B 328 -40.24 -43.59 -29.55
CA GLU B 328 -38.86 -44.03 -29.51
C GLU B 328 -37.98 -42.93 -28.95
N ARG B 329 -37.28 -43.23 -27.86
CA ARG B 329 -36.27 -42.32 -27.30
C ARG B 329 -35.04 -42.40 -28.21
N LYS B 330 -35.11 -41.70 -29.34
CA LYS B 330 -33.93 -41.53 -30.16
C LYS B 330 -32.94 -40.66 -29.41
N LYS B 331 -31.66 -40.94 -29.60
CA LYS B 331 -30.61 -40.26 -28.86
C LYS B 331 -29.70 -39.54 -29.85
N ILE B 332 -29.55 -38.25 -29.66
CA ILE B 332 -28.65 -37.43 -30.48
C ILE B 332 -27.33 -37.30 -29.74
N SER B 333 -26.24 -37.65 -30.43
CA SER B 333 -24.89 -37.40 -29.94
C SER B 333 -24.12 -36.65 -31.03
N ASN B 334 -23.09 -35.92 -30.58
CA ASN B 334 -22.13 -35.19 -31.43
C ASN B 334 -22.84 -34.20 -32.35
N CYS B 335 -23.47 -33.21 -31.74
CA CYS B 335 -24.35 -32.29 -32.45
C CYS B 335 -23.94 -30.83 -32.27
N VAL B 336 -24.22 -30.05 -33.30
CA VAL B 336 -24.16 -28.59 -33.28
C VAL B 336 -25.56 -28.13 -33.70
N ALA B 337 -26.36 -27.67 -32.74
CA ALA B 337 -27.80 -27.52 -32.96
C ALA B 337 -28.13 -26.08 -33.39
N ASP B 338 -28.01 -25.82 -34.69
CA ASP B 338 -28.31 -24.52 -35.25
C ASP B 338 -29.77 -24.38 -35.70
N TYR B 339 -30.55 -25.46 -35.60
CA TYR B 339 -32.00 -25.50 -35.88
C TYR B 339 -32.28 -25.12 -37.33
N SER B 340 -31.74 -25.94 -38.25
CA SER B 340 -31.73 -25.60 -39.67
C SER B 340 -33.12 -25.66 -40.28
N VAL B 341 -33.84 -26.75 -40.07
CA VAL B 341 -35.22 -26.84 -40.53
C VAL B 341 -36.14 -26.76 -39.32
N LEU B 342 -35.68 -26.10 -38.27
CA LEU B 342 -36.47 -26.00 -37.05
C LEU B 342 -36.82 -24.56 -36.71
N TYR B 343 -35.82 -23.68 -36.57
CA TYR B 343 -36.10 -22.26 -36.35
C TYR B 343 -36.22 -21.52 -37.67
N ASN B 344 -35.41 -21.89 -38.65
CA ASN B 344 -35.45 -21.30 -39.99
C ASN B 344 -36.34 -22.13 -40.92
N SER B 345 -37.58 -22.37 -40.48
CA SER B 345 -38.49 -23.17 -41.28
C SER B 345 -39.93 -22.81 -40.94
N THR B 346 -40.80 -23.04 -41.92
CA THR B 346 -42.24 -22.87 -41.78
C THR B 346 -42.92 -24.13 -41.27
N PHE B 347 -42.15 -25.19 -41.02
CA PHE B 347 -42.71 -26.46 -40.55
C PHE B 347 -43.23 -26.34 -39.13
N PHE B 348 -42.39 -25.88 -38.20
CA PHE B 348 -42.75 -25.84 -36.80
C PHE B 348 -43.71 -24.71 -36.48
N SER B 349 -44.57 -24.94 -35.49
CA SER B 349 -45.64 -24.02 -35.18
C SER B 349 -45.88 -23.77 -33.70
N THR B 350 -45.14 -24.42 -32.80
CA THR B 350 -45.41 -24.32 -31.37
C THR B 350 -44.27 -23.67 -30.61
N PHE B 351 -43.04 -24.20 -30.74
CA PHE B 351 -41.82 -23.66 -30.15
C PHE B 351 -41.89 -23.59 -28.62
N LYS B 352 -42.61 -24.52 -28.00
CA LYS B 352 -42.88 -24.46 -26.56
C LYS B 352 -41.65 -24.96 -25.82
N CYS B 353 -40.83 -24.01 -25.39
CA CYS B 353 -39.55 -24.29 -24.75
C CYS B 353 -39.62 -23.83 -23.30
N TYR B 354 -39.30 -24.72 -22.38
CA TYR B 354 -39.37 -24.39 -20.95
C TYR B 354 -37.99 -24.42 -20.31
N ALA B 358 -37.06 -21.66 -32.14
CA ALA B 358 -37.18 -22.12 -30.76
C ALA B 358 -36.16 -21.41 -29.88
N THR B 359 -36.48 -21.30 -28.58
CA THR B 359 -35.65 -20.52 -27.67
C THR B 359 -34.36 -21.24 -27.30
N LYS B 360 -34.38 -22.57 -27.30
CA LYS B 360 -33.20 -23.36 -26.97
C LYS B 360 -32.26 -23.53 -28.17
N LEU B 361 -32.36 -22.65 -29.19
CA LEU B 361 -31.21 -22.42 -30.05
C LEU B 361 -30.02 -21.98 -29.22
N ASN B 362 -30.27 -21.03 -28.32
CA ASN B 362 -29.22 -20.44 -27.50
C ASN B 362 -28.83 -21.34 -26.34
N ASP B 363 -29.80 -22.04 -25.74
CA ASP B 363 -29.63 -22.61 -24.40
C ASP B 363 -29.74 -24.13 -24.37
N LEU B 364 -29.56 -24.81 -25.50
CA LEU B 364 -29.38 -26.27 -25.51
C LEU B 364 -27.89 -26.55 -25.45
N CYS B 365 -27.38 -26.94 -24.28
CA CYS B 365 -26.00 -27.40 -24.20
C CYS B 365 -25.95 -28.33 -22.99
N PHE B 366 -26.00 -29.63 -23.24
CA PHE B 366 -26.22 -30.61 -22.19
C PHE B 366 -25.69 -31.95 -22.70
N SER B 367 -26.13 -33.04 -22.06
CA SER B 367 -25.82 -34.41 -22.49
C SER B 367 -26.65 -34.80 -23.71
N ASN B 368 -26.75 -36.10 -24.00
CA ASN B 368 -27.45 -36.55 -25.20
C ASN B 368 -28.93 -36.20 -25.15
N VAL B 369 -29.46 -35.82 -26.32
CA VAL B 369 -30.87 -35.49 -26.44
C VAL B 369 -31.69 -36.76 -26.28
N TYR B 370 -32.66 -36.74 -25.38
CA TYR B 370 -33.73 -37.73 -25.44
C TYR B 370 -34.73 -37.25 -26.49
N ALA B 371 -34.39 -37.50 -27.74
CA ALA B 371 -35.20 -37.07 -28.87
C ALA B 371 -36.39 -38.01 -28.96
N ASP B 372 -37.43 -37.67 -28.20
CA ASP B 372 -38.60 -38.51 -28.03
C ASP B 372 -39.58 -38.19 -29.16
N SER B 373 -39.77 -39.14 -30.07
CA SER B 373 -40.32 -38.87 -31.39
C SER B 373 -41.63 -39.63 -31.59
N PHE B 374 -42.65 -38.93 -32.09
CA PHE B 374 -44.03 -39.41 -32.04
C PHE B 374 -44.95 -38.49 -32.83
N VAL B 375 -46.17 -38.97 -33.10
CA VAL B 375 -47.18 -38.27 -33.91
C VAL B 375 -48.42 -38.05 -33.07
N VAL B 376 -48.81 -36.78 -32.89
CA VAL B 376 -50.03 -36.45 -32.16
C VAL B 376 -51.02 -35.77 -33.10
N LYS B 377 -52.29 -35.74 -32.67
CA LYS B 377 -53.28 -34.86 -33.29
C LYS B 377 -52.97 -33.41 -32.94
N GLY B 378 -53.60 -32.49 -33.68
CA GLY B 378 -53.46 -31.07 -33.38
C GLY B 378 -54.03 -30.68 -32.04
N ASP B 379 -55.12 -31.33 -31.61
CA ASP B 379 -55.62 -31.16 -30.25
C ASP B 379 -54.67 -31.74 -29.22
N ASP B 380 -53.95 -32.79 -29.58
CA ASP B 380 -52.99 -33.44 -28.71
C ASP B 380 -51.61 -32.77 -28.73
N VAL B 381 -51.46 -31.62 -29.39
CA VAL B 381 -50.18 -30.94 -29.41
C VAL B 381 -49.94 -30.20 -28.10
N ARG B 382 -50.91 -29.38 -27.69
CA ARG B 382 -50.75 -28.58 -26.49
C ARG B 382 -50.84 -29.39 -25.20
N GLN B 383 -51.17 -30.69 -25.30
CA GLN B 383 -51.03 -31.62 -24.18
C GLN B 383 -49.58 -31.95 -23.86
N ILE B 384 -48.65 -31.59 -24.73
CA ILE B 384 -47.26 -31.99 -24.61
C ILE B 384 -46.53 -30.83 -23.94
N ALA B 385 -46.44 -30.89 -22.61
CA ALA B 385 -45.80 -29.94 -21.70
C ALA B 385 -45.88 -30.57 -20.31
N PRO B 386 -45.15 -30.07 -19.31
CA PRO B 386 -45.44 -30.48 -17.93
C PRO B 386 -46.76 -29.91 -17.47
N GLY B 387 -47.32 -30.54 -16.46
CA GLY B 387 -48.74 -30.36 -16.20
C GLY B 387 -49.50 -30.96 -17.36
N GLN B 388 -50.51 -30.22 -17.83
CA GLN B 388 -51.30 -30.54 -19.03
C GLN B 388 -51.93 -31.93 -18.95
N THR B 389 -52.81 -32.09 -17.96
CA THR B 389 -53.31 -33.41 -17.59
C THR B 389 -54.29 -33.96 -18.62
N GLY B 390 -53.78 -34.31 -19.80
CA GLY B 390 -54.56 -34.89 -20.86
C GLY B 390 -54.28 -36.38 -20.99
N VAL B 391 -54.53 -36.92 -22.19
CA VAL B 391 -54.30 -38.33 -22.44
C VAL B 391 -52.84 -38.67 -22.67
N ILE B 392 -51.97 -37.67 -22.82
CA ILE B 392 -50.57 -37.90 -23.15
C ILE B 392 -49.65 -37.69 -21.95
N ALA B 393 -49.80 -36.57 -21.25
CA ALA B 393 -48.98 -36.35 -20.06
C ALA B 393 -49.38 -37.23 -18.89
N ASP B 394 -50.56 -37.87 -18.95
CA ASP B 394 -50.95 -38.80 -17.91
C ASP B 394 -50.82 -40.26 -18.32
N TYR B 395 -50.81 -40.56 -19.63
CA TYR B 395 -50.78 -41.95 -20.08
C TYR B 395 -49.85 -42.24 -21.24
N ASN B 396 -49.32 -41.26 -21.96
CA ASN B 396 -48.40 -41.52 -23.06
C ASN B 396 -47.01 -40.95 -22.81
N TYR B 397 -46.89 -39.64 -22.58
CA TYR B 397 -45.59 -38.98 -22.59
C TYR B 397 -45.71 -37.68 -21.82
N LYS B 398 -45.05 -37.60 -20.66
CA LYS B 398 -45.06 -36.42 -19.81
C LYS B 398 -43.70 -35.75 -19.86
N LEU B 399 -43.68 -34.43 -19.69
CA LEU B 399 -42.38 -33.78 -19.63
C LEU B 399 -42.05 -33.35 -18.21
N PRO B 400 -40.77 -33.29 -17.85
CA PRO B 400 -40.40 -32.67 -16.57
C PRO B 400 -40.20 -31.17 -16.77
N ASP B 401 -40.21 -30.45 -15.65
CA ASP B 401 -39.99 -29.01 -15.70
C ASP B 401 -38.52 -28.64 -15.80
N ASP B 402 -37.61 -29.60 -15.70
CA ASP B 402 -36.18 -29.29 -15.68
C ASP B 402 -35.37 -30.03 -16.74
N PHE B 403 -35.67 -31.31 -16.99
CA PHE B 403 -34.96 -32.07 -18.02
C PHE B 403 -35.73 -31.98 -19.34
N MET B 404 -35.89 -30.76 -19.82
CA MET B 404 -36.74 -30.49 -20.97
C MET B 404 -36.23 -29.29 -21.74
N GLY B 405 -36.23 -29.39 -23.07
CA GLY B 405 -36.08 -28.23 -23.91
C GLY B 405 -37.38 -27.81 -24.57
N CYS B 406 -37.54 -28.13 -25.85
CA CYS B 406 -38.62 -27.59 -26.67
C CYS B 406 -39.57 -28.68 -27.13
N VAL B 407 -40.87 -28.35 -27.16
CA VAL B 407 -41.87 -29.15 -27.85
C VAL B 407 -42.01 -28.58 -29.26
N LEU B 408 -41.75 -29.41 -30.26
CA LEU B 408 -41.57 -28.95 -31.63
C LEU B 408 -42.43 -29.80 -32.56
N ALA B 409 -43.42 -29.17 -33.20
CA ALA B 409 -44.49 -29.86 -33.91
C ALA B 409 -44.63 -29.32 -35.32
N TRP B 410 -44.44 -30.18 -36.33
CA TRP B 410 -44.54 -29.75 -37.72
C TRP B 410 -45.70 -30.44 -38.43
N ASN B 411 -46.33 -29.68 -39.34
CA ASN B 411 -47.62 -30.06 -39.91
C ASN B 411 -47.44 -31.14 -40.95
N THR B 412 -48.04 -32.31 -40.70
CA THR B 412 -47.87 -33.50 -41.53
C THR B 412 -49.21 -34.01 -42.04
N ARG B 413 -50.12 -33.09 -42.38
CA ARG B 413 -51.42 -33.47 -42.92
C ARG B 413 -51.29 -34.20 -44.25
N ASN B 414 -50.46 -33.68 -45.16
CA ASN B 414 -50.19 -34.32 -46.43
C ASN B 414 -49.11 -35.40 -46.35
N ILE B 415 -48.71 -35.79 -45.14
CA ILE B 415 -47.67 -36.78 -44.93
C ILE B 415 -48.22 -38.03 -44.24
N ASP B 416 -48.98 -37.84 -43.16
CA ASP B 416 -49.40 -38.93 -42.29
C ASP B 416 -50.91 -39.16 -42.25
N ALA B 417 -51.72 -38.19 -42.63
CA ALA B 417 -53.16 -38.31 -42.50
C ALA B 417 -53.78 -38.98 -43.72
N THR B 418 -55.04 -39.39 -43.57
CA THR B 418 -55.80 -40.08 -44.60
C THR B 418 -57.17 -39.41 -44.69
N SER B 419 -57.68 -39.23 -45.92
CA SER B 419 -58.91 -38.48 -46.15
C SER B 419 -60.15 -39.16 -45.57
N THR B 420 -60.10 -40.47 -45.33
CA THR B 420 -61.14 -41.16 -44.58
C THR B 420 -60.77 -41.37 -43.12
N GLY B 421 -59.49 -41.25 -42.78
CA GLY B 421 -59.04 -41.44 -41.41
C GLY B 421 -57.87 -42.40 -41.31
N ASN B 422 -56.78 -41.96 -40.69
CA ASN B 422 -55.63 -42.82 -40.47
C ASN B 422 -55.74 -43.32 -39.04
N TYR B 423 -56.29 -44.51 -38.88
CA TYR B 423 -56.50 -45.15 -37.58
C TYR B 423 -55.38 -46.13 -37.24
N ASN B 424 -54.18 -45.89 -37.76
CA ASN B 424 -53.04 -46.78 -37.57
C ASN B 424 -52.14 -46.37 -36.42
N TYR B 425 -52.22 -45.12 -35.98
CA TYR B 425 -51.47 -44.64 -34.83
C TYR B 425 -52.41 -44.65 -33.63
N LYS B 426 -51.88 -44.98 -32.45
CA LYS B 426 -52.71 -45.14 -31.27
C LYS B 426 -52.12 -44.39 -30.09
N TYR B 427 -52.94 -44.22 -29.05
CA TYR B 427 -52.50 -43.60 -27.82
C TYR B 427 -53.11 -44.34 -26.63
N ARG B 428 -52.44 -44.23 -25.49
CA ARG B 428 -52.89 -44.85 -24.26
C ARG B 428 -53.76 -43.89 -23.48
N TYR B 429 -54.80 -44.43 -22.85
CA TYR B 429 -55.71 -43.63 -22.03
C TYR B 429 -56.01 -44.27 -20.68
N LEU B 430 -55.65 -45.54 -20.47
CA LEU B 430 -55.78 -46.21 -19.19
C LEU B 430 -54.48 -46.90 -18.84
N ARG B 431 -54.09 -46.79 -17.57
CA ARG B 431 -52.87 -47.39 -17.04
C ARG B 431 -53.04 -47.55 -15.53
N HIS B 432 -52.44 -48.60 -14.98
CA HIS B 432 -52.43 -48.82 -13.52
C HIS B 432 -51.49 -47.81 -12.87
N GLY B 433 -51.98 -46.57 -12.76
CA GLY B 433 -51.18 -45.48 -12.27
C GLY B 433 -50.81 -44.50 -13.37
N LYS B 434 -50.31 -43.34 -12.97
CA LYS B 434 -49.96 -42.28 -13.90
C LYS B 434 -48.45 -42.24 -14.10
N LEU B 435 -48.04 -41.91 -15.33
CA LEU B 435 -46.64 -42.03 -15.70
C LEU B 435 -45.80 -40.91 -15.10
N ARG B 436 -44.50 -41.20 -14.97
CA ARG B 436 -43.50 -40.19 -14.71
C ARG B 436 -43.29 -39.38 -15.99
N PRO B 437 -42.53 -38.28 -15.91
CA PRO B 437 -41.96 -37.71 -17.14
C PRO B 437 -41.01 -38.67 -17.82
N PHE B 438 -40.75 -38.39 -19.12
CA PHE B 438 -39.86 -39.13 -20.05
C PHE B 438 -40.11 -40.64 -20.09
N GLU B 439 -41.29 -41.11 -19.69
CA GLU B 439 -41.55 -42.54 -19.57
C GLU B 439 -42.65 -42.96 -20.54
N ARG B 440 -42.43 -44.11 -21.17
CA ARG B 440 -43.38 -44.69 -22.10
C ARG B 440 -43.97 -45.97 -21.54
N ASP B 441 -45.12 -46.36 -22.09
CA ASP B 441 -45.82 -47.57 -21.65
C ASP B 441 -46.24 -48.35 -22.91
N ILE B 442 -45.46 -49.38 -23.24
CA ILE B 442 -45.78 -50.26 -24.36
C ILE B 442 -46.60 -51.46 -23.93
N SER B 443 -46.89 -51.59 -22.65
CA SER B 443 -47.54 -52.77 -22.07
C SER B 443 -49.01 -52.76 -22.44
N ASN B 444 -49.36 -53.58 -23.44
CA ASN B 444 -50.73 -53.67 -23.96
C ASN B 444 -51.52 -54.66 -23.09
N VAL B 445 -51.74 -54.26 -21.85
CA VAL B 445 -52.42 -55.07 -20.84
C VAL B 445 -53.74 -54.38 -20.50
N PRO B 446 -54.87 -55.09 -20.55
CA PRO B 446 -56.16 -54.49 -20.15
C PRO B 446 -56.17 -54.04 -18.70
N PHE B 447 -56.71 -52.84 -18.50
CA PHE B 447 -56.61 -52.12 -17.23
C PHE B 447 -57.77 -52.44 -16.30
N SER B 448 -57.45 -52.80 -15.06
CA SER B 448 -58.45 -52.99 -14.02
C SER B 448 -58.58 -51.72 -13.20
N PRO B 449 -59.77 -51.11 -13.12
CA PRO B 449 -59.86 -49.76 -12.55
C PRO B 449 -59.91 -49.70 -11.03
N ASP B 450 -60.13 -50.82 -10.34
CA ASP B 450 -60.35 -50.77 -8.90
C ASP B 450 -59.57 -51.85 -8.16
N GLY B 451 -58.46 -52.31 -8.74
CA GLY B 451 -57.66 -53.34 -8.09
C GLY B 451 -58.29 -54.71 -8.06
N LYS B 452 -59.19 -55.01 -9.00
CA LYS B 452 -59.75 -56.35 -9.11
C LYS B 452 -58.68 -57.33 -9.55
N PRO B 453 -58.66 -58.55 -8.98
CA PRO B 453 -57.74 -59.58 -9.49
C PRO B 453 -58.13 -60.07 -10.87
N CYS B 454 -57.80 -59.26 -11.88
CA CYS B 454 -58.24 -59.48 -13.24
C CYS B 454 -57.33 -60.49 -13.94
N THR B 455 -57.92 -61.28 -14.83
CA THR B 455 -57.16 -62.13 -15.75
C THR B 455 -57.31 -61.52 -17.13
N PRO B 456 -56.48 -60.54 -17.48
CA PRO B 456 -56.81 -59.62 -18.57
C PRO B 456 -56.63 -60.26 -19.94
N PRO B 457 -57.60 -60.08 -20.87
CA PRO B 457 -58.88 -59.35 -20.72
C PRO B 457 -59.96 -60.16 -20.02
N ALA B 458 -60.75 -59.49 -19.18
CA ALA B 458 -61.76 -60.19 -18.39
C ALA B 458 -62.92 -59.22 -18.15
N LEU B 459 -63.76 -59.54 -17.16
CA LEU B 459 -64.87 -58.68 -16.79
C LEU B 459 -64.35 -57.37 -16.19
N ASN B 460 -64.91 -56.25 -16.68
CA ASN B 460 -64.61 -54.89 -16.27
C ASN B 460 -63.15 -54.49 -16.51
N CYS B 461 -62.46 -55.16 -17.43
CA CYS B 461 -61.10 -54.82 -17.80
C CYS B 461 -61.09 -54.43 -19.27
N TYR B 462 -60.70 -53.18 -19.55
CA TYR B 462 -60.75 -52.62 -20.89
C TYR B 462 -59.35 -52.37 -21.43
N TRP B 463 -59.25 -52.37 -22.75
CA TRP B 463 -57.96 -52.28 -23.42
C TRP B 463 -57.42 -50.85 -23.34
N PRO B 464 -56.09 -50.69 -23.18
CA PRO B 464 -55.54 -49.35 -22.92
C PRO B 464 -55.33 -48.48 -24.15
N LEU B 465 -55.48 -49.00 -25.37
CA LEU B 465 -55.13 -48.26 -26.57
C LEU B 465 -56.38 -47.76 -27.29
N ASN B 466 -56.20 -46.69 -28.08
CA ASN B 466 -57.29 -46.08 -28.82
C ASN B 466 -56.72 -45.32 -30.01
N ASP B 467 -57.44 -45.35 -31.13
CA ASP B 467 -57.01 -44.72 -32.37
C ASP B 467 -57.07 -43.19 -32.26
N TYR B 468 -56.45 -42.53 -33.26
CA TYR B 468 -56.52 -41.08 -33.41
C TYR B 468 -57.54 -40.63 -34.45
N GLY B 469 -57.45 -41.15 -35.66
CA GLY B 469 -58.29 -40.70 -36.75
C GLY B 469 -57.85 -39.41 -37.41
N PHE B 470 -56.68 -39.45 -38.05
CA PHE B 470 -56.15 -38.26 -38.71
C PHE B 470 -56.84 -38.08 -40.07
N TYR B 471 -57.42 -36.91 -40.28
CA TYR B 471 -58.04 -36.56 -41.54
C TYR B 471 -57.17 -35.58 -42.32
N THR B 472 -57.21 -35.69 -43.64
CA THR B 472 -56.72 -34.59 -44.49
C THR B 472 -57.80 -33.58 -44.79
N THR B 473 -59.05 -33.85 -44.41
CA THR B 473 -60.19 -33.00 -44.72
C THR B 473 -60.81 -32.44 -43.45
N THR B 474 -59.98 -31.96 -42.53
CA THR B 474 -60.47 -31.47 -41.24
C THR B 474 -59.87 -30.12 -40.89
N GLY B 475 -60.12 -29.65 -39.66
CA GLY B 475 -59.51 -28.45 -39.16
C GLY B 475 -58.14 -28.72 -38.54
N ILE B 476 -57.64 -27.71 -37.83
CA ILE B 476 -56.27 -27.71 -37.34
C ILE B 476 -56.08 -28.73 -36.21
N GLY B 477 -57.12 -28.94 -35.40
CA GLY B 477 -56.99 -29.77 -34.21
C GLY B 477 -56.95 -31.27 -34.46
N TYR B 478 -57.29 -31.71 -35.67
CA TYR B 478 -57.21 -33.13 -36.01
C TYR B 478 -56.19 -33.39 -37.12
N GLN B 479 -55.33 -32.42 -37.40
CA GLN B 479 -54.17 -32.60 -38.28
C GLN B 479 -53.03 -33.26 -37.50
N PRO B 480 -52.31 -34.19 -38.11
CA PRO B 480 -51.14 -34.77 -37.43
C PRO B 480 -49.97 -33.78 -37.41
N TYR B 481 -49.49 -33.48 -36.23
CA TYR B 481 -48.21 -32.80 -36.06
C TYR B 481 -47.19 -33.83 -35.59
N ARG B 482 -46.16 -34.05 -36.39
CA ARG B 482 -45.04 -34.89 -35.96
C ARG B 482 -44.20 -34.13 -34.95
N VAL B 483 -44.13 -34.64 -33.74
CA VAL B 483 -43.52 -33.94 -32.63
C VAL B 483 -42.32 -34.74 -32.16
N VAL B 484 -41.18 -34.08 -32.04
CA VAL B 484 -40.07 -34.58 -31.24
C VAL B 484 -39.77 -33.55 -30.18
N VAL B 485 -39.72 -33.97 -28.93
CA VAL B 485 -39.53 -33.07 -27.80
C VAL B 485 -38.10 -33.24 -27.30
N LEU B 486 -37.41 -32.13 -27.13
CA LEU B 486 -36.08 -32.09 -26.54
C LEU B 486 -36.24 -32.32 -25.04
N SER B 487 -36.19 -33.58 -24.65
CA SER B 487 -36.08 -33.87 -23.21
C SER B 487 -34.61 -33.68 -22.84
N PHE B 488 -34.31 -32.62 -22.10
CA PHE B 488 -32.93 -32.26 -21.77
C PHE B 488 -32.34 -33.24 -20.76
N GLU B 489 -32.03 -34.45 -21.21
CA GLU B 489 -31.66 -35.50 -20.28
C GLU B 489 -30.92 -36.63 -21.00
N THR B 496 -23.97 -35.42 -25.36
CA THR B 496 -22.87 -34.76 -26.05
C THR B 496 -23.38 -33.90 -27.20
N VAL B 497 -24.24 -32.93 -26.90
CA VAL B 497 -24.76 -31.99 -27.88
C VAL B 497 -24.58 -30.58 -27.31
N CYS B 498 -24.68 -29.58 -28.20
CA CYS B 498 -24.70 -28.19 -27.76
C CYS B 498 -25.31 -27.35 -28.88
N GLY B 499 -26.03 -26.30 -28.49
CA GLY B 499 -26.72 -25.45 -29.44
C GLY B 499 -26.14 -24.05 -29.50
N PRO B 500 -25.57 -23.70 -30.65
CA PRO B 500 -24.96 -22.37 -30.81
C PRO B 500 -26.01 -21.29 -30.97
N LYS B 501 -25.56 -20.05 -30.76
CA LYS B 501 -26.46 -18.89 -30.77
C LYS B 501 -26.94 -18.58 -32.18
N LEU B 502 -27.79 -17.55 -32.27
CA LEU B 502 -28.18 -17.00 -33.56
C LEU B 502 -26.98 -16.32 -34.18
N SER B 503 -26.38 -16.94 -35.18
CA SER B 503 -25.23 -16.38 -35.85
C SER B 503 -25.64 -15.16 -36.68
N THR B 504 -24.72 -14.22 -36.81
CA THR B 504 -24.97 -13.05 -37.62
C THR B 504 -23.69 -12.68 -38.37
N ASP B 505 -23.66 -11.47 -38.91
CA ASP B 505 -22.72 -11.09 -39.95
C ASP B 505 -21.43 -10.51 -39.35
N LEU B 506 -20.36 -10.61 -40.12
CA LEU B 506 -19.06 -10.08 -39.72
C LEU B 506 -18.92 -8.63 -40.15
N ILE B 507 -18.63 -7.74 -39.20
CA ILE B 507 -18.38 -6.33 -39.48
C ILE B 507 -16.98 -6.02 -38.99
N LYS B 508 -16.07 -5.78 -39.93
CA LYS B 508 -14.69 -5.46 -39.62
C LYS B 508 -14.51 -3.96 -39.45
N ASN B 509 -13.39 -3.60 -38.80
CA ASN B 509 -12.88 -2.22 -38.74
C ASN B 509 -13.86 -1.24 -38.12
N GLN B 510 -14.51 -1.65 -37.03
CA GLN B 510 -15.43 -0.79 -36.32
C GLN B 510 -15.55 -1.30 -34.89
N CYS B 511 -15.63 -0.37 -33.94
CA CYS B 511 -15.76 -0.72 -32.53
C CYS B 511 -17.11 -1.37 -32.29
N VAL B 512 -17.12 -2.67 -32.07
CA VAL B 512 -18.34 -3.43 -31.85
C VAL B 512 -18.19 -4.22 -30.57
N ASN B 513 -19.26 -4.91 -30.23
CA ASN B 513 -19.18 -5.98 -29.24
C ASN B 513 -19.09 -7.29 -29.98
N PHE B 514 -18.83 -8.37 -29.25
CA PHE B 514 -18.90 -9.67 -29.87
C PHE B 514 -19.20 -10.73 -28.84
N ASN B 515 -19.63 -11.88 -29.33
CA ASN B 515 -19.67 -13.12 -28.56
C ASN B 515 -19.43 -14.22 -29.59
N PHE B 516 -18.18 -14.65 -29.69
CA PHE B 516 -17.83 -15.84 -30.44
C PHE B 516 -18.13 -17.06 -29.58
N ASN B 517 -17.63 -18.22 -30.02
CA ASN B 517 -17.94 -19.46 -29.33
C ASN B 517 -17.19 -19.48 -28.00
N GLY B 518 -17.85 -18.99 -26.95
CA GLY B 518 -17.25 -18.86 -25.65
C GLY B 518 -16.41 -17.61 -25.42
N LEU B 519 -16.12 -16.84 -26.46
CA LEU B 519 -15.20 -15.71 -26.38
C LEU B 519 -16.01 -14.43 -26.43
N THR B 520 -15.93 -13.64 -25.36
CA THR B 520 -16.68 -12.40 -25.22
C THR B 520 -15.68 -11.24 -25.10
N GLY B 521 -16.20 -10.06 -24.82
CA GLY B 521 -15.42 -8.84 -24.82
C GLY B 521 -15.80 -7.96 -25.99
N THR B 522 -15.19 -6.79 -26.02
CA THR B 522 -15.46 -5.80 -27.06
C THR B 522 -14.23 -5.64 -27.94
N GLY B 523 -14.34 -4.83 -28.97
CA GLY B 523 -13.16 -4.39 -29.69
C GLY B 523 -13.44 -4.18 -31.17
N VAL B 524 -12.36 -4.25 -31.92
CA VAL B 524 -12.34 -4.06 -33.36
C VAL B 524 -11.69 -5.29 -33.97
N LEU B 525 -12.31 -5.85 -35.01
CA LEU B 525 -11.83 -7.08 -35.60
C LEU B 525 -11.26 -6.81 -36.99
N THR B 526 -10.30 -7.63 -37.38
CA THR B 526 -9.51 -7.37 -38.58
C THR B 526 -8.82 -8.66 -39.01
N PRO B 527 -8.56 -8.85 -40.31
CA PRO B 527 -7.88 -10.08 -40.75
C PRO B 527 -6.43 -10.13 -40.30
N SER B 528 -5.92 -11.36 -40.16
CA SER B 528 -4.65 -11.61 -39.49
C SER B 528 -3.81 -12.57 -40.33
N SER B 529 -2.59 -12.79 -39.86
CA SER B 529 -1.63 -13.68 -40.50
C SER B 529 -1.20 -14.80 -39.56
N LYS B 530 -1.94 -15.01 -38.48
CA LYS B 530 -1.53 -15.96 -37.45
C LYS B 530 -1.75 -17.38 -37.95
N ARG B 531 -0.63 -18.07 -38.18
CA ARG B 531 -0.62 -19.44 -38.69
C ARG B 531 -1.07 -20.36 -37.56
N PHE B 532 -2.39 -20.47 -37.41
CA PHE B 532 -2.95 -21.32 -36.38
C PHE B 532 -2.75 -22.78 -36.76
N GLN B 533 -2.65 -23.61 -35.76
CA GLN B 533 -2.68 -25.02 -36.07
C GLN B 533 -4.13 -25.48 -36.16
N PRO B 534 -4.41 -26.54 -36.93
CA PRO B 534 -5.81 -26.94 -37.13
C PRO B 534 -6.49 -27.54 -35.91
N PHE B 535 -5.78 -27.77 -34.80
CA PHE B 535 -6.44 -28.15 -33.56
C PHE B 535 -6.70 -26.95 -32.66
N GLN B 536 -6.38 -25.74 -33.11
CA GLN B 536 -6.47 -24.54 -32.31
C GLN B 536 -7.73 -23.75 -32.64
N GLN B 537 -8.16 -22.93 -31.69
CA GLN B 537 -9.40 -22.18 -31.89
C GLN B 537 -9.21 -20.70 -31.60
N PHE B 538 -8.32 -20.37 -30.68
CA PHE B 538 -8.16 -18.99 -30.26
C PHE B 538 -6.72 -18.78 -29.82
N GLY B 539 -6.19 -17.62 -30.15
CA GLY B 539 -4.86 -17.25 -29.75
C GLY B 539 -4.87 -16.39 -28.50
N ARG B 540 -3.77 -16.46 -27.75
CA ARG B 540 -3.51 -15.55 -26.66
C ARG B 540 -2.27 -14.72 -26.98
N ASP B 541 -2.15 -13.62 -26.27
CA ASP B 541 -1.06 -12.69 -26.50
C ASP B 541 0.10 -13.09 -25.58
N VAL B 542 1.10 -12.22 -25.45
CA VAL B 542 2.21 -12.48 -24.55
C VAL B 542 1.78 -12.39 -23.09
N SER B 543 0.68 -11.69 -22.82
CA SER B 543 -0.09 -11.86 -21.60
C SER B 543 -1.41 -12.55 -21.96
N ASP B 544 -2.00 -13.23 -20.99
CA ASP B 544 -3.05 -14.20 -21.30
C ASP B 544 -4.43 -13.53 -21.43
N PHE B 545 -4.53 -12.66 -22.42
CA PHE B 545 -5.79 -12.13 -22.91
C PHE B 545 -5.96 -12.58 -24.36
N THR B 546 -7.18 -12.91 -24.73
CA THR B 546 -7.44 -13.45 -26.07
C THR B 546 -7.47 -12.29 -27.07
N ASP B 547 -6.46 -12.22 -27.93
CA ASP B 547 -6.44 -11.20 -28.97
C ASP B 547 -6.73 -11.73 -30.36
N SER B 548 -6.76 -13.04 -30.53
CA SER B 548 -6.88 -13.64 -31.85
C SER B 548 -8.01 -14.65 -31.84
N VAL B 549 -8.97 -14.46 -32.73
CA VAL B 549 -10.14 -15.32 -32.83
C VAL B 549 -10.18 -15.91 -34.23
N ARG B 550 -10.22 -17.23 -34.32
CA ARG B 550 -10.60 -17.85 -35.59
C ARG B 550 -12.11 -18.04 -35.60
N ASP B 551 -12.73 -17.57 -36.68
CA ASP B 551 -14.17 -17.66 -36.86
C ASP B 551 -14.62 -19.11 -36.82
N PRO B 552 -15.59 -19.47 -35.97
CA PRO B 552 -16.02 -20.88 -35.89
C PRO B 552 -16.80 -21.33 -37.09
N LYS B 553 -17.26 -20.40 -37.93
CA LYS B 553 -18.11 -20.70 -39.07
C LYS B 553 -17.35 -20.73 -40.38
N THR B 554 -16.40 -19.83 -40.59
CA THR B 554 -15.68 -19.74 -41.85
C THR B 554 -14.21 -20.09 -41.74
N SER B 555 -13.71 -20.40 -40.54
CA SER B 555 -12.29 -20.66 -40.24
C SER B 555 -11.40 -19.51 -40.69
N GLU B 556 -11.90 -18.29 -40.54
CA GLU B 556 -11.17 -17.08 -40.82
C GLU B 556 -10.62 -16.54 -39.51
N ILE B 557 -9.31 -16.39 -39.41
CA ILE B 557 -8.71 -16.04 -38.14
C ILE B 557 -8.50 -14.52 -38.07
N LEU B 558 -8.96 -13.92 -36.99
CA LEU B 558 -9.06 -12.47 -36.90
C LEU B 558 -8.39 -11.98 -35.63
N ASP B 559 -7.73 -10.84 -35.73
CA ASP B 559 -7.18 -10.19 -34.55
C ASP B 559 -8.26 -9.40 -33.84
N ILE B 560 -8.15 -9.31 -32.52
CA ILE B 560 -8.97 -8.41 -31.72
C ILE B 560 -8.11 -7.21 -31.37
N SER B 561 -8.58 -6.06 -31.69
CA SER B 561 -7.99 -4.83 -31.19
C SER B 561 -8.81 -4.33 -30.02
N PRO B 562 -8.28 -3.44 -29.19
CA PRO B 562 -9.14 -2.71 -28.26
C PRO B 562 -10.00 -1.73 -29.02
N CYS B 563 -11.04 -1.20 -28.36
CA CYS B 563 -12.00 -0.39 -29.07
C CYS B 563 -11.43 0.97 -29.45
N ALA B 564 -11.26 1.85 -28.47
CA ALA B 564 -10.38 3.00 -28.43
C ALA B 564 -10.43 3.55 -27.03
N PHE B 565 -9.28 3.77 -26.42
CA PHE B 565 -9.24 4.49 -25.17
C PHE B 565 -7.93 5.25 -25.11
N GLY B 566 -7.90 6.25 -24.25
CA GLY B 566 -6.71 7.05 -24.05
C GLY B 566 -7.00 8.15 -23.04
N GLY B 567 -6.24 9.22 -23.15
CA GLY B 567 -6.41 10.36 -22.26
C GLY B 567 -6.88 11.60 -23.00
N VAL B 568 -7.48 12.51 -22.24
CA VAL B 568 -7.87 13.82 -22.76
C VAL B 568 -7.05 14.87 -22.04
N SER B 569 -6.41 15.75 -22.80
CA SER B 569 -5.76 16.92 -22.27
C SER B 569 -6.44 18.15 -22.85
N VAL B 570 -6.26 19.29 -22.20
CA VAL B 570 -6.88 20.54 -22.61
C VAL B 570 -5.77 21.55 -22.80
N ILE B 571 -5.86 22.34 -23.87
CA ILE B 571 -4.95 23.46 -24.10
C ILE B 571 -5.73 24.74 -23.93
N THR B 572 -5.30 25.59 -23.00
CA THR B 572 -5.89 26.91 -22.87
C THR B 572 -4.78 27.95 -22.75
N PRO B 573 -5.00 29.14 -23.31
CA PRO B 573 -4.06 30.24 -23.10
C PRO B 573 -4.22 30.97 -21.79
N GLY B 574 -5.19 30.58 -20.97
CA GLY B 574 -5.48 31.28 -19.74
C GLY B 574 -6.83 31.95 -19.86
N THR B 575 -7.66 31.81 -18.81
CA THR B 575 -8.98 32.43 -18.77
C THR B 575 -8.91 33.95 -18.82
N ASN B 576 -7.81 34.52 -18.35
CA ASN B 576 -7.54 35.94 -18.54
C ASN B 576 -7.35 36.27 -20.01
N ALA B 577 -6.86 35.33 -20.82
CA ALA B 577 -6.45 35.61 -22.18
C ALA B 577 -7.55 35.33 -23.21
N SER B 578 -8.31 34.25 -23.05
CA SER B 578 -9.31 33.92 -24.06
C SER B 578 -10.42 33.09 -23.41
N SER B 579 -11.26 32.53 -24.27
CA SER B 579 -12.28 31.56 -23.88
C SER B 579 -12.26 30.35 -24.79
N GLU B 580 -11.26 30.24 -25.66
CA GLU B 580 -11.21 29.19 -26.67
C GLU B 580 -10.13 28.18 -26.29
N VAL B 581 -10.41 26.91 -26.59
CA VAL B 581 -9.58 25.81 -26.13
C VAL B 581 -9.17 24.97 -27.32
N ALA B 582 -8.10 24.21 -27.12
CA ALA B 582 -7.71 23.12 -27.99
C ALA B 582 -7.62 21.86 -27.14
N VAL B 583 -7.97 20.72 -27.71
CA VAL B 583 -8.09 19.49 -26.95
C VAL B 583 -7.14 18.45 -27.55
N LEU B 584 -6.27 17.90 -26.72
CA LEU B 584 -5.42 16.79 -27.12
C LEU B 584 -6.08 15.49 -26.74
N TYR B 585 -5.95 14.49 -27.60
CA TYR B 585 -6.48 13.16 -27.39
C TYR B 585 -5.30 12.22 -27.33
N GLN B 586 -5.02 11.67 -26.15
CA GLN B 586 -3.77 10.95 -25.94
C GLN B 586 -3.85 9.53 -26.48
N ASP B 587 -2.86 9.17 -27.31
CA ASP B 587 -2.55 7.81 -27.73
C ASP B 587 -3.74 7.16 -28.45
N VAL B 588 -4.09 7.75 -29.59
CA VAL B 588 -5.30 7.40 -30.30
C VAL B 588 -5.10 7.78 -31.76
N ASN B 589 -5.91 7.20 -32.64
CA ASN B 589 -5.77 7.41 -34.08
C ASN B 589 -6.84 8.38 -34.55
N CYS B 590 -6.42 9.36 -35.34
CA CYS B 590 -7.29 10.50 -35.63
C CYS B 590 -8.43 10.18 -36.59
N THR B 591 -8.29 9.17 -37.44
CA THR B 591 -9.43 8.83 -38.29
C THR B 591 -10.52 8.12 -37.52
N ASP B 592 -10.20 7.50 -36.40
CA ASP B 592 -11.19 6.90 -35.53
C ASP B 592 -11.69 7.90 -34.49
N VAL B 593 -10.98 9.01 -34.31
CA VAL B 593 -11.47 10.08 -33.46
C VAL B 593 -12.55 10.87 -34.18
N SER B 594 -12.20 11.41 -35.35
CA SER B 594 -13.10 12.28 -36.09
C SER B 594 -14.34 11.55 -36.59
N THR B 595 -14.29 10.23 -36.69
CA THR B 595 -15.50 9.47 -37.00
C THR B 595 -16.44 9.41 -35.80
N ALA B 596 -15.92 9.00 -34.65
CA ALA B 596 -16.77 8.86 -33.47
C ALA B 596 -17.20 10.19 -32.86
N ILE B 597 -16.58 11.30 -33.28
CA ILE B 597 -17.15 12.61 -32.99
C ILE B 597 -18.44 12.79 -33.75
N HIS B 598 -18.41 12.59 -35.07
CA HIS B 598 -19.61 12.71 -35.86
C HIS B 598 -20.61 11.60 -35.57
N ALA B 599 -20.13 10.42 -35.20
CA ALA B 599 -21.04 9.32 -34.88
C ALA B 599 -21.55 9.37 -33.46
N ASP B 600 -21.14 10.37 -32.67
CA ASP B 600 -21.58 10.61 -31.29
C ASP B 600 -21.34 9.39 -30.41
N GLN B 601 -20.07 9.02 -30.29
CA GLN B 601 -19.71 7.80 -29.56
C GLN B 601 -18.63 8.02 -28.52
N LEU B 602 -18.24 9.25 -28.22
CA LEU B 602 -17.21 9.50 -27.22
C LEU B 602 -17.84 9.74 -25.86
N THR B 603 -17.30 9.04 -24.86
CA THR B 603 -17.67 9.26 -23.47
C THR B 603 -16.47 9.83 -22.75
N PRO B 604 -16.44 11.12 -22.36
CA PRO B 604 -17.52 12.11 -22.42
C PRO B 604 -17.58 12.89 -23.72
N ALA B 605 -18.72 13.53 -23.95
CA ALA B 605 -18.95 14.40 -25.09
C ALA B 605 -19.29 15.79 -24.60
N TRP B 606 -19.10 16.76 -25.49
CA TRP B 606 -19.37 18.16 -25.18
C TRP B 606 -20.67 18.61 -25.81
N ARG B 607 -21.32 19.55 -25.14
CA ARG B 607 -22.53 20.15 -25.67
C ARG B 607 -22.21 21.04 -26.86
N ILE B 608 -21.41 22.08 -26.64
CA ILE B 608 -21.11 23.05 -27.68
C ILE B 608 -19.61 22.97 -27.97
N TYR B 609 -19.26 22.17 -28.98
CA TYR B 609 -17.88 22.07 -29.44
C TYR B 609 -17.89 21.51 -30.85
N SER B 610 -17.18 22.17 -31.74
CA SER B 610 -17.03 21.72 -33.11
C SER B 610 -15.59 21.26 -33.33
N THR B 611 -15.31 20.81 -34.55
CA THR B 611 -13.98 20.39 -34.96
C THR B 611 -13.25 21.47 -35.74
N GLY B 612 -13.90 22.02 -36.75
CA GLY B 612 -13.31 23.04 -37.59
C GLY B 612 -12.22 22.55 -38.52
N ASN B 613 -12.13 21.25 -38.76
CA ASN B 613 -11.13 20.57 -39.60
C ASN B 613 -9.71 20.81 -39.11
N ASN B 614 -9.54 21.19 -37.85
CA ASN B 614 -8.24 21.59 -37.32
C ASN B 614 -7.62 20.42 -36.57
N VAL B 615 -7.37 19.35 -37.30
CA VAL B 615 -6.97 18.07 -36.72
C VAL B 615 -5.59 17.72 -37.24
N PHE B 616 -4.72 17.24 -36.35
CA PHE B 616 -3.31 17.09 -36.70
C PHE B 616 -2.70 16.02 -35.80
N GLN B 617 -2.28 14.90 -36.40
CA GLN B 617 -1.92 13.73 -35.62
C GLN B 617 -0.47 13.80 -35.18
N THR B 618 -0.23 13.49 -33.90
CA THR B 618 1.08 13.50 -33.29
C THR B 618 1.36 12.14 -32.68
N GLN B 619 2.60 11.95 -32.23
CA GLN B 619 2.91 10.80 -31.38
C GLN B 619 2.19 10.90 -30.04
N ALA B 620 1.95 12.13 -29.57
CA ALA B 620 1.09 12.31 -28.41
C ALA B 620 -0.36 11.99 -28.74
N GLY B 621 -0.77 12.23 -29.98
CA GLY B 621 -2.12 11.87 -30.38
C GLY B 621 -2.85 12.84 -31.27
N CYS B 622 -4.15 13.04 -31.02
CA CYS B 622 -5.05 13.73 -31.92
C CYS B 622 -5.46 15.09 -31.37
N LEU B 623 -4.80 16.13 -31.85
CA LEU B 623 -5.10 17.50 -31.45
C LEU B 623 -6.17 18.07 -32.35
N ILE B 624 -7.28 18.50 -31.78
CA ILE B 624 -8.36 19.14 -32.54
C ILE B 624 -8.67 20.49 -31.93
N GLY B 625 -8.57 21.53 -32.74
CA GLY B 625 -8.83 22.87 -32.26
C GLY B 625 -7.63 23.77 -32.43
N ALA B 626 -6.76 23.45 -33.39
CA ALA B 626 -5.52 24.20 -33.58
C ALA B 626 -5.02 24.01 -34.99
N GLU B 627 -4.28 25.02 -35.48
CA GLU B 627 -3.74 25.03 -36.82
C GLU B 627 -2.30 24.53 -36.86
N HIS B 628 -1.98 23.78 -37.90
CA HIS B 628 -0.61 23.37 -38.15
C HIS B 628 0.23 24.58 -38.57
N VAL B 629 1.39 24.73 -37.94
CA VAL B 629 2.37 25.74 -38.31
C VAL B 629 3.69 25.02 -38.56
N ASP B 630 4.30 25.29 -39.72
CA ASP B 630 5.44 24.52 -40.19
C ASP B 630 6.79 25.18 -39.92
N THR B 631 6.85 26.21 -39.09
CA THR B 631 8.12 26.81 -38.70
C THR B 631 8.36 26.60 -37.22
N SER B 632 9.47 27.13 -36.74
CA SER B 632 9.86 26.95 -35.35
C SER B 632 9.64 28.23 -34.55
N TYR B 633 9.35 28.05 -33.27
CA TYR B 633 9.34 29.14 -32.29
C TYR B 633 9.73 28.59 -30.94
N GLU B 634 9.66 29.45 -29.94
CA GLU B 634 9.93 29.11 -28.55
C GLU B 634 8.85 28.18 -28.04
N CYS B 635 9.23 27.17 -27.27
CA CYS B 635 8.25 26.20 -26.80
C CYS B 635 7.52 26.77 -25.60
N ASP B 636 6.25 27.14 -25.82
CA ASP B 636 5.44 27.71 -24.76
C ASP B 636 4.75 26.62 -23.96
N ILE B 637 3.91 25.83 -24.62
CA ILE B 637 3.09 24.81 -23.98
C ILE B 637 3.35 23.48 -24.67
N PRO B 638 4.14 22.60 -24.06
CA PRO B 638 4.61 21.42 -24.79
C PRO B 638 3.56 20.34 -24.90
N ILE B 639 3.55 19.68 -26.05
CA ILE B 639 2.54 18.67 -26.36
C ILE B 639 3.13 17.29 -26.15
N GLY B 640 4.31 17.07 -26.72
CA GLY B 640 4.90 15.76 -26.69
C GLY B 640 5.47 15.40 -28.03
N ALA B 641 6.68 14.84 -28.02
CA ALA B 641 7.44 14.48 -29.21
C ALA B 641 7.63 15.66 -30.15
N GLY B 642 8.20 16.74 -29.62
CA GLY B 642 8.61 17.87 -30.41
C GLY B 642 7.56 18.93 -30.61
N ILE B 643 6.31 18.53 -30.88
CA ILE B 643 5.22 19.47 -31.11
C ILE B 643 5.00 20.30 -29.85
N CYS B 644 4.91 21.61 -30.03
CA CYS B 644 4.72 22.52 -28.91
C CYS B 644 3.69 23.55 -29.33
N ALA B 645 2.67 23.73 -28.50
CA ALA B 645 1.61 24.66 -28.80
C ALA B 645 1.93 26.04 -28.26
N SER B 646 1.16 27.02 -28.70
CA SER B 646 1.24 28.38 -28.18
C SER B 646 -0.02 29.12 -28.62
N TYR B 647 -0.02 30.43 -28.39
CA TYR B 647 -1.11 31.30 -28.80
C TYR B 647 -0.52 32.55 -29.41
N HIS B 648 -0.95 32.87 -30.62
CA HIS B 648 -0.52 34.10 -31.28
C HIS B 648 -1.72 34.76 -31.92
N THR B 649 -1.60 36.06 -32.15
CA THR B 649 -2.61 36.81 -32.86
C THR B 649 -2.20 36.94 -34.32
N VAL B 650 -2.96 36.29 -35.20
CA VAL B 650 -2.68 36.31 -36.63
C VAL B 650 -3.91 36.80 -37.38
N LYS B 659 -5.01 34.66 -33.73
CA LYS B 659 -6.17 34.86 -32.88
C LYS B 659 -6.62 33.49 -32.43
N SER B 660 -5.78 32.51 -32.74
CA SER B 660 -6.12 31.12 -32.53
C SER B 660 -4.94 30.40 -31.93
N ILE B 661 -5.24 29.31 -31.23
CA ILE B 661 -4.22 28.49 -30.60
C ILE B 661 -3.51 27.70 -31.70
N VAL B 662 -2.18 27.77 -31.72
CA VAL B 662 -1.41 27.26 -32.84
C VAL B 662 -0.44 26.19 -32.38
N ALA B 663 -0.23 25.20 -33.25
CA ALA B 663 0.62 24.06 -32.97
C ALA B 663 1.76 24.04 -33.98
N TYR B 664 2.96 23.73 -33.52
CA TYR B 664 4.14 23.85 -34.38
C TYR B 664 5.24 22.99 -33.78
N THR B 665 6.41 23.06 -34.39
CA THR B 665 7.59 22.36 -33.89
C THR B 665 8.46 23.36 -33.14
N MET B 666 8.94 22.97 -31.97
CA MET B 666 9.67 23.91 -31.14
C MET B 666 11.09 24.12 -31.68
N SER B 667 11.63 25.29 -31.36
CA SER B 667 12.99 25.68 -31.73
C SER B 667 13.96 25.29 -30.62
N LEU B 668 15.13 24.83 -31.02
CA LEU B 668 16.14 24.37 -30.08
C LEU B 668 17.00 25.51 -29.55
N GLY B 669 16.68 26.73 -29.91
CA GLY B 669 17.51 27.90 -29.68
C GLY B 669 17.76 28.64 -30.97
N ALA B 670 18.79 29.46 -30.96
CA ALA B 670 19.19 30.19 -32.15
C ALA B 670 20.37 29.49 -32.83
N ASP B 671 20.35 29.50 -34.16
CA ASP B 671 21.43 28.89 -34.93
C ASP B 671 22.71 29.68 -34.73
N SER B 672 23.83 28.97 -34.64
CA SER B 672 25.09 29.63 -34.35
C SER B 672 26.24 28.74 -34.81
N SER B 673 27.35 29.40 -35.11
CA SER B 673 28.66 28.78 -35.23
C SER B 673 29.71 29.87 -35.11
N ILE B 674 30.87 29.49 -34.62
CA ILE B 674 32.04 30.33 -34.70
C ILE B 674 33.09 29.58 -35.50
N ALA B 675 33.82 30.31 -36.33
CA ALA B 675 34.83 29.70 -37.18
C ALA B 675 36.01 29.26 -36.34
N TYR B 676 36.47 28.04 -36.58
CA TYR B 676 37.70 27.60 -35.94
C TYR B 676 38.89 28.23 -36.63
N SER B 677 39.87 28.64 -35.83
CA SER B 677 41.11 29.16 -36.35
C SER B 677 42.22 28.74 -35.40
N ASN B 678 43.35 28.37 -35.98
CA ASN B 678 44.55 28.00 -35.24
C ASN B 678 45.38 29.20 -34.82
N ASN B 679 44.90 30.43 -35.05
CA ASN B 679 45.65 31.61 -34.69
C ASN B 679 44.84 32.73 -34.03
N THR B 680 43.51 32.70 -34.07
CA THR B 680 42.68 33.82 -33.64
C THR B 680 42.07 33.52 -32.28
N ILE B 681 42.21 34.46 -31.33
CA ILE B 681 41.68 34.32 -29.98
C ILE B 681 40.77 35.52 -29.73
N ALA B 682 39.86 35.37 -28.76
CA ALA B 682 38.87 36.40 -28.45
C ALA B 682 38.87 36.67 -26.95
N ILE B 683 39.36 37.84 -26.55
CA ILE B 683 39.54 38.19 -25.14
C ILE B 683 38.71 39.44 -24.87
N PRO B 684 38.01 39.54 -23.74
CA PRO B 684 37.19 40.71 -23.46
C PRO B 684 37.99 41.86 -22.86
N THR B 685 37.29 42.98 -22.67
CA THR B 685 37.80 44.08 -21.88
C THR B 685 36.77 44.73 -20.96
N ASN B 686 35.47 44.55 -21.19
CA ASN B 686 34.42 45.30 -20.50
C ASN B 686 33.34 44.34 -20.08
N PHE B 687 33.14 44.17 -18.79
CA PHE B 687 32.23 43.14 -18.32
C PHE B 687 31.00 43.78 -17.67
N SER B 688 30.17 42.92 -17.07
CA SER B 688 28.99 43.34 -16.34
C SER B 688 28.94 42.60 -15.02
N ILE B 689 28.27 43.22 -14.05
CA ILE B 689 27.87 42.57 -12.82
C ILE B 689 26.36 42.68 -12.74
N SER B 690 25.67 41.56 -12.58
CA SER B 690 24.25 41.56 -12.37
C SER B 690 23.91 40.56 -11.27
N ILE B 691 22.62 40.48 -10.94
CA ILE B 691 22.15 39.66 -9.83
C ILE B 691 21.15 38.65 -10.34
N THR B 692 21.36 37.39 -10.00
CA THR B 692 20.46 36.29 -10.35
C THR B 692 19.90 35.69 -9.08
N THR B 693 18.59 35.52 -9.03
CA THR B 693 17.90 34.96 -7.89
C THR B 693 17.91 33.44 -7.99
N GLU B 694 18.38 32.77 -6.93
CA GLU B 694 18.27 31.32 -6.82
C GLU B 694 17.40 30.99 -5.62
N VAL B 695 16.44 30.10 -5.81
CA VAL B 695 15.38 29.86 -4.86
C VAL B 695 15.37 28.38 -4.50
N MET B 696 15.41 28.07 -3.21
CA MET B 696 15.31 26.68 -2.75
C MET B 696 14.40 26.60 -1.53
N PRO B 697 13.67 25.50 -1.40
CA PRO B 697 13.04 25.18 -0.12
C PRO B 697 13.88 24.28 0.75
N VAL B 698 13.77 24.38 2.08
CA VAL B 698 14.59 23.55 2.96
C VAL B 698 13.74 22.84 4.00
N SER B 699 12.46 23.18 4.06
CA SER B 699 11.59 22.52 5.03
C SER B 699 10.16 22.59 4.56
N MET B 700 9.39 21.60 4.95
CA MET B 700 7.96 21.64 4.74
C MET B 700 7.26 21.59 6.09
N ALA B 701 5.94 21.69 6.06
CA ALA B 701 5.17 21.84 7.28
C ALA B 701 5.07 20.51 8.00
N LYS B 702 5.57 20.47 9.22
CA LYS B 702 5.49 19.27 10.04
C LYS B 702 4.07 19.09 10.56
N THR B 703 3.58 17.87 10.48
CA THR B 703 2.24 17.58 10.96
C THR B 703 2.31 16.53 12.05
N SER B 704 1.14 16.19 12.57
CA SER B 704 0.99 15.01 13.40
C SER B 704 -0.48 14.61 13.35
N VAL B 705 -0.74 13.34 13.62
CA VAL B 705 -2.06 12.77 13.48
C VAL B 705 -2.36 11.92 14.71
N ASP B 706 -3.44 12.24 15.41
CA ASP B 706 -3.98 11.34 16.39
C ASP B 706 -4.92 10.37 15.68
N CYS B 707 -4.75 9.08 15.93
CA CYS B 707 -5.53 8.06 15.24
C CYS B 707 -6.99 8.12 15.66
N ASN B 708 -7.23 8.17 16.97
CA ASN B 708 -8.56 8.00 17.53
C ASN B 708 -9.56 9.07 17.12
N MET B 709 -9.12 10.20 16.57
CA MET B 709 -10.05 11.08 15.91
C MET B 709 -9.96 11.07 14.40
N TYR B 710 -8.85 10.59 13.84
CA TYR B 710 -8.88 10.36 12.40
C TYR B 710 -9.63 9.07 12.11
N ILE B 711 -9.18 7.96 12.69
CA ILE B 711 -9.78 6.67 12.41
C ILE B 711 -11.20 6.61 12.96
N CYS B 712 -11.32 6.75 14.28
CA CYS B 712 -12.57 6.39 14.95
C CYS B 712 -13.63 7.47 14.85
N GLY B 713 -13.25 8.73 14.75
CA GLY B 713 -14.24 9.80 14.74
C GLY B 713 -15.00 9.91 16.04
N ASP B 714 -14.32 9.66 17.16
CA ASP B 714 -14.80 9.78 18.54
C ASP B 714 -15.84 8.73 18.93
N SER B 715 -15.90 7.61 18.21
CA SER B 715 -16.78 6.53 18.61
C SER B 715 -16.04 5.59 19.54
N THR B 716 -16.80 4.89 20.37
CA THR B 716 -16.20 3.99 21.35
C THR B 716 -15.80 2.67 20.70
N GLU B 717 -16.75 2.04 19.99
CA GLU B 717 -16.55 0.67 19.50
C GLU B 717 -15.48 0.58 18.42
N CYS B 718 -15.19 1.68 17.73
CA CYS B 718 -14.03 1.73 16.86
C CYS B 718 -12.76 1.45 17.64
N ALA B 719 -12.58 2.10 18.79
CA ALA B 719 -11.42 1.88 19.63
C ALA B 719 -11.38 0.48 20.18
N ASN B 720 -12.54 -0.11 20.44
CA ASN B 720 -12.60 -1.52 20.79
C ASN B 720 -12.14 -2.38 19.63
N LEU B 721 -12.58 -2.05 18.41
CA LEU B 721 -12.10 -2.74 17.23
C LEU B 721 -10.65 -2.40 16.92
N LEU B 722 -10.18 -1.21 17.35
CA LEU B 722 -8.84 -0.75 17.02
C LEU B 722 -7.78 -1.54 17.77
N LEU B 723 -8.04 -1.82 19.05
CA LEU B 723 -7.07 -2.54 19.87
C LEU B 723 -6.95 -4.01 19.49
N GLN B 724 -7.82 -4.50 18.61
CA GLN B 724 -7.75 -5.87 18.11
C GLN B 724 -6.94 -5.97 16.82
N TYR B 725 -6.80 -4.88 16.08
CA TYR B 725 -5.82 -4.81 15.00
C TYR B 725 -4.42 -4.91 15.56
N GLY B 726 -4.17 -4.27 16.69
CA GLY B 726 -2.84 -4.12 17.24
C GLY B 726 -2.49 -2.65 17.41
N SER B 727 -1.44 -2.42 18.20
CA SER B 727 -1.01 -1.06 18.49
C SER B 727 -0.20 -0.54 17.30
N PHE B 728 -0.92 -0.22 16.23
CA PHE B 728 -0.24 0.18 15.01
C PHE B 728 -0.06 1.69 14.95
N CYS B 729 -0.84 2.42 15.74
CA CYS B 729 -0.65 3.86 15.88
C CYS B 729 0.52 4.20 16.79
N THR B 730 1.09 3.22 17.48
CA THR B 730 2.39 3.42 18.10
C THR B 730 3.44 3.71 17.04
N GLN B 731 3.43 2.93 15.96
CA GLN B 731 4.41 3.15 14.91
C GLN B 731 4.07 4.31 14.00
N LEU B 732 2.79 4.67 13.89
CA LEU B 732 2.40 5.73 12.98
C LEU B 732 2.45 7.10 13.62
N ASN B 733 2.91 7.19 14.86
CA ASN B 733 3.39 8.44 15.43
C ASN B 733 4.86 8.36 15.77
N ARG B 734 5.51 7.22 15.54
CA ARG B 734 6.96 7.22 15.47
C ARG B 734 7.45 7.75 14.14
N ALA B 735 6.66 7.60 13.08
CA ALA B 735 7.10 8.05 11.78
C ALA B 735 6.89 9.55 11.62
N LEU B 736 5.70 10.05 11.93
CA LEU B 736 5.45 11.49 11.79
C LEU B 736 6.07 12.31 12.90
N SER B 737 6.70 11.67 13.88
CA SER B 737 7.62 12.40 14.74
C SER B 737 9.03 12.37 14.16
N GLY B 738 9.38 11.27 13.48
CA GLY B 738 10.68 11.18 12.86
C GLY B 738 10.85 12.14 11.69
N ILE B 739 9.77 12.51 11.03
CA ILE B 739 9.86 13.56 10.03
C ILE B 739 9.86 14.92 10.69
N ALA B 740 9.00 15.13 11.68
CA ALA B 740 8.86 16.42 12.32
C ALA B 740 10.10 16.80 13.11
N ALA B 741 10.85 15.83 13.60
CA ALA B 741 12.13 16.15 14.21
C ALA B 741 13.20 16.44 13.17
N GLU B 742 12.94 16.13 11.90
CA GLU B 742 13.94 16.41 10.87
C GLU B 742 13.62 17.68 10.08
N GLN B 743 12.48 18.29 10.31
CA GLN B 743 12.29 19.62 9.78
C GLN B 743 12.89 20.67 10.68
N ASP B 744 13.23 20.30 11.92
CA ASP B 744 14.00 21.20 12.76
C ASP B 744 15.45 21.21 12.36
N ARG B 745 16.02 20.04 12.05
CA ARG B 745 17.43 19.98 11.65
C ARG B 745 17.67 20.70 10.34
N ASN B 746 16.76 20.60 9.38
CA ASN B 746 17.01 21.22 8.09
C ASN B 746 16.94 22.72 8.18
N THR B 747 16.03 23.25 9.00
CA THR B 747 16.05 24.68 9.27
C THR B 747 17.28 25.05 10.09
N ARG B 748 17.78 24.15 10.91
CA ARG B 748 18.92 24.49 11.74
C ARG B 748 20.24 24.22 11.04
N GLU B 749 20.30 23.24 10.15
CA GLU B 749 21.57 22.98 9.49
C GLU B 749 21.85 23.99 8.39
N VAL B 750 20.82 24.57 7.80
CA VAL B 750 21.05 25.62 6.82
C VAL B 750 21.49 26.91 7.51
N PHE B 751 20.64 27.42 8.41
CA PHE B 751 20.87 28.78 8.87
C PHE B 751 21.87 28.85 10.01
N ALA B 752 21.87 27.91 10.94
CA ALA B 752 22.69 28.04 12.14
C ALA B 752 24.10 27.49 11.91
N GLN B 753 24.73 27.98 10.86
CA GLN B 753 26.16 27.81 10.67
C GLN B 753 26.97 28.86 11.41
N VAL B 754 26.32 29.92 11.86
CA VAL B 754 26.97 31.10 12.38
C VAL B 754 27.27 30.89 13.87
N LYS B 755 28.48 31.25 14.29
CA LYS B 755 28.86 31.13 15.68
C LYS B 755 28.45 32.34 16.51
N GLN B 756 28.55 33.54 15.96
CA GLN B 756 28.34 34.77 16.72
C GLN B 756 27.36 35.67 15.98
N MET B 757 26.31 36.09 16.66
CA MET B 757 25.28 36.94 16.06
C MET B 757 25.79 38.37 15.99
N TYR B 758 26.32 38.76 14.84
CA TYR B 758 26.92 40.07 14.71
C TYR B 758 25.85 41.13 14.45
N LYS B 759 26.01 42.28 15.08
CA LYS B 759 25.00 43.32 14.99
C LYS B 759 24.97 43.96 13.61
N THR B 760 23.82 44.52 13.29
CA THR B 760 23.69 45.31 12.08
C THR B 760 24.44 46.62 12.24
N PRO B 761 25.40 46.92 11.38
CA PRO B 761 26.15 48.16 11.52
C PRO B 761 25.30 49.36 11.16
N THR B 762 25.77 50.53 11.60
CA THR B 762 24.97 51.75 11.49
C THR B 762 24.95 52.25 10.05
N LEU B 763 26.11 52.58 9.51
CA LEU B 763 26.15 53.02 8.13
C LEU B 763 26.11 51.80 7.23
N LYS B 764 25.27 51.87 6.22
CA LYS B 764 25.00 50.77 5.32
C LYS B 764 25.37 51.18 3.90
N TYR B 765 26.55 51.79 3.76
CA TYR B 765 26.93 52.41 2.51
C TYR B 765 28.45 52.26 2.42
N PHE B 766 28.89 51.18 1.79
CA PHE B 766 30.26 50.69 1.93
C PHE B 766 31.08 51.02 0.69
N GLY B 767 31.62 52.24 0.65
CA GLY B 767 32.37 52.66 -0.53
C GLY B 767 31.52 52.77 -1.76
N GLY B 768 30.29 53.26 -1.63
CA GLY B 768 29.34 53.31 -2.72
C GLY B 768 28.44 52.10 -2.83
N PHE B 769 28.75 51.02 -2.10
CA PHE B 769 27.93 49.83 -2.08
C PHE B 769 26.73 50.08 -1.17
N ASN B 770 25.53 50.07 -1.73
CA ASN B 770 24.32 50.42 -0.98
C ASN B 770 23.68 49.14 -0.47
N PHE B 771 24.00 48.77 0.77
CA PHE B 771 23.44 47.60 1.44
C PHE B 771 22.16 47.89 2.20
N SER B 772 21.40 48.90 1.78
CA SER B 772 20.24 49.33 2.55
C SER B 772 19.10 48.33 2.46
N GLN B 773 18.84 47.81 1.26
CA GLN B 773 17.68 46.95 1.06
C GLN B 773 17.91 45.52 1.50
N ILE B 774 19.13 45.17 1.89
CA ILE B 774 19.52 43.79 2.12
C ILE B 774 19.67 43.50 3.62
N LEU B 775 20.42 44.33 4.32
CA LEU B 775 20.32 44.33 5.77
C LEU B 775 18.97 44.95 6.17
N PRO B 776 18.41 44.53 7.30
CA PRO B 776 17.09 45.06 7.68
C PRO B 776 17.17 46.50 8.15
N ASP B 777 16.15 47.25 7.80
CA ASP B 777 16.02 48.64 8.25
C ASP B 777 15.51 48.63 9.69
N PRO B 778 16.24 49.22 10.65
CA PRO B 778 15.76 49.21 12.03
C PRO B 778 14.60 50.14 12.29
N LEU B 779 14.22 50.99 11.34
CA LEU B 779 13.07 51.86 11.54
C LEU B 779 11.75 51.12 11.46
N LYS B 780 11.68 50.06 10.65
CA LYS B 780 10.44 49.30 10.56
C LYS B 780 10.23 48.45 11.81
N PRO B 781 8.98 48.20 12.17
CA PRO B 781 8.65 47.16 13.15
C PRO B 781 8.49 45.78 12.52
N THR B 782 9.44 45.40 11.68
CA THR B 782 9.37 44.15 10.94
C THR B 782 10.52 43.20 11.25
N LYS B 783 11.71 43.73 11.57
CA LYS B 783 12.97 42.97 11.65
C LYS B 783 13.22 42.21 10.36
N ARG B 784 12.90 42.87 9.24
CA ARG B 784 12.99 42.29 7.91
C ARG B 784 13.53 43.34 6.98
N SER B 785 14.29 42.91 5.98
CA SER B 785 14.79 43.84 4.99
C SER B 785 13.68 44.19 4.00
N PHE B 786 14.02 45.05 3.03
CA PHE B 786 13.02 45.41 2.04
C PHE B 786 12.78 44.29 1.03
N ILE B 787 13.80 43.45 0.79
CA ILE B 787 13.64 42.29 -0.08
C ILE B 787 12.65 41.32 0.53
N GLU B 788 12.86 40.97 1.80
CA GLU B 788 12.09 39.93 2.46
C GLU B 788 10.62 40.28 2.59
N ASP B 789 10.28 41.56 2.70
CA ASP B 789 8.88 41.95 2.78
C ASP B 789 8.15 41.69 1.47
N LEU B 790 8.83 41.89 0.35
CA LEU B 790 8.22 41.58 -0.93
C LEU B 790 8.21 40.09 -1.22
N LEU B 791 9.08 39.32 -0.58
CA LEU B 791 9.05 37.87 -0.76
C LEU B 791 7.83 37.26 -0.07
N PHE B 792 7.45 37.78 1.11
CA PHE B 792 6.30 37.22 1.80
C PHE B 792 4.99 37.57 1.10
N ASN B 793 4.98 38.63 0.31
CA ASN B 793 3.73 39.13 -0.25
C ASN B 793 3.50 38.70 -1.69
N LYS B 794 4.35 37.85 -2.23
CA LYS B 794 4.07 37.15 -3.47
C LYS B 794 3.79 35.68 -3.27
N VAL B 795 4.27 35.08 -2.17
CA VAL B 795 3.82 33.74 -1.82
C VAL B 795 2.37 33.79 -1.32
N THR B 796 2.07 34.77 -0.48
CA THR B 796 0.76 34.91 0.14
C THR B 796 -0.33 35.24 -0.87
N GLN B 805 -9.30 23.49 7.90
CA GLN B 805 -8.87 22.31 7.18
C GLN B 805 -8.12 21.39 8.13
N TYR B 806 -7.37 22.01 9.03
CA TYR B 806 -6.52 21.30 9.97
C TYR B 806 -6.28 22.17 11.19
N GLY B 807 -6.23 21.54 12.35
CA GLY B 807 -6.11 22.29 13.60
C GLY B 807 -4.76 22.97 13.72
N GLU B 808 -4.77 24.14 14.34
CA GLU B 808 -3.57 24.94 14.53
C GLU B 808 -3.83 25.89 15.68
N CYS B 809 -2.78 26.21 16.43
CA CYS B 809 -2.89 27.20 17.50
C CYS B 809 -1.93 28.34 17.18
N LEU B 810 -2.42 29.30 16.42
CA LEU B 810 -1.66 30.50 16.09
C LEU B 810 -2.00 31.59 17.10
N LEU B 818 -3.02 35.29 20.46
CA LEU B 818 -2.97 34.02 19.76
C LEU B 818 -4.33 33.34 19.87
N ILE B 819 -4.79 32.69 18.80
CA ILE B 819 -6.08 32.02 18.77
C ILE B 819 -5.86 30.56 18.41
N CYS B 820 -6.18 29.66 19.33
CA CYS B 820 -6.01 28.23 19.12
C CYS B 820 -7.38 27.61 18.88
N ALA B 821 -7.54 26.97 17.72
CA ALA B 821 -8.77 26.31 17.36
C ALA B 821 -8.46 24.91 16.85
N GLN B 822 -9.38 23.99 17.15
CA GLN B 822 -9.24 22.60 16.75
C GLN B 822 -10.16 22.32 15.58
N LYS B 823 -9.86 21.26 14.84
CA LYS B 823 -10.75 20.75 13.82
C LYS B 823 -11.25 19.38 14.22
N PHE B 824 -12.38 19.01 13.61
CA PHE B 824 -12.92 17.66 13.76
C PHE B 824 -11.96 16.63 13.20
N ASN B 825 -11.30 16.96 12.09
CA ASN B 825 -10.24 16.13 11.56
C ASN B 825 -9.06 16.19 12.51
N GLY B 826 -8.41 15.05 12.73
CA GLY B 826 -7.34 15.01 13.70
C GLY B 826 -6.01 15.47 13.16
N LEU B 827 -6.02 16.47 12.29
CA LEU B 827 -4.83 16.95 11.63
C LEU B 827 -4.37 18.22 12.31
N THR B 828 -3.16 18.17 12.87
CA THR B 828 -2.56 19.34 13.48
C THR B 828 -1.28 19.67 12.73
N VAL B 829 -0.97 20.95 12.63
CA VAL B 829 0.32 21.38 12.08
C VAL B 829 1.03 22.16 13.16
N LEU B 830 1.96 21.52 13.82
CA LEU B 830 2.72 22.12 14.90
C LEU B 830 3.63 23.20 14.34
N PRO B 831 3.88 24.27 15.07
CA PRO B 831 4.75 25.33 14.56
C PRO B 831 6.19 24.89 14.63
N PRO B 832 7.09 25.49 13.82
CA PRO B 832 8.49 25.04 13.79
C PRO B 832 9.26 25.36 15.06
N LEU B 833 10.53 24.96 15.10
CA LEU B 833 11.37 25.33 16.24
C LEU B 833 11.78 26.79 16.13
N LEU B 834 12.42 27.16 15.03
CA LEU B 834 12.90 28.51 14.83
C LEU B 834 11.80 29.34 14.17
N THR B 835 11.32 30.36 14.86
CA THR B 835 10.33 31.25 14.28
C THR B 835 10.98 32.11 13.20
N ASP B 836 10.16 32.82 12.44
CA ASP B 836 10.67 33.57 11.30
C ASP B 836 11.48 34.79 11.72
N ASP B 837 11.36 35.23 12.96
CA ASP B 837 12.22 36.29 13.44
C ASP B 837 13.63 35.79 13.69
N MET B 838 13.75 34.59 14.25
CA MET B 838 15.06 33.94 14.36
C MET B 838 15.62 33.61 12.99
N ILE B 839 14.75 33.29 12.02
CA ILE B 839 15.22 33.05 10.66
C ILE B 839 15.67 34.36 10.03
N ALA B 840 14.96 35.45 10.30
CA ALA B 840 15.40 36.74 9.78
C ALA B 840 16.55 37.34 10.58
N ALA B 841 16.95 36.72 11.68
CA ALA B 841 18.12 37.17 12.43
C ALA B 841 19.39 36.50 11.96
N TYR B 842 19.34 35.21 11.62
CA TYR B 842 20.50 34.57 11.02
C TYR B 842 20.77 35.10 9.61
N THR B 843 19.73 35.51 8.90
CA THR B 843 19.92 36.20 7.63
C THR B 843 20.69 37.50 7.83
N ALA B 844 20.28 38.29 8.81
CA ALA B 844 20.87 39.61 9.00
C ALA B 844 22.29 39.53 9.54
N ALA B 845 22.61 38.51 10.34
CA ALA B 845 23.98 38.34 10.82
C ALA B 845 24.86 37.65 9.80
N LEU B 846 24.31 37.22 8.67
CA LEU B 846 25.13 36.69 7.59
C LEU B 846 25.44 37.76 6.56
N VAL B 847 24.74 38.88 6.58
CA VAL B 847 25.07 39.98 5.69
C VAL B 847 25.70 41.14 6.47
N SER B 848 25.44 41.25 7.77
CA SER B 848 26.22 42.20 8.58
C SER B 848 27.64 41.71 8.77
N GLY B 849 27.81 40.44 9.11
CA GLY B 849 29.12 39.94 9.44
C GLY B 849 30.00 39.77 8.22
N THR B 850 29.41 39.45 7.08
CA THR B 850 30.20 39.26 5.88
C THR B 850 30.51 40.59 5.19
N ALA B 851 29.72 41.63 5.42
CA ALA B 851 30.08 42.96 4.94
C ALA B 851 31.26 43.56 5.69
N THR B 852 31.52 43.11 6.92
CA THR B 852 32.63 43.62 7.69
C THR B 852 33.76 42.63 7.86
N ALA B 853 33.57 41.37 7.48
CA ALA B 853 34.64 40.40 7.67
C ALA B 853 34.90 39.51 6.48
N GLY B 854 33.98 39.42 5.51
CA GLY B 854 34.24 38.68 4.28
C GLY B 854 34.36 37.18 4.49
N TRP B 855 35.33 36.59 3.78
CA TRP B 855 35.52 35.14 3.84
C TRP B 855 36.18 34.70 5.13
N THR B 856 36.77 35.63 5.89
CA THR B 856 37.33 35.32 7.19
C THR B 856 36.27 34.82 8.15
N PHE B 857 35.05 35.37 8.03
CA PHE B 857 33.91 34.97 8.84
C PHE B 857 33.59 33.49 8.67
N GLY B 858 33.80 32.95 7.48
CA GLY B 858 33.66 31.53 7.25
C GLY B 858 34.98 30.80 7.47
N ALA B 859 36.09 31.52 7.35
CA ALA B 859 37.39 30.92 7.60
C ALA B 859 37.60 30.70 9.10
N GLY B 860 37.52 31.76 9.88
CA GLY B 860 37.74 31.66 11.32
C GLY B 860 37.02 32.73 12.10
N ALA B 861 37.73 33.36 13.03
CA ALA B 861 37.25 34.57 13.68
C ALA B 861 37.00 35.65 12.65
N ALA B 862 35.94 36.41 12.85
CA ALA B 862 35.48 37.39 11.87
C ALA B 862 36.41 38.60 11.94
N LEU B 863 37.51 38.52 11.20
CA LEU B 863 38.51 39.58 11.20
C LEU B 863 38.01 40.75 10.36
N GLN B 864 38.25 41.98 10.83
CA GLN B 864 37.84 43.15 10.08
C GLN B 864 38.59 43.22 8.76
N ILE B 865 37.96 43.87 7.79
CA ILE B 865 38.54 44.16 6.48
C ILE B 865 37.67 45.23 5.85
N PRO B 866 38.23 46.19 5.14
CA PRO B 866 37.39 47.06 4.33
C PRO B 866 36.79 46.28 3.18
N PHE B 867 35.56 46.64 2.83
CA PHE B 867 34.82 45.85 1.86
C PHE B 867 35.34 46.08 0.44
N ALA B 868 36.04 47.19 0.21
CA ALA B 868 36.74 47.37 -1.06
C ALA B 868 38.00 46.52 -1.11
N MET B 869 38.63 46.29 0.04
CA MET B 869 39.68 45.29 0.13
C MET B 869 39.08 43.89 -0.01
N GLN B 870 37.81 43.72 0.34
CA GLN B 870 37.16 42.43 0.23
C GLN B 870 36.93 42.03 -1.22
N MET B 871 36.22 42.87 -1.98
CA MET B 871 35.87 42.54 -3.36
C MET B 871 37.10 42.38 -4.25
N ALA B 872 38.21 43.03 -3.91
CA ALA B 872 39.41 42.94 -4.73
C ALA B 872 40.04 41.57 -4.62
N TYR B 873 40.02 40.99 -3.42
CA TYR B 873 40.49 39.61 -3.27
C TYR B 873 39.53 38.62 -3.94
N ARG B 874 38.27 39.00 -4.12
CA ARG B 874 37.34 38.17 -4.88
C ARG B 874 37.45 38.38 -6.37
N PHE B 875 38.16 39.42 -6.81
CA PHE B 875 38.66 39.43 -8.19
C PHE B 875 39.91 38.58 -8.32
N ASN B 876 40.70 38.46 -7.25
CA ASN B 876 41.89 37.62 -7.29
C ASN B 876 41.54 36.15 -7.40
N GLY B 877 40.31 35.77 -7.04
CA GLY B 877 39.88 34.40 -7.22
C GLY B 877 39.73 34.01 -8.68
N ILE B 878 39.14 34.88 -9.48
CA ILE B 878 38.75 34.53 -10.85
C ILE B 878 39.85 34.91 -11.83
N GLY B 879 41.07 35.12 -11.34
CA GLY B 879 42.19 35.43 -12.21
C GLY B 879 42.10 36.82 -12.81
N VAL B 880 41.67 37.80 -12.03
CA VAL B 880 41.39 39.16 -12.51
C VAL B 880 42.03 40.13 -11.53
N THR B 881 42.76 41.11 -12.05
CA THR B 881 43.71 41.85 -11.20
C THR B 881 43.01 42.87 -10.30
N GLN B 882 43.81 43.36 -9.33
CA GLN B 882 43.35 44.35 -8.37
C GLN B 882 42.95 45.65 -9.07
N ASN B 883 43.63 45.98 -10.16
CA ASN B 883 43.29 47.17 -10.93
C ASN B 883 41.92 47.09 -11.58
N VAL B 884 41.35 45.90 -11.75
CA VAL B 884 40.01 45.85 -12.29
C VAL B 884 39.00 46.36 -11.28
N LEU B 885 39.21 46.10 -9.99
CA LEU B 885 38.32 46.69 -9.01
C LEU B 885 38.60 48.18 -8.81
N TYR B 886 39.83 48.53 -8.39
CA TYR B 886 40.09 49.85 -7.83
C TYR B 886 39.96 50.96 -8.86
N GLU B 887 40.47 50.74 -10.07
CA GLU B 887 40.32 51.70 -11.16
C GLU B 887 38.87 51.91 -11.53
N ASN B 888 38.05 50.87 -11.38
CA ASN B 888 36.69 50.86 -11.89
C ASN B 888 35.69 50.93 -10.76
N GLN B 889 36.16 51.27 -9.56
CA GLN B 889 35.40 51.13 -8.33
C GLN B 889 34.17 52.03 -8.28
N LYS B 890 34.07 53.04 -9.14
CA LYS B 890 32.83 53.81 -9.22
C LYS B 890 31.71 53.00 -9.88
N GLN B 891 31.92 52.58 -11.14
CA GLN B 891 30.84 51.89 -11.85
C GLN B 891 30.77 50.40 -11.54
N ILE B 892 31.79 49.82 -10.89
CA ILE B 892 31.58 48.54 -10.23
C ILE B 892 30.48 48.67 -9.20
N ALA B 893 30.59 49.69 -8.36
CA ALA B 893 29.60 49.89 -7.31
C ALA B 893 28.27 50.35 -7.86
N ASN B 894 28.25 51.03 -9.01
CA ASN B 894 27.01 51.62 -9.45
C ASN B 894 26.21 50.74 -10.41
N GLN B 895 26.83 49.71 -10.98
CA GLN B 895 26.01 48.64 -11.55
C GLN B 895 25.39 47.79 -10.46
N PHE B 896 26.18 47.44 -9.43
CA PHE B 896 25.65 46.63 -8.34
C PHE B 896 24.59 47.37 -7.55
N ASN B 897 24.66 48.69 -7.47
CA ASN B 897 23.58 49.41 -6.82
C ASN B 897 22.32 49.38 -7.68
N LYS B 898 22.45 49.43 -9.00
CA LYS B 898 21.26 49.32 -9.82
C LYS B 898 20.85 47.88 -10.08
N ALA B 899 21.76 46.91 -9.89
CA ALA B 899 21.36 45.51 -10.03
C ALA B 899 20.45 45.08 -8.89
N ILE B 900 20.60 45.67 -7.71
CA ILE B 900 19.62 45.46 -6.66
C ILE B 900 18.31 46.14 -7.02
N SER B 901 18.39 47.29 -7.71
CA SER B 901 17.19 48.02 -8.10
C SER B 901 16.39 47.28 -9.17
N GLN B 902 17.03 46.38 -9.92
CA GLN B 902 16.31 45.54 -10.87
C GLN B 902 15.46 44.51 -10.15
N ILE B 903 16.03 43.87 -9.12
CA ILE B 903 15.37 42.81 -8.39
C ILE B 903 14.19 43.35 -7.59
N GLN B 904 14.27 44.61 -7.17
CA GLN B 904 13.12 45.28 -6.57
C GLN B 904 11.94 45.33 -7.55
N GLU B 905 12.15 45.95 -8.70
CA GLU B 905 11.07 46.14 -9.65
C GLU B 905 10.65 44.83 -10.31
N SER B 906 11.55 43.85 -10.38
CA SER B 906 11.15 42.54 -10.88
C SER B 906 10.25 41.81 -9.88
N LEU B 907 10.34 42.14 -8.60
CA LEU B 907 9.53 41.47 -7.61
C LEU B 907 8.40 42.32 -7.06
N THR B 908 8.43 43.64 -7.27
CA THR B 908 7.21 44.41 -7.03
C THR B 908 6.17 44.12 -8.09
N THR B 909 6.60 43.89 -9.34
CA THR B 909 5.64 43.79 -10.42
C THR B 909 5.01 42.40 -10.49
N THR B 910 5.83 41.36 -10.47
CA THR B 910 5.29 40.03 -10.72
C THR B 910 5.75 39.01 -9.69
N SER B 911 5.47 37.75 -9.98
CA SER B 911 5.76 36.62 -9.09
C SER B 911 6.24 35.48 -9.99
N THR B 912 6.15 34.25 -9.48
CA THR B 912 6.43 32.96 -10.11
C THR B 912 7.92 32.70 -10.27
N ALA B 913 8.76 33.66 -9.90
CA ALA B 913 10.14 33.35 -9.59
C ALA B 913 10.24 32.57 -8.30
N LEU B 914 9.19 32.61 -7.47
CA LEU B 914 9.06 31.80 -6.28
C LEU B 914 8.12 30.63 -6.50
N GLY B 915 8.18 30.02 -7.69
CA GLY B 915 7.33 28.88 -7.98
C GLY B 915 7.65 27.65 -7.16
N LYS B 916 8.92 27.44 -6.82
CA LYS B 916 9.30 26.28 -6.02
C LYS B 916 8.71 26.34 -4.62
N LEU B 917 8.74 27.52 -4.01
CA LEU B 917 8.18 27.67 -2.67
C LEU B 917 6.66 27.60 -2.69
N GLN B 918 6.03 27.92 -3.82
CA GLN B 918 4.59 27.74 -3.92
C GLN B 918 4.23 26.26 -3.96
N ASP B 919 5.04 25.45 -4.65
CA ASP B 919 4.69 24.06 -4.83
C ASP B 919 4.92 23.24 -3.57
N VAL B 920 5.79 23.69 -2.68
CA VAL B 920 5.94 23.06 -1.37
C VAL B 920 4.66 23.26 -0.57
N VAL B 921 4.01 24.41 -0.73
CA VAL B 921 2.73 24.64 -0.07
C VAL B 921 1.65 23.82 -0.74
N ASN B 922 1.72 23.67 -2.06
CA ASN B 922 0.67 22.94 -2.79
C ASN B 922 0.70 21.45 -2.48
N GLN B 923 1.89 20.87 -2.33
CA GLN B 923 1.96 19.47 -1.95
C GLN B 923 1.58 19.25 -0.49
N ASN B 924 1.61 20.30 0.33
CA ASN B 924 0.99 20.20 1.64
C ASN B 924 -0.52 20.15 1.50
N ALA B 925 -1.07 20.96 0.59
CA ALA B 925 -2.51 21.11 0.50
C ALA B 925 -3.18 19.85 -0.06
N GLN B 926 -2.57 19.24 -1.07
CA GLN B 926 -3.16 18.05 -1.68
C GLN B 926 -3.14 16.87 -0.73
N ALA B 927 -2.01 16.61 -0.10
CA ALA B 927 -1.87 15.43 0.75
C ALA B 927 -2.68 15.54 2.02
N LEU B 928 -3.06 16.75 2.42
CA LEU B 928 -4.04 16.83 3.50
C LEU B 928 -5.45 16.61 2.99
N ASN B 929 -5.77 17.15 1.80
CA ASN B 929 -7.14 17.05 1.31
C ASN B 929 -7.45 15.66 0.79
N THR B 930 -6.47 14.98 0.21
CA THR B 930 -6.65 13.58 -0.13
C THR B 930 -6.83 12.75 1.13
N LEU B 931 -6.12 13.12 2.18
CA LEU B 931 -6.37 12.50 3.47
C LEU B 931 -7.71 12.93 4.02
N VAL B 932 -8.21 14.10 3.64
CA VAL B 932 -9.53 14.53 4.07
C VAL B 932 -10.62 13.77 3.32
N LYS B 933 -10.53 13.73 1.99
CA LYS B 933 -11.63 13.18 1.20
C LYS B 933 -11.77 11.67 1.32
N GLN B 934 -10.72 10.97 1.72
CA GLN B 934 -10.84 9.54 1.95
C GLN B 934 -11.49 9.21 3.28
N LEU B 935 -11.82 10.21 4.10
CA LEU B 935 -12.74 9.98 5.19
C LEU B 935 -14.12 9.63 4.66
N SER B 936 -14.53 10.29 3.58
CA SER B 936 -15.87 10.18 3.03
C SER B 936 -16.03 9.02 2.05
N SER B 937 -15.09 8.07 2.03
CA SER B 937 -15.22 6.91 1.17
C SER B 937 -15.93 5.79 1.90
N ASN B 938 -16.82 5.11 1.19
CA ASN B 938 -17.69 4.14 1.83
C ASN B 938 -16.96 2.85 2.17
N PHE B 939 -15.98 2.47 1.35
CA PHE B 939 -15.16 1.26 1.52
C PHE B 939 -16.00 -0.01 1.65
N GLY B 940 -17.12 -0.07 0.92
CA GLY B 940 -17.99 -1.23 0.99
C GLY B 940 -18.99 -1.21 2.12
N ALA B 941 -18.90 -0.26 3.05
CA ALA B 941 -19.93 -0.11 4.06
C ALA B 941 -21.15 0.60 3.46
N ILE B 942 -22.22 0.68 4.24
CA ILE B 942 -23.43 1.33 3.72
C ILE B 942 -23.30 2.84 3.80
N SER B 943 -22.34 3.35 4.59
CA SER B 943 -21.99 4.76 4.60
C SER B 943 -20.57 4.87 5.14
N SER B 944 -19.99 6.05 4.99
CA SER B 944 -18.68 6.34 5.54
C SER B 944 -18.74 6.90 6.95
N VAL B 945 -19.91 6.84 7.59
CA VAL B 945 -20.12 7.44 8.90
C VAL B 945 -20.09 6.33 9.94
N LEU B 946 -19.13 6.40 10.85
CA LEU B 946 -19.00 5.36 11.85
C LEU B 946 -20.06 5.46 12.93
N ASN B 947 -20.72 6.60 13.08
CA ASN B 947 -21.74 6.74 14.12
C ASN B 947 -23.14 6.41 13.60
N ASP B 948 -23.40 6.55 12.31
CA ASP B 948 -24.63 6.00 11.74
C ASP B 948 -24.62 4.48 11.78
N ILE B 949 -23.51 3.89 11.31
CA ILE B 949 -23.29 2.45 11.40
C ILE B 949 -23.35 1.98 12.85
N LEU B 950 -22.85 2.80 13.78
CA LEU B 950 -23.03 2.55 15.20
C LEU B 950 -24.50 2.58 15.59
N SER B 951 -25.17 3.71 15.38
CA SER B 951 -26.45 3.96 16.03
C SER B 951 -27.65 3.49 15.22
N ARG B 952 -27.65 3.76 13.92
CA ARG B 952 -28.84 3.53 13.09
C ARG B 952 -29.05 2.06 12.77
N LEU B 953 -27.98 1.32 12.51
CA LEU B 953 -28.13 -0.07 12.09
C LEU B 953 -28.14 -1.01 13.29
N ASP B 954 -28.27 -2.30 12.98
CA ASP B 954 -28.25 -3.33 14.01
C ASP B 954 -26.83 -3.48 14.55
N PRO B 955 -26.67 -3.97 15.77
CA PRO B 955 -25.33 -4.33 16.26
C PRO B 955 -24.68 -5.46 15.47
N PRO B 956 -25.41 -6.42 14.87
CA PRO B 956 -24.72 -7.23 13.86
C PRO B 956 -24.47 -6.49 12.56
N GLU B 957 -25.32 -5.53 12.19
CA GLU B 957 -25.04 -4.70 11.02
C GLU B 957 -23.93 -3.70 11.28
N ALA B 958 -23.60 -3.44 12.54
CA ALA B 958 -22.57 -2.46 12.87
C ALA B 958 -21.17 -3.03 12.66
N GLU B 959 -20.82 -4.09 13.39
CA GLU B 959 -19.44 -4.59 13.47
C GLU B 959 -18.94 -5.12 12.13
N VAL B 960 -19.84 -5.53 11.24
CA VAL B 960 -19.46 -5.83 9.87
C VAL B 960 -18.92 -4.58 9.18
N GLN B 961 -19.60 -3.45 9.36
CA GLN B 961 -19.23 -2.21 8.67
C GLN B 961 -18.39 -1.26 9.51
N ILE B 962 -18.21 -1.53 10.80
CA ILE B 962 -17.14 -0.86 11.54
C ILE B 962 -15.80 -1.40 11.08
N ASP B 963 -15.68 -2.72 10.96
CA ASP B 963 -14.43 -3.37 10.61
C ASP B 963 -14.03 -3.11 9.17
N ARG B 964 -14.97 -2.69 8.32
CA ARG B 964 -14.62 -2.27 6.97
C ARG B 964 -13.97 -0.88 6.96
N LEU B 965 -14.60 0.09 7.61
CA LEU B 965 -14.12 1.47 7.53
C LEU B 965 -12.83 1.69 8.31
N ILE B 966 -12.49 0.82 9.25
CA ILE B 966 -11.21 1.01 9.93
C ILE B 966 -10.08 0.55 9.02
N THR B 967 -10.18 -0.69 8.53
CA THR B 967 -9.17 -1.26 7.63
C THR B 967 -9.04 -0.44 6.35
N GLY B 968 -10.12 0.20 5.91
CA GLY B 968 -10.00 1.17 4.83
C GLY B 968 -9.21 2.39 5.23
N ARG B 969 -9.60 3.03 6.34
CA ARG B 969 -8.93 4.27 6.74
C ARG B 969 -7.54 4.03 7.29
N LEU B 970 -7.29 2.84 7.85
CA LEU B 970 -5.97 2.54 8.40
C LEU B 970 -4.92 2.49 7.31
N GLN B 971 -5.20 1.79 6.23
CA GLN B 971 -4.23 1.74 5.16
C GLN B 971 -4.35 2.92 4.21
N SER B 972 -5.34 3.77 4.39
CA SER B 972 -5.27 5.09 3.80
C SER B 972 -4.49 6.05 4.68
N LEU B 973 -4.39 5.75 5.97
CA LEU B 973 -3.49 6.51 6.83
C LEU B 973 -2.04 6.17 6.54
N GLN B 974 -1.76 4.87 6.33
CA GLN B 974 -0.39 4.46 6.03
C GLN B 974 0.10 4.94 4.70
N THR B 975 -0.80 5.18 3.74
CA THR B 975 -0.34 5.70 2.46
C THR B 975 0.10 7.15 2.61
N TYR B 976 -0.64 7.92 3.43
CA TYR B 976 -0.22 9.27 3.77
C TYR B 976 1.12 9.29 4.47
N VAL B 977 1.30 8.40 5.44
CA VAL B 977 2.54 8.35 6.22
C VAL B 977 3.72 8.01 5.32
N THR B 978 3.49 7.12 4.36
CA THR B 978 4.55 6.78 3.42
C THR B 978 4.83 7.93 2.46
N GLN B 979 3.79 8.59 1.95
CA GLN B 979 4.07 9.65 0.99
C GLN B 979 4.58 10.93 1.62
N GLN B 980 4.37 11.14 2.92
CA GLN B 980 5.15 12.18 3.58
C GLN B 980 6.60 11.75 3.70
N LEU B 981 6.82 10.46 3.90
CA LEU B 981 8.17 9.96 4.15
C LEU B 981 9.02 9.97 2.89
N ILE B 982 8.39 10.00 1.72
CA ILE B 982 9.13 10.14 0.47
C ILE B 982 9.33 11.62 0.15
N ARG B 983 8.31 12.42 0.37
CA ARG B 983 8.40 13.85 0.09
C ARG B 983 9.35 14.54 1.05
N ALA B 984 9.51 14.00 2.26
CA ALA B 984 10.53 14.49 3.18
C ALA B 984 11.89 13.90 2.91
N ALA B 985 12.05 13.12 1.84
CA ALA B 985 13.38 12.74 1.40
C ALA B 985 13.84 13.53 0.20
N GLU B 986 12.97 14.34 -0.40
CA GLU B 986 13.43 15.30 -1.39
C GLU B 986 13.83 16.61 -0.72
N ILE B 987 13.13 16.97 0.35
CA ILE B 987 13.48 18.15 1.11
C ILE B 987 14.85 17.97 1.75
N ARG B 988 15.13 16.77 2.25
CA ARG B 988 16.44 16.45 2.82
C ARG B 988 17.52 16.47 1.74
N ALA B 989 17.14 16.32 0.48
CA ALA B 989 18.09 16.61 -0.59
C ALA B 989 18.24 18.11 -0.81
N SER B 990 17.14 18.82 -1.03
CA SER B 990 17.22 20.24 -1.34
C SER B 990 17.42 21.11 -0.11
N ALA B 991 17.55 20.53 1.08
CA ALA B 991 18.13 21.28 2.17
C ALA B 991 19.61 21.00 2.33
N ASN B 992 20.14 20.02 1.59
CA ASN B 992 21.58 19.88 1.52
C ASN B 992 22.20 20.58 0.32
N LEU B 993 21.41 20.92 -0.69
CA LEU B 993 21.90 21.89 -1.67
C LEU B 993 21.96 23.27 -1.07
N ALA B 994 21.19 23.53 -0.02
CA ALA B 994 21.26 24.82 0.61
C ALA B 994 22.26 24.85 1.76
N ALA B 995 22.52 23.73 2.39
CA ALA B 995 23.54 23.72 3.43
C ALA B 995 24.94 23.57 2.86
N THR B 996 25.07 23.48 1.54
CA THR B 996 26.37 23.58 0.91
C THR B 996 26.51 24.89 0.14
N LYS B 997 25.43 25.40 -0.45
CA LYS B 997 25.46 26.74 -1.00
C LYS B 997 25.31 27.83 0.05
N MET B 998 25.21 27.49 1.32
CA MET B 998 25.45 28.46 2.37
C MET B 998 26.74 28.17 3.12
N SER B 999 27.29 26.98 2.98
CA SER B 999 28.68 26.79 3.36
C SER B 999 29.60 27.34 2.28
N GLU B 1000 29.54 26.78 1.07
CA GLU B 1000 30.54 27.11 0.06
C GLU B 1000 30.30 28.47 -0.59
N CYS B 1001 29.07 28.77 -0.97
CA CYS B 1001 28.82 29.95 -1.77
C CYS B 1001 28.71 31.23 -0.94
N VAL B 1002 28.26 31.15 0.30
CA VAL B 1002 28.10 32.35 1.11
C VAL B 1002 29.35 32.68 1.91
N LEU B 1003 30.00 31.67 2.47
CA LEU B 1003 31.20 31.94 3.27
C LEU B 1003 32.42 32.09 2.38
N GLY B 1004 32.76 31.04 1.63
CA GLY B 1004 33.86 31.10 0.68
C GLY B 1004 33.47 31.76 -0.63
N GLN B 1005 34.25 31.49 -1.67
CA GLN B 1005 33.85 31.74 -3.04
C GLN B 1005 34.10 30.44 -3.80
N SER B 1006 33.16 30.07 -4.67
CA SER B 1006 33.14 28.72 -5.21
C SER B 1006 33.88 28.64 -6.53
N LYS B 1007 34.69 27.58 -6.66
CA LYS B 1007 35.45 27.28 -7.87
C LYS B 1007 34.70 26.32 -8.77
N ARG B 1008 33.38 26.35 -8.74
CA ARG B 1008 32.55 25.34 -9.38
C ARG B 1008 31.70 26.01 -10.45
N VAL B 1009 31.60 25.38 -11.60
CA VAL B 1009 31.05 26.04 -12.78
C VAL B 1009 29.54 25.86 -12.79
N ASP B 1010 28.84 26.97 -13.03
CA ASP B 1010 27.36 27.05 -13.03
C ASP B 1010 26.77 26.52 -11.72
N PHE B 1011 27.46 26.79 -10.63
CA PHE B 1011 27.06 26.37 -9.30
C PHE B 1011 27.02 27.61 -8.44
N CYS B 1012 25.80 27.97 -8.02
CA CYS B 1012 25.49 29.21 -7.31
C CYS B 1012 25.94 30.43 -8.13
N GLY B 1013 25.26 30.59 -9.25
CA GLY B 1013 25.47 31.72 -10.12
C GLY B 1013 26.04 31.33 -11.45
N LYS B 1014 25.34 31.67 -12.54
CA LYS B 1014 25.93 31.55 -13.87
C LYS B 1014 27.11 32.48 -13.99
N GLY B 1015 28.10 32.07 -14.76
CA GLY B 1015 29.33 32.82 -14.81
C GLY B 1015 30.10 32.62 -13.52
N TYR B 1016 31.01 33.54 -13.25
CA TYR B 1016 31.89 33.41 -12.10
C TYR B 1016 31.31 34.18 -10.93
N HIS B 1017 30.92 33.45 -9.91
CA HIS B 1017 30.33 33.98 -8.69
C HIS B 1017 31.32 34.86 -7.95
N LEU B 1018 30.81 35.89 -7.27
CA LEU B 1018 31.64 36.75 -6.44
C LEU B 1018 31.23 36.75 -4.97
N MET B 1019 29.98 37.06 -4.68
CA MET B 1019 29.48 37.04 -3.32
C MET B 1019 28.07 36.46 -3.37
N SER B 1020 27.61 35.93 -2.24
CA SER B 1020 26.27 35.40 -2.14
C SER B 1020 25.52 36.06 -1.00
N PHE B 1021 24.22 36.23 -1.19
CA PHE B 1021 23.34 36.88 -0.23
C PHE B 1021 22.25 35.91 0.20
N PRO B 1022 22.25 35.41 1.43
CA PRO B 1022 21.09 34.65 1.88
C PRO B 1022 19.93 35.58 2.16
N GLN B 1023 18.74 35.01 2.07
CA GLN B 1023 17.51 35.68 2.46
C GLN B 1023 16.66 34.67 3.22
N ALA B 1024 15.74 35.19 4.01
CA ALA B 1024 14.68 34.33 4.50
C ALA B 1024 13.53 34.34 3.51
N ALA B 1025 12.65 33.36 3.67
CA ALA B 1025 11.51 33.16 2.79
C ALA B 1025 10.58 32.18 3.48
N PRO B 1026 9.29 32.17 3.14
CA PRO B 1026 8.41 31.16 3.73
C PRO B 1026 8.75 29.79 3.18
N HIS B 1027 9.21 28.91 4.07
CA HIS B 1027 9.69 27.56 3.77
C HIS B 1027 10.79 27.58 2.73
N GLY B 1028 11.91 28.20 3.06
CA GLY B 1028 13.07 28.04 2.21
C GLY B 1028 13.94 29.28 2.11
N VAL B 1029 14.88 29.20 1.18
CA VAL B 1029 16.02 30.10 1.08
C VAL B 1029 16.01 30.73 -0.31
N VAL B 1030 16.26 32.03 -0.38
CA VAL B 1030 16.37 32.74 -1.64
C VAL B 1030 17.76 33.37 -1.70
N PHE B 1031 18.58 32.90 -2.63
CA PHE B 1031 19.93 33.40 -2.79
C PHE B 1031 19.99 34.49 -3.85
N LEU B 1032 20.99 35.35 -3.72
CA LEU B 1032 21.29 36.36 -4.72
C LEU B 1032 22.73 36.18 -5.16
N HIS B 1033 23.00 36.53 -6.40
CA HIS B 1033 24.22 36.09 -7.08
C HIS B 1033 24.97 37.27 -7.69
N VAL B 1034 26.07 37.65 -7.06
CA VAL B 1034 27.01 38.60 -7.66
C VAL B 1034 27.92 37.81 -8.60
N THR B 1035 27.71 37.98 -9.91
CA THR B 1035 28.29 37.13 -10.93
C THR B 1035 29.17 37.93 -11.87
N TYR B 1036 30.29 37.37 -12.27
CA TYR B 1036 31.21 38.00 -13.20
C TYR B 1036 30.89 37.55 -14.62
N VAL B 1037 30.27 38.42 -15.41
CA VAL B 1037 29.93 38.06 -16.79
C VAL B 1037 30.75 38.92 -17.75
N PRO B 1038 31.82 38.38 -18.34
CA PRO B 1038 32.58 39.16 -19.33
C PRO B 1038 31.82 39.37 -20.64
N SER B 1039 32.23 40.41 -21.35
CA SER B 1039 31.49 40.88 -22.51
C SER B 1039 32.39 41.69 -23.43
N GLN B 1040 31.92 41.90 -24.67
CA GLN B 1040 32.50 42.79 -25.67
C GLN B 1040 33.95 42.43 -26.01
N GLU B 1041 34.10 41.24 -26.57
CA GLU B 1041 35.40 40.73 -26.97
C GLU B 1041 35.74 41.21 -28.36
N ARG B 1042 37.02 41.14 -28.70
CA ARG B 1042 37.50 41.39 -30.05
C ARG B 1042 38.49 40.30 -30.41
N ASN B 1043 38.86 40.23 -31.68
CA ASN B 1043 39.72 39.17 -32.17
C ASN B 1043 41.19 39.54 -32.00
N PHE B 1044 41.98 38.58 -31.54
CA PHE B 1044 43.39 38.82 -31.31
C PHE B 1044 44.19 37.63 -31.81
N THR B 1045 45.42 37.90 -32.25
CA THR B 1045 46.29 36.85 -32.78
C THR B 1045 47.16 36.32 -31.66
N THR B 1046 47.12 35.00 -31.48
CA THR B 1046 47.92 34.30 -30.50
C THR B 1046 49.03 33.54 -31.21
N ALA B 1047 50.02 33.13 -30.42
CA ALA B 1047 51.18 32.42 -30.91
C ALA B 1047 51.87 31.74 -29.74
N PRO B 1048 52.55 30.60 -29.94
CA PRO B 1048 53.01 29.82 -28.79
C PRO B 1048 54.19 30.41 -28.03
N ALA B 1049 55.22 30.94 -28.70
CA ALA B 1049 56.43 31.33 -27.99
C ALA B 1049 57.21 32.34 -28.82
N ILE B 1050 58.37 32.74 -28.29
CA ILE B 1050 59.27 33.70 -28.93
C ILE B 1050 60.53 32.98 -29.39
N CYS B 1051 60.95 33.24 -30.63
CA CYS B 1051 62.26 32.79 -31.12
C CYS B 1051 63.25 33.96 -31.01
N HIS B 1052 64.07 33.90 -29.97
CA HIS B 1052 65.20 34.80 -29.74
C HIS B 1052 66.33 33.89 -29.28
N GLU B 1053 67.55 34.20 -29.70
CA GLU B 1053 68.78 33.45 -29.41
C GLU B 1053 68.72 31.99 -29.85
N GLY B 1054 67.79 31.64 -30.74
CA GLY B 1054 67.54 30.26 -31.10
C GLY B 1054 67.01 29.40 -29.97
N LYS B 1055 66.17 29.97 -29.10
CA LYS B 1055 65.64 29.23 -27.97
C LYS B 1055 64.16 29.53 -27.79
N ALA B 1056 63.41 28.57 -27.25
CA ALA B 1056 61.98 28.75 -27.05
C ALA B 1056 61.71 29.42 -25.71
N TYR B 1057 60.72 30.30 -25.69
CA TYR B 1057 60.40 31.09 -24.49
C TYR B 1057 58.93 30.91 -24.14
N PHE B 1058 58.69 30.16 -23.06
CA PHE B 1058 57.52 29.57 -22.44
C PHE B 1058 56.92 30.52 -21.42
N PRO B 1059 55.65 30.89 -21.59
CA PRO B 1059 54.99 31.79 -20.62
C PRO B 1059 54.58 31.09 -19.34
N ARG B 1060 54.56 31.83 -18.23
CA ARG B 1060 53.98 31.29 -17.00
C ARG B 1060 52.47 31.41 -17.02
N GLU B 1061 51.95 32.59 -17.33
CA GLU B 1061 50.53 32.79 -17.50
C GLU B 1061 50.21 33.13 -18.95
N GLY B 1062 48.93 32.99 -19.30
CA GLY B 1062 48.23 33.44 -20.48
C GLY B 1062 48.90 33.14 -21.82
N VAL B 1063 48.58 34.01 -22.79
CA VAL B 1063 48.98 33.86 -24.18
C VAL B 1063 49.92 35.00 -24.53
N PHE B 1064 50.37 35.00 -25.78
CA PHE B 1064 51.03 36.15 -26.38
C PHE B 1064 50.13 36.74 -27.45
N VAL B 1065 49.67 37.97 -27.24
CA VAL B 1065 48.69 38.60 -28.12
C VAL B 1065 49.38 39.63 -28.99
N PHE B 1066 49.22 39.48 -30.30
CA PHE B 1066 49.70 40.48 -31.24
C PHE B 1066 48.70 41.63 -31.29
N ASN B 1067 49.20 42.85 -31.14
CA ASN B 1067 48.35 44.04 -31.14
C ASN B 1067 47.87 44.39 -32.55
N GLY B 1068 48.45 43.78 -33.57
CA GLY B 1068 48.63 44.43 -34.83
C GLY B 1068 49.95 45.16 -34.94
N THR B 1069 50.53 45.50 -33.81
CA THR B 1069 51.77 46.25 -33.66
C THR B 1069 52.76 45.58 -32.72
N SER B 1070 52.29 44.96 -31.64
CA SER B 1070 53.16 44.56 -30.54
C SER B 1070 52.72 43.23 -29.94
N TRP B 1071 53.70 42.48 -29.44
CA TRP B 1071 53.46 41.25 -28.70
C TRP B 1071 53.57 41.49 -27.21
N PHE B 1072 52.68 40.86 -26.46
CA PHE B 1072 52.54 41.08 -25.03
C PHE B 1072 51.71 39.95 -24.42
N ILE B 1073 51.73 39.88 -23.10
CA ILE B 1073 51.10 38.81 -22.34
C ILE B 1073 49.83 39.38 -21.71
N THR B 1074 48.74 38.63 -21.78
CA THR B 1074 47.47 39.03 -21.19
C THR B 1074 46.80 37.79 -20.64
N GLN B 1075 45.66 37.99 -19.97
CA GLN B 1075 44.83 36.88 -19.52
C GLN B 1075 43.47 36.98 -20.19
N ARG B 1076 42.78 35.85 -20.27
CA ARG B 1076 41.60 35.76 -21.11
C ARG B 1076 40.33 36.26 -20.44
N ASN B 1077 40.39 37.03 -19.37
CA ASN B 1077 39.17 37.47 -18.73
C ASN B 1077 38.92 38.96 -18.85
N PHE B 1078 39.95 39.73 -19.21
CA PHE B 1078 39.86 41.14 -19.52
C PHE B 1078 41.17 41.49 -20.23
N PHE B 1079 41.10 42.47 -21.13
CA PHE B 1079 42.27 42.80 -21.94
C PHE B 1079 43.31 43.53 -21.09
N SER B 1080 44.52 43.00 -21.08
CA SER B 1080 45.56 43.44 -20.13
C SER B 1080 46.93 43.37 -20.75
N PRO B 1081 47.37 44.44 -21.42
CA PRO B 1081 48.66 44.38 -22.14
C PRO B 1081 49.89 44.43 -21.25
N GLN B 1082 50.31 43.28 -20.71
CA GLN B 1082 51.55 43.21 -19.95
C GLN B 1082 52.68 42.75 -20.86
N ILE B 1083 53.77 43.49 -20.86
CA ILE B 1083 54.78 43.33 -21.89
C ILE B 1083 55.73 42.21 -21.48
N ILE B 1084 56.21 41.48 -22.50
CA ILE B 1084 57.07 40.31 -22.33
C ILE B 1084 58.41 40.76 -21.78
N THR B 1085 58.72 40.34 -20.56
CA THR B 1085 59.95 40.69 -19.87
C THR B 1085 60.73 39.42 -19.54
N THR B 1086 61.76 39.59 -18.71
CA THR B 1086 62.72 38.55 -18.38
C THR B 1086 62.23 37.53 -17.36
N ASP B 1087 61.14 37.82 -16.62
CA ASP B 1087 60.66 36.88 -15.61
C ASP B 1087 59.20 36.48 -15.77
N ASN B 1088 58.42 37.16 -16.61
CA ASN B 1088 57.07 36.69 -16.91
C ASN B 1088 57.04 35.72 -18.10
N THR B 1089 58.17 35.09 -18.41
CA THR B 1089 58.32 34.09 -19.46
C THR B 1089 59.61 33.35 -19.12
N PHE B 1090 59.63 32.02 -19.31
CA PHE B 1090 60.87 31.29 -19.08
C PHE B 1090 61.23 30.44 -20.29
N VAL B 1091 62.29 29.64 -20.19
CA VAL B 1091 62.98 29.10 -21.35
C VAL B 1091 63.18 27.59 -21.18
N SER B 1092 62.91 26.84 -22.25
CA SER B 1092 63.44 25.50 -22.45
C SER B 1092 63.36 25.17 -23.94
N GLY B 1093 64.43 24.57 -24.47
CA GLY B 1093 64.44 24.11 -25.85
C GLY B 1093 64.66 25.21 -26.87
N ASN B 1094 65.04 24.78 -28.07
CA ASN B 1094 65.31 25.70 -29.17
C ASN B 1094 64.01 26.12 -29.86
N CYS B 1095 64.14 26.90 -30.92
CA CYS B 1095 62.99 27.38 -31.66
C CYS B 1095 62.38 26.27 -32.50
N ASP B 1096 61.17 26.53 -32.97
CA ASP B 1096 60.44 25.72 -33.97
C ASP B 1096 60.13 24.29 -33.50
N VAL B 1097 60.23 24.01 -32.20
CA VAL B 1097 59.54 22.84 -31.68
C VAL B 1097 58.06 23.16 -31.53
N VAL B 1098 57.74 24.40 -31.17
CA VAL B 1098 56.41 24.95 -31.34
C VAL B 1098 56.19 25.26 -32.81
N ILE B 1099 54.98 24.99 -33.29
CA ILE B 1099 54.64 25.26 -34.69
C ILE B 1099 54.13 26.70 -34.76
N GLY B 1100 54.94 27.59 -35.31
CA GLY B 1100 54.53 28.97 -35.46
C GLY B 1100 55.07 29.89 -34.38
N ILE B 1101 56.36 29.76 -34.07
CA ILE B 1101 57.01 30.64 -33.09
C ILE B 1101 57.10 32.05 -33.67
N ILE B 1102 57.29 33.03 -32.78
CA ILE B 1102 57.44 34.41 -33.20
C ILE B 1102 58.93 34.71 -33.33
N ASN B 1103 59.31 35.31 -34.46
CA ASN B 1103 60.62 35.95 -34.53
C ASN B 1103 60.49 37.26 -33.76
N ASN B 1104 60.77 37.18 -32.48
CA ASN B 1104 60.58 38.26 -31.53
C ASN B 1104 61.85 38.32 -30.67
N THR B 1105 61.87 39.21 -29.72
CA THR B 1105 62.92 39.27 -28.72
C THR B 1105 62.25 39.38 -27.36
N VAL B 1106 62.72 38.55 -26.42
CA VAL B 1106 62.35 38.76 -25.03
C VAL B 1106 63.00 40.06 -24.58
N TYR B 1107 62.18 41.08 -24.32
CA TYR B 1107 62.70 42.41 -24.05
C TYR B 1107 63.21 42.52 -22.62
N ARG C 5 -16.20 -67.20 -26.66
CA ARG C 5 -15.10 -67.95 -26.07
C ARG C 5 -13.88 -67.06 -25.81
N CYS C 6 -13.26 -67.23 -24.65
CA CYS C 6 -11.91 -66.72 -24.46
C CYS C 6 -10.95 -67.53 -25.32
N THR C 7 -10.60 -67.00 -26.49
CA THR C 7 -9.60 -67.62 -27.33
C THR C 7 -8.27 -66.93 -27.04
N THR C 8 -7.30 -67.70 -26.59
CA THR C 8 -6.04 -67.17 -26.08
C THR C 8 -4.87 -67.69 -26.90
N PHE C 9 -3.67 -67.24 -26.54
CA PHE C 9 -2.49 -67.86 -27.13
C PHE C 9 -2.14 -69.15 -26.43
N ASP C 10 -1.42 -69.99 -27.18
CA ASP C 10 -0.54 -71.01 -26.63
C ASP C 10 0.92 -70.59 -26.68
N ASP C 11 1.26 -69.63 -27.55
CA ASP C 11 2.63 -69.21 -27.80
C ASP C 11 2.91 -67.95 -26.99
N VAL C 12 3.28 -68.14 -25.73
CA VAL C 12 3.58 -67.06 -24.81
C VAL C 12 5.04 -67.17 -24.40
N GLN C 13 5.83 -66.13 -24.71
CA GLN C 13 7.17 -66.01 -24.17
C GLN C 13 7.33 -64.62 -23.56
N ALA C 14 8.38 -64.48 -22.77
CA ALA C 14 8.63 -63.27 -21.99
C ALA C 14 9.53 -62.30 -22.76
N PRO C 15 9.36 -60.99 -22.55
CA PRO C 15 10.28 -60.02 -23.13
C PRO C 15 11.55 -59.86 -22.30
N ASN C 16 12.37 -58.88 -22.67
CA ASN C 16 13.66 -58.68 -22.02
C ASN C 16 13.58 -57.78 -20.79
N TYR C 17 12.46 -57.04 -20.62
CA TYR C 17 12.30 -56.01 -19.59
C TYR C 17 13.45 -55.01 -19.62
N THR C 18 13.72 -54.46 -20.80
CA THR C 18 14.81 -53.49 -20.93
C THR C 18 14.42 -52.19 -20.26
N GLN C 19 15.14 -51.87 -19.18
CA GLN C 19 14.90 -50.66 -18.40
C GLN C 19 15.43 -49.46 -19.17
N HIS C 20 14.69 -49.08 -20.20
CA HIS C 20 15.15 -47.99 -21.05
C HIS C 20 14.78 -46.67 -20.40
N THR C 21 15.54 -45.64 -20.75
CA THR C 21 15.46 -44.36 -20.07
C THR C 21 14.97 -43.31 -21.06
N SER C 22 13.74 -42.86 -20.88
CA SER C 22 13.13 -41.89 -21.78
C SER C 22 13.77 -40.52 -21.56
N SER C 23 14.58 -40.09 -22.51
CA SER C 23 15.29 -38.82 -22.34
C SER C 23 14.34 -37.64 -22.47
N MET C 24 13.76 -37.45 -23.65
CA MET C 24 12.98 -36.25 -23.94
C MET C 24 11.69 -36.63 -24.64
N ARG C 25 11.04 -37.68 -24.18
CA ARG C 25 9.78 -38.13 -24.75
C ARG C 25 8.62 -37.56 -23.94
N GLY C 26 7.42 -37.65 -24.51
CA GLY C 26 6.24 -37.28 -23.77
C GLY C 26 6.02 -35.80 -23.61
N VAL C 27 6.06 -35.06 -24.71
CA VAL C 27 5.79 -33.63 -24.72
C VAL C 27 4.60 -33.37 -25.65
N TYR C 28 3.57 -32.73 -25.12
CA TYR C 28 2.34 -32.59 -25.88
C TYR C 28 1.84 -31.17 -25.82
N TYR C 29 1.11 -30.79 -26.85
CA TYR C 29 0.38 -29.54 -26.86
C TYR C 29 -0.76 -29.62 -25.85
N PRO C 30 -0.75 -28.80 -24.79
CA PRO C 30 -1.68 -29.04 -23.68
C PRO C 30 -3.12 -28.62 -23.92
N ASP C 31 -3.38 -27.67 -24.83
CA ASP C 31 -4.74 -27.28 -25.18
C ASP C 31 -4.70 -26.56 -26.53
N GLU C 32 -5.82 -25.95 -26.90
CA GLU C 32 -5.98 -25.40 -28.23
C GLU C 32 -5.54 -23.94 -28.34
N ILE C 33 -4.72 -23.47 -27.41
CA ILE C 33 -4.36 -22.06 -27.37
C ILE C 33 -3.19 -21.81 -28.31
N PHE C 34 -3.32 -20.80 -29.16
CA PHE C 34 -2.25 -20.39 -30.07
C PHE C 34 -1.40 -19.33 -29.40
N ARG C 35 -0.28 -19.75 -28.83
CA ARG C 35 0.68 -18.82 -28.25
C ARG C 35 1.91 -18.81 -29.16
N SER C 36 2.43 -17.62 -29.43
CA SER C 36 3.47 -17.44 -30.42
C SER C 36 4.65 -16.71 -29.80
N ASP C 37 5.86 -17.19 -30.16
CA ASP C 37 7.11 -16.44 -29.98
C ASP C 37 7.38 -16.15 -28.50
N THR C 38 7.08 -17.11 -27.64
CA THR C 38 7.05 -16.84 -26.21
C THR C 38 7.67 -18.01 -25.48
N LEU C 39 7.50 -18.05 -24.15
CA LEU C 39 8.17 -19.03 -23.31
C LEU C 39 7.24 -19.26 -22.12
N TYR C 40 6.50 -20.36 -22.15
CA TYR C 40 5.39 -20.55 -21.25
C TYR C 40 5.69 -21.65 -20.25
N LEU C 41 5.25 -21.42 -19.02
CA LEU C 41 5.45 -22.34 -17.91
C LEU C 41 4.12 -22.93 -17.49
N THR C 42 4.10 -24.23 -17.21
CA THR C 42 2.86 -24.88 -16.81
C THR C 42 3.19 -26.10 -15.96
N GLN C 43 2.14 -26.64 -15.35
CA GLN C 43 2.25 -27.83 -14.52
C GLN C 43 1.10 -28.76 -14.86
N ASP C 44 1.42 -30.00 -15.22
CA ASP C 44 0.44 -30.95 -15.73
C ASP C 44 1.07 -32.33 -15.64
N LEU C 45 0.27 -33.36 -15.91
CA LEU C 45 0.78 -34.73 -15.96
C LEU C 45 1.71 -34.88 -17.14
N PHE C 46 3.00 -34.91 -16.87
CA PHE C 46 4.03 -35.06 -17.88
C PHE C 46 4.88 -36.28 -17.56
N LEU C 47 5.41 -36.89 -18.60
CA LEU C 47 6.45 -37.87 -18.38
C LEU C 47 7.71 -37.14 -17.95
N PRO C 48 8.31 -37.51 -16.83
CA PRO C 48 9.58 -36.87 -16.44
C PRO C 48 10.70 -37.18 -17.41
N PHE C 49 11.65 -36.27 -17.50
CA PHE C 49 12.86 -36.56 -18.24
C PHE C 49 13.65 -37.63 -17.51
N TYR C 50 14.33 -38.46 -18.30
CA TYR C 50 15.26 -39.50 -17.83
C TYR C 50 14.60 -40.50 -16.88
N SER C 51 13.29 -40.69 -17.01
CA SER C 51 12.58 -41.69 -16.24
C SER C 51 12.68 -43.04 -16.95
N ASN C 52 12.28 -44.08 -16.24
CA ASN C 52 12.38 -45.44 -16.76
C ASN C 52 11.12 -45.86 -17.49
N VAL C 53 11.30 -46.41 -18.69
CA VAL C 53 10.28 -47.22 -19.35
C VAL C 53 10.79 -48.65 -19.39
N THR C 54 9.86 -49.60 -19.42
CA THR C 54 10.18 -51.02 -19.43
C THR C 54 9.84 -51.59 -20.80
N GLY C 55 10.78 -52.35 -21.36
CA GLY C 55 10.75 -52.77 -22.74
C GLY C 55 9.82 -53.93 -23.07
N PHE C 56 8.53 -53.67 -23.09
CA PHE C 56 7.57 -54.68 -23.52
C PHE C 56 7.67 -54.86 -25.03
N HIS C 57 8.46 -55.82 -25.46
CA HIS C 57 8.54 -56.11 -26.87
C HIS C 57 7.81 -57.41 -27.18
N THR C 58 7.74 -57.73 -28.46
CA THR C 58 6.97 -58.85 -28.96
C THR C 58 7.60 -59.24 -30.30
N ILE C 59 8.31 -60.37 -30.33
CA ILE C 59 8.93 -60.81 -31.57
C ILE C 59 8.90 -62.34 -31.74
N ASN C 60 7.92 -62.81 -32.52
CA ASN C 60 7.80 -64.13 -33.13
C ASN C 60 7.56 -65.29 -32.16
N HIS C 61 7.86 -65.10 -30.88
CA HIS C 61 7.43 -66.00 -29.80
C HIS C 61 7.01 -65.26 -28.54
N THR C 62 7.52 -64.05 -28.31
CA THR C 62 7.18 -63.28 -27.12
C THR C 62 5.75 -62.76 -27.24
N PHE C 63 4.93 -63.06 -26.23
CA PHE C 63 3.56 -62.55 -26.14
C PHE C 63 3.40 -61.97 -24.73
N GLY C 64 3.85 -60.73 -24.57
CA GLY C 64 3.57 -60.02 -23.34
C GLY C 64 2.35 -59.16 -23.57
N ASN C 65 1.19 -59.67 -23.18
CA ASN C 65 -0.08 -58.97 -23.39
C ASN C 65 -0.90 -58.90 -22.11
N PRO C 66 -0.38 -58.25 -21.02
CA PRO C 66 -1.11 -58.33 -19.75
C PRO C 66 -2.01 -57.14 -19.50
N VAL C 67 -2.90 -57.28 -18.52
CA VAL C 67 -3.46 -56.11 -17.87
C VAL C 67 -2.33 -55.37 -17.16
N ILE C 68 -2.17 -54.09 -17.46
CA ILE C 68 -1.07 -53.29 -16.92
C ILE C 68 -1.69 -52.20 -16.04
N PRO C 69 -1.11 -51.91 -14.87
CA PRO C 69 -1.58 -50.79 -14.06
C PRO C 69 -1.44 -49.45 -14.77
N PHE C 70 -2.38 -48.55 -14.49
CA PHE C 70 -2.56 -47.32 -15.23
C PHE C 70 -2.29 -46.10 -14.37
N LYS C 71 -3.08 -45.91 -13.30
CA LYS C 71 -2.96 -45.02 -12.16
C LYS C 71 -3.08 -43.53 -12.43
N ASP C 72 -2.75 -43.08 -13.65
CA ASP C 72 -2.76 -41.67 -13.99
C ASP C 72 -3.18 -41.39 -15.42
N GLY C 73 -2.96 -42.31 -16.34
CA GLY C 73 -2.61 -41.97 -17.71
C GLY C 73 -1.16 -42.34 -17.93
N ILE C 74 -0.81 -42.86 -19.09
CA ILE C 74 0.55 -43.32 -19.33
C ILE C 74 1.09 -42.73 -20.62
N TYR C 75 2.37 -43.00 -20.84
CA TYR C 75 3.02 -42.83 -22.12
C TYR C 75 3.01 -44.15 -22.85
N PHE C 76 2.51 -44.16 -24.08
CA PHE C 76 2.53 -45.36 -24.90
C PHE C 76 3.36 -45.11 -26.14
N ALA C 77 4.47 -45.84 -26.27
CA ALA C 77 5.21 -45.92 -27.51
C ALA C 77 4.85 -47.20 -28.23
N ALA C 78 5.22 -47.26 -29.51
CA ALA C 78 4.99 -48.45 -30.32
C ALA C 78 6.07 -48.50 -31.39
N THR C 79 7.11 -49.28 -31.13
CA THR C 79 8.19 -49.49 -32.10
C THR C 79 7.72 -50.56 -33.07
N GLU C 80 7.30 -50.15 -34.27
CA GLU C 80 6.61 -51.06 -35.17
C GLU C 80 7.23 -51.07 -36.56
N LYS C 81 7.21 -52.27 -37.15
CA LYS C 81 7.25 -52.46 -38.59
C LYS C 81 6.16 -53.38 -39.08
N SER C 82 5.58 -54.20 -38.20
CA SER C 82 4.45 -55.06 -38.51
C SER C 82 3.14 -54.56 -37.92
N ASN C 83 3.19 -53.48 -37.12
CA ASN C 83 2.01 -52.79 -36.56
C ASN C 83 1.17 -53.74 -35.70
N VAL C 84 1.86 -54.47 -34.82
CA VAL C 84 1.27 -55.53 -34.01
C VAL C 84 0.28 -54.98 -32.99
N VAL C 85 0.49 -53.75 -32.52
CA VAL C 85 -0.45 -53.13 -31.61
C VAL C 85 -1.43 -52.28 -32.41
N ARG C 86 -2.71 -52.62 -32.31
CA ARG C 86 -3.78 -51.77 -32.81
C ARG C 86 -4.93 -51.71 -31.81
N GLY C 87 -4.67 -52.06 -30.55
CA GLY C 87 -5.74 -52.34 -29.62
C GLY C 87 -5.39 -51.99 -28.19
N TRP C 88 -6.35 -51.36 -27.52
CA TRP C 88 -6.26 -51.10 -26.08
C TRP C 88 -7.65 -51.25 -25.47
N VAL C 89 -7.70 -51.93 -24.33
CA VAL C 89 -8.93 -52.07 -23.54
C VAL C 89 -8.73 -51.33 -22.22
N PHE C 90 -9.70 -50.52 -21.84
CA PHE C 90 -9.57 -49.62 -20.70
C PHE C 90 -10.65 -49.94 -19.67
N GLY C 91 -10.25 -50.04 -18.41
CA GLY C 91 -11.19 -50.34 -17.35
C GLY C 91 -10.47 -50.49 -16.02
N SER C 92 -11.21 -50.96 -15.03
CA SER C 92 -10.67 -51.12 -13.68
C SER C 92 -10.66 -52.58 -13.22
N THR C 93 -11.77 -53.30 -13.39
CA THR C 93 -11.87 -54.68 -12.96
C THR C 93 -11.76 -55.68 -14.10
N MET C 94 -11.81 -55.20 -15.35
CA MET C 94 -11.66 -56.01 -16.57
C MET C 94 -12.72 -57.10 -16.68
N ASN C 95 -13.92 -56.84 -16.17
CA ASN C 95 -15.04 -57.76 -16.30
C ASN C 95 -16.31 -56.96 -16.53
N ASN C 96 -17.39 -57.66 -16.84
CA ASN C 96 -18.64 -57.00 -17.19
C ASN C 96 -19.48 -56.60 -15.97
N LYS C 97 -18.84 -55.94 -15.00
CA LYS C 97 -19.51 -55.43 -13.81
C LYS C 97 -19.91 -53.98 -13.97
N SER C 98 -19.01 -53.16 -14.50
CA SER C 98 -19.26 -51.77 -14.81
C SER C 98 -18.70 -51.51 -16.20
N GLN C 99 -18.64 -50.25 -16.58
CA GLN C 99 -18.34 -49.89 -17.96
C GLN C 99 -16.85 -50.00 -18.24
N SER C 100 -16.53 -50.46 -19.45
CA SER C 100 -15.16 -50.57 -19.92
C SER C 100 -15.10 -50.18 -21.39
N VAL C 101 -13.96 -49.61 -21.78
CA VAL C 101 -13.78 -49.07 -23.13
C VAL C 101 -12.67 -49.84 -23.84
N ILE C 102 -12.99 -50.33 -25.04
CA ILE C 102 -12.03 -51.03 -25.89
C ILE C 102 -11.84 -50.19 -27.14
N ILE C 103 -10.58 -50.05 -27.57
CA ILE C 103 -10.22 -49.21 -28.72
C ILE C 103 -9.44 -50.08 -29.70
N ILE C 104 -10.05 -50.43 -30.82
CA ILE C 104 -9.49 -51.39 -31.76
C ILE C 104 -9.53 -50.81 -33.17
N ASN C 105 -8.37 -50.75 -33.82
CA ASN C 105 -8.31 -50.64 -35.27
C ASN C 105 -8.61 -52.01 -35.87
N ASN C 106 -9.64 -52.11 -36.71
CA ASN C 106 -9.96 -53.37 -37.37
C ASN C 106 -9.44 -53.41 -38.80
N SER C 107 -8.41 -52.61 -39.09
CA SER C 107 -7.82 -52.34 -40.41
C SER C 107 -8.80 -51.71 -41.39
N THR C 108 -9.95 -51.22 -40.93
CA THR C 108 -10.80 -50.36 -41.73
C THR C 108 -11.02 -49.01 -41.06
N ASN C 109 -11.37 -49.01 -39.79
CA ASN C 109 -11.45 -47.80 -38.97
C ASN C 109 -11.13 -48.20 -37.53
N VAL C 110 -11.48 -47.35 -36.58
CA VAL C 110 -11.41 -47.72 -35.17
C VAL C 110 -12.82 -47.66 -34.60
N VAL C 111 -13.28 -48.78 -34.12
CA VAL C 111 -14.49 -48.84 -33.31
C VAL C 111 -14.08 -48.71 -31.86
N ILE C 112 -14.84 -47.92 -31.10
CA ILE C 112 -14.63 -47.75 -29.68
C ILE C 112 -15.99 -47.86 -29.02
N ARG C 113 -16.11 -48.76 -28.06
CA ARG C 113 -17.38 -49.01 -27.40
C ARG C 113 -17.21 -48.90 -25.90
N ALA C 114 -18.29 -48.60 -25.20
CA ALA C 114 -18.30 -48.52 -23.75
C ALA C 114 -19.49 -49.34 -23.24
N CYS C 115 -19.27 -50.64 -23.08
CA CYS C 115 -20.29 -51.56 -22.61
C CYS C 115 -19.80 -52.22 -21.32
N ASN C 116 -20.52 -53.23 -20.85
CA ASN C 116 -19.99 -54.11 -19.80
C ASN C 116 -19.47 -55.35 -20.53
N PHE C 117 -18.15 -55.42 -20.69
CA PHE C 117 -17.53 -56.48 -21.46
C PHE C 117 -16.99 -57.57 -20.55
N GLU C 118 -17.43 -58.81 -20.79
CA GLU C 118 -16.77 -59.96 -20.20
C GLU C 118 -15.44 -60.15 -20.93
N LEU C 119 -14.35 -60.00 -20.21
CA LEU C 119 -13.04 -59.95 -20.83
C LEU C 119 -12.23 -61.20 -20.51
N CYS C 120 -11.16 -61.38 -21.25
CA CYS C 120 -10.32 -62.57 -21.15
C CYS C 120 -8.93 -62.17 -20.66
N ASP C 121 -8.06 -63.18 -20.54
CA ASP C 121 -6.73 -62.97 -19.97
C ASP C 121 -5.66 -62.80 -21.04
N ASN C 122 -5.74 -63.51 -22.16
CA ASN C 122 -4.77 -63.41 -23.24
C ASN C 122 -5.47 -63.21 -24.59
N PRO C 123 -6.11 -62.06 -24.81
CA PRO C 123 -6.78 -61.85 -26.09
C PRO C 123 -5.78 -61.52 -27.19
N PHE C 124 -6.27 -61.56 -28.43
CA PHE C 124 -5.42 -61.24 -29.57
C PHE C 124 -6.28 -60.77 -30.74
N PHE C 125 -5.64 -60.58 -31.90
CA PHE C 125 -6.29 -60.25 -33.16
C PHE C 125 -6.22 -61.47 -34.06
N ALA C 126 -7.38 -61.99 -34.47
CA ALA C 126 -7.36 -63.10 -35.41
C ALA C 126 -6.92 -62.60 -36.78
N VAL C 127 -5.63 -62.69 -37.06
CA VAL C 127 -5.00 -62.13 -38.24
C VAL C 127 -4.10 -63.19 -38.86
N SER C 128 -4.30 -63.46 -40.15
CA SER C 128 -3.43 -64.39 -40.85
C SER C 128 -2.07 -63.77 -41.12
N LYS C 129 -1.04 -64.60 -41.05
CA LYS C 129 0.34 -64.09 -41.15
C LYS C 129 0.75 -63.79 -42.60
N PRO C 130 0.56 -64.70 -43.63
CA PRO C 130 1.01 -64.31 -44.98
C PRO C 130 -0.05 -63.59 -45.79
N MET C 131 -1.30 -63.63 -45.35
CA MET C 131 -2.39 -63.04 -46.13
C MET C 131 -2.41 -61.53 -45.98
N GLY C 132 -2.63 -61.05 -44.77
CA GLY C 132 -2.79 -59.64 -44.52
C GLY C 132 -4.21 -59.19 -44.29
N THR C 133 -5.06 -60.02 -43.69
CA THR C 133 -6.41 -59.62 -43.31
C THR C 133 -6.62 -59.89 -41.82
N GLN C 134 -7.59 -59.19 -41.26
CA GLN C 134 -7.97 -59.33 -39.86
C GLN C 134 -9.37 -59.95 -39.77
N THR C 135 -9.46 -61.12 -39.16
CA THR C 135 -10.76 -61.79 -39.07
C THR C 135 -11.63 -61.16 -38.00
N HIS C 136 -11.22 -61.26 -36.74
CA HIS C 136 -12.00 -60.70 -35.65
C HIS C 136 -11.09 -60.40 -34.47
N THR C 137 -11.47 -59.37 -33.73
CA THR C 137 -10.81 -58.99 -32.49
C THR C 137 -11.37 -59.85 -31.36
N MET C 138 -10.70 -60.98 -31.10
CA MET C 138 -11.19 -61.97 -30.13
C MET C 138 -10.84 -61.53 -28.70
N ILE C 139 -11.72 -60.71 -28.12
CA ILE C 139 -11.58 -60.27 -26.74
C ILE C 139 -12.80 -60.65 -25.91
N PHE C 140 -13.97 -60.14 -26.28
CA PHE C 140 -15.14 -60.10 -25.42
C PHE C 140 -15.95 -61.39 -25.52
N ASP C 141 -16.48 -61.81 -24.38
CA ASP C 141 -17.45 -62.89 -24.32
C ASP C 141 -18.88 -62.39 -24.20
N ASN C 142 -19.07 -61.16 -23.73
CA ASN C 142 -20.39 -60.57 -23.53
C ASN C 142 -20.24 -59.07 -23.71
N ALA C 143 -21.33 -58.42 -24.12
CA ALA C 143 -21.30 -56.99 -24.41
C ALA C 143 -22.70 -56.43 -24.16
N PHE C 144 -22.87 -55.78 -23.01
CA PHE C 144 -24.17 -55.25 -22.62
C PHE C 144 -23.97 -53.97 -21.84
N ASN C 145 -25.09 -53.25 -21.64
CA ASN C 145 -25.13 -51.93 -21.01
C ASN C 145 -24.17 -50.97 -21.71
N CYS C 146 -24.36 -50.85 -23.02
CA CYS C 146 -23.48 -50.05 -23.85
C CYS C 146 -23.82 -48.58 -23.68
N THR C 147 -22.85 -47.81 -23.18
CA THR C 147 -23.06 -46.39 -22.88
C THR C 147 -22.49 -45.46 -23.92
N PHE C 148 -21.38 -45.82 -24.58
CA PHE C 148 -20.80 -45.00 -25.63
C PHE C 148 -20.32 -45.88 -26.76
N GLU C 149 -20.44 -45.38 -27.98
CA GLU C 149 -19.92 -46.10 -29.14
C GLU C 149 -19.38 -45.12 -30.17
N TYR C 150 -18.15 -45.36 -30.64
CA TYR C 150 -17.48 -44.46 -31.57
C TYR C 150 -17.03 -45.21 -32.82
N ILE C 151 -17.11 -44.52 -33.96
CA ILE C 151 -16.69 -45.01 -35.27
C ILE C 151 -15.78 -43.95 -35.90
N SER C 152 -14.59 -44.36 -36.35
CA SER C 152 -13.56 -43.42 -36.75
C SER C 152 -13.50 -43.26 -38.27
N ASP C 153 -12.46 -42.58 -38.74
CA ASP C 153 -12.19 -42.38 -40.15
C ASP C 153 -11.95 -43.70 -40.87
N ALA C 154 -12.54 -43.84 -42.05
CA ALA C 154 -12.34 -45.03 -42.87
C ALA C 154 -10.97 -44.99 -43.53
N PHE C 155 -10.28 -46.13 -43.50
CA PHE C 155 -9.03 -46.34 -44.22
C PHE C 155 -8.87 -47.83 -44.46
N SER C 156 -7.66 -48.24 -44.83
CA SER C 156 -7.35 -49.66 -45.00
C SER C 156 -5.87 -49.84 -44.71
N LEU C 157 -5.55 -50.50 -43.60
CA LEU C 157 -4.18 -50.70 -43.17
C LEU C 157 -3.79 -52.16 -43.35
N ASP C 158 -2.59 -52.38 -43.90
CA ASP C 158 -2.06 -53.73 -44.04
C ASP C 158 -1.72 -54.31 -42.68
N VAL C 159 -2.08 -55.57 -42.46
CA VAL C 159 -1.89 -56.20 -41.16
C VAL C 159 -1.01 -57.45 -41.28
N SER C 160 -0.09 -57.45 -42.24
CA SER C 160 0.79 -58.59 -42.46
C SER C 160 2.19 -58.32 -41.90
N GLU C 161 3.00 -59.38 -41.83
CA GLU C 161 4.38 -59.25 -41.36
C GLU C 161 5.26 -58.62 -42.43
N LYS C 162 6.06 -57.63 -42.02
CA LYS C 162 7.13 -57.10 -42.86
C LYS C 162 8.49 -57.35 -42.21
N SER C 163 9.53 -57.20 -43.01
CA SER C 163 10.90 -57.49 -42.65
C SER C 163 11.70 -56.20 -42.47
N GLY C 164 13.01 -56.36 -42.29
CA GLY C 164 13.88 -55.21 -42.12
C GLY C 164 13.93 -54.75 -40.68
N ASN C 165 14.40 -53.52 -40.49
CA ASN C 165 14.35 -52.90 -39.18
C ASN C 165 12.98 -52.28 -38.95
N PHE C 166 12.77 -51.75 -37.75
CA PHE C 166 11.56 -51.01 -37.49
C PHE C 166 11.63 -49.67 -38.19
N LYS C 167 10.53 -49.27 -38.81
CA LYS C 167 10.53 -48.08 -39.65
C LYS C 167 9.55 -47.02 -39.21
N HIS C 168 8.69 -47.29 -38.23
CA HIS C 168 7.71 -46.32 -37.77
C HIS C 168 7.63 -46.39 -36.26
N LEU C 169 7.75 -45.24 -35.60
CA LEU C 169 7.54 -45.13 -34.16
C LEU C 169 6.33 -44.24 -33.94
N ARG C 170 5.27 -44.82 -33.41
CA ARG C 170 4.07 -44.08 -33.08
C ARG C 170 3.98 -43.92 -31.58
N GLU C 171 3.78 -42.68 -31.14
CA GLU C 171 3.77 -42.35 -29.72
C GLU C 171 2.38 -41.86 -29.36
N PHE C 172 1.90 -42.29 -28.20
CA PHE C 172 0.55 -41.96 -27.77
C PHE C 172 0.55 -41.63 -26.29
N VAL C 173 -0.29 -40.68 -25.92
CA VAL C 173 -0.45 -40.28 -24.53
C VAL C 173 -1.92 -40.38 -24.16
N PHE C 174 -2.19 -41.15 -23.12
CA PHE C 174 -3.54 -41.34 -22.59
C PHE C 174 -3.61 -40.63 -21.25
N LYS C 175 -4.76 -40.05 -20.94
CA LYS C 175 -4.92 -39.28 -19.71
C LYS C 175 -6.32 -39.50 -19.15
N ASN C 176 -6.38 -39.86 -17.87
CA ASN C 176 -7.65 -40.02 -17.15
C ASN C 176 -7.95 -38.71 -16.44
N LYS C 177 -8.70 -37.84 -17.11
CA LYS C 177 -9.02 -36.53 -16.56
C LYS C 177 -10.48 -36.20 -16.85
N ASP C 178 -11.24 -35.89 -15.79
CA ASP C 178 -12.65 -35.47 -15.86
C ASP C 178 -13.52 -36.51 -16.55
N GLY C 179 -13.20 -37.79 -16.36
CA GLY C 179 -13.86 -38.85 -17.09
C GLY C 179 -13.62 -38.86 -18.57
N PHE C 180 -12.68 -38.06 -19.07
CA PHE C 180 -12.33 -38.03 -20.48
C PHE C 180 -11.05 -38.81 -20.69
N LEU C 181 -11.04 -39.65 -21.71
CA LEU C 181 -9.78 -40.10 -22.26
C LEU C 181 -9.21 -38.96 -23.10
N TYR C 182 -7.92 -38.71 -22.95
CA TYR C 182 -7.23 -37.78 -23.83
C TYR C 182 -6.37 -38.57 -24.81
N VAL C 183 -6.49 -38.23 -26.08
CA VAL C 183 -5.80 -38.91 -27.17
C VAL C 183 -4.79 -37.94 -27.76
N TYR C 184 -3.52 -38.17 -27.48
CA TYR C 184 -2.44 -37.36 -28.02
C TYR C 184 -1.60 -38.24 -28.94
N LYS C 185 -1.14 -37.66 -30.05
CA LYS C 185 -0.62 -38.46 -31.15
C LYS C 185 0.61 -37.80 -31.76
N GLY C 186 1.63 -38.61 -32.02
CA GLY C 186 2.80 -38.16 -32.75
C GLY C 186 3.36 -39.29 -33.57
N TYR C 187 4.39 -38.99 -34.35
CA TYR C 187 4.86 -39.89 -35.38
C TYR C 187 6.25 -39.48 -35.79
N GLN C 188 7.14 -40.46 -35.99
CA GLN C 188 8.46 -40.18 -36.52
C GLN C 188 9.00 -41.43 -37.18
N PRO C 189 9.85 -41.28 -38.21
CA PRO C 189 10.56 -42.44 -38.74
C PRO C 189 11.61 -42.93 -37.76
N ILE C 190 11.58 -44.21 -37.47
CA ILE C 190 12.55 -44.84 -36.57
C ILE C 190 13.39 -45.80 -37.41
N ASP C 191 14.61 -46.07 -36.95
CA ASP C 191 15.45 -47.10 -37.54
C ASP C 191 16.23 -47.74 -36.40
N VAL C 192 15.64 -48.78 -35.80
CA VAL C 192 16.22 -49.44 -34.63
C VAL C 192 16.02 -50.94 -34.72
N VAL C 193 16.76 -51.65 -33.89
CA VAL C 193 16.48 -53.05 -33.59
C VAL C 193 16.04 -53.24 -32.14
N ARG C 194 16.28 -52.25 -31.27
CA ARG C 194 16.00 -52.33 -29.85
C ARG C 194 15.27 -51.05 -29.45
N ASP C 195 15.20 -50.76 -28.14
CA ASP C 195 14.10 -50.07 -27.47
C ASP C 195 13.53 -48.84 -28.16
N LEU C 196 14.30 -47.74 -28.17
CA LEU C 196 13.95 -46.46 -28.77
C LEU C 196 15.14 -45.51 -28.66
N PRO C 197 15.32 -44.59 -29.59
CA PRO C 197 16.40 -43.62 -29.47
C PRO C 197 15.99 -42.47 -28.57
N SER C 198 17.00 -41.76 -28.09
CA SER C 198 16.76 -40.49 -27.42
C SER C 198 16.40 -39.43 -28.43
N GLY C 199 15.37 -38.65 -28.12
CA GLY C 199 14.92 -37.65 -29.06
C GLY C 199 13.76 -36.86 -28.50
N PHE C 200 13.33 -35.89 -29.29
CA PHE C 200 12.28 -34.96 -28.89
C PHE C 200 11.23 -34.91 -29.98
N ASN C 201 9.98 -35.17 -29.62
CA ASN C 201 8.94 -35.33 -30.63
C ASN C 201 7.62 -34.85 -30.03
N THR C 202 7.08 -33.77 -30.57
CA THR C 202 5.93 -33.13 -29.95
C THR C 202 4.66 -33.82 -30.39
N LEU C 203 3.82 -34.17 -29.41
CA LEU C 203 2.63 -34.96 -29.67
C LEU C 203 1.43 -34.05 -29.80
N LYS C 204 0.55 -34.37 -30.73
CA LYS C 204 -0.55 -33.50 -31.06
C LYS C 204 -1.88 -34.17 -30.70
N PRO C 205 -2.91 -33.40 -30.37
CA PRO C 205 -4.16 -34.01 -29.90
C PRO C 205 -5.09 -34.45 -31.01
N ILE C 206 -5.82 -35.54 -30.75
CA ILE C 206 -6.79 -36.10 -31.67
C ILE C 206 -8.19 -36.17 -31.06
N PHE C 207 -8.31 -36.78 -29.89
CA PHE C 207 -9.64 -36.95 -29.29
C PHE C 207 -9.61 -36.66 -27.79
N LYS C 208 -10.75 -36.16 -27.31
CA LYS C 208 -11.06 -36.02 -25.88
C LYS C 208 -12.38 -36.74 -25.67
N LEU C 209 -12.31 -37.99 -25.20
CA LEU C 209 -13.42 -38.91 -25.35
C LEU C 209 -14.28 -38.93 -24.10
N PRO C 210 -15.54 -38.50 -24.18
CA PRO C 210 -16.42 -38.53 -22.99
C PRO C 210 -16.85 -39.94 -22.62
N LEU C 211 -15.97 -40.66 -21.93
CA LEU C 211 -16.22 -42.05 -21.60
C LEU C 211 -16.97 -42.22 -20.29
N GLY C 212 -16.64 -41.40 -19.29
CA GLY C 212 -17.28 -41.51 -18.00
C GLY C 212 -16.94 -42.75 -17.21
N ILE C 213 -15.86 -43.44 -17.57
CA ILE C 213 -15.51 -44.68 -16.95
C ILE C 213 -14.36 -44.46 -15.98
N ASN C 214 -14.16 -45.40 -15.07
CA ASN C 214 -13.08 -45.36 -14.10
C ASN C 214 -11.98 -46.29 -14.61
N ILE C 215 -10.93 -45.70 -15.18
CA ILE C 215 -9.81 -46.48 -15.68
C ILE C 215 -8.77 -46.57 -14.57
N THR C 216 -8.47 -47.78 -14.12
CA THR C 216 -7.28 -48.01 -13.32
C THR C 216 -6.39 -49.09 -13.91
N ASN C 217 -6.75 -49.65 -15.06
CA ASN C 217 -5.98 -50.69 -15.70
C ASN C 217 -6.18 -50.63 -17.20
N PHE C 218 -5.26 -51.29 -17.92
CA PHE C 218 -5.35 -51.34 -19.36
C PHE C 218 -4.58 -52.56 -19.84
N ARG C 219 -4.88 -52.95 -21.08
CA ARG C 219 -4.09 -53.96 -21.78
C ARG C 219 -3.91 -53.52 -23.22
N ALA C 220 -2.66 -53.39 -23.64
CA ALA C 220 -2.33 -53.02 -25.02
C ALA C 220 -2.35 -54.28 -25.87
N ILE C 221 -3.26 -54.34 -26.81
CA ILE C 221 -3.67 -55.59 -27.41
C ILE C 221 -2.87 -55.85 -28.68
N LEU C 222 -2.23 -57.03 -28.73
CA LEU C 222 -1.30 -57.37 -29.78
C LEU C 222 -2.03 -57.96 -30.98
N THR C 223 -1.25 -58.31 -32.01
CA THR C 223 -1.73 -59.00 -33.19
C THR C 223 -1.14 -60.41 -33.21
N ALA C 224 -1.99 -61.41 -33.46
CA ALA C 224 -1.51 -62.74 -33.72
C ALA C 224 -1.03 -62.86 -35.16
N PHE C 225 0.07 -63.59 -35.35
CA PHE C 225 0.68 -63.84 -36.66
C PHE C 225 0.98 -65.32 -36.80
N SER C 226 0.04 -66.07 -37.38
CA SER C 226 0.30 -67.44 -37.76
C SER C 226 -0.61 -67.77 -38.94
N PRO C 227 -0.11 -68.50 -39.96
CA PRO C 227 -0.96 -68.93 -41.07
C PRO C 227 -1.95 -70.03 -40.64
N ILE C 231 -3.26 -71.74 -31.54
CA ILE C 231 -2.01 -71.84 -32.26
C ILE C 231 -1.82 -70.55 -33.06
N TRP C 232 -1.16 -69.58 -32.43
CA TRP C 232 -1.00 -68.26 -33.03
C TRP C 232 0.33 -67.67 -32.57
N GLY C 233 1.19 -67.32 -33.52
CA GLY C 233 2.44 -66.65 -33.23
C GLY C 233 2.33 -65.14 -33.36
N THR C 234 3.49 -64.49 -33.38
CA THR C 234 3.59 -63.04 -33.52
C THR C 234 4.69 -62.70 -34.52
N SER C 235 4.99 -61.40 -34.65
CA SER C 235 6.21 -60.92 -35.28
C SER C 235 6.66 -59.66 -34.56
N ALA C 236 7.71 -59.03 -35.11
CA ALA C 236 8.54 -58.10 -34.35
C ALA C 236 7.83 -56.79 -34.03
N ALA C 237 7.89 -56.41 -32.75
CA ALA C 237 7.26 -55.20 -32.25
C ALA C 237 7.88 -54.85 -30.90
N ALA C 238 7.64 -53.62 -30.45
CA ALA C 238 8.00 -53.21 -29.11
C ALA C 238 7.11 -52.05 -28.71
N TYR C 239 6.55 -52.11 -27.51
CA TYR C 239 5.71 -51.04 -27.00
C TYR C 239 6.15 -50.70 -25.58
N PHE C 240 5.83 -49.50 -25.15
CA PHE C 240 6.41 -49.01 -23.91
C PHE C 240 5.35 -48.35 -23.04
N VAL C 241 5.54 -48.44 -21.73
CA VAL C 241 4.65 -47.85 -20.75
C VAL C 241 5.50 -47.07 -19.76
N GLY C 242 5.45 -45.75 -19.85
CA GLY C 242 5.98 -44.91 -18.81
C GLY C 242 4.84 -44.20 -18.11
N TYR C 243 5.04 -43.77 -16.87
CA TYR C 243 3.97 -43.23 -16.06
C TYR C 243 3.98 -41.71 -16.10
N LEU C 244 2.81 -41.11 -16.28
CA LEU C 244 2.71 -39.66 -16.23
C LEU C 244 2.72 -39.19 -14.79
N LYS C 245 3.52 -38.16 -14.51
CA LYS C 245 3.59 -37.63 -13.17
C LYS C 245 3.34 -36.13 -13.18
N PRO C 246 2.82 -35.56 -12.09
CA PRO C 246 2.50 -34.11 -12.10
C PRO C 246 3.67 -33.23 -11.69
N THR C 247 4.60 -33.04 -12.62
CA THR C 247 5.72 -32.14 -12.41
C THR C 247 5.52 -30.87 -13.23
N THR C 248 6.53 -30.01 -13.22
CA THR C 248 6.45 -28.69 -13.84
C THR C 248 7.41 -28.60 -15.02
N PHE C 249 6.90 -28.26 -16.19
CA PHE C 249 7.72 -28.08 -17.37
C PHE C 249 7.60 -26.65 -17.87
N MET C 250 8.70 -26.15 -18.42
CA MET C 250 8.71 -24.90 -19.15
C MET C 250 8.86 -25.19 -20.64
N LEU C 251 8.09 -24.49 -21.46
CA LEU C 251 8.02 -24.77 -22.89
C LEU C 251 8.33 -23.51 -23.67
N LYS C 252 9.12 -23.62 -24.73
CA LYS C 252 9.37 -22.51 -25.63
C LYS C 252 8.63 -22.72 -26.93
N TYR C 253 7.87 -21.72 -27.35
CA TYR C 253 7.08 -21.82 -28.57
C TYR C 253 7.74 -20.98 -29.65
N ASP C 254 7.64 -21.44 -30.89
CA ASP C 254 8.25 -20.68 -31.98
C ASP C 254 7.34 -19.55 -32.44
N GLU C 255 7.63 -19.01 -33.62
CA GLU C 255 6.76 -18.01 -34.22
C GLU C 255 5.43 -18.60 -34.67
N ASN C 256 5.33 -19.91 -34.81
CA ASN C 256 4.13 -20.56 -35.33
C ASN C 256 3.42 -21.41 -34.29
N GLY C 257 3.76 -21.28 -33.02
CA GLY C 257 3.10 -22.07 -32.00
C GLY C 257 3.53 -23.52 -31.94
N THR C 258 4.70 -23.84 -32.45
CA THR C 258 5.24 -25.18 -32.38
C THR C 258 6.17 -25.28 -31.18
N ILE C 259 5.97 -26.28 -30.33
CA ILE C 259 6.91 -26.51 -29.23
C ILE C 259 8.23 -26.97 -29.83
N THR C 260 9.28 -26.21 -29.57
CA THR C 260 10.59 -26.60 -30.06
C THR C 260 11.46 -27.21 -28.97
N ASP C 261 11.28 -26.80 -27.71
CA ASP C 261 12.19 -27.24 -26.68
C ASP C 261 11.50 -27.10 -25.33
N ALA C 262 11.96 -27.90 -24.36
CA ALA C 262 11.32 -27.97 -23.07
C ALA C 262 12.35 -28.29 -22.00
N VAL C 263 12.02 -27.92 -20.76
CA VAL C 263 12.91 -28.09 -19.61
C VAL C 263 12.11 -28.65 -18.45
N ASP C 264 12.62 -29.70 -17.81
CA ASP C 264 12.05 -30.23 -16.59
C ASP C 264 12.45 -29.34 -15.42
N CYS C 265 11.48 -28.88 -14.63
CA CYS C 265 11.79 -28.05 -13.49
C CYS C 265 12.08 -28.86 -12.24
N SER C 266 12.18 -30.18 -12.34
CA SER C 266 12.49 -30.99 -11.17
C SER C 266 13.57 -32.02 -11.45
N GLN C 267 14.41 -31.77 -12.45
CA GLN C 267 15.44 -32.75 -12.79
C GLN C 267 16.70 -32.55 -11.95
N ASN C 268 17.26 -31.36 -11.99
CA ASN C 268 18.48 -31.04 -11.25
C ASN C 268 18.40 -29.56 -10.90
N PRO C 269 19.28 -29.07 -10.00
CA PRO C 269 19.18 -27.65 -9.62
C PRO C 269 19.46 -26.67 -10.75
N LEU C 270 20.27 -27.05 -11.75
CA LEU C 270 20.48 -26.18 -12.90
C LEU C 270 19.18 -25.96 -13.67
N ALA C 271 18.41 -27.02 -13.89
CA ALA C 271 17.15 -26.82 -14.57
C ALA C 271 16.04 -26.38 -13.64
N GLU C 272 16.28 -26.36 -12.33
CA GLU C 272 15.35 -25.70 -11.43
C GLU C 272 15.56 -24.20 -11.47
N LEU C 273 16.72 -23.76 -11.94
CA LEU C 273 17.01 -22.34 -12.07
C LEU C 273 16.39 -21.75 -13.32
N LYS C 274 16.40 -22.49 -14.43
CA LYS C 274 15.93 -21.96 -15.71
C LYS C 274 14.44 -21.68 -15.69
N CYS C 275 13.70 -22.40 -14.85
CA CYS C 275 12.27 -22.17 -14.72
C CYS C 275 11.98 -20.88 -13.96
N SER C 276 12.94 -20.39 -13.16
CA SER C 276 12.73 -19.19 -12.38
C SER C 276 12.88 -17.92 -13.22
N VAL C 277 14.03 -17.77 -13.88
CA VAL C 277 14.36 -16.55 -14.62
C VAL C 277 13.62 -16.50 -15.96
N LYS C 278 13.02 -17.61 -16.39
CA LYS C 278 12.38 -17.79 -17.70
C LYS C 278 13.37 -17.53 -18.83
N SER C 279 14.42 -18.34 -18.88
CA SER C 279 15.32 -18.35 -20.02
C SER C 279 16.03 -19.69 -20.08
N PHE C 280 16.64 -19.95 -21.24
CA PHE C 280 17.39 -21.17 -21.44
C PHE C 280 18.89 -21.02 -21.20
N GLU C 281 19.42 -19.82 -21.40
CA GLU C 281 20.85 -19.59 -21.24
C GLU C 281 21.05 -18.47 -20.22
N ILE C 282 21.71 -18.81 -19.13
CA ILE C 282 21.69 -18.03 -17.89
C ILE C 282 23.11 -17.62 -17.55
N ASP C 283 23.29 -16.36 -17.19
CA ASP C 283 24.61 -15.77 -17.07
C ASP C 283 25.25 -16.19 -15.73
N LYS C 284 26.54 -15.91 -15.59
CA LYS C 284 27.28 -16.29 -14.41
C LYS C 284 26.91 -15.42 -13.22
N GLY C 285 26.73 -16.06 -12.07
CA GLY C 285 26.45 -15.35 -10.85
C GLY C 285 25.74 -16.26 -9.86
N ILE C 286 25.33 -15.68 -8.74
CA ILE C 286 24.34 -16.29 -7.88
C ILE C 286 22.98 -15.77 -8.27
N TYR C 287 22.08 -16.67 -8.65
CA TYR C 287 20.69 -16.30 -8.75
C TYR C 287 19.94 -16.94 -7.59
N GLN C 288 18.74 -16.46 -7.37
CA GLN C 288 17.95 -16.91 -6.24
C GLN C 288 16.95 -17.93 -6.72
N THR C 289 16.83 -19.03 -5.99
CA THR C 289 15.89 -20.08 -6.32
C THR C 289 14.98 -20.32 -5.13
N SER C 290 14.19 -21.39 -5.21
CA SER C 290 13.25 -21.72 -4.15
C SER C 290 14.00 -22.15 -2.89
N ASN C 291 13.36 -21.94 -1.75
CA ASN C 291 13.97 -22.27 -0.49
C ASN C 291 13.63 -23.71 -0.08
N PHE C 292 14.35 -24.21 0.91
CA PHE C 292 14.28 -25.60 1.27
C PHE C 292 13.75 -25.75 2.68
N ARG C 293 13.25 -26.95 2.96
CA ARG C 293 12.81 -27.33 4.30
C ARG C 293 13.27 -28.76 4.54
N VAL C 294 13.30 -29.17 5.80
CA VAL C 294 13.64 -30.53 6.16
C VAL C 294 12.42 -31.23 6.73
N VAL C 295 12.08 -32.37 6.15
CA VAL C 295 10.94 -33.16 6.58
C VAL C 295 11.30 -33.89 7.88
N PRO C 296 10.47 -33.83 8.92
CA PRO C 296 10.82 -34.48 10.17
C PRO C 296 10.66 -35.99 10.06
N SER C 297 11.54 -36.71 10.77
CA SER C 297 11.63 -38.16 10.71
C SER C 297 11.46 -38.69 12.13
N GLY C 298 10.23 -38.96 12.52
CA GLY C 298 9.97 -39.51 13.83
C GLY C 298 8.78 -38.87 14.49
N ASP C 299 8.44 -39.34 15.69
CA ASP C 299 7.31 -38.81 16.44
C ASP C 299 7.57 -39.03 17.92
N VAL C 300 7.54 -37.93 18.68
CA VAL C 300 7.61 -38.00 20.14
C VAL C 300 6.40 -37.21 20.64
N VAL C 301 5.27 -37.87 20.77
CA VAL C 301 4.16 -37.35 21.54
C VAL C 301 4.30 -37.89 22.95
N ARG C 302 4.30 -37.01 23.95
CA ARG C 302 4.47 -37.47 25.32
C ARG C 302 3.46 -36.81 26.22
N PHE C 303 3.42 -37.32 27.44
CA PHE C 303 2.38 -37.03 28.41
C PHE C 303 2.92 -37.37 29.80
N PRO C 304 2.23 -36.95 30.87
CA PRO C 304 2.48 -37.58 32.18
C PRO C 304 1.86 -38.96 32.25
N ASN C 305 1.88 -39.62 33.41
CA ASN C 305 1.48 -41.02 33.48
C ASN C 305 -0.01 -41.21 33.25
N ILE C 306 -0.32 -42.33 32.59
CA ILE C 306 -1.58 -42.49 31.86
C ILE C 306 -2.72 -42.64 32.85
N THR C 307 -3.75 -41.81 32.68
CA THR C 307 -4.97 -42.01 33.42
C THR C 307 -5.89 -42.97 32.66
N ASN C 308 -6.84 -43.56 33.38
CA ASN C 308 -7.62 -44.67 32.83
C ASN C 308 -8.70 -44.17 31.88
N LEU C 309 -9.55 -45.09 31.43
CA LEU C 309 -10.65 -44.78 30.53
C LEU C 309 -11.95 -45.22 31.19
N CYS C 310 -12.97 -44.34 31.13
CA CYS C 310 -14.25 -44.66 31.73
C CYS C 310 -15.37 -43.89 31.04
N PRO C 311 -16.50 -44.54 30.77
CA PRO C 311 -17.59 -43.87 30.05
C PRO C 311 -18.44 -43.02 30.98
N PHE C 312 -19.24 -42.16 30.37
CA PHE C 312 -20.06 -41.20 31.10
C PHE C 312 -21.44 -41.06 30.48
N GLY C 313 -22.07 -42.20 30.15
CA GLY C 313 -23.48 -42.19 29.81
C GLY C 313 -24.38 -41.81 30.98
N GLU C 314 -23.90 -42.00 32.20
CA GLU C 314 -24.51 -41.55 33.44
C GLU C 314 -24.32 -40.05 33.68
N VAL C 315 -23.64 -39.36 32.78
CA VAL C 315 -23.26 -37.98 32.97
C VAL C 315 -23.75 -37.13 31.81
N PHE C 316 -23.42 -37.55 30.58
CA PHE C 316 -23.88 -36.82 29.40
C PHE C 316 -25.30 -37.17 29.04
N ASN C 317 -25.59 -38.47 28.95
CA ASN C 317 -26.93 -38.98 28.66
C ASN C 317 -27.78 -39.14 29.91
N ALA C 318 -27.48 -38.38 30.97
CA ALA C 318 -28.13 -38.57 32.26
C ALA C 318 -29.56 -38.01 32.24
N THR C 319 -30.25 -38.18 33.36
CA THR C 319 -31.67 -37.82 33.46
C THR C 319 -31.92 -36.67 34.43
N LYS C 320 -31.47 -36.79 35.68
CA LYS C 320 -31.83 -35.84 36.73
C LYS C 320 -30.98 -34.59 36.57
N PHE C 321 -31.56 -33.54 35.97
CA PHE C 321 -30.83 -32.29 35.81
C PHE C 321 -31.59 -31.22 36.58
N PRO C 322 -30.92 -30.42 37.40
CA PRO C 322 -31.59 -29.31 38.08
C PRO C 322 -31.84 -28.10 37.18
N SER C 323 -32.25 -26.98 37.76
CA SER C 323 -32.31 -25.73 37.01
C SER C 323 -30.89 -25.17 36.82
N VAL C 324 -30.81 -24.07 36.08
CA VAL C 324 -29.49 -23.63 35.63
C VAL C 324 -28.76 -22.84 36.70
N TYR C 325 -29.50 -22.08 37.52
CA TYR C 325 -28.88 -21.38 38.64
C TYR C 325 -28.41 -22.35 39.73
N ALA C 326 -28.95 -23.56 39.76
CA ALA C 326 -28.50 -24.62 40.65
C ALA C 326 -27.95 -25.80 39.85
N TRP C 327 -27.13 -25.50 38.84
CA TRP C 327 -26.61 -26.48 37.90
C TRP C 327 -25.77 -27.54 38.59
N GLU C 328 -25.82 -28.75 38.05
CA GLU C 328 -25.17 -29.91 38.65
C GLU C 328 -23.74 -30.01 38.14
N ARG C 329 -22.81 -30.26 39.07
CA ARG C 329 -21.40 -30.29 38.73
C ARG C 329 -20.92 -31.73 38.52
N LYS C 330 -21.33 -32.29 37.39
CA LYS C 330 -20.69 -33.51 36.96
C LYS C 330 -19.36 -33.16 36.29
N LYS C 331 -18.49 -34.17 36.18
CA LYS C 331 -17.11 -33.88 35.88
C LYS C 331 -16.45 -35.09 35.26
N ILE C 332 -15.41 -34.86 34.46
CA ILE C 332 -14.52 -35.91 34.01
C ILE C 332 -13.11 -35.55 34.46
N SER C 333 -12.52 -36.39 35.28
CA SER C 333 -11.21 -36.07 35.82
C SER C 333 -10.42 -37.37 35.94
N ASN C 334 -9.18 -37.30 35.45
CA ASN C 334 -8.24 -38.44 35.39
C ASN C 334 -8.88 -39.62 34.66
N CYS C 335 -9.62 -39.33 33.61
CA CYS C 335 -10.27 -40.35 32.81
C CYS C 335 -10.26 -39.87 31.37
N VAL C 336 -9.37 -40.42 30.56
CA VAL C 336 -9.20 -39.91 29.20
C VAL C 336 -10.32 -40.41 28.29
N ALA C 337 -11.25 -39.52 27.97
CA ALA C 337 -12.29 -39.81 26.98
C ALA C 337 -12.00 -39.02 25.71
N ASP C 338 -12.09 -39.69 24.56
CA ASP C 338 -11.98 -39.01 23.27
C ASP C 338 -13.33 -38.50 22.78
N TYR C 339 -14.30 -38.36 23.69
CA TYR C 339 -15.54 -37.61 23.50
C TYR C 339 -16.41 -38.23 22.42
N SER C 340 -16.41 -39.57 22.36
CA SER C 340 -17.53 -40.28 21.76
C SER C 340 -18.77 -40.19 22.65
N VAL C 341 -18.58 -39.92 23.94
CA VAL C 341 -19.67 -39.56 24.85
C VAL C 341 -20.38 -38.30 24.38
N LEU C 342 -19.67 -37.39 23.72
CA LEU C 342 -20.32 -36.30 23.00
C LEU C 342 -20.80 -36.76 21.64
N TYR C 343 -19.97 -37.54 20.94
CA TYR C 343 -20.18 -37.81 19.52
C TYR C 343 -21.32 -38.80 19.32
N ASN C 344 -21.16 -40.02 19.83
CA ASN C 344 -22.05 -41.14 19.52
C ASN C 344 -23.30 -41.01 20.39
N SER C 345 -24.25 -40.23 19.89
CA SER C 345 -25.49 -39.96 20.61
C SER C 345 -26.57 -39.55 19.63
N THR C 346 -27.81 -39.95 19.94
CA THR C 346 -28.98 -39.51 19.19
C THR C 346 -30.06 -38.91 20.08
N PHE C 347 -29.78 -38.71 21.37
CA PHE C 347 -30.74 -38.04 22.24
C PHE C 347 -30.85 -36.56 21.89
N PHE C 348 -29.71 -35.90 21.72
CA PHE C 348 -29.66 -34.45 21.70
C PHE C 348 -29.92 -33.92 20.31
N SER C 349 -30.58 -32.76 20.23
CA SER C 349 -31.04 -32.22 18.96
C SER C 349 -30.23 -31.02 18.49
N THR C 350 -29.17 -30.62 19.20
CA THR C 350 -28.37 -29.48 18.80
C THR C 350 -26.95 -29.86 18.45
N PHE C 351 -26.21 -30.51 19.35
CA PHE C 351 -24.77 -30.81 19.24
C PHE C 351 -23.97 -29.55 18.91
N LYS C 352 -24.11 -28.54 19.77
CA LYS C 352 -23.40 -27.27 19.59
C LYS C 352 -21.97 -27.49 20.02
N CYS C 353 -21.15 -27.95 19.08
CA CYS C 353 -19.80 -28.40 19.38
C CYS C 353 -18.74 -27.41 18.92
N ALA C 358 -15.33 -33.60 12.83
CA ALA C 358 -15.20 -33.28 14.24
C ALA C 358 -13.74 -33.31 14.69
N THR C 359 -13.13 -32.12 14.75
CA THR C 359 -11.77 -31.99 15.26
C THR C 359 -11.73 -31.93 16.78
N LYS C 360 -12.88 -31.85 17.44
CA LYS C 360 -12.98 -31.90 18.90
C LYS C 360 -12.63 -33.26 19.48
N LEU C 361 -12.51 -34.29 18.64
CA LEU C 361 -12.24 -35.65 19.12
C LEU C 361 -10.83 -35.80 19.66
N ASN C 362 -9.89 -34.98 19.19
CA ASN C 362 -8.51 -35.11 19.62
C ASN C 362 -7.85 -33.80 19.99
N ASP C 363 -8.55 -32.67 19.90
CA ASP C 363 -7.94 -31.38 20.18
C ASP C 363 -8.42 -30.72 21.47
N LEU C 364 -9.43 -31.28 22.12
CA LEU C 364 -9.86 -30.78 23.43
C LEU C 364 -9.16 -31.52 24.57
N CYS C 365 -7.84 -31.59 24.48
CA CYS C 365 -7.01 -32.22 25.51
C CYS C 365 -6.69 -31.17 26.57
N PHE C 366 -7.27 -31.33 27.75
CA PHE C 366 -7.21 -30.29 28.77
C PHE C 366 -7.14 -30.95 30.14
N SER C 367 -6.81 -30.15 31.15
CA SER C 367 -6.70 -30.67 32.52
C SER C 367 -8.07 -30.86 33.17
N ASN C 368 -8.82 -29.77 33.33
CA ASN C 368 -10.08 -29.75 34.08
C ASN C 368 -11.24 -29.72 33.09
N VAL C 369 -11.99 -30.81 33.00
CA VAL C 369 -13.08 -30.97 32.05
C VAL C 369 -14.31 -31.38 32.84
N TYR C 370 -15.23 -30.45 33.09
CA TYR C 370 -16.44 -30.79 33.82
C TYR C 370 -17.65 -30.74 32.90
N ALA C 371 -18.68 -31.51 33.26
CA ALA C 371 -19.91 -31.60 32.49
C ALA C 371 -21.05 -31.02 33.31
N ASP C 372 -21.56 -29.87 32.89
CA ASP C 372 -22.47 -29.09 33.73
C ASP C 372 -23.90 -29.26 33.25
N SER C 373 -24.80 -29.50 34.18
CA SER C 373 -26.00 -30.28 33.93
C SER C 373 -27.23 -29.52 34.39
N PHE C 374 -28.06 -29.08 33.44
CA PHE C 374 -29.26 -28.33 33.75
C PHE C 374 -30.29 -28.45 32.64
N VAL C 375 -31.47 -27.86 32.90
CA VAL C 375 -32.60 -27.88 31.98
C VAL C 375 -32.93 -26.44 31.59
N VAL C 376 -33.10 -26.19 30.29
CA VAL C 376 -33.39 -24.88 29.74
C VAL C 376 -34.60 -24.96 28.81
N LYS C 377 -35.03 -23.80 28.33
CA LYS C 377 -35.93 -23.69 27.19
C LYS C 377 -35.14 -23.76 25.89
N GLY C 378 -35.88 -23.86 24.77
CA GLY C 378 -35.22 -23.89 23.47
C GLY C 378 -34.65 -22.54 23.05
N ASP C 379 -35.30 -21.45 23.45
CA ASP C 379 -34.73 -20.12 23.24
C ASP C 379 -33.55 -19.86 24.16
N ASP C 380 -33.41 -20.65 25.22
CA ASP C 380 -32.31 -20.55 26.15
C ASP C 380 -31.10 -21.40 25.75
N VAL C 381 -31.23 -22.25 24.72
CA VAL C 381 -30.12 -23.09 24.29
C VAL C 381 -29.06 -22.25 23.56
N ARG C 382 -29.51 -21.29 22.75
CA ARG C 382 -28.58 -20.44 22.00
C ARG C 382 -27.77 -19.51 22.89
N GLN C 383 -28.22 -19.25 24.12
CA GLN C 383 -27.42 -18.49 25.08
C GLN C 383 -26.47 -19.37 25.87
N ILE C 384 -26.41 -20.67 25.57
CA ILE C 384 -25.47 -21.59 26.21
C ILE C 384 -24.31 -21.72 25.22
N ALA C 385 -23.30 -20.86 25.38
CA ALA C 385 -22.24 -20.72 24.40
C ALA C 385 -21.07 -20.04 25.07
N PRO C 386 -19.88 -20.10 24.47
CA PRO C 386 -18.81 -19.16 24.87
C PRO C 386 -19.24 -17.74 24.56
N GLY C 387 -19.38 -16.95 25.62
CA GLY C 387 -20.06 -15.67 25.52
C GLY C 387 -21.55 -15.84 25.65
N GLN C 388 -22.32 -15.13 24.83
CA GLN C 388 -23.78 -15.05 24.88
C GLN C 388 -24.27 -14.70 26.29
N THR C 389 -23.80 -13.56 26.77
CA THR C 389 -24.00 -13.11 28.15
C THR C 389 -25.42 -12.58 28.31
N GLY C 390 -26.37 -13.50 28.40
CA GLY C 390 -27.76 -13.13 28.59
C GLY C 390 -28.28 -13.52 29.96
N VAL C 391 -29.28 -14.41 29.97
CA VAL C 391 -29.85 -14.87 31.23
C VAL C 391 -29.03 -16.02 31.80
N ILE C 392 -28.51 -16.89 30.93
CA ILE C 392 -27.73 -18.04 31.40
C ILE C 392 -26.32 -17.62 31.80
N ALA C 393 -25.60 -16.96 30.90
CA ALA C 393 -24.15 -16.83 31.06
C ALA C 393 -23.78 -15.81 32.13
N ASP C 394 -24.62 -14.82 32.39
CA ASP C 394 -24.28 -13.90 33.47
C ASP C 394 -25.02 -14.22 34.77
N TYR C 395 -26.15 -14.89 34.69
CA TYR C 395 -26.97 -14.93 35.90
C TYR C 395 -27.35 -16.34 36.33
N ASN C 396 -27.49 -17.27 35.38
CA ASN C 396 -27.75 -18.67 35.73
C ASN C 396 -26.47 -19.49 35.86
N TYR C 397 -25.70 -19.60 34.78
CA TYR C 397 -24.41 -20.28 34.83
C TYR C 397 -23.47 -19.76 33.75
N LYS C 398 -22.29 -19.31 34.18
CA LYS C 398 -21.28 -18.78 33.27
C LYS C 398 -20.47 -19.88 32.63
N LEU C 399 -20.35 -19.82 31.34
CA LEU C 399 -19.44 -20.68 30.62
C LEU C 399 -18.10 -19.96 30.41
N PRO C 400 -16.99 -20.69 30.48
CA PRO C 400 -15.68 -20.06 30.24
C PRO C 400 -15.47 -19.78 28.77
N ASP C 401 -14.33 -19.14 28.49
CA ASP C 401 -14.01 -18.71 27.14
C ASP C 401 -12.87 -19.49 26.51
N ASP C 402 -12.27 -20.44 27.23
CA ASP C 402 -11.02 -21.03 26.78
C ASP C 402 -11.22 -22.02 25.64
N PHE C 403 -11.84 -23.16 25.96
CA PHE C 403 -12.32 -24.14 24.99
C PHE C 403 -13.80 -24.38 25.31
N MET C 404 -14.36 -25.39 24.65
CA MET C 404 -15.72 -25.86 24.86
C MET C 404 -15.88 -27.18 24.12
N GLY C 405 -16.67 -28.08 24.69
CA GLY C 405 -17.09 -29.25 23.94
C GLY C 405 -18.43 -29.04 23.27
N CYS C 406 -19.39 -29.91 23.60
CA CYS C 406 -20.70 -29.89 22.96
C CYS C 406 -21.78 -29.58 23.98
N VAL C 407 -22.76 -28.77 23.55
CA VAL C 407 -23.97 -28.55 24.32
C VAL C 407 -24.98 -29.59 23.88
N LEU C 408 -25.39 -30.43 24.81
CA LEU C 408 -26.14 -31.65 24.51
C LEU C 408 -27.57 -31.49 25.00
N ALA C 409 -28.48 -31.07 24.11
CA ALA C 409 -29.86 -30.72 24.47
C ALA C 409 -30.85 -31.79 24.00
N TRP C 410 -31.26 -32.67 24.92
CA TRP C 410 -32.23 -33.72 24.61
C TRP C 410 -33.66 -33.21 24.80
N ASN C 411 -34.50 -33.44 23.80
CA ASN C 411 -35.90 -33.00 23.86
C ASN C 411 -36.67 -33.90 24.80
N THR C 412 -37.33 -33.31 25.80
CA THR C 412 -38.15 -34.02 26.77
C THR C 412 -39.55 -33.42 26.84
N ARG C 413 -40.16 -33.20 25.67
CA ARG C 413 -41.44 -32.49 25.60
C ARG C 413 -42.58 -33.29 26.22
N ASN C 414 -42.49 -34.63 26.21
CA ASN C 414 -43.46 -35.47 26.88
C ASN C 414 -43.23 -35.55 28.38
N ILE C 415 -42.06 -35.13 28.85
CA ILE C 415 -41.61 -35.36 30.21
C ILE C 415 -41.71 -34.09 31.04
N ASP C 416 -41.12 -32.99 30.55
CA ASP C 416 -40.98 -31.77 31.34
C ASP C 416 -41.81 -30.62 30.75
N ALA C 417 -42.98 -30.94 30.18
CA ALA C 417 -43.81 -29.92 29.56
C ALA C 417 -45.27 -30.33 29.58
N THR C 418 -46.14 -29.34 29.70
CA THR C 418 -47.58 -29.47 29.54
C THR C 418 -48.04 -28.54 28.41
N SER C 419 -49.34 -28.57 28.12
CA SER C 419 -49.88 -27.83 26.98
C SER C 419 -49.98 -26.33 27.23
N THR C 420 -49.86 -25.87 28.47
CA THR C 420 -50.00 -24.45 28.79
C THR C 420 -48.76 -23.84 29.42
N GLY C 421 -47.70 -24.63 29.63
CA GLY C 421 -46.50 -24.11 30.27
C GLY C 421 -46.18 -24.84 31.55
N ASN C 422 -45.01 -25.47 31.61
CA ASN C 422 -44.59 -26.21 32.80
C ASN C 422 -43.60 -25.38 33.58
N TYR C 423 -43.87 -25.21 34.87
CA TYR C 423 -43.19 -24.22 35.69
C TYR C 423 -42.48 -24.85 36.89
N ASN C 424 -42.14 -26.13 36.81
CA ASN C 424 -41.35 -26.76 37.86
C ASN C 424 -39.95 -26.19 37.97
N TYR C 425 -39.40 -25.68 36.87
CA TYR C 425 -38.03 -25.19 36.84
C TYR C 425 -38.04 -23.67 36.64
N LYS C 426 -36.99 -23.03 37.15
CA LYS C 426 -36.87 -21.59 37.10
C LYS C 426 -35.48 -21.19 36.63
N TYR C 427 -35.29 -19.88 36.49
CA TYR C 427 -34.06 -19.32 35.94
C TYR C 427 -33.74 -18.02 36.66
N ARG C 428 -32.46 -17.73 36.84
CA ARG C 428 -32.01 -16.48 37.40
C ARG C 428 -31.61 -15.55 36.25
N TYR C 429 -32.16 -14.33 36.25
CA TYR C 429 -31.82 -13.32 35.26
C TYR C 429 -31.25 -12.05 35.88
N LEU C 430 -31.16 -11.98 37.21
CA LEU C 430 -30.56 -10.85 37.91
C LEU C 430 -29.81 -11.38 39.12
N ARG C 431 -28.58 -10.88 39.33
CA ARG C 431 -27.69 -11.46 40.33
C ARG C 431 -26.82 -10.36 40.91
N HIS C 432 -26.45 -10.52 42.17
CA HIS C 432 -25.49 -9.64 42.84
C HIS C 432 -24.11 -9.93 42.28
N GLY C 433 -23.82 -9.34 41.12
CA GLY C 433 -22.56 -9.55 40.47
C GLY C 433 -22.66 -10.53 39.32
N LYS C 434 -21.75 -10.36 38.36
CA LYS C 434 -21.68 -11.25 37.21
C LYS C 434 -20.98 -12.55 37.59
N LEU C 435 -21.38 -13.63 36.93
CA LEU C 435 -20.84 -14.94 37.22
C LEU C 435 -19.50 -15.16 36.53
N ARG C 436 -18.56 -15.76 37.27
CA ARG C 436 -17.36 -16.41 36.76
C ARG C 436 -17.69 -17.84 36.41
N PRO C 437 -16.90 -18.51 35.53
CA PRO C 437 -17.22 -19.89 35.19
C PRO C 437 -17.03 -20.83 36.38
N PHE C 438 -17.90 -21.85 36.42
CA PHE C 438 -18.11 -22.75 37.56
C PHE C 438 -18.46 -21.99 38.83
N GLU C 439 -19.39 -21.04 38.70
CA GLU C 439 -20.03 -20.41 39.85
C GLU C 439 -21.54 -20.43 39.67
N ARG C 440 -22.26 -20.34 40.79
CA ARG C 440 -23.71 -20.30 40.76
C ARG C 440 -24.24 -19.43 41.89
N ASP C 441 -25.55 -19.24 41.87
CA ASP C 441 -26.26 -18.47 42.90
C ASP C 441 -27.56 -19.21 43.16
N ILE C 442 -27.56 -20.05 44.19
CA ILE C 442 -28.74 -20.78 44.62
C ILE C 442 -29.53 -20.01 45.67
N SER C 443 -29.12 -18.79 45.98
CA SER C 443 -29.76 -17.99 47.02
C SER C 443 -31.06 -17.42 46.48
N ASN C 444 -32.18 -17.88 47.02
CA ASN C 444 -33.50 -17.41 46.62
C ASN C 444 -33.90 -16.21 47.48
N VAL C 445 -33.14 -15.14 47.32
CA VAL C 445 -33.39 -13.87 48.01
C VAL C 445 -33.86 -12.89 46.97
N PRO C 446 -34.62 -11.86 47.37
CA PRO C 446 -35.02 -10.83 46.42
C PRO C 446 -33.83 -10.00 45.94
N PHE C 447 -33.73 -9.84 44.62
CA PHE C 447 -32.64 -9.11 44.01
C PHE C 447 -32.76 -7.62 44.25
N SER C 448 -31.62 -6.96 44.47
CA SER C 448 -31.52 -5.51 44.44
C SER C 448 -30.50 -5.09 43.40
N PRO C 449 -30.75 -3.98 42.69
CA PRO C 449 -29.84 -3.57 41.59
C PRO C 449 -28.42 -3.23 42.03
N ASP C 450 -28.20 -2.95 43.31
CA ASP C 450 -26.89 -2.58 43.83
C ASP C 450 -26.19 -3.73 44.54
N GLY C 451 -26.52 -4.98 44.18
CA GLY C 451 -25.81 -6.14 44.69
C GLY C 451 -26.03 -6.44 46.15
N LYS C 452 -27.10 -5.92 46.75
CA LYS C 452 -27.37 -5.99 48.18
C LYS C 452 -28.56 -6.92 48.47
N PRO C 453 -28.58 -7.58 49.63
CA PRO C 453 -29.78 -8.31 50.02
C PRO C 453 -30.92 -7.36 50.36
N CYS C 454 -32.13 -7.73 49.95
CA CYS C 454 -33.25 -6.81 50.00
C CYS C 454 -34.51 -7.55 50.45
N THR C 455 -35.41 -6.79 51.10
CA THR C 455 -36.75 -7.26 51.43
C THR C 455 -37.74 -6.32 50.75
N PRO C 456 -38.68 -6.85 49.94
CA PRO C 456 -39.73 -6.00 49.40
C PRO C 456 -40.66 -5.52 50.50
N PRO C 457 -41.33 -4.36 50.32
CA PRO C 457 -41.44 -3.49 49.13
C PRO C 457 -40.40 -2.37 49.00
N ALA C 458 -39.11 -2.67 49.16
CA ALA C 458 -38.10 -1.63 49.06
C ALA C 458 -37.88 -1.24 47.59
N LEU C 459 -36.94 -0.32 47.38
CA LEU C 459 -36.84 0.40 46.10
C LEU C 459 -36.26 -0.51 45.02
N ASN C 460 -37.09 -0.77 43.99
CA ASN C 460 -36.72 -1.48 42.77
C ASN C 460 -36.14 -2.88 43.04
N CYS C 461 -36.65 -3.53 44.07
CA CYS C 461 -36.25 -4.89 44.39
C CYS C 461 -37.23 -5.86 43.72
N TYR C 462 -36.74 -6.61 42.74
CA TYR C 462 -37.54 -7.59 42.03
C TYR C 462 -37.03 -8.99 42.36
N TRP C 463 -37.75 -9.98 41.86
CA TRP C 463 -37.40 -11.36 42.17
C TRP C 463 -36.53 -11.95 41.07
N PRO C 464 -35.41 -12.60 41.40
CA PRO C 464 -34.49 -13.07 40.37
C PRO C 464 -34.97 -14.30 39.63
N LEU C 465 -35.94 -15.03 40.17
CA LEU C 465 -36.42 -16.27 39.60
C LEU C 465 -37.78 -16.07 38.95
N ASN C 466 -38.02 -16.81 37.87
CA ASN C 466 -39.31 -16.77 37.17
C ASN C 466 -39.46 -18.09 36.42
N ASP C 467 -40.67 -18.33 35.94
CA ASP C 467 -41.03 -19.61 35.35
C ASP C 467 -40.67 -19.67 33.87
N TYR C 468 -40.23 -20.84 33.41
CA TYR C 468 -39.92 -21.01 31.99
C TYR C 468 -41.20 -21.05 31.14
N GLY C 469 -42.12 -21.94 31.48
CA GLY C 469 -43.29 -22.16 30.65
C GLY C 469 -43.04 -23.07 29.46
N PHE C 470 -42.75 -24.35 29.74
CA PHE C 470 -42.46 -25.31 28.69
C PHE C 470 -43.76 -25.81 28.05
N TYR C 471 -43.87 -25.66 26.73
CA TYR C 471 -45.07 -26.10 26.02
C TYR C 471 -44.86 -27.47 25.37
N THR C 472 -45.99 -28.13 25.07
CA THR C 472 -46.02 -29.32 24.21
C THR C 472 -46.61 -29.06 22.84
N THR C 473 -47.27 -27.91 22.65
CA THR C 473 -48.05 -27.62 21.46
C THR C 473 -47.31 -26.72 20.46
N THR C 474 -46.05 -26.39 20.72
CA THR C 474 -45.30 -25.47 19.87
C THR C 474 -43.97 -26.09 19.45
N GLY C 475 -43.10 -25.26 18.85
CA GLY C 475 -41.88 -25.76 18.24
C GLY C 475 -40.67 -25.77 19.15
N ILE C 476 -39.56 -25.19 18.66
CA ILE C 476 -38.26 -25.34 19.30
C ILE C 476 -38.19 -24.52 20.59
N GLY C 477 -38.63 -23.27 20.54
CA GLY C 477 -38.38 -22.27 21.57
C GLY C 477 -39.06 -22.51 22.90
N TYR C 478 -40.00 -23.45 22.97
CA TYR C 478 -40.69 -23.78 24.22
C TYR C 478 -40.38 -25.15 24.77
N GLN C 479 -39.93 -26.10 23.95
CA GLN C 479 -39.77 -27.49 24.40
C GLN C 479 -38.61 -27.61 25.38
N PRO C 480 -38.77 -28.40 26.46
CA PRO C 480 -37.73 -28.52 27.48
C PRO C 480 -36.56 -29.35 26.99
N TYR C 481 -35.37 -28.78 27.07
CA TYR C 481 -34.16 -29.45 26.63
C TYR C 481 -33.28 -29.75 27.84
N ARG C 482 -32.77 -30.98 27.88
CA ARG C 482 -32.06 -31.51 29.03
C ARG C 482 -30.56 -31.47 28.70
N VAL C 483 -29.84 -30.53 29.30
CA VAL C 483 -28.60 -29.99 28.71
C VAL C 483 -27.37 -30.31 29.58
N VAL C 484 -26.40 -31.01 28.98
CA VAL C 484 -25.04 -31.16 29.49
C VAL C 484 -24.12 -30.27 28.67
N VAL C 485 -23.31 -29.45 29.34
CA VAL C 485 -22.35 -28.58 28.68
C VAL C 485 -20.95 -29.03 29.08
N LEU C 486 -20.14 -29.40 28.08
CA LEU C 486 -18.77 -29.85 28.34
C LEU C 486 -17.91 -28.63 28.58
N SER C 487 -17.76 -28.24 29.85
CA SER C 487 -17.10 -27.01 30.24
C SER C 487 -15.69 -27.29 30.75
N PHE C 488 -14.75 -26.41 30.40
CA PHE C 488 -13.37 -26.62 30.82
C PHE C 488 -12.98 -25.60 31.89
N GLU C 489 -11.82 -25.83 32.50
CA GLU C 489 -11.16 -24.93 33.46
C GLU C 489 -12.01 -24.56 34.67
N THR C 496 -5.68 -33.98 32.88
CA THR C 496 -5.34 -35.26 32.28
C THR C 496 -6.60 -35.99 31.82
N VAL C 497 -7.39 -35.30 31.01
CA VAL C 497 -8.51 -35.88 30.27
C VAL C 497 -8.23 -35.51 28.82
N CYS C 498 -7.76 -36.47 28.03
CA CYS C 498 -7.14 -36.11 26.76
C CYS C 498 -7.73 -36.89 25.59
N GLY C 499 -8.14 -38.13 25.83
CA GLY C 499 -8.57 -38.99 24.75
C GLY C 499 -7.58 -40.12 24.52
N PRO C 500 -7.19 -40.35 23.27
CA PRO C 500 -6.11 -41.30 23.02
C PRO C 500 -4.78 -40.72 23.44
N LYS C 501 -4.51 -40.78 24.75
CA LYS C 501 -3.33 -40.18 25.37
C LYS C 501 -2.12 -41.08 25.07
N LEU C 502 -1.71 -41.07 23.81
CA LEU C 502 -0.82 -42.08 23.26
C LEU C 502 0.60 -41.55 23.31
N SER C 503 1.22 -41.66 24.47
CA SER C 503 2.60 -41.25 24.63
C SER C 503 3.53 -42.21 23.90
N THR C 504 4.76 -41.75 23.67
CA THR C 504 5.76 -42.61 23.05
C THR C 504 7.14 -42.21 23.54
N ASP C 505 8.15 -42.88 23.01
CA ASP C 505 9.52 -42.76 23.48
C ASP C 505 10.12 -41.42 23.07
N LEU C 506 11.06 -40.94 23.89
CA LEU C 506 11.76 -39.70 23.64
C LEU C 506 12.93 -39.96 22.70
N ILE C 507 12.99 -39.22 21.61
CA ILE C 507 14.02 -39.36 20.59
C ILE C 507 14.81 -38.05 20.57
N LYS C 508 16.03 -38.09 21.09
CA LYS C 508 16.88 -36.91 21.05
C LYS C 508 17.48 -36.71 19.67
N ASN C 509 17.78 -35.45 19.37
CA ASN C 509 18.70 -35.04 18.31
C ASN C 509 18.21 -35.42 16.92
N GLN C 510 16.89 -35.35 16.71
CA GLN C 510 16.33 -35.82 15.45
C GLN C 510 14.98 -35.13 15.24
N CYS C 511 14.74 -34.72 13.99
CA CYS C 511 13.60 -33.88 13.65
C CYS C 511 12.32 -34.71 13.72
N VAL C 512 11.43 -34.36 14.64
CA VAL C 512 10.17 -35.07 14.78
C VAL C 512 9.03 -34.05 14.73
N ASN C 513 7.88 -34.53 14.30
CA ASN C 513 6.65 -33.95 14.79
C ASN C 513 6.55 -34.34 16.25
N PHE C 514 6.50 -33.37 17.15
CA PHE C 514 6.21 -33.72 18.53
C PHE C 514 4.87 -33.14 18.95
N ASN C 515 4.46 -33.55 20.15
CA ASN C 515 3.30 -32.96 20.82
C ASN C 515 3.52 -33.27 22.30
N PHE C 516 3.96 -32.28 23.05
CA PHE C 516 4.04 -32.46 24.49
C PHE C 516 2.67 -32.20 25.10
N ASN C 517 2.64 -32.07 26.42
CA ASN C 517 1.38 -32.00 27.17
C ASN C 517 0.72 -30.66 26.88
N GLY C 518 -0.05 -30.61 25.80
CA GLY C 518 -0.60 -29.34 25.34
C GLY C 518 0.42 -28.38 24.78
N LEU C 519 1.58 -28.88 24.36
CA LEU C 519 2.71 -28.07 23.90
C LEU C 519 3.13 -28.63 22.55
N THR C 520 2.49 -28.16 21.48
CA THR C 520 2.62 -28.77 20.17
C THR C 520 3.85 -28.24 19.43
N GLY C 521 3.93 -28.53 18.14
CA GLY C 521 5.00 -28.04 17.28
C GLY C 521 5.90 -29.17 16.82
N THR C 522 6.72 -28.86 15.83
CA THR C 522 7.69 -29.79 15.30
C THR C 522 9.09 -29.36 15.73
N GLY C 523 10.06 -30.21 15.52
CA GLY C 523 11.42 -29.74 15.65
C GLY C 523 12.34 -30.76 16.28
N VAL C 524 13.38 -30.24 16.91
CA VAL C 524 14.49 -31.02 17.44
C VAL C 524 14.53 -30.85 18.95
N LEU C 525 14.43 -31.95 19.68
CA LEU C 525 14.36 -31.93 21.13
C LEU C 525 15.71 -32.33 21.71
N THR C 526 16.36 -31.38 22.38
CA THR C 526 17.68 -31.59 22.96
C THR C 526 17.65 -31.24 24.44
N PRO C 527 18.41 -31.95 25.27
CA PRO C 527 18.47 -31.62 26.70
C PRO C 527 19.10 -30.27 26.97
N SER C 528 18.55 -29.58 27.98
CA SER C 528 18.87 -28.18 28.23
C SER C 528 19.06 -27.93 29.70
N SER C 529 19.51 -26.70 30.01
CA SER C 529 19.87 -26.30 31.37
C SER C 529 19.09 -25.09 31.84
N LYS C 530 17.93 -24.82 31.25
CA LYS C 530 17.11 -23.70 31.69
C LYS C 530 16.49 -24.01 33.04
N ARG C 531 16.90 -23.26 34.06
CA ARG C 531 16.53 -23.53 35.45
C ARG C 531 15.06 -23.15 35.63
N PHE C 532 14.19 -24.12 35.35
CA PHE C 532 12.77 -23.88 35.57
C PHE C 532 12.47 -23.87 37.06
N GLN C 533 11.29 -23.40 37.39
CA GLN C 533 10.82 -23.51 38.75
C GLN C 533 9.91 -24.73 38.86
N PRO C 534 9.71 -25.26 40.07
CA PRO C 534 8.76 -26.37 40.24
C PRO C 534 7.33 -26.02 39.91
N PHE C 535 6.97 -24.74 39.90
CA PHE C 535 5.70 -24.30 39.35
C PHE C 535 5.79 -23.92 37.88
N GLN C 536 6.92 -24.20 37.23
CA GLN C 536 7.12 -23.88 35.83
C GLN C 536 7.24 -25.14 35.00
N GLN C 537 6.65 -25.12 33.81
CA GLN C 537 6.70 -26.30 32.96
C GLN C 537 7.33 -26.08 31.60
N PHE C 538 7.30 -24.85 31.07
CA PHE C 538 7.92 -24.63 29.77
C PHE C 538 8.34 -23.18 29.63
N GLY C 539 9.42 -22.99 28.88
CA GLY C 539 10.04 -21.69 28.71
C GLY C 539 9.65 -21.08 27.38
N ARG C 540 9.65 -19.74 27.33
CA ARG C 540 9.47 -19.01 26.09
C ARG C 540 10.72 -18.18 25.81
N ASP C 541 10.82 -17.70 24.59
CA ASP C 541 11.87 -16.77 24.19
C ASP C 541 11.29 -15.35 24.25
N VAL C 542 12.02 -14.39 23.68
CA VAL C 542 11.53 -13.02 23.59
C VAL C 542 10.31 -12.88 22.69
N SER C 543 10.10 -13.81 21.76
CA SER C 543 8.85 -13.87 21.01
C SER C 543 7.83 -14.65 21.83
N ASP C 544 6.65 -14.91 21.26
CA ASP C 544 5.66 -15.71 21.96
C ASP C 544 5.72 -17.19 21.59
N PHE C 545 6.91 -17.69 21.26
CA PHE C 545 7.10 -19.09 20.90
C PHE C 545 7.76 -19.83 22.06
N THR C 546 7.26 -21.03 22.34
CA THR C 546 7.77 -21.85 23.42
C THR C 546 9.01 -22.57 22.92
N ASP C 547 10.18 -22.05 23.26
CA ASP C 547 11.41 -22.62 22.71
C ASP C 547 11.96 -23.77 23.53
N SER C 548 11.45 -24.00 24.74
CA SER C 548 11.95 -25.11 25.54
C SER C 548 10.87 -25.57 26.50
N VAL C 549 10.77 -26.88 26.69
CA VAL C 549 9.80 -27.48 27.60
C VAL C 549 10.51 -28.42 28.55
N ARG C 550 9.81 -28.78 29.61
CA ARG C 550 10.19 -29.84 30.53
C ARG C 550 9.41 -31.10 30.15
N ASP C 551 10.03 -32.26 30.34
CA ASP C 551 9.40 -33.56 30.08
C ASP C 551 8.19 -33.74 30.99
N PRO C 552 6.98 -33.95 30.46
CA PRO C 552 5.81 -34.12 31.33
C PRO C 552 5.82 -35.41 32.14
N LYS C 553 6.71 -36.34 31.83
CA LYS C 553 6.79 -37.61 32.54
C LYS C 553 8.03 -37.74 33.41
N THR C 554 9.20 -37.36 32.90
CA THR C 554 10.44 -37.56 33.66
C THR C 554 11.12 -36.26 34.05
N SER C 555 10.45 -35.12 33.88
CA SER C 555 10.86 -33.80 34.39
C SER C 555 12.21 -33.32 33.88
N GLU C 556 12.65 -33.82 32.73
CA GLU C 556 13.86 -33.28 32.11
C GLU C 556 13.47 -32.12 31.20
N ILE C 557 14.25 -31.05 31.25
CA ILE C 557 13.94 -29.83 30.51
C ILE C 557 14.65 -29.89 29.17
N LEU C 558 13.89 -29.74 28.10
CA LEU C 558 14.39 -29.98 26.75
C LEU C 558 14.23 -28.72 25.92
N ASP C 559 15.27 -28.37 25.16
CA ASP C 559 15.12 -27.32 24.16
C ASP C 559 14.27 -27.80 23.00
N ILE C 560 13.78 -26.85 22.22
CA ILE C 560 13.14 -27.13 20.95
C ILE C 560 13.92 -26.36 19.90
N SER C 561 14.20 -27.00 18.78
CA SER C 561 14.94 -26.31 17.76
C SER C 561 14.27 -26.47 16.40
N PRO C 562 14.15 -25.40 15.64
CA PRO C 562 13.39 -25.45 14.39
C PRO C 562 14.12 -26.19 13.28
N CYS C 563 13.91 -27.51 13.20
CA CYS C 563 14.83 -28.53 12.71
C CYS C 563 15.84 -28.11 11.66
N ALA C 564 15.35 -27.52 10.56
CA ALA C 564 16.13 -26.69 9.65
C ALA C 564 15.16 -25.97 8.75
N PHE C 565 15.61 -24.83 8.24
CA PHE C 565 15.03 -24.16 7.10
C PHE C 565 16.14 -23.31 6.50
N GLY C 566 15.77 -22.44 5.58
CA GLY C 566 16.75 -21.55 4.97
C GLY C 566 16.48 -21.43 3.49
N GLY C 567 17.22 -20.54 2.87
CA GLY C 567 17.10 -20.38 1.44
C GLY C 567 18.11 -21.21 0.69
N VAL C 568 17.89 -21.32 -0.60
CA VAL C 568 18.85 -21.93 -1.52
C VAL C 568 19.21 -20.89 -2.55
N SER C 569 20.48 -20.83 -2.90
CA SER C 569 20.95 -20.01 -4.00
C SER C 569 21.79 -20.90 -4.91
N VAL C 570 21.86 -20.52 -6.17
CA VAL C 570 22.51 -21.35 -7.18
C VAL C 570 23.77 -20.64 -7.63
N ILE C 571 24.92 -21.25 -7.40
CA ILE C 571 26.21 -20.68 -7.76
C ILE C 571 26.66 -21.35 -9.03
N THR C 572 26.49 -20.67 -10.17
CA THR C 572 26.79 -21.29 -11.44
C THR C 572 27.87 -20.51 -12.17
N PRO C 573 28.65 -21.16 -13.04
CA PRO C 573 29.57 -20.43 -13.92
C PRO C 573 28.91 -19.87 -15.16
N GLY C 574 27.61 -19.94 -15.27
CA GLY C 574 26.93 -19.66 -16.51
C GLY C 574 26.72 -20.93 -17.31
N THR C 575 25.57 -21.00 -17.99
CA THR C 575 25.24 -22.21 -18.73
C THR C 575 26.04 -22.33 -20.02
N ASN C 576 26.67 -21.24 -20.46
CA ASN C 576 27.60 -21.29 -21.58
C ASN C 576 28.81 -22.16 -21.26
N ALA C 577 29.61 -21.76 -20.30
CA ALA C 577 30.89 -22.42 -20.06
C ALA C 577 30.75 -23.74 -19.33
N SER C 578 29.60 -24.04 -18.73
CA SER C 578 29.47 -25.25 -17.94
C SER C 578 28.00 -25.64 -17.86
N SER C 579 27.76 -26.82 -17.29
CA SER C 579 26.41 -27.25 -16.97
C SER C 579 26.34 -27.92 -15.59
N GLU C 580 27.35 -27.73 -14.75
CA GLU C 580 27.25 -28.11 -13.35
C GLU C 580 27.05 -26.85 -12.52
N VAL C 581 26.39 -27.01 -11.37
CA VAL C 581 26.11 -25.90 -10.48
C VAL C 581 26.60 -26.27 -9.09
N ALA C 582 26.36 -25.35 -8.16
CA ALA C 582 26.69 -25.56 -6.76
C ALA C 582 25.68 -24.80 -5.94
N VAL C 583 24.98 -25.49 -5.06
CA VAL C 583 23.91 -24.88 -4.31
C VAL C 583 24.41 -24.50 -2.93
N LEU C 584 23.77 -23.50 -2.35
CA LEU C 584 24.15 -22.93 -1.07
C LEU C 584 22.98 -23.12 -0.12
N TYR C 585 23.05 -24.17 0.70
CA TYR C 585 22.10 -24.30 1.79
C TYR C 585 22.41 -23.24 2.83
N GLN C 586 21.59 -22.20 2.89
CA GLN C 586 21.93 -21.00 3.66
C GLN C 586 21.62 -21.16 5.13
N ASP C 587 22.62 -20.90 5.97
CA ASP C 587 22.53 -20.81 7.43
C ASP C 587 22.03 -22.10 8.07
N VAL C 588 22.79 -23.16 7.84
CA VAL C 588 22.51 -24.48 8.40
C VAL C 588 23.82 -25.13 8.83
N ASN C 589 23.73 -25.97 9.85
CA ASN C 589 24.81 -26.89 10.18
C ASN C 589 24.78 -28.03 9.18
N CYS C 590 25.96 -28.39 8.67
CA CYS C 590 26.03 -29.27 7.51
C CYS C 590 25.79 -30.73 7.83
N THR C 591 25.87 -31.13 9.10
CA THR C 591 25.67 -32.54 9.42
C THR C 591 24.21 -32.94 9.24
N ASP C 592 23.28 -32.06 9.58
CA ASP C 592 21.88 -32.34 9.31
C ASP C 592 21.52 -32.14 7.85
N VAL C 593 22.31 -31.36 7.12
CA VAL C 593 22.07 -31.22 5.70
C VAL C 593 22.48 -32.48 4.96
N SER C 594 23.61 -33.07 5.36
CA SER C 594 24.13 -34.25 4.69
C SER C 594 23.22 -35.46 4.93
N THR C 595 22.65 -35.56 6.12
CA THR C 595 21.79 -36.69 6.45
C THR C 595 20.45 -36.60 5.73
N ALA C 596 19.88 -35.40 5.65
CA ALA C 596 18.59 -35.21 5.00
C ALA C 596 18.65 -35.39 3.49
N ILE C 597 19.86 -35.31 2.90
CA ILE C 597 20.03 -35.75 1.53
C ILE C 597 19.85 -37.26 1.45
N HIS C 598 20.49 -38.00 2.36
CA HIS C 598 20.44 -39.46 2.29
C HIS C 598 19.06 -39.99 2.67
N ALA C 599 18.44 -39.44 3.69
CA ALA C 599 17.19 -40.00 4.19
C ALA C 599 15.97 -39.46 3.46
N ASP C 600 16.16 -38.76 2.33
CA ASP C 600 15.11 -38.18 1.50
C ASP C 600 14.19 -37.28 2.32
N GLN C 601 14.77 -36.24 2.92
CA GLN C 601 14.04 -35.41 3.85
C GLN C 601 13.92 -33.97 3.38
N LEU C 602 14.30 -33.68 2.14
CA LEU C 602 14.40 -32.31 1.68
C LEU C 602 13.25 -31.97 0.74
N THR C 603 12.57 -30.87 1.05
CA THR C 603 11.61 -30.27 0.13
C THR C 603 12.17 -28.93 -0.30
N PRO C 604 12.61 -28.76 -1.57
CA PRO C 604 12.45 -29.65 -2.72
C PRO C 604 13.49 -30.74 -2.77
N ALA C 605 13.26 -31.73 -3.63
CA ALA C 605 14.24 -32.77 -3.90
C ALA C 605 14.42 -32.89 -5.41
N TRP C 606 15.63 -33.28 -5.80
CA TRP C 606 15.98 -33.43 -7.20
C TRP C 606 16.11 -34.91 -7.52
N ARG C 607 15.65 -35.30 -8.71
CA ARG C 607 15.77 -36.70 -9.11
C ARG C 607 17.22 -37.10 -9.29
N ILE C 608 17.99 -36.27 -9.96
CA ILE C 608 19.35 -36.60 -10.34
C ILE C 608 20.26 -35.69 -9.52
N TYR C 609 20.69 -36.19 -8.36
CA TYR C 609 21.38 -35.34 -7.40
C TYR C 609 22.12 -36.22 -6.40
N SER C 610 23.28 -35.75 -5.97
CA SER C 610 24.03 -36.44 -4.92
C SER C 610 24.87 -35.42 -4.17
N THR C 611 25.48 -35.90 -3.07
CA THR C 611 26.40 -35.06 -2.30
C THR C 611 27.65 -34.77 -3.10
N GLY C 612 28.36 -35.81 -3.51
CA GLY C 612 29.60 -35.64 -4.23
C GLY C 612 30.79 -35.34 -3.36
N ASN C 613 30.66 -35.53 -2.04
CA ASN C 613 31.74 -35.39 -1.04
C ASN C 613 32.37 -33.99 -1.03
N ASN C 614 31.57 -32.97 -1.39
CA ASN C 614 32.04 -31.59 -1.44
C ASN C 614 31.04 -30.74 -0.67
N VAL C 615 31.23 -30.67 0.64
CA VAL C 615 30.31 -29.99 1.54
C VAL C 615 31.15 -29.24 2.59
N PHE C 616 30.79 -27.98 2.84
CA PHE C 616 31.57 -27.17 3.77
C PHE C 616 30.62 -26.31 4.57
N GLN C 617 31.04 -25.98 5.79
CA GLN C 617 30.28 -25.10 6.65
C GLN C 617 31.02 -23.78 6.78
N THR C 618 30.45 -22.74 6.22
CA THR C 618 30.85 -21.38 6.46
C THR C 618 29.83 -20.76 7.41
N GLN C 619 29.95 -19.44 7.62
CA GLN C 619 28.87 -18.76 8.33
C GLN C 619 27.62 -18.64 7.46
N ALA C 620 27.78 -18.64 6.15
CA ALA C 620 26.63 -18.52 5.26
C ALA C 620 25.79 -19.79 5.27
N GLY C 621 26.43 -20.95 5.48
CA GLY C 621 25.69 -22.19 5.56
C GLY C 621 26.43 -23.38 5.00
N CYS C 622 25.77 -24.16 4.15
CA CYS C 622 26.36 -25.38 3.59
C CYS C 622 26.45 -25.24 2.09
N LEU C 623 27.66 -25.00 1.60
CA LEU C 623 27.91 -25.03 0.18
C LEU C 623 28.13 -26.46 -0.27
N ILE C 624 27.38 -26.88 -1.29
CA ILE C 624 27.51 -28.21 -1.86
C ILE C 624 27.73 -28.08 -3.35
N GLY C 625 28.82 -28.65 -3.83
CA GLY C 625 29.10 -28.61 -5.25
C GLY C 625 30.37 -27.87 -5.55
N ALA C 626 31.26 -27.79 -4.56
CA ALA C 626 32.52 -27.08 -4.73
C ALA C 626 33.52 -27.60 -3.72
N GLU C 627 34.79 -27.58 -4.11
CA GLU C 627 35.90 -27.98 -3.26
C GLU C 627 36.57 -26.74 -2.70
N HIS C 628 36.95 -26.80 -1.42
CA HIS C 628 37.58 -25.65 -0.82
C HIS C 628 39.00 -25.50 -1.33
N VAL C 629 39.44 -24.25 -1.45
CA VAL C 629 40.79 -23.92 -1.87
C VAL C 629 41.40 -23.00 -0.82
N ASP C 630 42.56 -23.39 -0.31
CA ASP C 630 43.22 -22.69 0.78
C ASP C 630 43.98 -21.45 0.34
N THR C 631 44.39 -21.37 -0.91
CA THR C 631 45.10 -20.21 -1.41
C THR C 631 44.10 -19.16 -1.88
N SER C 632 44.60 -17.96 -2.17
CA SER C 632 43.77 -16.79 -2.35
C SER C 632 43.79 -16.32 -3.80
N TYR C 633 42.67 -15.72 -4.20
CA TYR C 633 42.50 -15.10 -5.50
C TYR C 633 41.52 -13.95 -5.34
N GLU C 634 41.24 -13.25 -6.43
CA GLU C 634 40.22 -12.22 -6.42
C GLU C 634 38.84 -12.84 -6.23
N CYS C 635 37.89 -12.03 -5.79
CA CYS C 635 36.52 -12.52 -5.75
C CYS C 635 35.96 -12.55 -7.15
N ASP C 636 35.20 -13.59 -7.46
CA ASP C 636 34.55 -13.67 -8.76
C ASP C 636 33.04 -13.74 -8.64
N ILE C 637 32.52 -14.60 -7.76
CA ILE C 637 31.12 -14.59 -7.36
C ILE C 637 31.11 -14.58 -5.84
N PRO C 638 30.51 -13.58 -5.19
CA PRO C 638 30.56 -13.50 -3.73
C PRO C 638 29.58 -14.47 -3.08
N ILE C 639 30.04 -15.17 -2.05
CA ILE C 639 29.20 -16.12 -1.33
C ILE C 639 28.75 -15.53 0.00
N GLY C 640 29.71 -15.19 0.85
CA GLY C 640 29.37 -14.76 2.18
C GLY C 640 30.52 -15.05 3.12
N ALA C 641 30.73 -14.14 4.07
CA ALA C 641 31.84 -14.15 5.02
C ALA C 641 33.18 -14.25 4.29
N GLY C 642 33.39 -13.34 3.33
CA GLY C 642 34.64 -13.21 2.61
C GLY C 642 34.91 -14.24 1.55
N ILE C 643 34.31 -15.42 1.66
CA ILE C 643 34.53 -16.52 0.74
C ILE C 643 33.84 -16.23 -0.58
N CYS C 644 34.57 -16.39 -1.67
CA CYS C 644 33.99 -16.34 -2.99
C CYS C 644 34.20 -17.69 -3.66
N ALA C 645 33.78 -17.79 -4.92
CA ALA C 645 33.97 -19.03 -5.67
C ALA C 645 33.96 -18.70 -7.15
N SER C 646 34.59 -19.57 -7.93
CA SER C 646 34.57 -19.45 -9.37
C SER C 646 34.83 -20.81 -9.99
N TYR C 647 35.00 -20.80 -11.30
CA TYR C 647 35.13 -22.00 -12.10
C TYR C 647 36.59 -22.12 -12.52
N HIS C 648 37.37 -22.81 -11.70
CA HIS C 648 38.81 -22.88 -11.87
C HIS C 648 39.25 -24.23 -12.40
N THR C 649 40.52 -24.32 -12.75
CA THR C 649 41.14 -25.56 -13.19
C THR C 649 41.38 -26.49 -12.00
N LYS C 659 37.91 -28.31 -15.86
CA LYS C 659 37.68 -27.29 -14.86
C LYS C 659 36.46 -27.60 -14.00
N SER C 660 36.42 -27.05 -12.78
CA SER C 660 35.34 -27.28 -11.85
C SER C 660 35.11 -26.02 -11.03
N ILE C 661 34.12 -26.07 -10.15
CA ILE C 661 33.82 -24.97 -9.24
C ILE C 661 34.58 -25.19 -7.95
N VAL C 662 35.37 -24.21 -7.55
CA VAL C 662 36.04 -24.25 -6.25
C VAL C 662 35.83 -22.93 -5.53
N ALA C 663 35.82 -23.01 -4.20
CA ALA C 663 35.59 -21.86 -3.33
C ALA C 663 36.81 -21.63 -2.45
N TYR C 664 37.04 -20.36 -2.11
CA TYR C 664 38.30 -19.93 -1.53
C TYR C 664 38.06 -18.64 -0.79
N THR C 665 39.14 -18.03 -0.33
CA THR C 665 39.07 -16.77 0.40
C THR C 665 39.51 -15.62 -0.49
N MET C 666 38.78 -14.50 -0.40
CA MET C 666 39.02 -13.39 -1.29
C MET C 666 40.35 -12.73 -0.98
N SER C 667 41.13 -12.48 -2.02
CA SER C 667 42.34 -11.71 -1.85
C SER C 667 42.03 -10.23 -1.97
N LEU C 668 42.70 -9.44 -1.16
CA LEU C 668 42.50 -8.00 -1.19
C LEU C 668 43.24 -7.39 -2.36
N GLY C 669 44.38 -7.96 -2.69
CA GLY C 669 45.28 -7.39 -3.66
C GLY C 669 46.70 -7.83 -3.37
N ALA C 670 47.64 -7.19 -4.07
CA ALA C 670 49.04 -7.54 -3.92
C ALA C 670 49.56 -7.11 -2.56
N ASP C 671 50.30 -8.00 -1.90
CA ASP C 671 50.90 -7.68 -0.61
C ASP C 671 52.19 -6.93 -0.87
N SER C 672 52.04 -5.68 -1.29
CA SER C 672 53.14 -4.84 -1.72
C SER C 672 53.79 -4.17 -0.52
N SER C 673 54.67 -3.22 -0.79
CA SER C 673 55.38 -2.48 0.23
C SER C 673 55.96 -1.24 -0.39
N ILE C 674 55.96 -0.16 0.37
CA ILE C 674 56.80 1.00 0.09
C ILE C 674 57.49 1.37 1.39
N ALA C 675 58.81 1.34 1.37
CA ALA C 675 59.58 1.70 2.55
C ALA C 675 59.53 3.20 2.80
N TYR C 676 59.97 3.59 3.97
CA TYR C 676 60.04 5.01 4.33
C TYR C 676 61.46 5.50 4.14
N SER C 677 61.60 6.57 3.37
CA SER C 677 62.86 7.28 3.23
C SER C 677 62.81 8.55 4.06
N ASN C 678 63.95 8.94 4.60
CA ASN C 678 64.11 10.29 5.12
C ASN C 678 64.91 11.16 4.17
N ASN C 679 65.30 10.62 3.02
CA ASN C 679 66.19 11.29 2.08
C ASN C 679 65.70 11.32 0.63
N THR C 680 65.11 10.26 0.10
CA THR C 680 64.89 10.12 -1.33
C THR C 680 63.42 10.29 -1.66
N ILE C 681 63.16 10.92 -2.81
CA ILE C 681 61.82 11.16 -3.30
C ILE C 681 61.74 10.72 -4.74
N ALA C 682 60.96 9.68 -5.01
CA ALA C 682 60.71 9.24 -6.37
C ALA C 682 59.77 10.20 -7.06
N ILE C 683 60.16 10.65 -8.26
CA ILE C 683 59.38 11.62 -9.03
C ILE C 683 59.10 11.00 -10.40
N PRO C 684 57.89 11.14 -10.95
CA PRO C 684 57.61 10.59 -12.27
C PRO C 684 58.40 11.29 -13.37
N THR C 685 58.88 10.49 -14.32
CA THR C 685 59.67 10.98 -15.45
C THR C 685 58.89 10.88 -16.75
N ASN C 686 58.43 9.69 -17.09
CA ASN C 686 57.55 9.47 -18.22
C ASN C 686 56.13 9.26 -17.68
N PHE C 687 55.15 9.33 -18.56
CA PHE C 687 53.78 9.22 -18.09
C PHE C 687 52.93 8.61 -19.21
N SER C 688 51.61 8.64 -19.01
CA SER C 688 50.67 8.23 -20.03
C SER C 688 49.41 9.07 -19.87
N ILE C 689 48.47 8.89 -20.79
CA ILE C 689 47.12 9.38 -20.61
C ILE C 689 46.17 8.23 -20.94
N SER C 690 44.91 8.40 -20.55
CA SER C 690 43.93 7.34 -20.74
C SER C 690 42.55 7.93 -20.64
N ILE C 691 41.62 7.40 -21.43
CA ILE C 691 40.20 7.75 -21.32
C ILE C 691 39.49 6.57 -20.69
N THR C 692 38.68 6.84 -19.68
CA THR C 692 37.80 5.87 -19.07
C THR C 692 36.38 6.33 -19.34
N THR C 693 35.41 5.42 -19.23
CA THR C 693 34.01 5.78 -19.37
C THR C 693 33.23 5.46 -18.10
N GLU C 694 32.14 6.21 -17.90
CA GLU C 694 31.17 5.98 -16.84
C GLU C 694 29.79 6.27 -17.40
N VAL C 695 28.77 5.66 -16.79
CA VAL C 695 27.44 5.62 -17.38
C VAL C 695 26.39 5.70 -16.27
N MET C 696 25.43 6.58 -16.44
CA MET C 696 24.49 6.87 -15.38
C MET C 696 23.17 7.40 -15.96
N PRO C 697 22.05 6.83 -15.59
CA PRO C 697 20.79 7.15 -16.26
C PRO C 697 20.30 8.54 -15.90
N VAL C 698 19.46 9.09 -16.76
CA VAL C 698 18.99 10.45 -16.56
C VAL C 698 17.47 10.55 -16.60
N SER C 699 16.81 9.50 -17.04
CA SER C 699 15.37 9.58 -17.17
C SER C 699 14.77 8.20 -16.89
N MET C 700 13.48 8.07 -17.17
CA MET C 700 12.76 6.84 -16.87
C MET C 700 11.71 6.68 -17.96
N ALA C 701 11.26 5.45 -18.16
CA ALA C 701 10.14 5.21 -19.06
C ALA C 701 8.89 5.76 -18.42
N LYS C 702 8.46 6.94 -18.83
CA LYS C 702 7.29 7.55 -18.21
C LYS C 702 6.02 6.87 -18.72
N THR C 703 5.20 6.41 -17.78
CA THR C 703 4.06 5.59 -18.10
C THR C 703 2.79 6.29 -17.67
N SER C 704 1.68 5.56 -17.79
CA SER C 704 0.36 6.00 -17.37
C SER C 704 -0.52 4.77 -17.35
N VAL C 705 -1.44 4.74 -16.41
CA VAL C 705 -2.36 3.62 -16.25
C VAL C 705 -3.77 4.17 -16.25
N ASP C 706 -4.56 3.79 -17.24
CA ASP C 706 -5.99 4.03 -17.16
C ASP C 706 -6.60 3.00 -16.23
N CYS C 707 -7.43 3.46 -15.30
CA CYS C 707 -8.02 2.53 -14.33
C CYS C 707 -9.07 1.64 -14.98
N ASN C 708 -9.89 2.22 -15.85
CA ASN C 708 -11.03 1.49 -16.43
C ASN C 708 -10.57 0.29 -17.25
N MET C 709 -9.54 0.46 -18.05
CA MET C 709 -9.02 -0.70 -18.74
C MET C 709 -8.01 -1.48 -17.92
N TYR C 710 -7.86 -1.20 -16.63
CA TYR C 710 -7.06 -2.07 -15.77
C TYR C 710 -7.89 -2.73 -14.70
N ILE C 711 -8.54 -1.96 -13.83
CA ILE C 711 -9.26 -2.58 -12.72
C ILE C 711 -10.63 -3.07 -13.13
N CYS C 712 -11.10 -2.69 -14.32
CA CYS C 712 -12.43 -3.08 -14.76
C CYS C 712 -12.43 -3.94 -16.00
N GLY C 713 -11.70 -3.54 -17.05
CA GLY C 713 -11.95 -4.17 -18.32
C GLY C 713 -13.21 -3.68 -18.97
N ASP C 714 -13.72 -2.52 -18.54
CA ASP C 714 -14.89 -1.84 -19.08
C ASP C 714 -16.16 -2.71 -19.01
N SER C 715 -16.33 -3.39 -17.89
CA SER C 715 -17.65 -3.89 -17.56
C SER C 715 -18.42 -2.80 -16.81
N THR C 716 -19.74 -2.79 -17.00
CA THR C 716 -20.58 -1.79 -16.34
C THR C 716 -20.64 -2.02 -14.84
N GLU C 717 -20.52 -3.28 -14.42
CA GLU C 717 -20.52 -3.64 -13.00
C GLU C 717 -19.34 -3.04 -12.26
N CYS C 718 -18.16 -3.04 -12.88
CA CYS C 718 -16.96 -2.59 -12.19
C CYS C 718 -16.96 -1.09 -11.98
N ALA C 719 -17.49 -0.32 -12.93
CA ALA C 719 -17.50 1.13 -12.82
C ALA C 719 -18.43 1.61 -11.71
N ASN C 720 -19.45 0.83 -11.38
CA ASN C 720 -20.44 1.25 -10.40
C ASN C 720 -20.07 0.88 -8.98
N LEU C 721 -19.30 -0.20 -8.78
CA LEU C 721 -18.67 -0.36 -7.48
C LEU C 721 -17.44 0.52 -7.33
N LEU C 722 -16.94 1.09 -8.42
CA LEU C 722 -15.78 1.98 -8.34
C LEU C 722 -16.16 3.34 -7.75
N LEU C 723 -17.43 3.73 -7.89
CA LEU C 723 -17.91 4.96 -7.25
C LEU C 723 -17.90 4.87 -5.73
N GLN C 724 -17.96 3.65 -5.19
CA GLN C 724 -17.82 3.42 -3.75
C GLN C 724 -16.41 3.66 -3.24
N TYR C 725 -15.44 3.86 -4.12
CA TYR C 725 -14.09 4.20 -3.73
C TYR C 725 -13.73 5.62 -4.12
N GLY C 726 -14.64 6.33 -4.77
CA GLY C 726 -14.45 7.74 -5.09
C GLY C 726 -13.45 7.95 -6.21
N SER C 727 -12.82 9.13 -6.16
CA SER C 727 -11.76 9.47 -7.10
C SER C 727 -10.41 9.03 -6.54
N PHE C 728 -10.33 7.74 -6.25
CA PHE C 728 -9.05 7.17 -5.87
C PHE C 728 -8.14 7.07 -7.07
N CYS C 729 -8.70 6.85 -8.25
CA CYS C 729 -7.90 6.78 -9.46
C CYS C 729 -7.45 8.14 -9.97
N THR C 730 -8.12 9.22 -9.57
CA THR C 730 -7.70 10.53 -10.04
C THR C 730 -6.38 10.94 -9.39
N GLN C 731 -6.21 10.63 -8.11
CA GLN C 731 -4.92 10.85 -7.49
C GLN C 731 -3.86 9.88 -7.99
N LEU C 732 -4.27 8.72 -8.50
CA LEU C 732 -3.28 7.85 -9.13
C LEU C 732 -2.87 8.37 -10.49
N ASN C 733 -3.72 9.18 -11.12
CA ASN C 733 -3.32 9.77 -12.40
C ASN C 733 -2.33 10.90 -12.19
N ARG C 734 -2.59 11.80 -11.24
CA ARG C 734 -1.70 12.93 -11.04
C ARG C 734 -0.38 12.50 -10.41
N ALA C 735 -0.39 11.41 -9.65
CA ALA C 735 0.86 10.84 -9.18
C ALA C 735 1.66 10.28 -10.34
N LEU C 736 0.98 9.68 -11.32
CA LEU C 736 1.69 9.21 -12.50
C LEU C 736 1.88 10.30 -13.52
N SER C 737 1.17 11.42 -13.40
CA SER C 737 1.45 12.56 -14.28
C SER C 737 2.49 13.49 -13.68
N GLY C 738 2.58 13.55 -12.35
CA GLY C 738 3.59 14.37 -11.72
C GLY C 738 4.98 13.85 -11.97
N ILE C 739 5.15 12.53 -11.96
CA ILE C 739 6.41 11.94 -12.37
C ILE C 739 6.60 11.99 -13.86
N ALA C 740 5.55 12.24 -14.64
CA ALA C 740 5.68 12.28 -16.09
C ALA C 740 6.05 13.65 -16.61
N ALA C 741 6.02 14.68 -15.77
CA ALA C 741 6.61 15.95 -16.14
C ALA C 741 8.00 16.12 -15.57
N GLU C 742 8.32 15.42 -14.48
CA GLU C 742 9.68 15.45 -13.97
C GLU C 742 10.63 14.69 -14.86
N GLN C 743 10.13 13.80 -15.72
CA GLN C 743 10.99 13.20 -16.73
C GLN C 743 11.27 14.17 -17.86
N ASP C 744 10.53 15.27 -17.95
CA ASP C 744 10.80 16.24 -18.99
C ASP C 744 11.74 17.33 -18.49
N ARG C 745 11.73 17.58 -17.18
CA ARG C 745 12.75 18.48 -16.61
C ARG C 745 14.08 17.79 -16.47
N ASN C 746 14.07 16.48 -16.20
CA ASN C 746 15.31 15.73 -16.19
C ASN C 746 15.92 15.68 -17.59
N THR C 747 15.09 15.56 -18.61
CA THR C 747 15.62 15.52 -19.97
C THR C 747 16.12 16.90 -20.40
N ARG C 748 15.59 17.96 -19.81
CA ARG C 748 15.97 19.30 -20.22
C ARG C 748 17.17 19.81 -19.45
N GLU C 749 17.17 19.75 -18.12
CA GLU C 749 18.27 20.32 -17.36
C GLU C 749 19.54 19.47 -17.42
N VAL C 750 19.46 18.21 -17.87
CA VAL C 750 20.68 17.45 -18.09
C VAL C 750 21.36 17.90 -19.36
N PHE C 751 20.62 18.01 -20.46
CA PHE C 751 21.27 18.25 -21.75
C PHE C 751 21.03 19.61 -22.37
N ALA C 752 20.04 20.39 -21.93
CA ALA C 752 19.86 21.74 -22.47
C ALA C 752 20.42 22.78 -21.50
N GLN C 753 21.74 22.75 -21.33
CA GLN C 753 22.44 23.81 -20.61
C GLN C 753 22.93 24.91 -21.54
N VAL C 754 22.63 24.83 -22.82
CA VAL C 754 23.19 25.74 -23.80
C VAL C 754 22.20 26.85 -24.09
N LYS C 755 22.69 27.88 -24.75
CA LYS C 755 21.88 29.05 -25.06
C LYS C 755 21.58 29.18 -26.54
N GLN C 756 22.53 28.84 -27.40
CA GLN C 756 22.31 28.82 -28.84
C GLN C 756 22.96 27.57 -29.42
N MET C 757 22.37 27.07 -30.51
CA MET C 757 22.76 25.79 -31.09
C MET C 757 23.97 25.96 -31.99
N TYR C 758 24.93 25.06 -31.86
CA TYR C 758 26.20 25.20 -32.55
C TYR C 758 26.31 24.20 -33.70
N LYS C 759 27.11 24.56 -34.70
CA LYS C 759 27.19 23.78 -35.93
C LYS C 759 28.36 22.82 -35.89
N THR C 760 28.29 21.82 -36.76
CA THR C 760 29.36 20.85 -36.89
C THR C 760 30.59 21.50 -37.49
N PRO C 761 31.76 21.36 -36.87
CA PRO C 761 32.99 21.83 -37.52
C PRO C 761 33.35 20.95 -38.72
N THR C 762 33.68 21.62 -39.82
CA THR C 762 34.09 20.91 -41.04
C THR C 762 35.38 20.13 -40.82
N LEU C 763 36.34 20.73 -40.12
CA LEU C 763 37.46 19.98 -39.60
C LEU C 763 36.97 19.03 -38.52
N LYS C 764 37.32 17.75 -38.68
CA LYS C 764 37.23 16.77 -37.60
C LYS C 764 38.61 16.36 -37.11
N TYR C 765 39.60 17.24 -37.26
CA TYR C 765 40.98 16.91 -36.93
C TYR C 765 41.59 18.14 -36.29
N PHE C 766 41.74 18.11 -34.97
CA PHE C 766 42.07 19.30 -34.18
C PHE C 766 43.42 19.09 -33.51
N GLY C 767 44.46 19.70 -34.06
CA GLY C 767 45.78 19.68 -33.45
C GLY C 767 46.48 18.34 -33.48
N GLY C 768 46.03 17.42 -34.31
CA GLY C 768 46.54 16.07 -34.28
C GLY C 768 45.65 15.09 -33.56
N PHE C 769 44.60 15.56 -32.89
CA PHE C 769 43.61 14.69 -32.29
C PHE C 769 42.61 14.23 -33.36
N ASN C 770 41.91 13.14 -33.06
CA ASN C 770 40.95 12.58 -34.00
C ASN C 770 39.58 12.52 -33.32
N PHE C 771 38.68 13.41 -33.74
CA PHE C 771 37.34 13.50 -33.19
C PHE C 771 36.26 13.09 -34.19
N SER C 772 36.62 12.28 -35.20
CA SER C 772 35.63 11.85 -36.20
C SER C 772 34.56 10.97 -35.58
N GLN C 773 34.93 10.19 -34.57
CA GLN C 773 34.01 9.27 -33.94
C GLN C 773 33.12 9.97 -32.91
N ILE C 774 33.51 11.15 -32.45
CA ILE C 774 32.73 11.90 -31.47
C ILE C 774 31.80 12.89 -32.16
N LEU C 775 32.30 13.59 -33.15
CA LEU C 775 31.44 14.44 -33.95
C LEU C 775 30.58 13.58 -34.86
N PRO C 776 29.29 13.87 -34.96
CA PRO C 776 28.42 13.11 -35.87
C PRO C 776 28.79 13.38 -37.32
N ASP C 777 28.66 12.33 -38.14
CA ASP C 777 29.08 12.41 -39.53
C ASP C 777 27.87 12.72 -40.39
N PRO C 778 27.88 13.82 -41.15
CA PRO C 778 26.78 14.07 -42.11
C PRO C 778 26.89 13.30 -43.41
N LEU C 779 27.82 12.35 -43.54
CA LEU C 779 27.78 11.43 -44.67
C LEU C 779 26.55 10.53 -44.59
N LYS C 780 26.26 9.99 -43.41
CA LYS C 780 24.96 9.42 -43.11
C LYS C 780 24.24 10.37 -42.17
N PRO C 781 23.34 11.23 -42.67
CA PRO C 781 22.84 12.37 -41.89
C PRO C 781 21.68 12.01 -40.96
N THR C 782 21.89 10.98 -40.13
CA THR C 782 20.93 10.65 -39.07
C THR C 782 21.39 11.20 -37.72
N LYS C 783 22.26 12.21 -37.76
CA LYS C 783 22.55 13.12 -36.65
C LYS C 783 23.20 12.44 -35.46
N ARG C 784 23.90 11.34 -35.67
CA ARG C 784 24.52 10.61 -34.57
C ARG C 784 25.96 10.31 -34.91
N SER C 785 26.79 10.18 -33.89
CA SER C 785 28.18 9.83 -34.12
C SER C 785 28.29 8.31 -34.10
N PHE C 786 29.50 7.78 -34.03
CA PHE C 786 29.64 6.35 -34.18
C PHE C 786 29.59 5.62 -32.85
N ILE C 787 30.08 6.22 -31.76
CA ILE C 787 29.89 5.60 -30.46
C ILE C 787 28.45 5.81 -29.97
N GLU C 788 27.76 6.86 -30.41
CA GLU C 788 26.33 6.96 -30.14
C GLU C 788 25.56 5.83 -30.80
N ASP C 789 25.93 5.48 -32.04
CA ASP C 789 25.29 4.35 -32.69
C ASP C 789 25.66 3.04 -32.03
N LEU C 790 26.84 2.94 -31.42
CA LEU C 790 27.19 1.77 -30.63
C LEU C 790 26.33 1.69 -29.37
N LEU C 791 26.11 2.83 -28.71
CA LEU C 791 25.33 2.79 -27.49
C LEU C 791 23.83 2.71 -27.78
N PHE C 792 23.40 3.01 -29.00
CA PHE C 792 22.03 2.69 -29.37
C PHE C 792 21.84 1.25 -29.80
N ASN C 793 22.79 0.37 -29.51
CA ASN C 793 22.63 -1.05 -29.81
C ASN C 793 23.11 -2.00 -28.72
N LYS C 794 23.88 -1.55 -27.72
CA LYS C 794 24.29 -2.41 -26.62
C LYS C 794 23.29 -2.45 -25.48
N VAL C 795 22.35 -1.51 -25.43
CA VAL C 795 21.46 -1.37 -24.29
C VAL C 795 20.46 -2.51 -24.25
N THR C 796 19.62 -2.61 -25.27
CA THR C 796 18.65 -3.69 -25.33
C THR C 796 18.94 -4.59 -26.52
N GLN C 805 3.12 -5.93 -24.45
CA GLN C 805 3.43 -5.92 -23.03
C GLN C 805 2.87 -4.65 -22.43
N TYR C 806 2.86 -3.60 -23.26
CA TYR C 806 2.45 -2.26 -22.89
C TYR C 806 2.17 -1.49 -24.18
N GLY C 807 1.11 -0.69 -24.18
CA GLY C 807 0.71 0.01 -25.38
C GLY C 807 1.63 1.18 -25.69
N GLU C 808 2.11 1.23 -26.93
CA GLU C 808 2.99 2.31 -27.36
C GLU C 808 2.78 2.54 -28.84
N CYS C 809 2.85 3.81 -29.26
CA CYS C 809 2.63 4.19 -30.64
C CYS C 809 3.99 4.48 -31.28
N LEU C 810 4.42 3.60 -32.18
CA LEU C 810 5.68 3.75 -32.89
C LEU C 810 5.45 4.24 -34.31
N GLY C 811 6.53 4.67 -34.95
CA GLY C 811 6.49 5.33 -36.23
C GLY C 811 6.80 6.81 -36.07
N ASP C 812 6.57 7.55 -37.15
CA ASP C 812 6.81 8.99 -37.15
C ASP C 812 5.98 9.61 -38.26
N ILE C 813 5.85 10.93 -38.20
CA ILE C 813 5.05 11.68 -39.16
C ILE C 813 5.73 11.70 -40.52
N LEU C 818 3.27 5.61 -38.76
CA LEU C 818 2.84 5.86 -37.39
C LEU C 818 1.56 5.08 -37.07
N ILE C 819 1.69 3.97 -36.37
CA ILE C 819 0.55 3.13 -36.02
C ILE C 819 0.52 2.97 -34.50
N CYS C 820 -0.62 3.29 -33.91
CA CYS C 820 -0.78 3.31 -32.46
C CYS C 820 -1.44 2.01 -32.03
N ALA C 821 -0.62 1.08 -31.54
CA ALA C 821 -1.14 -0.15 -30.96
C ALA C 821 -1.68 0.11 -29.57
N GLN C 822 -2.72 -0.63 -29.21
CA GLN C 822 -3.30 -0.53 -27.88
C GLN C 822 -3.49 -1.94 -27.33
N LYS C 823 -3.41 -2.06 -26.01
CA LYS C 823 -3.43 -3.35 -25.33
C LYS C 823 -4.64 -3.43 -24.42
N PHE C 824 -4.92 -4.64 -23.94
CA PHE C 824 -6.13 -4.87 -23.15
C PHE C 824 -5.91 -4.78 -21.66
N ASN C 825 -4.68 -4.50 -21.22
CA ASN C 825 -4.56 -3.86 -19.92
C ASN C 825 -4.72 -2.37 -20.15
N GLY C 826 -4.65 -1.57 -19.09
CA GLY C 826 -4.82 -0.15 -19.29
C GLY C 826 -3.51 0.57 -19.46
N LEU C 827 -2.50 -0.14 -19.92
CA LEU C 827 -1.12 0.18 -19.60
C LEU C 827 -0.45 0.79 -20.82
N THR C 828 -0.18 2.08 -20.75
CA THR C 828 0.43 2.80 -21.86
C THR C 828 1.75 3.40 -21.43
N VAL C 829 2.53 3.81 -22.43
CA VAL C 829 3.81 4.47 -22.23
C VAL C 829 3.81 5.70 -23.12
N LEU C 830 3.88 6.82 -22.54
CA LEU C 830 3.82 8.02 -23.36
C LEU C 830 5.19 8.33 -23.94
N PRO C 831 5.24 8.89 -25.14
CA PRO C 831 6.52 9.23 -25.74
C PRO C 831 7.10 10.46 -25.09
N PRO C 832 8.42 10.57 -25.03
CA PRO C 832 9.04 11.74 -24.38
C PRO C 832 8.80 13.02 -25.18
N LEU C 833 8.92 14.14 -24.48
CA LEU C 833 8.85 15.43 -25.16
C LEU C 833 10.05 15.63 -26.06
N LEU C 834 11.24 15.56 -25.49
CA LEU C 834 12.47 15.92 -26.18
C LEU C 834 13.01 14.64 -26.78
N THR C 835 12.79 14.46 -28.09
CA THR C 835 13.02 13.18 -28.75
C THR C 835 14.51 12.91 -28.94
N ASP C 836 14.78 11.78 -29.60
CA ASP C 836 16.14 11.29 -29.75
C ASP C 836 16.95 12.17 -30.69
N ASP C 837 16.28 12.81 -31.64
CA ASP C 837 16.98 13.70 -32.56
C ASP C 837 17.45 14.96 -31.85
N MET C 838 16.55 15.57 -31.06
CA MET C 838 16.88 16.82 -30.40
C MET C 838 17.90 16.63 -29.30
N ILE C 839 17.88 15.48 -28.63
CA ILE C 839 18.93 15.16 -27.67
C ILE C 839 20.25 14.96 -28.39
N ALA C 840 20.21 14.41 -29.59
CA ALA C 840 21.42 14.33 -30.40
C ALA C 840 21.85 15.70 -30.91
N ALA C 841 20.94 16.67 -30.96
CA ALA C 841 21.32 18.02 -31.35
C ALA C 841 22.03 18.75 -30.21
N TYR C 842 21.55 18.57 -28.96
CA TYR C 842 22.29 19.09 -27.82
C TYR C 842 23.60 18.36 -27.62
N THR C 843 23.69 17.11 -28.08
CA THR C 843 24.92 16.35 -27.91
C THR C 843 26.03 16.91 -28.78
N ALA C 844 25.69 17.30 -30.00
CA ALA C 844 26.70 17.83 -30.91
C ALA C 844 27.13 19.23 -30.52
N ALA C 845 26.20 20.06 -30.04
CA ALA C 845 26.54 21.43 -29.71
C ALA C 845 27.37 21.55 -28.45
N LEU C 846 27.38 20.53 -27.59
CA LEU C 846 28.32 20.51 -26.49
C LEU C 846 29.72 20.19 -26.97
N VAL C 847 29.84 19.43 -28.05
CA VAL C 847 31.15 19.10 -28.55
C VAL C 847 31.64 20.19 -29.49
N SER C 848 30.72 20.79 -30.26
CA SER C 848 31.05 21.88 -31.17
C SER C 848 31.57 23.11 -30.44
N GLY C 849 31.15 23.32 -29.21
CA GLY C 849 31.73 24.37 -28.40
C GLY C 849 33.10 23.98 -27.90
N THR C 850 33.18 22.87 -27.16
CA THR C 850 34.42 22.51 -26.45
C THR C 850 35.54 22.08 -27.39
N ALA C 851 35.21 21.69 -28.61
CA ALA C 851 36.27 21.51 -29.59
C ALA C 851 36.68 22.81 -30.24
N THR C 852 35.86 23.87 -30.16
CA THR C 852 36.21 25.15 -30.75
C THR C 852 36.38 26.25 -29.71
N ALA C 853 35.35 26.54 -28.90
CA ALA C 853 35.42 27.65 -27.96
C ALA C 853 35.91 27.23 -26.59
N GLY C 854 35.69 25.99 -26.19
CA GLY C 854 36.34 25.43 -25.02
C GLY C 854 35.84 25.86 -23.65
N TRP C 855 36.64 26.70 -23.00
CA TRP C 855 36.51 26.97 -21.57
C TRP C 855 35.42 27.98 -21.28
N THR C 856 35.45 29.13 -21.97
CA THR C 856 34.40 30.12 -21.82
C THR C 856 33.16 29.79 -22.63
N PHE C 857 33.16 28.67 -23.34
CA PHE C 857 31.89 28.08 -23.76
C PHE C 857 31.01 27.76 -22.57
N GLY C 858 31.60 27.22 -21.51
CA GLY C 858 30.79 26.82 -20.37
C GLY C 858 30.29 28.01 -19.57
N ALA C 859 31.17 28.94 -19.25
CA ALA C 859 30.81 30.04 -18.37
C ALA C 859 30.25 31.24 -19.11
N GLY C 860 30.07 31.17 -20.42
CA GLY C 860 29.56 32.30 -21.17
C GLY C 860 29.46 32.08 -22.66
N ALA C 861 29.71 33.14 -23.44
CA ALA C 861 29.56 33.05 -24.89
C ALA C 861 30.74 32.31 -25.51
N ALA C 862 30.50 31.73 -26.67
CA ALA C 862 31.49 30.92 -27.37
C ALA C 862 32.58 31.82 -27.94
N LEU C 863 33.78 31.74 -27.38
CA LEU C 863 34.88 32.62 -27.77
C LEU C 863 35.99 31.80 -28.40
N GLN C 864 36.50 32.29 -29.52
CA GLN C 864 37.43 31.54 -30.35
C GLN C 864 38.78 31.35 -29.67
N ILE C 865 39.32 30.14 -29.77
CA ILE C 865 40.63 29.79 -29.20
C ILE C 865 41.20 28.63 -29.99
N PRO C 866 42.51 28.59 -30.24
CA PRO C 866 43.13 27.37 -30.74
C PRO C 866 43.00 26.26 -29.73
N PHE C 867 42.80 25.04 -30.23
CA PHE C 867 42.50 23.92 -29.35
C PHE C 867 43.72 23.49 -28.54
N ALA C 868 44.91 23.74 -29.07
CA ALA C 868 46.11 23.54 -28.26
C ALA C 868 46.35 24.70 -27.33
N MET C 869 45.88 25.90 -27.67
CA MET C 869 45.77 26.95 -26.66
C MET C 869 44.69 26.61 -25.65
N GLN C 870 43.63 25.93 -26.09
CA GLN C 870 42.62 25.40 -25.17
C GLN C 870 43.19 24.30 -24.31
N MET C 871 43.89 23.34 -24.91
CA MET C 871 44.43 22.23 -24.14
C MET C 871 45.68 22.58 -23.35
N ALA C 872 46.25 23.78 -23.54
CA ALA C 872 47.38 24.16 -22.69
C ALA C 872 46.93 24.51 -21.29
N TYR C 873 45.71 25.07 -21.15
CA TYR C 873 45.24 25.45 -19.83
C TYR C 873 44.87 24.24 -18.98
N ARG C 874 44.59 23.11 -19.63
CA ARG C 874 44.19 21.94 -18.86
C ARG C 874 45.40 21.19 -18.32
N PHE C 875 46.56 21.30 -18.98
CA PHE C 875 47.80 20.96 -18.28
C PHE C 875 48.05 21.95 -17.16
N ASN C 876 47.71 23.22 -17.37
CA ASN C 876 47.88 24.23 -16.32
C ASN C 876 46.97 23.95 -15.14
N GLY C 877 45.84 23.30 -15.38
CA GLY C 877 44.93 22.98 -14.30
C GLY C 877 45.41 21.91 -13.35
N ILE C 878 46.45 21.15 -13.69
CA ILE C 878 46.92 20.09 -12.80
C ILE C 878 48.37 20.29 -12.38
N GLY C 879 48.85 21.53 -12.40
CA GLY C 879 50.21 21.80 -11.99
C GLY C 879 51.25 21.27 -12.97
N VAL C 880 50.99 21.43 -14.27
CA VAL C 880 51.91 21.02 -15.31
C VAL C 880 52.05 22.19 -16.26
N THR C 881 53.28 22.69 -16.39
CA THR C 881 53.56 23.72 -17.38
C THR C 881 53.39 23.18 -18.80
N GLN C 882 53.13 24.09 -19.74
CA GLN C 882 52.99 23.65 -21.11
C GLN C 882 54.32 23.46 -21.84
N ASN C 883 55.42 23.36 -21.08
CA ASN C 883 56.63 22.68 -21.53
C ASN C 883 56.29 21.30 -22.10
N VAL C 884 55.45 20.56 -21.38
CA VAL C 884 55.22 19.15 -21.69
C VAL C 884 54.34 18.96 -22.93
N LEU C 885 53.38 19.85 -23.19
CA LEU C 885 52.61 19.77 -24.42
C LEU C 885 53.49 19.96 -25.65
N TYR C 886 54.16 21.11 -25.72
CA TYR C 886 54.81 21.50 -26.96
C TYR C 886 56.08 20.71 -27.22
N GLU C 887 56.71 20.16 -26.17
CA GLU C 887 57.79 19.21 -26.39
C GLU C 887 57.33 17.96 -27.11
N ASN C 888 56.12 17.51 -26.84
CA ASN C 888 55.68 16.19 -27.29
C ASN C 888 54.27 16.26 -27.85
N GLN C 889 54.03 17.21 -28.75
CA GLN C 889 52.68 17.50 -29.24
C GLN C 889 52.07 16.33 -30.01
N LYS C 890 52.90 15.50 -30.64
CA LYS C 890 52.35 14.37 -31.39
C LYS C 890 52.18 13.11 -30.55
N GLN C 891 53.02 12.89 -29.53
CA GLN C 891 52.75 11.80 -28.58
C GLN C 891 51.47 12.04 -27.81
N ILE C 892 51.16 13.31 -27.54
CA ILE C 892 49.83 13.67 -27.06
C ILE C 892 48.79 13.39 -28.14
N ALA C 893 49.07 13.80 -29.37
CA ALA C 893 48.13 13.63 -30.47
C ALA C 893 47.97 12.18 -30.90
N ASN C 894 48.89 11.30 -30.50
CA ASN C 894 48.74 9.88 -30.79
C ASN C 894 47.88 9.18 -29.74
N GLN C 895 48.32 9.23 -28.48
CA GLN C 895 47.71 8.40 -27.45
C GLN C 895 46.35 8.91 -27.00
N PHE C 896 45.98 10.13 -27.35
CA PHE C 896 44.57 10.48 -27.25
C PHE C 896 43.76 9.78 -28.32
N ASN C 897 44.35 9.56 -29.50
CA ASN C 897 43.59 8.98 -30.62
C ASN C 897 43.54 7.46 -30.59
N LYS C 898 44.45 6.79 -29.88
CA LYS C 898 44.24 5.38 -29.59
C LYS C 898 43.04 5.20 -28.67
N ALA C 899 42.91 6.07 -27.67
CA ALA C 899 41.88 5.90 -26.66
C ALA C 899 40.50 6.22 -27.22
N ILE C 900 40.42 7.08 -28.23
CA ILE C 900 39.15 7.34 -28.90
C ILE C 900 38.65 6.07 -29.58
N SER C 901 39.54 5.34 -30.24
CA SER C 901 39.14 4.20 -31.04
C SER C 901 39.03 2.91 -30.23
N GLN C 902 39.78 2.76 -29.14
CA GLN C 902 39.63 1.54 -28.34
C GLN C 902 38.35 1.56 -27.52
N ILE C 903 37.84 2.76 -27.21
CA ILE C 903 36.45 2.87 -26.76
C ILE C 903 35.52 2.40 -27.86
N GLN C 904 35.76 2.86 -29.08
CA GLN C 904 34.97 2.46 -30.23
C GLN C 904 35.12 0.97 -30.54
N GLU C 905 36.21 0.34 -30.11
CA GLU C 905 36.33 -1.11 -30.25
C GLU C 905 35.58 -1.85 -29.16
N SER C 906 35.83 -1.50 -27.88
CA SER C 906 35.18 -2.21 -26.79
C SER C 906 33.70 -1.89 -26.70
N LEU C 907 33.25 -0.75 -27.21
CA LEU C 907 31.83 -0.55 -27.32
C LEU C 907 31.26 -1.08 -28.63
N THR C 908 32.06 -1.82 -29.41
CA THR C 908 31.54 -2.54 -30.56
C THR C 908 31.38 -4.03 -30.28
N THR C 909 32.43 -4.69 -29.80
CA THR C 909 32.48 -6.15 -29.82
C THR C 909 32.31 -6.79 -28.45
N THR C 910 32.05 -6.02 -27.41
CA THR C 910 31.79 -6.59 -26.09
C THR C 910 30.89 -5.63 -25.32
N SER C 911 30.40 -6.09 -24.19
CA SER C 911 29.34 -5.39 -23.46
C SER C 911 29.68 -5.44 -21.97
N THR C 912 28.65 -5.20 -21.14
CA THR C 912 28.64 -4.98 -19.69
C THR C 912 29.28 -3.65 -19.29
N ALA C 913 29.57 -2.78 -20.25
CA ALA C 913 29.91 -1.41 -19.93
C ALA C 913 28.68 -0.52 -19.84
N LEU C 914 27.50 -1.05 -20.12
CA LEU C 914 26.24 -0.34 -20.02
C LEU C 914 25.26 -1.09 -19.14
N GLY C 915 25.75 -1.67 -18.05
CA GLY C 915 24.88 -2.48 -17.21
C GLY C 915 23.82 -1.68 -16.51
N LYS C 916 24.14 -0.43 -16.16
CA LYS C 916 23.18 0.38 -15.41
C LYS C 916 22.08 0.93 -16.31
N LEU C 917 22.44 1.33 -17.53
CA LEU C 917 21.39 1.66 -18.50
C LEU C 917 20.63 0.43 -18.96
N GLN C 918 21.27 -0.74 -18.95
CA GLN C 918 20.50 -1.97 -19.13
C GLN C 918 19.60 -2.20 -17.93
N ASP C 919 20.02 -1.74 -16.77
CA ASP C 919 19.26 -2.02 -15.56
C ASP C 919 18.05 -1.12 -15.40
N VAL C 920 18.12 0.13 -15.88
CA VAL C 920 16.99 1.05 -15.75
C VAL C 920 15.79 0.59 -16.57
N VAL C 921 16.02 -0.20 -17.62
CA VAL C 921 14.92 -0.79 -18.37
C VAL C 921 14.39 -2.01 -17.64
N ASN C 922 15.31 -2.87 -17.16
CA ASN C 922 14.89 -4.09 -16.47
C ASN C 922 14.17 -3.80 -15.17
N GLN C 923 14.41 -2.64 -14.55
CA GLN C 923 13.58 -2.24 -13.43
C GLN C 923 12.15 -1.98 -13.88
N ASN C 924 11.98 -1.35 -15.05
CA ASN C 924 10.64 -1.14 -15.56
C ASN C 924 10.04 -2.43 -16.10
N ALA C 925 10.87 -3.35 -16.56
CA ALA C 925 10.37 -4.63 -17.03
C ALA C 925 9.76 -5.42 -15.89
N GLN C 926 10.46 -5.50 -14.76
CA GLN C 926 9.93 -6.20 -13.60
C GLN C 926 8.78 -5.46 -12.96
N ALA C 927 8.68 -4.15 -13.16
CA ALA C 927 7.61 -3.39 -12.51
C ALA C 927 6.26 -3.70 -13.13
N LEU C 928 6.17 -3.60 -14.46
CA LEU C 928 4.90 -3.88 -15.11
C LEU C 928 4.60 -5.37 -15.12
N ASN C 929 5.62 -6.23 -15.13
CA ASN C 929 5.37 -7.67 -15.15
C ASN C 929 4.80 -8.16 -13.84
N THR C 930 5.10 -7.49 -12.75
CA THR C 930 4.37 -7.75 -11.53
C THR C 930 2.95 -7.22 -11.64
N LEU C 931 2.81 -6.04 -12.25
CA LEU C 931 1.50 -5.40 -12.37
C LEU C 931 0.60 -6.12 -13.37
N VAL C 932 1.18 -6.89 -14.29
CA VAL C 932 0.36 -7.64 -15.23
C VAL C 932 0.03 -9.03 -14.70
N LYS C 933 1.01 -9.72 -14.10
CA LYS C 933 0.77 -11.04 -13.51
C LYS C 933 -0.25 -10.99 -12.38
N GLN C 934 -0.35 -9.88 -11.68
CA GLN C 934 -1.30 -9.82 -10.59
C GLN C 934 -2.71 -9.49 -11.05
N LEU C 935 -2.96 -9.46 -12.36
CA LEU C 935 -4.34 -9.56 -12.83
C LEU C 935 -4.84 -10.98 -12.72
N SER C 936 -4.01 -11.97 -13.05
CA SER C 936 -4.42 -13.36 -12.99
C SER C 936 -4.49 -13.92 -11.58
N SER C 937 -4.07 -13.14 -10.58
CA SER C 937 -4.19 -13.54 -9.19
C SER C 937 -5.65 -13.59 -8.77
N ASN C 938 -6.00 -14.63 -8.02
CA ASN C 938 -7.36 -14.74 -7.53
C ASN C 938 -7.59 -13.83 -6.32
N PHE C 939 -6.54 -13.65 -5.52
CA PHE C 939 -6.61 -13.07 -4.17
C PHE C 939 -7.68 -13.76 -3.32
N GLY C 940 -7.74 -15.08 -3.44
CA GLY C 940 -8.70 -15.88 -2.70
C GLY C 940 -10.15 -15.67 -3.08
N ALA C 941 -10.44 -15.03 -4.22
CA ALA C 941 -11.82 -14.87 -4.66
C ALA C 941 -12.27 -16.13 -5.39
N ILE C 942 -13.44 -16.06 -6.02
CA ILE C 942 -13.96 -17.20 -6.77
C ILE C 942 -13.15 -17.43 -8.04
N SER C 943 -12.77 -16.36 -8.73
CA SER C 943 -11.96 -16.48 -9.94
C SER C 943 -10.96 -15.34 -9.96
N SER C 944 -10.35 -15.13 -11.13
CA SER C 944 -9.62 -13.91 -11.42
C SER C 944 -10.14 -13.25 -12.68
N VAL C 945 -11.33 -13.65 -13.15
CA VAL C 945 -11.99 -13.02 -14.27
C VAL C 945 -13.32 -12.47 -13.76
N LEU C 946 -13.64 -11.23 -14.15
CA LEU C 946 -14.83 -10.58 -13.65
C LEU C 946 -16.11 -11.23 -14.19
N ASN C 947 -16.10 -11.63 -15.45
CA ASN C 947 -17.32 -12.11 -16.08
C ASN C 947 -17.66 -13.54 -15.68
N ASP C 948 -16.69 -14.29 -15.18
CA ASP C 948 -16.95 -15.62 -14.65
C ASP C 948 -17.47 -15.56 -13.22
N ILE C 949 -17.74 -14.36 -12.71
CA ILE C 949 -18.43 -14.17 -11.45
C ILE C 949 -19.83 -13.63 -11.69
N LEU C 950 -19.96 -12.76 -12.68
CA LEU C 950 -21.23 -12.11 -12.98
C LEU C 950 -22.22 -13.06 -13.60
N SER C 951 -21.75 -14.00 -14.42
CA SER C 951 -22.65 -14.97 -15.04
C SER C 951 -22.79 -16.24 -14.22
N ARG C 952 -21.95 -16.41 -13.21
CA ARG C 952 -21.93 -17.62 -12.39
C ARG C 952 -22.65 -17.44 -11.06
N LEU C 953 -22.44 -16.31 -10.40
CA LEU C 953 -23.02 -16.09 -9.08
C LEU C 953 -24.24 -15.18 -9.14
N ASP C 954 -24.85 -15.03 -7.98
CA ASP C 954 -26.04 -14.23 -7.73
C ASP C 954 -25.63 -12.77 -7.60
N PRO C 955 -26.53 -11.83 -7.94
CA PRO C 955 -26.19 -10.39 -7.86
C PRO C 955 -25.84 -9.91 -6.45
N PRO C 956 -26.30 -10.58 -5.36
CA PRO C 956 -25.54 -10.42 -4.10
C PRO C 956 -24.16 -11.06 -4.13
N GLU C 957 -24.07 -12.34 -4.52
CA GLU C 957 -22.79 -13.04 -4.38
C GLU C 957 -21.78 -12.64 -5.44
N ALA C 958 -22.24 -12.18 -6.61
CA ALA C 958 -21.29 -11.64 -7.58
C ALA C 958 -20.71 -10.32 -7.09
N GLU C 959 -21.55 -9.46 -6.52
CA GLU C 959 -21.14 -8.10 -6.18
C GLU C 959 -20.11 -8.07 -5.07
N VAL C 960 -20.20 -8.97 -4.09
CA VAL C 960 -19.21 -8.95 -3.04
C VAL C 960 -17.92 -9.62 -3.51
N GLN C 961 -18.03 -10.64 -4.37
CA GLN C 961 -16.82 -11.29 -4.84
C GLN C 961 -16.12 -10.51 -5.95
N ILE C 962 -16.83 -9.65 -6.68
CA ILE C 962 -16.10 -8.74 -7.56
C ILE C 962 -15.59 -7.54 -6.78
N ASP C 963 -16.14 -7.27 -5.61
CA ASP C 963 -15.59 -6.22 -4.77
C ASP C 963 -14.36 -6.69 -4.02
N ARG C 964 -14.18 -8.00 -3.87
CA ARG C 964 -12.91 -8.51 -3.39
C ARG C 964 -11.82 -8.29 -4.42
N LEU C 965 -12.14 -8.47 -5.70
CA LEU C 965 -11.16 -8.27 -6.75
C LEU C 965 -10.84 -6.80 -6.94
N ILE C 966 -11.79 -5.91 -6.70
CA ILE C 966 -11.55 -4.51 -7.01
C ILE C 966 -10.62 -3.87 -5.99
N THR C 967 -10.42 -4.49 -4.82
CA THR C 967 -9.47 -3.98 -3.85
C THR C 967 -8.14 -4.68 -3.93
N GLY C 968 -8.13 -5.94 -4.32
CA GLY C 968 -6.87 -6.61 -4.59
C GLY C 968 -6.13 -5.97 -5.74
N ARG C 969 -6.87 -5.49 -6.74
CA ARG C 969 -6.23 -4.81 -7.86
C ARG C 969 -5.77 -3.41 -7.51
N LEU C 970 -6.50 -2.70 -6.66
CA LEU C 970 -6.07 -1.36 -6.28
C LEU C 970 -4.78 -1.39 -5.47
N GLN C 971 -4.62 -2.39 -4.60
CA GLN C 971 -3.39 -2.49 -3.82
C GLN C 971 -2.20 -2.85 -4.70
N SER C 972 -2.44 -3.48 -5.84
CA SER C 972 -1.36 -3.68 -6.79
C SER C 972 -1.07 -2.42 -7.56
N LEU C 973 -2.05 -1.54 -7.75
CA LEU C 973 -1.75 -0.24 -8.31
C LEU C 973 -1.05 0.65 -7.31
N GLN C 974 -1.43 0.56 -6.04
CA GLN C 974 -0.87 1.47 -5.06
C GLN C 974 0.58 1.13 -4.76
N THR C 975 0.92 -0.16 -4.79
CA THR C 975 2.32 -0.56 -4.71
C THR C 975 3.10 -0.06 -5.93
N TYR C 976 2.51 -0.21 -7.11
CA TYR C 976 3.17 0.24 -8.34
C TYR C 976 3.37 1.74 -8.35
N VAL C 977 2.40 2.50 -7.85
CA VAL C 977 2.56 3.96 -7.79
C VAL C 977 3.66 4.34 -6.83
N THR C 978 3.69 3.69 -5.66
CA THR C 978 4.71 4.01 -4.66
C THR C 978 6.10 3.61 -5.14
N GLN C 979 6.25 2.41 -5.69
CA GLN C 979 7.57 2.03 -6.18
C GLN C 979 7.90 2.64 -7.54
N GLN C 980 7.02 3.43 -8.13
CA GLN C 980 7.48 4.36 -9.15
C GLN C 980 8.03 5.63 -8.54
N LEU C 981 7.43 6.08 -7.43
CA LEU C 981 7.89 7.32 -6.80
C LEU C 981 9.29 7.17 -6.25
N ILE C 982 9.65 6.00 -5.76
CA ILE C 982 11.02 5.79 -5.31
C ILE C 982 11.96 5.74 -6.50
N ARG C 983 11.57 5.08 -7.58
CA ARG C 983 12.42 5.07 -8.77
C ARG C 983 12.45 6.41 -9.48
N ALA C 984 11.42 7.25 -9.33
CA ALA C 984 11.53 8.59 -9.87
C ALA C 984 12.43 9.46 -9.02
N ALA C 985 12.62 9.09 -7.76
CA ALA C 985 13.51 9.86 -6.90
C ALA C 985 14.96 9.58 -7.21
N GLU C 986 15.33 8.31 -7.38
CA GLU C 986 16.74 7.97 -7.57
C GLU C 986 17.25 8.40 -8.93
N ILE C 987 16.39 8.42 -9.94
CA ILE C 987 16.81 8.89 -11.25
C ILE C 987 16.93 10.40 -11.25
N ARG C 988 16.04 11.09 -10.53
CA ARG C 988 16.28 12.50 -10.26
C ARG C 988 17.50 12.69 -9.36
N ALA C 989 17.83 11.70 -8.53
CA ALA C 989 19.06 11.77 -7.77
C ALA C 989 20.30 11.45 -8.59
N SER C 990 20.15 11.07 -9.86
CA SER C 990 21.28 11.02 -10.76
C SER C 990 21.14 11.95 -11.96
N ALA C 991 19.93 12.41 -12.25
CA ALA C 991 19.80 13.51 -13.20
C ALA C 991 20.32 14.79 -12.60
N ASN C 992 20.26 14.93 -11.29
CA ASN C 992 20.88 16.07 -10.62
C ASN C 992 22.37 15.90 -10.48
N LEU C 993 22.87 14.67 -10.56
CA LEU C 993 24.31 14.50 -10.59
C LEU C 993 24.85 14.71 -11.99
N ALA C 994 24.11 14.32 -13.03
CA ALA C 994 24.58 14.54 -14.38
C ALA C 994 24.28 15.94 -14.90
N ALA C 995 23.37 16.67 -14.25
CA ALA C 995 23.32 18.10 -14.47
C ALA C 995 24.53 18.78 -13.86
N THR C 996 25.08 18.18 -12.81
CA THR C 996 26.29 18.70 -12.19
C THR C 996 27.53 18.25 -12.95
N LYS C 997 27.67 16.94 -13.19
CA LYS C 997 28.90 16.37 -13.75
C LYS C 997 29.13 16.79 -15.19
N MET C 998 28.10 17.33 -15.85
CA MET C 998 28.29 17.99 -17.13
C MET C 998 28.67 19.45 -16.94
N SER C 999 28.07 20.10 -15.94
CA SER C 999 28.45 21.47 -15.63
C SER C 999 29.87 21.54 -15.08
N GLU C 1000 30.29 20.52 -14.34
CA GLU C 1000 31.57 20.52 -13.64
C GLU C 1000 32.71 20.14 -14.56
N CYS C 1001 32.47 19.25 -15.51
CA CYS C 1001 33.56 18.63 -16.26
C CYS C 1001 33.50 18.85 -17.76
N VAL C 1002 32.32 18.80 -18.37
CA VAL C 1002 32.21 19.15 -19.78
C VAL C 1002 32.44 20.63 -19.97
N LEU C 1003 31.80 21.45 -19.13
CA LEU C 1003 31.88 22.90 -19.25
C LEU C 1003 33.14 23.49 -18.66
N GLY C 1004 34.15 22.69 -18.38
CA GLY C 1004 35.41 23.21 -17.87
C GLY C 1004 36.35 22.12 -17.41
N GLN C 1005 36.91 22.29 -16.21
CA GLN C 1005 37.73 21.25 -15.61
C GLN C 1005 37.44 21.20 -14.12
N SER C 1006 37.14 20.00 -13.62
CA SER C 1006 37.02 19.80 -12.19
C SER C 1006 38.39 19.63 -11.57
N LYS C 1007 38.51 20.12 -10.34
CA LYS C 1007 39.79 20.16 -9.66
C LYS C 1007 39.78 19.25 -8.44
N ARG C 1008 38.82 18.33 -8.38
CA ARG C 1008 38.62 17.42 -7.27
C ARG C 1008 39.21 16.07 -7.61
N VAL C 1009 39.73 15.38 -6.60
CA VAL C 1009 40.37 14.10 -6.84
C VAL C 1009 39.30 13.04 -7.09
N ASP C 1010 39.40 12.37 -8.24
CA ASP C 1010 38.68 11.17 -8.65
C ASP C 1010 37.22 11.41 -8.99
N PHE C 1011 36.70 12.62 -8.77
CA PHE C 1011 35.51 13.02 -9.48
C PHE C 1011 35.89 13.24 -10.93
N CYS C 1012 35.08 12.72 -11.85
CA CYS C 1012 35.32 12.74 -13.30
C CYS C 1012 36.63 12.06 -13.69
N GLY C 1013 36.87 10.88 -13.16
CA GLY C 1013 37.94 10.10 -13.73
C GLY C 1013 39.05 9.79 -12.75
N LYS C 1014 39.64 8.61 -12.90
CA LYS C 1014 40.81 8.20 -12.13
C LYS C 1014 42.05 8.94 -12.61
N GLY C 1015 42.76 9.57 -11.67
CA GLY C 1015 43.96 10.30 -11.99
C GLY C 1015 43.76 11.80 -11.94
N TYR C 1016 44.05 12.50 -13.04
CA TYR C 1016 43.96 13.95 -13.09
C TYR C 1016 43.10 14.29 -14.30
N HIS C 1017 41.97 14.95 -14.07
CA HIS C 1017 41.01 15.21 -15.13
C HIS C 1017 41.51 16.26 -16.12
N LEU C 1018 41.39 15.96 -17.41
CA LEU C 1018 41.67 16.94 -18.45
C LEU C 1018 40.38 17.44 -19.10
N MET C 1019 39.60 16.57 -19.74
CA MET C 1019 38.28 16.94 -20.22
C MET C 1019 37.41 15.71 -20.36
N SER C 1020 36.12 15.94 -20.54
CA SER C 1020 35.13 14.87 -20.68
C SER C 1020 34.22 15.16 -21.87
N PHE C 1021 33.44 14.16 -22.24
CA PHE C 1021 32.64 14.17 -23.47
C PHE C 1021 31.29 13.51 -23.25
N PRO C 1022 30.19 14.25 -23.33
CA PRO C 1022 28.88 13.63 -23.12
C PRO C 1022 28.39 12.93 -24.38
N GLN C 1023 27.98 11.69 -24.22
CA GLN C 1023 27.35 10.93 -25.29
C GLN C 1023 25.87 10.80 -25.00
N ALA C 1024 25.06 10.79 -26.05
CA ALA C 1024 23.64 10.54 -25.87
C ALA C 1024 23.40 9.06 -25.65
N ALA C 1025 22.17 8.74 -25.28
CA ALA C 1025 21.80 7.39 -24.89
C ALA C 1025 20.28 7.29 -24.93
N PRO C 1026 19.70 6.08 -24.90
CA PRO C 1026 18.23 6.02 -24.83
C PRO C 1026 17.65 6.59 -23.55
N HIS C 1027 18.19 6.25 -22.39
CA HIS C 1027 17.68 6.81 -21.15
C HIS C 1027 18.81 7.17 -20.21
N GLY C 1028 19.88 7.76 -20.72
CA GLY C 1028 21.01 8.01 -19.86
C GLY C 1028 22.05 8.91 -20.46
N VAL C 1029 23.22 8.92 -19.83
CA VAL C 1029 24.36 9.66 -20.35
C VAL C 1029 25.59 8.82 -20.08
N VAL C 1030 26.54 8.86 -21.00
CA VAL C 1030 27.78 8.12 -20.87
C VAL C 1030 28.91 9.09 -21.07
N PHE C 1031 29.82 9.15 -20.13
CA PHE C 1031 30.94 10.08 -20.23
C PHE C 1031 32.20 9.37 -20.70
N LEU C 1032 33.21 10.17 -21.02
CA LEU C 1032 34.49 9.73 -21.59
C LEU C 1032 35.56 10.63 -20.98
N HIS C 1033 36.21 10.17 -19.94
CA HIS C 1033 37.01 11.04 -19.08
C HIS C 1033 38.48 10.95 -19.48
N VAL C 1034 38.99 12.02 -20.08
CA VAL C 1034 40.38 12.08 -20.51
C VAL C 1034 41.24 12.44 -19.31
N THR C 1035 42.11 11.52 -18.90
CA THR C 1035 42.82 11.65 -17.63
C THR C 1035 44.32 11.46 -17.81
N TYR C 1036 45.09 12.21 -17.04
CA TYR C 1036 46.53 12.02 -16.94
C TYR C 1036 46.83 10.71 -16.25
N VAL C 1037 47.90 10.04 -16.68
CA VAL C 1037 48.38 8.83 -16.00
C VAL C 1037 49.88 8.95 -15.71
N PRO C 1038 50.29 9.06 -14.45
CA PRO C 1038 51.72 9.11 -14.15
C PRO C 1038 52.32 7.72 -14.12
N SER C 1039 53.63 7.67 -14.32
CA SER C 1039 54.39 6.42 -14.26
C SER C 1039 55.88 6.74 -14.15
N GLN C 1040 56.70 5.69 -14.24
CA GLN C 1040 58.12 5.73 -14.61
C GLN C 1040 58.94 6.64 -13.70
N GLU C 1041 59.03 6.22 -12.45
CA GLU C 1041 59.48 7.09 -11.37
C GLU C 1041 60.89 6.73 -10.97
N ARG C 1042 61.76 7.73 -10.89
CA ARG C 1042 63.16 7.55 -10.57
C ARG C 1042 63.49 8.24 -9.27
N ASN C 1043 64.34 7.61 -8.47
CA ASN C 1043 64.80 8.21 -7.24
C ASN C 1043 65.66 9.43 -7.55
N PHE C 1044 65.28 10.56 -6.98
CA PHE C 1044 66.12 11.74 -6.96
C PHE C 1044 66.27 12.15 -5.51
N THR C 1045 67.50 12.33 -5.04
CA THR C 1045 67.75 12.56 -3.62
C THR C 1045 67.51 14.03 -3.28
N THR C 1046 66.76 14.28 -2.21
CA THR C 1046 66.15 15.58 -1.95
C THR C 1046 66.51 16.12 -0.58
N ALA C 1047 66.40 17.44 -0.45
CA ALA C 1047 66.50 18.13 0.83
C ALA C 1047 65.81 19.48 0.69
N PRO C 1048 65.20 20.00 1.77
CA PRO C 1048 64.28 21.14 1.60
C PRO C 1048 64.95 22.50 1.38
N ALA C 1049 66.10 22.78 1.98
CA ALA C 1049 66.60 24.15 2.02
C ALA C 1049 68.08 24.20 1.65
N ILE C 1050 68.53 25.39 1.25
CA ILE C 1050 69.91 25.66 0.87
C ILE C 1050 70.50 26.71 1.80
N CYS C 1051 71.67 26.40 2.38
CA CYS C 1051 72.37 27.29 3.30
C CYS C 1051 73.37 28.13 2.51
N HIS C 1052 72.84 28.98 1.64
CA HIS C 1052 73.66 29.91 0.87
C HIS C 1052 73.75 31.22 1.64
N GLU C 1053 74.97 31.78 1.71
CA GLU C 1053 75.26 33.07 2.34
C GLU C 1053 74.84 33.14 3.81
N GLY C 1054 74.85 32.00 4.51
CA GLY C 1054 74.33 31.94 5.86
C GLY C 1054 72.82 32.00 5.98
N LYS C 1055 72.11 31.86 4.86
CA LYS C 1055 70.67 32.03 4.81
C LYS C 1055 70.05 30.75 4.29
N ALA C 1056 68.96 30.31 4.91
CA ALA C 1056 68.28 29.09 4.48
C ALA C 1056 67.38 29.44 3.31
N TYR C 1057 67.75 28.99 2.11
CA TYR C 1057 66.98 29.28 0.92
C TYR C 1057 66.01 28.14 0.63
N PHE C 1058 64.71 28.47 0.57
CA PHE C 1058 63.53 27.63 0.42
C PHE C 1058 62.91 27.79 -0.96
N PRO C 1059 62.47 26.68 -1.56
CA PRO C 1059 62.02 26.72 -2.95
C PRO C 1059 60.72 27.48 -3.09
N ARG C 1060 60.67 28.33 -4.13
CA ARG C 1060 59.43 29.04 -4.42
C ARG C 1060 58.37 28.09 -4.94
N GLU C 1061 58.78 27.08 -5.70
CA GLU C 1061 57.92 25.99 -6.13
C GLU C 1061 58.78 24.76 -6.34
N GLY C 1062 58.18 23.59 -6.16
CA GLY C 1062 58.90 22.35 -6.32
C GLY C 1062 59.83 22.09 -5.14
N VAL C 1063 60.63 21.02 -5.28
CA VAL C 1063 61.61 20.65 -4.27
C VAL C 1063 62.93 20.37 -4.95
N PHE C 1064 64.01 20.43 -4.16
CA PHE C 1064 65.36 20.33 -4.71
C PHE C 1064 65.75 18.87 -4.79
N VAL C 1065 66.35 18.49 -5.91
CA VAL C 1065 66.73 17.11 -6.14
C VAL C 1065 68.21 17.05 -6.49
N PHE C 1066 68.83 15.91 -6.20
CA PHE C 1066 70.22 15.63 -6.56
C PHE C 1066 70.26 14.34 -7.35
N ASN C 1067 70.46 14.43 -8.67
CA ASN C 1067 70.44 13.24 -9.50
C ASN C 1067 71.81 12.58 -9.63
N GLY C 1068 72.71 12.81 -8.69
CA GLY C 1068 74.07 12.34 -8.81
C GLY C 1068 75.00 13.25 -9.56
N THR C 1069 74.47 14.28 -10.22
CA THR C 1069 75.28 15.24 -10.95
C THR C 1069 75.17 16.64 -10.38
N SER C 1070 73.96 17.12 -10.13
CA SER C 1070 73.77 18.47 -9.64
C SER C 1070 72.57 18.51 -8.71
N TRP C 1071 72.57 19.52 -7.84
CA TRP C 1071 71.39 19.88 -7.08
C TRP C 1071 70.61 20.92 -7.88
N PHE C 1072 69.31 20.68 -8.06
CA PHE C 1072 68.50 21.54 -8.91
C PHE C 1072 67.02 21.36 -8.56
N ILE C 1073 66.20 22.18 -9.21
CA ILE C 1073 64.80 22.38 -8.87
C ILE C 1073 63.94 21.58 -9.84
N THR C 1074 62.98 20.81 -9.31
CA THR C 1074 62.00 20.19 -10.18
C THR C 1074 60.63 20.18 -9.51
N GLN C 1075 59.62 19.98 -10.35
CA GLN C 1075 58.23 19.80 -9.91
C GLN C 1075 58.08 18.45 -9.21
N ARG C 1076 56.85 18.19 -8.78
CA ARG C 1076 56.51 16.89 -8.25
C ARG C 1076 55.46 16.17 -9.07
N ASN C 1077 54.80 16.87 -9.99
CA ASN C 1077 53.94 16.21 -10.96
C ASN C 1077 54.73 15.46 -12.03
N PHE C 1078 55.97 15.88 -12.28
CA PHE C 1078 56.83 15.34 -13.34
C PHE C 1078 58.23 15.92 -13.18
N PHE C 1079 59.25 15.15 -13.55
CA PHE C 1079 60.62 15.60 -13.42
C PHE C 1079 60.93 16.61 -14.52
N SER C 1080 61.39 17.81 -14.13
CA SER C 1080 61.86 18.80 -15.09
C SER C 1080 62.91 19.70 -14.44
N PRO C 1081 64.13 19.74 -14.97
CA PRO C 1081 65.23 20.40 -14.25
C PRO C 1081 65.28 21.91 -14.44
N GLN C 1082 65.68 22.61 -13.36
CA GLN C 1082 65.88 24.05 -13.37
C GLN C 1082 67.04 24.41 -12.46
N ILE C 1083 67.92 25.29 -12.92
CA ILE C 1083 69.08 25.69 -12.13
C ILE C 1083 68.64 26.70 -11.09
N ILE C 1084 69.23 26.62 -9.90
CA ILE C 1084 68.70 27.25 -8.69
C ILE C 1084 69.02 28.74 -8.68
N THR C 1085 68.10 29.56 -9.21
CA THR C 1085 68.21 31.00 -9.12
C THR C 1085 67.48 31.47 -7.86
N THR C 1086 67.61 32.77 -7.57
CA THR C 1086 66.87 33.31 -6.44
C THR C 1086 65.50 33.86 -6.85
N ASP C 1087 65.19 33.91 -8.14
CA ASP C 1087 63.83 34.24 -8.54
C ASP C 1087 62.92 33.02 -8.60
N ASN C 1088 63.41 31.85 -8.17
CA ASN C 1088 62.55 30.71 -7.89
C ASN C 1088 62.97 29.98 -6.61
N THR C 1089 63.64 30.70 -5.69
CA THR C 1089 64.00 30.17 -4.39
C THR C 1089 64.06 31.36 -3.44
N PHE C 1090 63.36 31.30 -2.30
CA PHE C 1090 63.28 32.45 -1.41
C PHE C 1090 63.60 32.06 0.02
N VAL C 1091 64.25 33.00 0.72
CA VAL C 1091 64.75 32.80 2.08
C VAL C 1091 63.80 33.45 3.07
N SER C 1092 63.47 32.72 4.13
CA SER C 1092 62.83 33.30 5.31
C SER C 1092 63.43 32.59 6.52
N GLY C 1093 64.36 33.25 7.18
CA GLY C 1093 65.10 32.65 8.26
C GLY C 1093 66.48 32.22 7.82
N ASN C 1094 67.46 32.33 8.70
CA ASN C 1094 68.84 31.99 8.37
C ASN C 1094 69.04 30.48 8.47
N CYS C 1095 70.30 30.06 8.44
CA CYS C 1095 70.64 28.66 8.66
C CYS C 1095 70.58 28.34 10.15
N ASP C 1096 70.94 27.09 10.47
CA ASP C 1096 70.96 26.53 11.83
C ASP C 1096 69.58 26.56 12.49
N VAL C 1097 68.51 26.45 11.71
CA VAL C 1097 67.16 26.29 12.26
C VAL C 1097 66.54 25.01 11.71
N VAL C 1098 66.42 24.94 10.39
CA VAL C 1098 65.83 23.78 9.72
C VAL C 1098 66.84 22.64 9.72
N ILE C 1099 66.37 21.42 9.97
CA ILE C 1099 67.24 20.25 9.88
C ILE C 1099 67.18 19.71 8.46
N GLY C 1100 68.35 19.52 7.86
CA GLY C 1100 68.46 18.94 6.53
C GLY C 1100 68.61 19.99 5.44
N ILE C 1101 69.47 20.96 5.66
CA ILE C 1101 69.65 22.06 4.73
C ILE C 1101 70.85 21.76 3.84
N ILE C 1102 70.69 21.99 2.52
CA ILE C 1102 71.80 21.80 1.59
C ILE C 1102 72.86 22.86 1.83
N ASN C 1103 74.12 22.43 1.84
CA ASN C 1103 75.23 23.34 2.10
C ASN C 1103 75.87 23.78 0.78
N ASN C 1104 75.06 24.36 -0.09
CA ASN C 1104 75.44 24.65 -1.46
C ASN C 1104 75.50 26.16 -1.70
N THR C 1105 76.31 26.53 -2.68
CA THR C 1105 76.32 27.86 -3.25
C THR C 1105 75.52 27.83 -4.54
N VAL C 1106 74.64 28.82 -4.72
CA VAL C 1106 73.84 28.96 -5.91
C VAL C 1106 74.11 30.33 -6.51
N TYR C 1107 73.43 30.61 -7.63
CA TYR C 1107 73.40 31.97 -8.17
C TYR C 1107 72.64 32.87 -7.21
C1 NAG D . 20.84 -18.80 38.96
C2 NAG D . 21.85 -17.95 39.74
C3 NAG D . 23.15 -18.71 39.92
C4 NAG D . 22.89 -20.07 40.58
C5 NAG D . 21.89 -20.84 39.72
C6 NAG D . 21.53 -22.18 40.30
C7 NAG D . 22.40 -15.55 39.72
C8 NAG D . 22.63 -14.34 38.86
N2 NAG D . 22.09 -16.68 39.06
O3 NAG D . 24.07 -17.95 40.70
O4 NAG D . 24.09 -20.84 40.66
O5 NAG D . 20.68 -20.09 39.59
O6 NAG D . 21.91 -23.25 39.43
O7 NAG D . 22.50 -15.52 40.94
C1 NAG D . 24.58 -20.90 42.00
C2 NAG D . 25.71 -21.94 42.03
C3 NAG D . 26.46 -21.89 43.36
C4 NAG D . 26.97 -20.48 43.62
C5 NAG D . 25.76 -19.56 43.67
C6 NAG D . 26.11 -18.11 43.90
C7 NAG D . 25.04 -23.79 40.56
C8 NAG D . 24.49 -25.18 40.48
N2 NAG D . 25.18 -23.28 41.78
O3 NAG D . 27.54 -22.82 43.31
O4 NAG D . 27.79 -20.40 44.79
O5 NAG D . 25.09 -19.62 42.40
O6 NAG D . 26.32 -17.42 42.68
O7 NAG D . 25.33 -23.15 39.55
C1 BMA D . 29.12 -20.13 44.28
C2 BMA D . 30.01 -19.48 45.38
C3 BMA D . 31.44 -19.28 44.83
C4 BMA D . 32.01 -20.56 44.15
C5 BMA D . 30.97 -21.14 43.14
C6 BMA D . 31.40 -22.48 42.54
O2 BMA D . 30.12 -20.31 46.52
O3 BMA D . 32.34 -18.81 45.82
O4 BMA D . 33.22 -20.27 43.48
O5 BMA D . 29.73 -21.34 43.83
O6 BMA D . 30.26 -23.06 41.91
C1 NAG E . -8.39 30.09 25.56
C2 NAG E . -8.13 31.19 24.55
C3 NAG E . -8.38 32.55 25.19
C4 NAG E . -9.76 32.61 25.83
C5 NAG E . -10.03 31.39 26.72
C6 NAG E . -11.48 31.26 27.15
C7 NAG E . -6.48 30.49 22.89
C8 NAG E . -5.04 30.52 22.48
N2 NAG E . -6.78 31.12 24.02
O3 NAG E . -8.25 33.57 24.21
O4 NAG E . -9.83 33.78 26.63
O5 NAG E . -9.72 30.17 26.02
O6 NAG E . -12.10 30.13 26.56
O7 NAG E . -7.33 29.91 22.22
C1 NAG E . -10.79 34.72 26.11
C2 NAG E . -11.34 35.53 27.28
C3 NAG E . -12.33 36.58 26.77
C4 NAG E . -11.74 37.41 25.63
C5 NAG E . -11.12 36.49 24.56
C6 NAG E . -10.36 37.26 23.50
C7 NAG E . -11.34 34.13 29.30
C8 NAG E . -12.15 33.28 30.22
N2 NAG E . -11.98 34.67 28.27
O3 NAG E . -12.69 37.43 27.85
O4 NAG E . -12.80 38.14 25.02
O5 NAG E . -10.19 35.59 25.16
O6 NAG E . -9.55 36.38 22.74
O7 NAG E . -10.13 34.32 29.49
C1 BMA E . -12.66 39.56 25.27
C2 BMA E . -13.48 40.28 24.18
C3 BMA E . -13.38 41.78 24.43
C4 BMA E . -13.86 42.13 25.86
C5 BMA E . -13.00 41.35 26.86
C6 BMA E . -13.38 41.59 28.30
O2 BMA E . -14.85 39.93 24.28
O3 BMA E . -14.09 42.54 23.44
O4 BMA E . -13.74 43.52 26.09
O5 BMA E . -13.14 39.94 26.58
O6 BMA E . -14.46 40.73 28.62
C1 MAN E . -13.11 43.06 22.51
C2 MAN E . -13.66 44.40 21.93
C3 MAN E . -14.79 44.14 20.91
C4 MAN E . -14.40 43.05 19.89
C5 MAN E . -13.98 41.78 20.64
C6 MAN E . -13.54 40.66 19.72
O2 MAN E . -12.65 45.10 21.22
O3 MAN E . -15.18 45.32 20.24
O4 MAN E . -15.50 42.77 19.04
O5 MAN E . -12.86 42.12 21.48
O6 MAN E . -12.14 40.80 19.48
C1 NAG F . 52.23 29.70 19.57
C2 NAG F . 53.75 29.79 19.43
C3 NAG F . 54.44 28.64 20.17
C4 NAG F . 53.91 28.45 21.59
C5 NAG F . 52.38 28.44 21.58
C6 NAG F . 51.75 28.43 22.96
C7 NAG F . 54.37 30.89 17.31
C8 NAG F . 54.76 30.68 15.88
N2 NAG F . 54.14 29.78 18.02
O3 NAG F . 55.84 28.86 20.19
O4 NAG F . 54.39 27.21 22.06
O5 NAG F . 51.89 29.62 20.93
O6 NAG F . 51.28 27.13 23.30
O7 NAG F . 54.27 32.01 17.80
C1 NAG F . 55.14 27.24 23.31
C2 NAG F . 55.29 25.80 23.77
C3 NAG F . 56.01 25.75 25.12
C4 NAG F . 57.34 26.49 25.04
C5 NAG F . 57.15 27.90 24.46
C6 NAG F . 58.46 28.62 24.22
C7 NAG F . 53.75 23.95 23.30
C8 NAG F . 52.37 23.40 23.50
N2 NAG F . 54.00 25.13 23.86
O3 NAG F . 56.19 24.39 25.49
O4 NAG F . 57.86 26.63 26.36
O5 NAG F . 56.46 27.85 23.20
O6 NAG F . 59.54 27.71 24.01
O7 NAG F . 54.61 23.34 22.66
C1 BMA F . 58.97 25.75 26.67
C2 BMA F . 59.11 25.79 28.22
C3 BMA F . 60.12 24.74 28.70
C4 BMA F . 59.83 23.36 28.09
C5 BMA F . 59.80 23.46 26.56
C6 BMA F . 59.45 22.14 25.90
O2 BMA F . 57.87 25.47 28.82
O3 BMA F . 60.15 24.65 30.12
O4 BMA F . 60.84 22.45 28.49
O5 BMA F . 58.79 24.42 26.18
O6 BMA F . 58.26 21.65 26.50
C1 NAG G . 53.64 6.93 21.09
C2 NAG G . 55.02 6.44 21.52
C3 NAG G . 54.88 5.22 22.44
C4 NAG G . 53.85 5.43 23.55
C5 NAG G . 52.56 5.99 22.97
C6 NAG G . 51.54 6.35 24.03
C7 NAG G . 56.63 6.96 19.74
C8 NAG G . 57.39 6.41 18.58
N2 NAG G . 55.83 6.09 20.38
O3 NAG G . 56.15 4.91 23.00
O4 NAG G . 53.53 4.16 24.12
O5 NAG G . 52.83 7.17 22.23
O6 NAG G . 50.77 5.22 24.41
O7 NAG G . 56.70 8.14 20.06
C1 NAG G . 53.99 4.03 25.49
C2 NAG G . 53.81 2.55 25.85
C3 NAG G . 54.28 2.30 27.28
C4 NAG G . 55.70 2.80 27.47
C5 NAG G . 55.83 4.27 27.02
C6 NAG G . 57.26 4.76 27.04
C7 NAG G . 52.02 1.31 24.71
C8 NAG G . 50.56 0.98 24.69
N2 NAG G . 52.43 2.14 25.68
O3 NAG G . 54.21 0.91 27.55
O4 NAG G . 56.06 2.71 28.85
O5 NAG G . 55.35 4.40 25.67
O6 NAG G . 57.88 4.55 25.77
O7 NAG G . 52.80 0.85 23.88
C1 NAG H . 57.11 46.26 12.90
C2 NAG H . 57.73 46.05 14.28
C3 NAG H . 59.22 46.32 14.19
C4 NAG H . 59.88 45.51 13.08
C5 NAG H . 59.09 45.60 11.77
C6 NAG H . 59.53 44.58 10.74
C7 NAG H . 56.94 46.50 16.54
C8 NAG H . 56.27 47.49 17.45
N2 NAG H . 57.11 46.89 15.28
O3 NAG H . 59.83 46.00 15.44
O4 NAG H . 61.15 46.10 12.80
O5 NAG H . 57.69 45.36 11.99
O6 NAG H . 58.80 44.71 9.54
O7 NAG H . 57.30 45.40 16.94
C1 NAG H . 62.29 45.42 13.33
C2 NAG H . 63.51 46.27 12.92
C3 NAG H . 64.79 45.67 13.49
C4 NAG H . 64.67 45.44 14.99
C5 NAG H . 63.43 44.63 15.31
C6 NAG H . 63.17 44.51 16.79
C7 NAG H . 63.10 47.45 10.81
C8 NAG H . 63.28 47.42 9.32
N2 NAG H . 63.59 46.41 11.48
O3 NAG H . 65.88 46.54 13.21
O4 NAG H . 65.82 44.76 15.47
O5 NAG H . 62.27 45.27 14.76
O6 NAG H . 62.72 45.74 17.33
O7 NAG H . 62.53 48.38 11.37
C1 NAG I . 51.24 61.92 -1.66
C2 NAG I . 50.52 63.14 -1.04
C3 NAG I . 49.75 63.92 -2.12
C4 NAG I . 50.69 64.29 -3.27
C5 NAG I . 51.29 63.01 -3.84
C6 NAG I . 52.21 63.24 -5.01
C7 NAG I . 49.30 63.49 1.06
C8 NAG I . 48.35 62.90 2.06
N2 NAG I . 49.62 62.73 0.02
O3 NAG I . 49.16 65.07 -1.55
O4 NAG I . 50.04 65.06 -4.29
O5 NAG I . 52.04 62.36 -2.81
O6 NAG I . 51.47 63.58 -6.18
O7 NAG I . 49.73 64.64 1.18
C1 NAG I . 50.53 66.42 -4.15
C2 NAG I . 50.67 67.16 -5.50
C3 NAG I . 51.11 68.61 -5.25
C4 NAG I . 50.20 69.30 -4.24
C5 NAG I . 50.07 68.47 -2.96
C6 NAG I . 49.07 69.04 -1.98
C7 NAG I . 51.60 66.59 -7.70
C8 NAG I . 52.65 65.81 -8.43
N2 NAG I . 51.61 66.48 -6.37
O3 NAG I . 51.09 69.35 -6.46
O4 NAG I . 50.72 70.59 -3.92
O5 NAG I . 49.63 67.14 -3.29
O6 NAG I . 48.47 68.01 -1.21
O7 NAG I . 50.78 67.28 -8.29
C1 NAG J . -23.54 40.13 3.33
C2 NAG J . -22.64 41.04 2.51
C3 NAG J . -22.31 42.30 3.30
C4 NAG J . -23.57 42.97 3.86
C5 NAG J . -24.48 41.95 4.55
C6 NAG J . -25.83 42.50 4.93
C7 NAG J . -20.76 40.60 1.00
C8 NAG J . -19.52 39.79 0.76
N2 NAG J . -21.42 40.35 2.12
O3 NAG J . -21.62 43.21 2.46
O4 NAG J . -23.18 43.94 4.82
O5 NAG J . -24.72 40.83 3.68
O6 NAG J . -26.41 41.76 5.99
O7 NAG J . -21.13 41.46 0.20
C1 NAG J . -23.49 45.29 4.39
C2 NAG J . -22.91 46.26 5.41
C3 NAG J . -23.21 47.70 4.99
C4 NAG J . -22.72 47.97 3.58
C5 NAG J . -23.27 46.91 2.61
C6 NAG J . -22.70 47.03 1.22
C7 NAG J . -22.65 46.12 7.84
C8 NAG J . -23.33 45.79 9.14
N2 NAG J . -23.40 45.99 6.74
O3 NAG J . -22.60 48.60 5.91
O4 NAG J . -23.15 49.26 3.15
O5 NAG J . -22.97 45.60 3.08
O6 NAG J . -21.30 46.76 1.23
O7 NAG J . -21.48 46.47 7.80
C1 BMA J . -22.01 50.16 3.07
C2 BMA J . -22.15 51.01 1.77
C3 BMA J . -21.03 52.07 1.71
C4 BMA J . -20.90 52.86 3.03
C5 BMA J . -20.77 51.89 4.22
C6 BMA J . -20.71 52.60 5.56
O2 BMA J . -23.38 51.70 1.74
O3 BMA J . -21.24 52.97 0.63
O4 BMA J . -19.76 53.70 2.97
O5 BMA J . -21.92 51.00 4.22
O6 BMA J . -21.39 53.83 5.45
C1 NAG K . -20.61 -22.54 -44.87
C2 NAG K . -20.16 -21.19 -45.43
C3 NAG K . -20.60 -21.08 -46.90
C4 NAG K . -20.13 -22.27 -47.71
C5 NAG K . -20.59 -23.57 -47.04
C6 NAG K . -20.03 -24.82 -47.71
C7 NAG K . -20.18 -18.88 -44.58
C8 NAG K . -20.89 -17.90 -43.71
N2 NAG K . -20.72 -20.10 -44.65
O3 NAG K . -20.06 -19.88 -47.47
O4 NAG K . -20.67 -22.21 -49.03
O5 NAG K . -20.11 -23.60 -45.69
O6 NAG K . -18.67 -24.64 -48.08
O7 NAG K . -19.17 -18.58 -45.21
C1 NAG K . -19.59 -21.99 -49.98
C2 NAG K . -20.09 -22.22 -51.41
C3 NAG K . -18.96 -21.92 -52.40
C4 NAG K . -18.37 -20.53 -52.16
C5 NAG K . -17.98 -20.37 -50.69
C6 NAG K . -17.55 -18.96 -50.35
C7 NAG K . -21.82 -23.98 -51.29
C8 NAG K . -22.12 -25.43 -51.54
N2 NAG K . -20.57 -23.58 -51.59
O3 NAG K . -19.47 -22.02 -53.72
O4 NAG K . -17.23 -20.37 -52.98
O5 NAG K . -19.10 -20.65 -49.85
O6 NAG K . -18.38 -18.40 -49.34
O7 NAG K . -22.65 -23.21 -50.84
C1 BMA K . -17.41 -19.35 -54.02
C2 BMA K . -17.07 -19.99 -55.40
C3 BMA K . -17.27 -18.94 -56.49
C4 BMA K . -18.66 -18.25 -56.40
C5 BMA K . -18.92 -17.73 -54.97
C6 BMA K . -20.32 -17.21 -54.75
O2 BMA K . -17.96 -21.06 -55.68
O3 BMA K . -17.09 -19.50 -57.78
O4 BMA K . -18.73 -17.17 -57.32
O5 BMA K . -18.74 -18.81 -54.04
O6 BMA K . -20.98 -18.05 -53.82
C1 NAG L . -4.71 5.01 -38.19
C2 NAG L . -4.70 3.61 -38.77
C3 NAG L . -3.80 3.57 -40.00
C4 NAG L . -4.21 4.65 -41.00
C5 NAG L . -4.34 6.01 -40.32
C6 NAG L . -4.93 7.07 -41.22
C7 NAG L . -4.91 1.47 -37.60
C8 NAG L . -4.33 0.58 -36.54
N2 NAG L . -4.28 2.64 -37.78
O3 NAG L . -3.86 2.28 -40.58
O4 NAG L . -3.23 4.74 -42.02
O5 NAG L . -5.19 5.92 -39.16
O6 NAG L . -5.39 8.19 -40.46
O7 NAG L . -5.88 1.14 -38.26
C1 NAG L . -3.67 4.19 -43.28
C2 NAG L . -2.46 4.20 -44.20
C3 NAG L . -2.81 3.56 -45.54
C4 NAG L . -3.38 2.16 -45.33
C5 NAG L . -4.57 2.23 -44.37
C6 NAG L . -5.11 0.86 -44.02
C7 NAG L . -0.93 6.07 -43.75
C8 NAG L . -0.57 7.48 -44.07
N2 NAG L . -1.97 5.56 -44.41
O3 NAG L . -1.65 3.49 -46.35
O4 NAG L . -3.80 1.61 -46.57
O5 NAG L . -4.17 2.85 -43.15
O6 NAG L . -4.78 0.52 -42.67
O7 NAG L . -0.30 5.41 -42.92
C1 NAG M . 31.64 49.36 -20.79
C2 NAG M . 31.22 50.41 -21.80
C3 NAG M . 30.73 51.64 -21.09
C4 NAG M . 29.59 51.29 -20.13
C5 NAG M . 29.96 50.09 -19.24
C6 NAG M . 28.76 49.56 -18.48
C7 NAG M . 32.27 50.44 -24.02
C8 NAG M . 33.48 50.84 -24.82
N2 NAG M . 32.32 50.73 -22.71
O3 NAG M . 30.31 52.60 -22.06
O4 NAG M . 29.32 52.39 -19.26
O5 NAG M . 30.50 49.00 -20.00
O6 NAG M . 28.31 48.34 -19.04
O7 NAG M . 31.30 49.92 -24.54
C1 NAG M . 28.18 53.15 -19.67
C2 NAG M . 27.36 53.58 -18.45
C3 NAG M . 26.24 54.56 -18.85
C4 NAG M . 26.80 55.72 -19.66
C5 NAG M . 27.54 55.14 -20.87
C6 NAG M . 28.16 56.20 -21.76
C7 NAG M . 26.47 52.37 -16.49
C8 NAG M . 25.89 51.09 -15.99
N2 NAG M . 26.78 52.42 -17.79
O3 NAG M . 25.60 55.07 -17.68
O4 NAG M . 25.76 56.59 -20.08
O5 NAG M . 28.60 54.31 -20.40
O6 NAG M . 28.25 55.75 -23.11
O7 NAG M . 26.67 53.33 -15.75
C1 BMA M . 25.87 57.87 -19.41
C2 BMA M . 24.83 58.85 -20.02
C3 BMA M . 24.85 60.18 -19.26
C4 BMA M . 24.72 59.97 -17.73
C5 BMA M . 25.79 58.98 -17.25
C6 BMA M . 25.69 58.68 -15.77
O2 BMA M . 23.51 58.33 -19.90
O3 BMA M . 23.85 61.08 -19.73
O4 BMA M . 24.88 61.21 -17.07
O5 BMA M . 25.65 57.75 -17.99
O6 BMA M . 26.28 59.74 -15.04
C1 NAG N . 20.37 53.35 -1.00
C2 NAG N . 20.27 54.83 -1.36
C3 NAG N . 19.01 55.45 -0.72
C4 NAG N . 17.78 54.64 -1.08
C5 NAG N . 17.99 53.19 -0.66
C6 NAG N . 16.84 52.28 -1.02
C7 NAG N . 21.93 56.63 -1.55
C8 NAG N . 23.16 57.24 -0.95
N2 NAG N . 21.45 55.55 -0.92
O3 NAG N . 18.86 56.80 -1.16
O4 NAG N . 16.65 55.14 -0.38
O5 NAG N . 19.14 52.68 -1.35
O6 NAG N . 16.50 51.46 0.08
O7 NAG N . 21.38 57.10 -2.54
C1 NAG N . 15.75 55.79 -1.29
C2 NAG N . 14.32 55.59 -0.78
C3 NAG N . 13.33 56.34 -1.68
C4 NAG N . 13.71 57.81 -1.74
C5 NAG N . 15.16 57.95 -2.24
C6 NAG N . 15.67 59.37 -2.21
C7 NAG N . 13.49 53.58 0.36
C8 NAG N . 13.18 52.12 0.23
N2 NAG N . 13.97 54.17 -0.73
O3 NAG N . 12.01 56.21 -1.14
O4 NAG N . 12.82 58.52 -2.61
O5 NAG N . 16.03 57.19 -1.38
O6 NAG N . 15.27 60.03 -1.02
O7 NAG N . 13.30 54.20 1.40
C1 BMA N . 12.03 59.46 -1.85
C2 BMA N . 10.97 60.10 -2.78
C3 BMA N . 10.09 61.08 -1.99
C4 BMA N . 9.54 60.44 -0.68
C5 BMA N . 10.68 59.80 0.14
C6 BMA N . 10.19 59.04 1.37
O2 BMA N . 10.11 59.11 -3.31
O3 BMA N . 9.02 61.57 -2.78
O4 BMA N . 8.91 61.44 0.11
O5 BMA N . 11.39 58.86 -0.72
O6 BMA N . 8.79 59.22 1.50
C1 NAG O . 36.02 38.48 -35.08
C2 NAG O . 35.13 39.64 -35.54
C3 NAG O . 33.81 39.11 -36.13
C4 NAG O . 34.09 38.07 -37.21
C5 NAG O . 34.99 36.96 -36.64
C6 NAG O . 35.44 35.94 -37.66
C7 NAG O . 35.69 41.52 -34.04
C8 NAG O . 35.22 42.37 -32.90
N2 NAG O . 34.84 40.56 -34.45
O3 NAG O . 33.06 40.18 -36.67
O4 NAG O . 32.85 37.53 -37.67
O5 NAG O . 36.19 37.55 -36.13
O6 NAG O . 36.85 35.81 -37.66
O7 NAG O . 36.78 41.69 -34.57
C1 NAG O . 32.66 37.80 -39.08
C2 NAG O . 31.55 36.89 -39.62
C3 NAG O . 31.35 37.15 -41.11
C4 NAG O . 31.08 38.63 -41.37
C5 NAG O . 32.19 39.48 -40.76
C6 NAG O . 31.95 40.97 -40.89
C7 NAG O . 31.41 34.82 -38.32
C8 NAG O . 31.82 33.38 -38.23
N2 NAG O . 31.87 35.50 -39.38
O3 NAG O . 30.26 36.37 -41.59
O4 NAG O . 31.00 38.87 -42.77
O5 NAG O . 32.33 39.20 -39.36
O6 NAG O . 33.12 41.72 -40.57
O7 NAG O . 30.69 35.34 -37.47
C1 NAG P . -14.48 -52.24 -39.14
C2 NAG P . -14.98 -53.09 -40.30
C3 NAG P . -15.77 -52.21 -41.27
C4 NAG P . -16.89 -51.46 -40.54
C5 NAG P . -16.35 -50.75 -39.28
C6 NAG P . -17.43 -50.19 -38.40
C7 NAG P . -13.56 -55.03 -40.80
C8 NAG P . -12.40 -55.54 -41.58
N2 NAG P . -13.89 -53.74 -40.99
O3 NAG P . -16.34 -53.00 -42.31
O4 NAG P . -17.41 -50.45 -41.40
O5 NAG P . -15.59 -51.66 -38.46
O6 NAG P . -17.96 -48.99 -38.95
O7 NAG P . -14.19 -55.74 -40.00
C1 NAG P . -18.79 -50.71 -41.76
C2 NAG P . -19.11 -49.92 -43.02
C3 NAG P . -20.55 -50.19 -43.46
C4 NAG P . -20.80 -51.70 -43.60
C5 NAG P . -20.39 -52.42 -42.31
C6 NAG P . -20.48 -53.92 -42.44
C7 NAG P . -17.77 -47.87 -43.12
C8 NAG P . -17.74 -46.39 -42.84
N2 NAG P . -18.91 -48.49 -42.82
O3 NAG P . -20.80 -49.54 -44.70
O4 NAG P . -22.18 -51.93 -43.85
O5 NAG P . -19.02 -52.11 -41.99
O6 NAG P . -21.44 -54.30 -43.40
O7 NAG P . -16.81 -48.45 -43.61
C1 NAG Q . 6.29 -20.28 -39.66
C2 NAG Q . 7.76 -20.45 -40.00
C3 NAG Q . 8.10 -19.66 -41.27
C4 NAG Q . 7.15 -20.02 -42.41
C5 NAG Q . 5.70 -19.90 -41.94
C6 NAG Q . 4.69 -20.38 -42.96
C7 NAG Q . 9.03 -20.85 -37.94
C8 NAG Q . 9.89 -20.24 -36.88
N2 NAG Q . 8.61 -20.02 -38.90
O3 NAG Q . 9.45 -19.94 -41.66
O4 NAG Q . 7.36 -19.12 -43.49
O5 NAG Q . 5.49 -20.68 -40.76
O6 NAG Q . 3.48 -19.64 -42.87
O7 NAG Q . 8.72 -22.04 -37.93
C1 NAG Q . 7.83 -19.77 -44.70
C2 NAG Q . 8.06 -18.69 -45.76
C3 NAG Q . 8.58 -19.32 -47.04
C4 NAG Q . 9.81 -20.17 -46.77
C5 NAG Q . 9.51 -21.19 -45.67
C6 NAG Q . 10.74 -21.98 -45.26
C7 NAG Q . 6.55 -16.80 -45.37
C8 NAG Q . 5.26 -16.15 -45.75
N2 NAG Q . 6.84 -17.93 -46.00
O3 NAG Q . 8.89 -18.29 -47.97
O4 NAG Q . 10.19 -20.86 -47.96
O5 NAG Q . 9.05 -20.52 -44.50
O6 NAG Q . 11.58 -21.23 -44.41
O7 NAG Q . 7.29 -16.31 -44.52
C1 NAG R . 26.67 -29.37 14.14
C2 NAG R . 27.79 -28.70 14.91
C3 NAG R . 28.58 -29.75 15.67
C4 NAG R . 27.68 -30.55 16.60
C5 NAG R . 26.46 -31.11 15.86
C6 NAG R . 25.39 -31.63 16.79
C7 NAG R . 29.31 -26.83 14.50
C8 NAG R . 30.20 -26.14 13.52
N2 NAG R . 28.67 -27.91 14.06
O3 NAG R . 29.63 -29.14 16.43
O4 NAG R . 28.42 -31.64 17.14
O5 NAG R . 25.83 -30.09 15.05
O6 NAG R . 25.81 -32.80 17.48
O7 NAG R . 29.20 -26.44 15.66
C1 NAG R . 28.67 -31.47 18.56
C2 NAG R . 29.54 -32.64 19.01
C3 NAG R . 29.82 -32.52 20.50
C4 NAG R . 30.43 -31.16 20.84
C5 NAG R . 29.60 -30.02 20.25
C6 NAG R . 30.27 -28.67 20.36
C7 NAG R . 29.57 -34.94 18.17
C8 NAG R . 28.77 -36.19 17.92
N2 NAG R . 28.90 -33.91 18.71
O3 NAG R . 30.70 -33.58 20.87
O4 NAG R . 30.47 -30.98 22.24
O5 NAG R . 29.34 -30.24 18.85
O6 NAG R . 30.97 -28.36 19.16
O7 NAG R . 30.76 -34.88 17.90
C1 BMA R . 31.80 -31.17 22.77
C2 BMA R . 31.98 -30.27 24.00
C3 BMA R . 33.28 -30.62 24.74
C4 BMA R . 33.45 -32.14 24.96
C5 BMA R . 33.28 -32.88 23.62
C6 BMA R . 33.33 -34.39 23.77
O2 BMA R . 30.91 -30.44 24.91
O3 BMA R . 33.37 -29.95 25.99
O4 BMA R . 34.73 -32.43 25.50
O5 BMA R . 31.99 -32.55 23.09
O6 BMA R . 32.00 -34.88 23.65
C1 NAG S . 57.02 7.10 -22.41
C2 NAG S . 58.05 7.10 -23.56
C3 NAG S . 57.34 6.97 -24.91
C4 NAG S . 56.37 5.80 -24.92
C5 NAG S . 55.42 5.92 -23.73
C6 NAG S . 54.44 4.78 -23.60
C7 NAG S . 59.97 8.43 -22.79
C8 NAG S . 60.68 9.75 -22.89
N2 NAG S . 58.86 8.31 -23.53
O3 NAG S . 58.31 6.82 -25.95
O4 NAG S . 55.63 5.82 -26.13
O5 NAG S . 56.19 5.95 -22.52
O6 NAG S . 53.13 5.20 -23.91
O7 NAG S . 60.38 7.51 -22.09
C1 NAG S . 55.93 4.66 -26.95
C2 NAG S . 55.69 5.11 -28.38
C3 NAG S . 55.92 3.94 -29.32
C4 NAG S . 57.31 3.33 -29.11
C5 NAG S . 57.57 3.04 -27.63
C6 NAG S . 58.99 2.64 -27.34
C7 NAG S . 54.12 6.90 -28.95
C8 NAG S . 52.68 7.30 -29.06
N2 NAG S . 54.35 5.65 -28.54
O3 NAG S . 55.75 4.42 -30.66
O4 NAG S . 57.43 2.09 -29.80
O5 NAG S . 57.28 4.20 -26.82
O6 NAG S . 59.38 3.06 -26.04
O7 NAG S . 55.02 7.67 -29.25
C1 BMA S . 58.02 2.20 -31.11
C2 BMA S . 58.76 0.92 -31.49
C3 BMA S . 59.19 0.99 -32.97
C4 BMA S . 58.04 1.40 -33.90
C5 BMA S . 57.33 2.66 -33.38
C6 BMA S . 56.02 2.90 -34.08
O2 BMA S . 57.91 -0.20 -31.38
O3 BMA S . 59.74 -0.24 -33.41
O4 BMA S . 58.52 1.64 -35.21
O5 BMA S . 56.98 2.44 -32.03
O6 BMA S . 55.13 1.91 -33.55
C1 MAN S . 53.80 2.14 -34.05
C2 MAN S . 52.80 1.26 -33.21
C3 MAN S . 52.77 -0.20 -33.70
C4 MAN S . 52.69 -0.30 -35.24
C5 MAN S . 53.87 0.48 -35.83
C6 MAN S . 53.95 0.42 -37.34
O2 MAN S . 51.45 1.73 -33.32
O3 MAN S . 51.70 -0.94 -33.11
O4 MAN S . 52.76 -1.65 -35.64
O5 MAN S . 53.74 1.86 -35.45
O6 MAN S . 55.04 1.26 -37.74
C1 NAG T . 40.28 9.00 -37.27
C2 NAG T . 40.50 9.48 -38.71
C3 NAG T . 39.44 8.85 -39.63
C4 NAG T . 39.35 7.35 -39.43
C5 NAG T . 39.29 6.97 -37.94
C6 NAG T . 39.43 5.49 -37.67
C7 NAG T . 41.09 11.64 -39.75
C8 NAG T . 40.90 13.11 -39.70
N2 NAG T . 40.45 10.93 -38.80
O3 NAG T . 39.71 9.14 -40.99
O4 NAG T . 38.14 6.92 -40.06
O5 NAG T . 40.36 7.61 -37.22
O6 NAG T . 39.44 5.23 -36.28
O7 NAG T . 41.77 11.10 -40.61
C1 NAG T . 38.45 5.99 -41.12
C2 NAG T . 37.17 5.27 -41.45
C3 NAG T . 37.43 4.22 -42.50
C4 NAG T . 38.13 4.81 -43.72
C5 NAG T . 39.28 5.76 -43.35
C6 NAG T . 39.72 6.63 -44.51
C7 NAG T . 35.58 5.27 -39.57
C8 NAG T . 35.10 4.54 -38.36
N2 NAG T . 36.58 4.69 -40.25
O3 NAG T . 36.19 3.62 -42.90
O4 NAG T . 38.71 3.74 -44.47
O5 NAG T . 38.92 6.66 -42.29
O6 NAG T . 39.20 7.95 -44.39
O7 NAG T . 35.11 6.36 -39.91
C1 BMA T . 38.04 3.44 -45.70
C2 BMA T . 38.85 2.27 -46.33
C3 BMA T . 38.10 1.65 -47.51
C4 BMA T . 36.62 1.36 -47.18
C5 BMA T . 35.96 2.66 -46.71
C6 BMA T . 34.49 2.48 -46.35
O2 BMA T . 39.03 1.23 -45.37
O3 BMA T . 38.73 0.45 -47.93
O4 BMA T . 35.94 0.88 -48.33
O5 BMA T . 36.66 3.10 -45.51
O6 BMA T . 33.91 1.57 -47.27
C1 NAG U . 71.12 15.67 -13.77
C2 NAG U . 71.65 14.93 -15.00
C3 NAG U . 72.40 15.91 -15.92
C4 NAG U . 71.55 17.13 -16.23
C5 NAG U . 70.99 17.73 -14.94
C6 NAG U . 69.99 18.84 -15.19
C7 NAG U . 72.06 12.57 -14.46
C8 NAG U . 73.09 11.55 -14.06
N2 NAG U . 72.51 13.82 -14.62
O3 NAG U . 72.76 15.24 -17.12
O4 NAG U . 72.33 18.11 -16.89
O5 NAG U . 70.30 16.74 -14.18
O6 NAG U . 69.65 19.50 -13.98
O7 NAG U . 70.89 12.28 -14.62
C1 NAG U . 71.98 18.26 -18.26
C2 NAG U . 72.24 19.71 -18.68
C3 NAG U . 72.05 19.90 -20.19
C4 NAG U . 72.86 18.88 -20.98
C5 NAG U . 72.50 17.48 -20.49
C6 NAG U . 73.30 16.39 -21.16
C7 NAG U . 71.78 21.35 -16.91
C8 NAG U . 70.75 22.25 -16.29
N2 NAG U . 71.38 20.63 -17.95
O3 NAG U . 72.44 21.22 -20.54
O4 NAG U . 72.58 18.99 -22.37
O5 NAG U . 72.75 17.38 -19.09
O6 NAG U . 73.02 16.31 -22.56
O7 NAG U . 72.93 21.29 -16.48
C1 BMA U . 73.70 19.57 -23.06
C2 BMA U . 73.62 19.17 -24.55
C3 BMA U . 74.72 19.88 -25.36
C4 BMA U . 74.79 21.40 -25.07
C5 BMA U . 74.83 21.66 -23.54
C6 BMA U . 74.75 23.14 -23.20
O2 BMA U . 72.39 19.58 -25.11
O3 BMA U . 74.56 19.66 -26.76
O4 BMA U . 75.95 21.95 -25.68
O5 BMA U . 73.71 20.99 -22.93
O6 BMA U . 73.49 23.62 -23.62
C1 NAG V . 78.28 23.84 6.00
C2 NAG V . 79.24 23.02 6.85
C3 NAG V . 79.62 23.82 8.10
C4 NAG V . 80.16 25.19 7.72
C5 NAG V . 79.20 25.91 6.78
C6 NAG V . 79.72 27.22 6.25
C7 NAG V . 79.39 20.63 7.37
C8 NAG V . 78.63 19.39 7.75
N2 NAG V . 78.66 21.74 7.22
O3 NAG V . 80.58 23.09 8.85
O4 NAG V . 80.30 25.99 8.90
O5 NAG V . 78.89 25.09 5.64
O6 NAG V . 78.66 28.13 5.99
O7 NAG V . 80.60 20.62 7.21
C1 NAG V . 81.67 26.14 9.26
C2 NAG V . 81.85 27.53 9.89
C3 NAG V . 83.28 27.72 10.38
C4 NAG V . 83.69 26.58 11.30
C5 NAG V . 83.46 25.23 10.62
C6 NAG V . 83.74 24.06 11.52
C7 NAG V . 80.64 29.58 9.25
C8 NAG V . 80.39 30.57 8.15
N2 NAG V . 81.48 28.58 8.95
O3 NAG V . 83.39 28.96 11.07
O4 NAG V . 85.08 26.69 11.63
O5 NAG V . 82.09 25.13 10.20
O6 NAG V . 83.27 22.84 10.95
O7 NAG V . 80.12 29.68 10.36
C1 NAG W . -4.09 7.33 51.21
C2 NAG W . -5.48 8.00 51.20
C3 NAG W . -5.35 9.51 51.31
C4 NAG W . -4.50 9.90 52.52
C5 NAG W . -3.14 9.21 52.43
C6 NAG W . -2.28 9.44 53.65
C7 NAG W . -7.03 6.54 49.95
C8 NAG W . -7.74 6.34 48.65
N2 NAG W . -6.24 7.62 50.02
O3 NAG W . -6.64 10.09 51.41
O4 NAG W . -4.32 11.31 52.54
O5 NAG W . -3.34 7.79 52.34
O6 NAG W . -1.74 8.23 54.14
O7 NAG W . -7.13 5.76 50.89
C1 NAG X . 25.90 8.91 36.16
C2 NAG X . 26.76 7.72 35.76
C3 NAG X . 28.20 7.88 36.30
C4 NAG X . 28.77 9.23 35.88
C5 NAG X . 27.83 10.36 36.30
C6 NAG X . 28.28 11.72 35.83
C7 NAG X . 26.36 5.29 35.63
C8 NAG X . 25.69 4.11 36.28
N2 NAG X . 26.19 6.47 36.25
O3 NAG X . 29.03 6.84 35.81
O4 NAG X . 30.04 9.43 36.47
O5 NAG X . 26.54 10.14 35.75
O6 NAG X . 29.70 11.81 35.80
O7 NAG X . 27.02 5.19 34.61
C1 NAG Y . 36.74 55.84 3.61
C2 NAG Y . 35.83 57.02 3.96
C3 NAG Y . 35.50 57.81 2.70
C4 NAG Y . 36.77 58.23 1.96
C5 NAG Y . 37.66 57.01 1.71
C6 NAG Y . 39.01 57.41 1.16
C7 NAG Y . 34.47 56.58 5.95
C8 NAG Y . 33.16 56.08 6.47
N2 NAG Y . 34.63 56.57 4.63
O3 NAG Y . 34.75 58.97 3.07
O4 NAG Y . 36.43 58.83 0.72
O5 NAG Y . 37.91 56.31 2.93
O6 NAG Y . 39.98 57.48 2.20
O7 NAG Y . 35.37 56.97 6.70
C1 NAG Z . 41.31 45.97 17.24
C2 NAG Z . 41.48 45.72 18.74
C3 NAG Z . 40.12 45.73 19.45
C4 NAG Z . 39.35 47.00 19.14
C5 NAG Z . 39.20 47.14 17.63
C6 NAG Z . 38.51 48.42 17.22
C7 NAG Z . 43.51 44.35 19.00
C8 NAG Z . 44.04 42.98 19.27
N2 NAG Z . 42.18 44.47 18.99
O3 NAG Z . 40.34 45.62 20.86
O4 NAG Z . 38.06 46.94 19.74
O5 NAG Z . 40.50 47.16 17.03
O6 NAG Z . 39.29 49.16 16.29
O7 NAG Z . 44.25 45.31 18.78
C1 NAG AA . -33.25 25.16 -31.33
C2 NAG AA . -32.35 25.76 -32.40
C3 NAG AA . -33.18 26.22 -33.59
C4 NAG AA . -34.07 25.10 -34.10
C5 NAG AA . -34.91 24.53 -32.96
C6 NAG AA . -35.74 23.34 -33.37
C7 NAG AA . -30.30 27.10 -32.24
C8 NAG AA . -29.64 28.28 -31.59
N2 NAG AA . -31.56 26.86 -31.87
O3 NAG AA . -32.33 26.69 -34.64
O4 NAG AA . -34.94 25.59 -35.11
O5 NAG AA . -34.03 24.10 -31.90
O6 NAG AA . -37.11 23.68 -33.41
O7 NAG AA . -29.72 26.40 -33.06
C1 NAG BA . -7.15 39.94 -17.45
C2 NAG BA . -7.18 40.96 -18.59
C3 NAG BA . -7.26 42.39 -18.04
C4 NAG BA . -8.42 42.52 -17.05
C5 NAG BA . -8.31 41.44 -15.97
C6 NAG BA . -9.49 41.45 -15.02
C7 NAG BA . -6.02 41.07 -20.76
C8 NAG BA . -4.72 40.87 -21.48
N2 NAG BA . -6.02 40.81 -19.44
O3 NAG BA . -7.43 43.32 -19.11
O4 NAG BA . -8.40 43.80 -16.44
O5 NAG BA . -8.28 40.15 -16.58
O6 NAG BA . -9.62 40.20 -14.36
O7 NAG BA . -7.03 41.47 -21.34
C1 NAG CA . 46.14 27.13 -39.78
C2 NAG CA . 47.55 27.41 -40.30
C3 NAG CA . 47.51 27.88 -41.75
C4 NAG CA . 46.71 26.90 -42.61
C5 NAG CA . 45.33 26.67 -42.00
C6 NAG CA . 44.51 25.63 -42.74
C7 NAG CA . 49.29 28.09 -38.71
C8 NAG CA . 49.88 29.22 -37.92
N2 NAG CA . 48.24 28.39 -39.47
O3 NAG CA . 48.82 28.02 -42.26
O4 NAG CA . 46.56 27.43 -43.93
O5 NAG CA . 45.47 26.20 -40.65
O6 NAG CA . 43.19 26.10 -42.98
O7 NAG CA . 49.77 26.96 -38.66
C1 NAG DA . 48.25 48.65 -29.37
C2 NAG DA . 49.25 49.70 -28.87
C3 NAG DA . 48.53 51.02 -28.59
C4 NAG DA . 47.76 51.48 -29.82
C5 NAG DA . 46.81 50.38 -30.28
C6 NAG DA . 46.11 50.71 -31.57
C7 NAG DA . 51.14 48.65 -27.72
C8 NAG DA . 51.71 48.23 -26.40
N2 NAG DA . 49.94 49.24 -27.68
O3 NAG DA . 49.50 52.00 -28.23
O4 NAG DA . 47.01 52.65 -29.51
O5 NAG DA . 47.54 49.17 -30.51
O6 NAG DA . 46.56 49.87 -32.63
O7 NAG DA . 51.74 48.48 -28.77
C1 NAG EA . 61.48 33.40 -38.51
C2 NAG EA . 60.71 33.09 -39.79
C3 NAG EA . 61.11 31.70 -40.30
C4 NAG EA . 62.62 31.58 -40.43
C5 NAG EA . 63.32 32.01 -39.14
C6 NAG EA . 64.82 32.07 -39.28
C7 NAG EA . 58.41 33.52 -40.53
C8 NAG EA . 56.97 33.55 -40.13
N2 NAG EA . 59.28 33.17 -39.58
O3 NAG EA . 60.50 31.45 -41.56
O4 NAG EA . 62.98 30.24 -40.73
O5 NAG EA . 62.89 33.32 -38.75
O6 NAG EA . 65.21 33.04 -40.24
O7 NAG EA . 58.79 33.81 -41.67
C1 NAG FA . 15.71 -47.02 -13.48
C2 NAG FA . 15.61 -47.69 -12.11
C3 NAG FA . 17.00 -48.02 -11.56
C4 NAG FA . 17.80 -48.82 -12.58
C5 NAG FA . 17.85 -48.09 -13.91
C6 NAG FA . 18.52 -48.90 -15.00
C7 NAG FA . 14.09 -47.37 -10.21
C8 NAG FA . 13.40 -46.38 -9.33
N2 NAG FA . 14.87 -46.87 -11.18
O3 NAG FA . 16.87 -48.76 -10.36
O4 NAG FA . 19.12 -49.04 -12.10
O5 NAG FA . 16.51 -47.83 -14.37
O6 NAG FA . 17.99 -48.57 -16.28
O7 NAG FA . 13.97 -48.58 -10.04
C1 NAG GA . -12.08 -46.32 -9.30
C2 NAG GA . -12.53 -45.32 -8.22
C3 NAG GA . -11.87 -45.63 -6.87
C4 NAG GA . -12.08 -47.08 -6.48
C5 NAG GA . -11.58 -47.99 -7.60
C6 NAG GA . -11.83 -49.46 -7.32
C7 NAG GA . -13.05 -43.22 -9.40
C8 NAG GA . -12.57 -41.84 -9.70
N2 NAG GA . -12.23 -43.96 -8.63
O3 NAG GA . -12.41 -44.78 -5.87
O4 NAG GA . -11.38 -47.37 -5.27
O5 NAG GA . -12.27 -47.67 -8.81
O6 NAG GA . -11.07 -50.28 -8.20
O7 NAG GA . -14.10 -43.66 -9.82
C1 NAG HA . 5.44 -42.08 35.85
C2 NAG HA . 6.30 -40.95 36.41
C3 NAG HA . 7.78 -41.23 36.13
C4 NAG HA . 8.17 -42.64 36.59
C5 NAG HA . 7.20 -43.68 36.05
C6 NAG HA . 7.45 -45.07 36.59
C7 NAG HA . 5.00 -38.86 36.42
C8 NAG HA . 4.72 -37.58 35.69
N2 NAG HA . 5.90 -39.67 35.85
O3 NAG HA . 8.59 -40.26 36.79
O4 NAG HA . 9.49 -42.95 36.14
O5 NAG HA . 5.85 -43.33 36.41
O6 NAG HA . 6.32 -45.91 36.37
O7 NAG HA . 4.43 -39.17 37.46
C1 NAG IA . 30.42 -18.41 -24.39
C2 NAG IA . 30.70 -16.92 -24.59
C3 NAG IA . 31.85 -16.73 -25.59
C4 NAG IA . 33.07 -17.51 -25.16
C5 NAG IA . 32.71 -18.98 -24.95
C6 NAG IA . 33.84 -19.81 -24.38
C7 NAG IA . 28.56 -15.77 -24.22
C8 NAG IA . 27.40 -15.07 -24.85
N2 NAG IA . 29.51 -16.22 -25.04
O3 NAG IA . 32.17 -15.34 -25.67
O4 NAG IA . 34.09 -17.43 -26.15
O5 NAG IA . 31.63 -19.07 -24.00
O6 NAG IA . 33.35 -20.85 -23.54
O7 NAG IA . 28.62 -15.96 -23.00
C1 NAG JA . 67.70 8.27 7.84
C2 NAG JA . 68.24 8.31 9.27
C3 NAG JA . 69.40 7.33 9.44
C4 NAG JA . 69.00 5.93 8.99
C5 NAG JA . 68.46 5.99 7.56
C6 NAG JA . 67.93 4.66 7.08
C7 NAG JA . 68.31 10.28 10.75
C8 NAG JA . 68.84 11.66 10.94
N2 NAG JA . 68.66 9.66 9.62
O3 NAG JA . 69.81 7.30 10.81
O4 NAG JA . 70.11 5.06 9.04
O5 NAG JA . 67.37 6.91 7.49
O6 NAG JA . 67.29 4.79 5.82
O7 NAG JA . 67.59 9.73 11.60
C1 NAG KA . 64.83 3.61 -5.63
C2 NAG KA . 65.12 2.56 -6.72
C3 NAG KA . 64.69 1.16 -6.23
C4 NAG KA . 65.28 0.84 -4.87
C5 NAG KA . 64.93 1.94 -3.88
C6 NAG KA . 65.56 1.74 -2.52
C7 NAG KA . 64.96 3.69 -8.90
C8 NAG KA . 64.12 3.91 -10.11
N2 NAG KA . 64.44 2.89 -7.95
O3 NAG KA . 65.11 0.19 -7.18
O4 NAG KA . 64.77 -0.40 -4.40
O5 NAG KA . 65.40 3.20 -4.38
O6 NAG KA . 66.91 1.31 -2.63
O7 NAG KA . 66.06 4.22 -8.75
#